data_9K85
#
_entry.id   9K85
#
_cell.length_a   1.00
_cell.length_b   1.00
_cell.length_c   1.00
_cell.angle_alpha   90.00
_cell.angle_beta   90.00
_cell.angle_gamma   90.00
#
_symmetry.space_group_name_H-M   'P 1'
#
loop_
_entity.id
_entity.type
_entity.pdbx_description
1 polymer Fiber-n6-Zn1-HEHE-46
2 non-polymer 'ZINC ION'
#
_entity_poly.entity_id   1
_entity_poly.type   'polypeptide(L)'
_entity_poly.pdbx_seq_one_letter_code
;MGHHHHHHHHSSGLEVLFQGPGGTSPLEEAKRLLEKVKKRVEEIMKNPNPVKVMLELKELLDEAVHEFVLMEVNEENREV
LIEILATIFEAFLHAARDGGNPKLVLLLLLEAFETFVRGVEVVGVTSERELRLVLELLVEFVHVFILISRLLEPREFIAS
MLELLRAIERFFEVLKGNPERLLAVFEEVLEDIEEAVLKKLTEVNPETQVLLLEAFYEKKKDVVEHVRKALF
;
_entity_poly.pdbx_strand_id   A,B,C,D,E,F,G,H,I,J,K,L,M,N,O,P,Q,R,S,T,U
#
# COMPACT_ATOMS: atom_id res chain seq x y z
N SER A 25 -42.84 -36.56 -9.09
CA SER A 25 -42.44 -37.03 -7.78
C SER A 25 -41.23 -36.25 -7.27
N PRO A 26 -41.23 -35.94 -5.97
CA PRO A 26 -40.12 -35.17 -5.39
C PRO A 26 -38.81 -35.94 -5.37
N LEU A 27 -38.87 -37.20 -4.95
CA LEU A 27 -37.65 -38.00 -4.81
C LEU A 27 -36.97 -38.22 -6.16
N GLU A 28 -37.75 -38.56 -7.19
CA GLU A 28 -37.17 -38.82 -8.50
C GLU A 28 -36.53 -37.56 -9.08
N GLU A 29 -37.20 -36.43 -8.94
CA GLU A 29 -36.63 -35.18 -9.43
C GLU A 29 -35.38 -34.81 -8.65
N ALA A 30 -35.37 -35.05 -7.34
CA ALA A 30 -34.18 -34.78 -6.54
C ALA A 30 -33.01 -35.66 -6.98
N LYS A 31 -33.26 -36.94 -7.26
CA LYS A 31 -32.19 -37.82 -7.70
C LYS A 31 -31.68 -37.42 -9.08
N ARG A 32 -32.58 -37.02 -9.97
CA ARG A 32 -32.16 -36.52 -11.27
C ARG A 32 -31.29 -35.28 -11.13
N LEU A 33 -31.67 -34.38 -10.23
CA LEU A 33 -30.87 -33.19 -9.96
C LEU A 33 -29.50 -33.58 -9.41
N LEU A 34 -29.46 -34.58 -8.54
CA LEU A 34 -28.18 -35.04 -7.99
C LEU A 34 -27.27 -35.56 -9.10
N GLU A 35 -27.82 -36.36 -10.01
CA GLU A 35 -27.02 -36.89 -11.11
C GLU A 35 -26.52 -35.77 -12.01
N LYS A 36 -27.38 -34.82 -12.33
CA LYS A 36 -26.98 -33.70 -13.17
C LYS A 36 -25.88 -32.88 -12.51
N VAL A 37 -26.02 -32.62 -11.20
CA VAL A 37 -25.02 -31.83 -10.48
C VAL A 37 -23.70 -32.57 -10.41
N LYS A 38 -23.74 -33.88 -10.18
CA LYS A 38 -22.49 -34.66 -10.18
C LYS A 38 -21.79 -34.59 -11.53
N LYS A 39 -22.55 -34.73 -12.61
CA LYS A 39 -21.96 -34.65 -13.94
C LYS A 39 -21.35 -33.26 -14.18
N ARG A 40 -22.06 -32.21 -13.78
CA ARG A 40 -21.55 -30.86 -13.99
C ARG A 40 -20.29 -30.61 -13.17
N VAL A 41 -20.26 -31.09 -11.93
CA VAL A 41 -19.06 -30.90 -11.10
C VAL A 41 -17.88 -31.64 -11.71
N GLU A 42 -18.10 -32.87 -12.17
CA GLU A 42 -17.02 -33.63 -12.80
C GLU A 42 -16.50 -32.91 -14.05
N GLU A 43 -17.41 -32.34 -14.84
CA GLU A 43 -17.00 -31.60 -16.02
C GLU A 43 -16.22 -30.34 -15.65
N ILE A 44 -16.66 -29.62 -14.62
CA ILE A 44 -16.03 -28.34 -14.27
C ILE A 44 -14.64 -28.58 -13.69
N MET A 45 -14.47 -29.62 -12.88
CA MET A 45 -13.20 -29.82 -12.18
C MET A 45 -12.04 -30.08 -13.12
N LYS A 46 -12.31 -30.40 -14.39
CA LYS A 46 -11.24 -30.67 -15.35
C LYS A 46 -10.51 -29.41 -15.80
N ASN A 47 -11.03 -28.23 -15.51
CA ASN A 47 -10.38 -27.00 -15.93
C ASN A 47 -9.09 -26.79 -15.14
N PRO A 48 -8.05 -26.22 -15.76
CA PRO A 48 -6.78 -26.00 -15.05
C PRO A 48 -6.73 -24.69 -14.27
N ASN A 49 -7.64 -23.77 -14.54
CA ASN A 49 -7.63 -22.46 -13.88
C ASN A 49 -8.44 -22.52 -12.59
N PRO A 50 -7.82 -22.34 -11.42
CA PRO A 50 -8.59 -22.50 -10.16
C PRO A 50 -9.65 -21.44 -9.96
N VAL A 51 -9.38 -20.19 -10.37
CA VAL A 51 -10.35 -19.12 -10.16
C VAL A 51 -11.58 -19.34 -11.03
N LYS A 52 -11.39 -19.77 -12.28
CA LYS A 52 -12.52 -20.08 -13.14
C LYS A 52 -13.32 -21.25 -12.58
N VAL A 53 -12.63 -22.26 -12.04
CA VAL A 53 -13.33 -23.39 -11.42
C VAL A 53 -14.18 -22.91 -10.25
N MET A 54 -13.61 -22.04 -9.41
CA MET A 54 -14.36 -21.52 -8.27
C MET A 54 -15.58 -20.71 -8.71
N LEU A 55 -15.42 -19.89 -9.75
CA LEU A 55 -16.54 -19.10 -10.23
C LEU A 55 -17.65 -19.99 -10.78
N GLU A 56 -17.29 -21.02 -11.54
CA GLU A 56 -18.29 -21.95 -12.06
C GLU A 56 -18.99 -22.69 -10.93
N LEU A 57 -18.24 -23.09 -9.90
CA LEU A 57 -18.84 -23.81 -8.78
C LEU A 57 -19.78 -22.90 -7.99
N LYS A 58 -19.43 -21.62 -7.85
CA LYS A 58 -20.32 -20.67 -7.20
C LYS A 58 -21.62 -20.51 -7.99
N GLU A 59 -21.52 -20.40 -9.31
CA GLU A 59 -22.72 -20.33 -10.14
C GLU A 59 -23.57 -21.59 -9.98
N LEU A 60 -22.93 -22.75 -9.95
CA LEU A 60 -23.67 -24.01 -9.79
C LEU A 60 -24.37 -24.08 -8.45
N LEU A 61 -23.72 -23.60 -7.39
CA LEU A 61 -24.35 -23.56 -6.07
C LEU A 61 -25.57 -22.65 -6.08
N ASP A 62 -25.46 -21.48 -6.71
CA ASP A 62 -26.61 -20.59 -6.80
C ASP A 62 -27.76 -21.23 -7.56
N GLU A 63 -27.45 -21.93 -8.66
CA GLU A 63 -28.49 -22.61 -9.42
C GLU A 63 -29.15 -23.72 -8.60
N ALA A 64 -28.35 -24.43 -7.80
CA ALA A 64 -28.92 -25.45 -6.93
C ALA A 64 -29.88 -24.85 -5.92
N VAL A 65 -29.51 -23.71 -5.32
CA VAL A 65 -30.42 -23.07 -4.37
C VAL A 65 -31.70 -22.61 -5.07
N HIS A 66 -31.58 -22.07 -6.28
CA HIS A 66 -32.75 -21.68 -7.04
C HIS A 66 -33.67 -22.87 -7.28
N GLU A 67 -33.10 -24.02 -7.65
CA GLU A 67 -33.90 -25.22 -7.82
C GLU A 67 -34.56 -25.64 -6.51
N PHE A 68 -33.84 -25.48 -5.40
CA PHE A 68 -34.39 -25.89 -4.10
C PHE A 68 -35.62 -25.07 -3.73
N VAL A 69 -35.57 -23.75 -3.91
CA VAL A 69 -36.72 -22.93 -3.53
C VAL A 69 -37.91 -23.10 -4.48
N LEU A 70 -37.71 -23.75 -5.62
CA LEU A 70 -38.75 -23.92 -6.62
C LEU A 70 -39.45 -25.27 -6.56
N MET A 71 -39.10 -26.12 -5.58
CA MET A 71 -39.66 -27.44 -5.47
C MET A 71 -40.04 -27.72 -4.02
N GLU A 72 -40.86 -28.74 -3.83
CA GLU A 72 -41.30 -29.11 -2.49
C GLU A 72 -40.19 -29.86 -1.76
N VAL A 73 -40.00 -29.52 -0.50
CA VAL A 73 -38.99 -30.19 0.33
C VAL A 73 -39.67 -30.90 1.48
N ASN A 74 -39.96 -32.18 1.30
CA ASN A 74 -40.52 -33.02 2.35
C ASN A 74 -39.39 -33.79 3.03
N GLU A 75 -39.77 -34.74 3.88
CA GLU A 75 -38.80 -35.52 4.64
C GLU A 75 -38.16 -36.64 3.82
N GLU A 76 -38.60 -36.84 2.59
CA GLU A 76 -38.05 -37.90 1.74
C GLU A 76 -36.82 -37.43 0.97
N ASN A 77 -36.90 -36.28 0.32
CA ASN A 77 -35.83 -35.81 -0.56
C ASN A 77 -34.84 -34.89 0.14
N ARG A 78 -35.01 -34.63 1.45
CA ARG A 78 -34.13 -33.70 2.15
C ARG A 78 -32.69 -34.19 2.15
N GLU A 79 -32.49 -35.49 2.35
CA GLU A 79 -31.14 -36.06 2.36
C GLU A 79 -30.44 -35.85 1.02
N VAL A 80 -31.17 -36.04 -0.08
CA VAL A 80 -30.57 -35.87 -1.41
C VAL A 80 -30.17 -34.43 -1.65
N LEU A 81 -30.99 -33.47 -1.21
CA LEU A 81 -30.65 -32.07 -1.38
C LEU A 81 -29.42 -31.69 -0.55
N ILE A 82 -29.34 -32.20 0.68
CA ILE A 82 -28.16 -31.96 1.50
C ILE A 82 -26.93 -32.56 0.83
N GLU A 83 -27.08 -33.73 0.22
CA GLU A 83 -25.94 -34.36 -0.46
C GLU A 83 -25.50 -33.55 -1.68
N ILE A 84 -26.46 -32.97 -2.42
CA ILE A 84 -26.11 -32.11 -3.55
C ILE A 84 -25.30 -30.91 -3.08
N LEU A 85 -25.78 -30.25 -2.01
CA LEU A 85 -25.06 -29.10 -1.47
C LEU A 85 -23.67 -29.48 -1.01
N ALA A 86 -23.56 -30.62 -0.31
CA ALA A 86 -22.26 -31.07 0.17
C ALA A 86 -21.31 -31.37 -0.98
N THR A 87 -21.81 -31.99 -2.06
CA THR A 87 -20.96 -32.29 -3.21
C THR A 87 -20.39 -31.00 -3.79
N ILE A 88 -21.25 -30.01 -4.04
CA ILE A 88 -20.76 -28.78 -4.65
C ILE A 88 -19.78 -28.08 -3.71
N PHE A 89 -20.08 -28.03 -2.41
CA PHE A 89 -19.21 -27.31 -1.49
C PHE A 89 -17.87 -28.02 -1.31
N GLU A 90 -17.84 -29.35 -1.30
CA GLU A 90 -16.58 -30.07 -1.22
C GLU A 90 -15.72 -29.79 -2.45
N ALA A 91 -16.33 -29.81 -3.64
CA ALA A 91 -15.56 -29.47 -4.84
C ALA A 91 -15.00 -28.06 -4.73
N PHE A 92 -15.80 -27.11 -4.23
CA PHE A 92 -15.34 -25.73 -4.09
C PHE A 92 -14.17 -25.64 -3.12
N LEU A 93 -14.24 -26.36 -2.00
CA LEU A 93 -13.17 -26.29 -1.00
C LEU A 93 -11.87 -26.87 -1.56
N HIS A 94 -11.96 -27.96 -2.32
CA HIS A 94 -10.75 -28.48 -2.96
C HIS A 94 -10.17 -27.48 -3.95
N ALA A 95 -11.04 -26.85 -4.77
CA ALA A 95 -10.56 -25.86 -5.72
C ALA A 95 -9.89 -24.69 -5.01
N ALA A 96 -10.44 -24.29 -3.86
CA ALA A 96 -9.82 -23.21 -3.08
C ALA A 96 -8.45 -23.63 -2.56
N ARG A 97 -8.32 -24.87 -2.11
CA ARG A 97 -7.01 -25.37 -1.71
C ARG A 97 -6.03 -25.41 -2.88
N ASP A 98 -6.53 -25.52 -4.11
CA ASP A 98 -5.63 -25.62 -5.26
C ASP A 98 -4.73 -24.40 -5.38
N GLY A 99 -5.28 -23.21 -5.19
CA GLY A 99 -4.43 -22.02 -5.14
C GLY A 99 -4.97 -20.80 -5.86
N GLY A 100 -4.18 -19.72 -5.86
CA GLY A 100 -4.54 -18.48 -6.49
C GLY A 100 -4.15 -17.30 -5.62
N ASN A 101 -4.68 -16.13 -5.97
CA ASN A 101 -4.42 -14.92 -5.21
C ASN A 101 -5.17 -14.99 -3.87
N PRO A 102 -4.48 -14.85 -2.73
CA PRO A 102 -5.14 -15.12 -1.44
C PRO A 102 -6.36 -14.25 -1.15
N LYS A 103 -6.32 -12.96 -1.48
CA LYS A 103 -7.46 -12.10 -1.17
C LYS A 103 -8.69 -12.48 -1.99
N LEU A 104 -8.49 -12.72 -3.29
CA LEU A 104 -9.60 -13.14 -4.14
C LEU A 104 -10.14 -14.49 -3.70
N VAL A 105 -9.26 -15.41 -3.33
CA VAL A 105 -9.69 -16.73 -2.88
C VAL A 105 -10.52 -16.61 -1.61
N LEU A 106 -10.08 -15.78 -0.66
CA LEU A 106 -10.83 -15.61 0.58
C LEU A 106 -12.19 -14.98 0.33
N LEU A 107 -12.25 -13.99 -0.56
CA LEU A 107 -13.54 -13.39 -0.89
C LEU A 107 -14.49 -14.40 -1.52
N LEU A 108 -13.98 -15.21 -2.46
CA LEU A 108 -14.81 -16.23 -3.08
C LEU A 108 -15.26 -17.27 -2.07
N LEU A 109 -14.39 -17.61 -1.12
CA LEU A 109 -14.75 -18.57 -0.08
C LEU A 109 -15.88 -18.04 0.78
N LEU A 110 -15.81 -16.77 1.16
CA LEU A 110 -16.88 -16.19 1.97
C LEU A 110 -18.20 -16.16 1.21
N GLU A 111 -18.15 -15.78 -0.07
CA GLU A 111 -19.38 -15.76 -0.87
C GLU A 111 -19.99 -17.15 -0.98
N ALA A 112 -19.15 -18.15 -1.26
CA ALA A 112 -19.65 -19.52 -1.38
C ALA A 112 -20.22 -20.01 -0.06
N PHE A 113 -19.59 -19.66 1.06
CA PHE A 113 -20.10 -20.07 2.36
C PHE A 113 -21.46 -19.45 2.64
N GLU A 114 -21.63 -18.18 2.29
CA GLU A 114 -22.94 -17.54 2.48
C GLU A 114 -24.01 -18.23 1.64
N THR A 115 -23.69 -18.54 0.38
CA THR A 115 -24.66 -19.26 -0.45
C THR A 115 -24.99 -20.63 0.13
N PHE A 116 -23.99 -21.33 0.64
CA PHE A 116 -24.21 -22.63 1.24
C PHE A 116 -25.10 -22.54 2.47
N VAL A 117 -24.89 -21.51 3.29
CA VAL A 117 -25.72 -21.32 4.48
C VAL A 117 -27.16 -21.03 4.08
N ARG A 118 -27.36 -20.21 3.05
CA ARG A 118 -28.72 -19.96 2.57
C ARG A 118 -29.38 -21.23 2.07
N GLY A 119 -28.65 -22.06 1.34
CA GLY A 119 -29.20 -23.33 0.89
C GLY A 119 -29.58 -24.24 2.03
N VAL A 120 -28.72 -24.33 3.05
CA VAL A 120 -29.02 -25.17 4.21
C VAL A 120 -30.24 -24.64 4.95
N GLU A 121 -30.36 -23.32 5.07
CA GLU A 121 -31.54 -22.72 5.68
C GLU A 121 -32.80 -23.08 4.92
N VAL A 122 -32.74 -23.01 3.58
CA VAL A 122 -33.92 -23.35 2.77
C VAL A 122 -34.29 -24.81 2.95
N VAL A 123 -33.32 -25.71 2.87
CA VAL A 123 -33.61 -27.13 2.95
C VAL A 123 -33.93 -27.55 4.38
N GLY A 124 -33.11 -27.14 5.33
CA GLY A 124 -33.29 -27.57 6.70
C GLY A 124 -32.58 -28.87 6.99
N VAL A 125 -32.19 -29.03 8.26
CA VAL A 125 -31.45 -30.21 8.71
C VAL A 125 -32.26 -30.86 9.83
N THR A 126 -32.63 -32.13 9.62
CA THR A 126 -33.46 -32.85 10.60
C THR A 126 -32.73 -34.05 11.18
N SER A 127 -32.25 -34.96 10.35
CA SER A 127 -31.63 -36.19 10.85
C SER A 127 -30.20 -35.91 11.32
N GLU A 128 -29.58 -36.95 11.89
CA GLU A 128 -28.22 -36.82 12.38
C GLU A 128 -27.19 -36.85 11.26
N ARG A 129 -27.46 -37.58 10.17
CA ARG A 129 -26.51 -37.65 9.08
C ARG A 129 -26.31 -36.28 8.42
N GLU A 130 -27.40 -35.55 8.20
CA GLU A 130 -27.29 -34.22 7.61
C GLU A 130 -26.53 -33.26 8.52
N LEU A 131 -26.79 -33.34 9.83
CA LEU A 131 -26.06 -32.52 10.79
C LEU A 131 -24.57 -32.83 10.75
N ARG A 132 -24.22 -34.12 10.74
CA ARG A 132 -22.81 -34.50 10.68
C ARG A 132 -22.17 -33.99 9.39
N LEU A 133 -22.88 -34.11 8.27
CA LEU A 133 -22.35 -33.65 6.99
C LEU A 133 -22.07 -32.15 7.02
N VAL A 134 -23.03 -31.36 7.48
CA VAL A 134 -22.85 -29.90 7.45
C VAL A 134 -21.77 -29.48 8.44
N LEU A 135 -21.68 -30.15 9.59
CA LEU A 135 -20.64 -29.79 10.56
C LEU A 135 -19.25 -30.14 10.04
N GLU A 136 -19.10 -31.28 9.37
CA GLU A 136 -17.83 -31.61 8.76
C GLU A 136 -17.45 -30.59 7.68
N LEU A 137 -18.44 -30.15 6.90
CA LEU A 137 -18.18 -29.13 5.90
C LEU A 137 -17.72 -27.82 6.55
N LEU A 138 -18.32 -27.45 7.68
CA LEU A 138 -17.91 -26.25 8.39
C LEU A 138 -16.47 -26.37 8.89
N VAL A 139 -16.11 -27.53 9.43
CA VAL A 139 -14.74 -27.71 9.92
C VAL A 139 -13.73 -27.61 8.78
N GLU A 140 -14.04 -28.26 7.65
CA GLU A 140 -13.13 -28.17 6.51
C GLU A 140 -13.02 -26.75 5.99
N PHE A 141 -14.14 -26.01 5.99
CA PHE A 141 -14.11 -24.62 5.54
C PHE A 141 -13.21 -23.77 6.44
N VAL A 142 -13.30 -23.95 7.76
CA VAL A 142 -12.46 -23.17 8.66
C VAL A 142 -11.00 -23.51 8.45
N HIS A 143 -10.68 -24.80 8.29
CA HIS A 143 -9.29 -25.20 8.07
C HIS A 143 -8.74 -24.60 6.78
N VAL A 144 -9.52 -24.66 5.70
CA VAL A 144 -9.06 -24.09 4.43
C VAL A 144 -8.86 -22.59 4.54
N PHE A 145 -9.79 -21.89 5.22
CA PHE A 145 -9.67 -20.44 5.35
C PHE A 145 -8.39 -20.07 6.10
N ILE A 146 -8.10 -20.76 7.20
CA ILE A 146 -6.89 -20.46 7.95
C ILE A 146 -5.65 -20.75 7.11
N LEU A 147 -5.67 -21.86 6.37
CA LEU A 147 -4.54 -22.21 5.52
C LEU A 147 -4.28 -21.13 4.47
N ILE A 148 -5.34 -20.62 3.85
CA ILE A 148 -5.17 -19.61 2.81
C ILE A 148 -4.71 -18.28 3.40
N SER A 149 -5.26 -17.90 4.55
CA SER A 149 -4.91 -16.61 5.13
C SER A 149 -3.60 -16.64 5.90
N ARG A 150 -2.95 -17.79 6.02
CA ARG A 150 -1.63 -17.85 6.66
C ARG A 150 -0.63 -16.89 6.05
N LEU A 151 -0.75 -16.58 4.75
CA LEU A 151 0.28 -15.88 4.01
C LEU A 151 0.09 -14.38 3.92
N LEU A 152 -0.93 -13.82 4.57
CA LEU A 152 -1.12 -12.38 4.54
C LEU A 152 -0.25 -11.71 5.61
N GLU A 153 -0.24 -10.38 5.60
CA GLU A 153 0.37 -9.60 6.65
C GLU A 153 -0.53 -9.57 7.88
N PRO A 154 0.03 -9.31 9.06
CA PRO A 154 -0.76 -9.47 10.30
C PRO A 154 -2.04 -8.65 10.36
N ARG A 155 -2.04 -7.42 9.84
CA ARG A 155 -3.25 -6.61 9.90
C ARG A 155 -4.34 -7.17 9.00
N GLU A 156 -4.00 -7.48 7.75
CA GLU A 156 -4.95 -8.13 6.86
C GLU A 156 -5.35 -9.51 7.37
N PHE A 157 -4.41 -10.21 8.02
CA PHE A 157 -4.76 -11.49 8.62
C PHE A 157 -5.84 -11.32 9.69
N ILE A 158 -5.71 -10.31 10.56
CA ILE A 158 -6.69 -10.11 11.61
C ILE A 158 -8.03 -9.68 11.02
N ALA A 159 -8.01 -8.85 9.99
CA ALA A 159 -9.25 -8.50 9.31
C ALA A 159 -9.95 -9.72 8.74
N SER A 160 -9.18 -10.62 8.10
CA SER A 160 -9.75 -11.84 7.56
C SER A 160 -10.33 -12.73 8.65
N MET A 161 -9.64 -12.82 9.79
CA MET A 161 -10.17 -13.61 10.91
C MET A 161 -11.47 -13.02 11.44
N LEU A 162 -11.57 -11.69 11.46
CA LEU A 162 -12.83 -11.07 11.87
C LEU A 162 -13.97 -11.43 10.92
N GLU A 163 -13.69 -11.39 9.61
CA GLU A 163 -14.71 -11.81 8.65
C GLU A 163 -15.11 -13.27 8.85
N LEU A 164 -14.13 -14.13 9.09
CA LEU A 164 -14.41 -15.54 9.34
C LEU A 164 -15.29 -15.72 10.58
N LEU A 165 -15.01 -14.94 11.63
CA LEU A 165 -15.83 -15.01 12.84
C LEU A 165 -17.28 -14.63 12.56
N ARG A 166 -17.48 -13.57 11.78
CA ARG A 166 -18.85 -13.19 11.42
C ARG A 166 -19.55 -14.29 10.63
N ALA A 167 -18.84 -14.90 9.69
CA ALA A 167 -19.43 -15.98 8.90
C ALA A 167 -19.83 -17.15 9.78
N ILE A 168 -18.96 -17.54 10.71
CA ILE A 168 -19.26 -18.65 11.62
C ILE A 168 -20.46 -18.32 12.49
N GLU A 169 -20.55 -17.07 12.97
CA GLU A 169 -21.69 -16.67 13.78
C GLU A 169 -22.99 -16.79 12.99
N ARG A 170 -22.99 -16.33 11.74
CA ARG A 170 -24.18 -16.45 10.91
C ARG A 170 -24.56 -17.91 10.70
N PHE A 171 -23.57 -18.76 10.43
CA PHE A 171 -23.85 -20.19 10.23
C PHE A 171 -24.50 -20.80 11.46
N PHE A 172 -23.94 -20.53 12.64
CA PHE A 172 -24.48 -21.15 13.85
C PHE A 172 -25.78 -20.52 14.30
N GLU A 173 -26.10 -19.31 13.83
CA GLU A 173 -27.42 -18.77 14.07
C GLU A 173 -28.46 -19.43 13.17
N VAL A 174 -28.11 -19.72 11.92
CA VAL A 174 -29.07 -20.34 11.01
C VAL A 174 -29.37 -21.78 11.43
N LEU A 175 -28.33 -22.54 11.77
CA LEU A 175 -28.49 -23.98 12.00
C LEU A 175 -29.30 -24.27 13.26
N LYS A 176 -30.06 -25.36 13.21
CA LYS A 176 -30.84 -25.84 14.34
C LYS A 176 -30.51 -27.30 14.59
N GLY A 177 -30.47 -27.69 15.87
CA GLY A 177 -30.13 -29.05 16.23
C GLY A 177 -29.90 -29.16 17.72
N ASN A 178 -29.14 -30.18 18.10
CA ASN A 178 -28.83 -30.40 19.50
C ASN A 178 -27.90 -29.32 20.01
N PRO A 179 -28.26 -28.57 21.04
CA PRO A 179 -27.41 -27.45 21.47
C PRO A 179 -26.02 -27.86 21.95
N GLU A 180 -25.88 -29.02 22.59
CA GLU A 180 -24.61 -29.38 23.20
C GLU A 180 -23.56 -29.72 22.14
N ARG A 181 -23.93 -30.54 21.16
CA ARG A 181 -23.00 -30.89 20.10
C ARG A 181 -22.60 -29.65 19.29
N LEU A 182 -23.58 -28.78 19.01
CA LEU A 182 -23.29 -27.55 18.29
C LEU A 182 -22.34 -26.66 19.07
N LEU A 183 -22.54 -26.57 20.38
CA LEU A 183 -21.64 -25.77 21.20
C LEU A 183 -20.23 -26.36 21.23
N ALA A 184 -20.12 -27.69 21.28
CA ALA A 184 -18.80 -28.32 21.26
C ALA A 184 -18.08 -28.04 19.95
N VAL A 185 -18.79 -28.16 18.82
CA VAL A 185 -18.17 -27.88 17.53
C VAL A 185 -17.75 -26.42 17.43
N PHE A 186 -18.61 -25.51 17.91
CA PHE A 186 -18.30 -24.08 17.88
C PHE A 186 -17.06 -23.78 18.70
N GLU A 187 -16.96 -24.36 19.90
CA GLU A 187 -15.78 -24.13 20.74
C GLU A 187 -14.52 -24.67 20.10
N GLU A 188 -14.61 -25.84 19.45
CA GLU A 188 -13.43 -26.41 18.82
C GLU A 188 -12.92 -25.54 17.66
N VAL A 189 -13.84 -25.06 16.80
CA VAL A 189 -13.38 -24.21 15.70
C VAL A 189 -12.86 -22.87 16.23
N LEU A 190 -13.45 -22.36 17.32
CA LEU A 190 -12.92 -21.14 17.93
C LEU A 190 -11.51 -21.36 18.45
N GLU A 191 -11.24 -22.50 19.06
CA GLU A 191 -9.89 -22.81 19.53
C GLU A 191 -8.91 -22.87 18.36
N ASP A 192 -9.34 -23.45 17.23
CA ASP A 192 -8.49 -23.47 16.05
C ASP A 192 -8.11 -22.06 15.61
N ILE A 193 -9.11 -21.18 15.49
CA ILE A 193 -8.84 -19.81 15.06
C ILE A 193 -7.94 -19.09 16.05
N GLU A 194 -8.18 -19.27 17.35
CA GLU A 194 -7.38 -18.61 18.36
C GLU A 194 -5.92 -19.06 18.29
N GLU A 195 -5.70 -20.37 18.12
CA GLU A 195 -4.33 -20.87 17.98
C GLU A 195 -3.65 -20.25 16.76
N ALA A 196 -4.36 -20.18 15.64
CA ALA A 196 -3.76 -19.59 14.44
C ALA A 196 -3.38 -18.13 14.67
N VAL A 197 -4.27 -17.36 15.29
CA VAL A 197 -3.99 -15.95 15.53
C VAL A 197 -2.79 -15.78 16.47
N LEU A 198 -2.75 -16.57 17.55
CA LEU A 198 -1.65 -16.48 18.50
C LEU A 198 -0.33 -16.82 17.83
N LYS A 199 -0.31 -17.85 16.98
CA LYS A 199 0.93 -18.23 16.31
C LYS A 199 1.36 -17.16 15.32
N LYS A 200 0.41 -16.53 14.62
CA LYS A 200 0.77 -15.55 13.61
C LYS A 200 1.24 -14.24 14.22
N LEU A 201 0.69 -13.85 15.37
CA LEU A 201 0.97 -12.52 15.91
C LEU A 201 2.36 -12.39 16.55
N THR A 202 3.24 -13.37 16.38
CA THR A 202 4.59 -13.27 16.92
C THR A 202 5.55 -12.55 16.00
N GLU A 203 5.09 -12.12 14.82
CA GLU A 203 5.94 -11.47 13.84
C GLU A 203 5.96 -9.95 13.95
N VAL A 204 5.31 -9.38 14.98
CA VAL A 204 5.18 -7.94 15.11
C VAL A 204 5.68 -7.51 16.48
N ASN A 205 5.75 -6.19 16.65
CA ASN A 205 6.16 -5.60 17.92
C ASN A 205 5.08 -5.81 18.97
N PRO A 206 5.45 -5.77 20.26
CA PRO A 206 4.44 -5.99 21.31
C PRO A 206 3.29 -5.00 21.31
N GLU A 207 3.50 -3.76 20.87
CA GLU A 207 2.40 -2.80 20.82
C GLU A 207 1.37 -3.19 19.76
N THR A 208 1.85 -3.57 18.57
CA THR A 208 0.94 -4.08 17.55
C THR A 208 0.27 -5.36 18.01
N GLN A 209 1.00 -6.21 18.73
CA GLN A 209 0.40 -7.42 19.28
C GLN A 209 -0.76 -7.08 20.20
N VAL A 210 -0.57 -6.10 21.10
CA VAL A 210 -1.62 -5.74 22.03
C VAL A 210 -2.83 -5.18 21.29
N LEU A 211 -2.61 -4.30 20.32
CA LEU A 211 -3.72 -3.75 19.56
C LEU A 211 -4.51 -4.85 18.84
N LEU A 212 -3.83 -5.69 18.07
CA LEU A 212 -4.51 -6.71 17.30
C LEU A 212 -5.17 -7.75 18.19
N LEU A 213 -4.54 -8.11 19.31
CA LEU A 213 -5.12 -9.05 20.24
C LEU A 213 -6.38 -8.49 20.87
N GLU A 214 -6.38 -7.20 21.24
CA GLU A 214 -7.58 -6.59 21.78
C GLU A 214 -8.72 -6.64 20.77
N ALA A 215 -8.43 -6.29 19.50
CA ALA A 215 -9.47 -6.34 18.48
C ALA A 215 -10.04 -7.74 18.34
N PHE A 216 -9.16 -8.74 18.21
CA PHE A 216 -9.61 -10.11 18.00
C PHE A 216 -10.42 -10.62 19.19
N TYR A 217 -9.96 -10.34 20.41
CA TYR A 217 -10.64 -10.87 21.59
C TYR A 217 -11.99 -10.18 21.82
N GLU A 218 -12.08 -8.89 21.51
CA GLU A 218 -13.39 -8.23 21.59
C GLU A 218 -14.37 -8.88 20.62
N LYS A 219 -13.95 -9.09 19.38
CA LYS A 219 -14.84 -9.72 18.42
C LYS A 219 -15.23 -11.14 18.85
N LYS A 220 -14.26 -11.89 19.38
CA LYS A 220 -14.54 -13.26 19.80
C LYS A 220 -15.54 -13.29 20.95
N LYS A 221 -15.39 -12.40 21.92
CA LYS A 221 -16.36 -12.34 23.02
C LYS A 221 -17.74 -12.01 22.51
N ASP A 222 -17.85 -11.05 21.57
CA ASP A 222 -19.15 -10.70 21.03
C ASP A 222 -19.80 -11.88 20.32
N VAL A 223 -19.04 -12.60 19.49
CA VAL A 223 -19.63 -13.71 18.75
C VAL A 223 -19.99 -14.85 19.69
N VAL A 224 -19.20 -15.06 20.75
CA VAL A 224 -19.56 -16.11 21.71
C VAL A 224 -20.88 -15.77 22.39
N GLU A 225 -21.06 -14.51 22.79
CA GLU A 225 -22.32 -14.11 23.41
C GLU A 225 -23.49 -14.31 22.45
N HIS A 226 -23.32 -13.90 21.19
CA HIS A 226 -24.40 -14.04 20.22
C HIS A 226 -24.76 -15.51 19.99
N VAL A 227 -23.75 -16.37 19.84
CA VAL A 227 -24.00 -17.77 19.56
C VAL A 227 -24.65 -18.45 20.75
N ARG A 228 -24.20 -18.14 21.97
CA ARG A 228 -24.80 -18.73 23.15
C ARG A 228 -26.24 -18.26 23.33
N LYS A 229 -26.54 -17.01 22.98
CA LYS A 229 -27.93 -16.56 22.99
C LYS A 229 -28.77 -17.33 21.98
N ALA A 230 -28.23 -17.54 20.78
CA ALA A 230 -29.02 -18.17 19.73
C ALA A 230 -29.26 -19.66 20.00
N LEU A 231 -28.23 -20.36 20.48
CA LEU A 231 -28.35 -21.81 20.66
C LEU A 231 -29.28 -22.16 21.80
N PHE A 232 -29.11 -21.51 22.95
CA PHE A 232 -29.95 -21.79 24.11
C PHE A 232 -31.09 -20.78 24.22
N SER B 25 -51.59 15.46 26.34
CA SER B 25 -50.62 15.54 27.42
C SER B 25 -49.22 15.21 26.93
N PRO B 26 -48.22 15.96 27.40
CA PRO B 26 -46.84 15.71 26.96
C PRO B 26 -46.29 14.38 27.44
N LEU B 27 -46.53 14.07 28.72
CA LEU B 27 -45.95 12.85 29.31
C LEU B 27 -46.51 11.59 28.65
N GLU B 28 -47.83 11.55 28.43
CA GLU B 28 -48.43 10.37 27.82
C GLU B 28 -47.94 10.17 26.40
N GLU B 29 -47.85 11.25 25.63
CA GLU B 29 -47.35 11.15 24.26
C GLU B 29 -45.89 10.71 24.25
N ALA B 30 -45.09 11.23 25.19
CA ALA B 30 -43.69 10.81 25.28
C ALA B 30 -43.57 9.32 25.61
N LYS B 31 -44.41 8.83 26.52
CA LYS B 31 -44.35 7.41 26.87
C LYS B 31 -44.80 6.54 25.69
N ARG B 32 -45.83 6.98 24.97
CA ARG B 32 -46.25 6.27 23.77
C ARG B 32 -45.12 6.22 22.74
N LEU B 33 -44.43 7.34 22.56
CA LEU B 33 -43.30 7.38 21.65
C LEU B 33 -42.19 6.44 22.11
N LEU B 34 -41.94 6.37 23.42
CA LEU B 34 -40.93 5.46 23.94
C LEU B 34 -41.28 4.02 23.64
N GLU B 35 -42.55 3.64 23.86
CA GLU B 35 -42.96 2.28 23.56
C GLU B 35 -42.82 1.96 22.07
N LYS B 36 -43.24 2.90 21.21
CA LYS B 36 -43.13 2.68 19.77
C LYS B 36 -41.67 2.52 19.36
N VAL B 37 -40.79 3.36 19.91
CA VAL B 37 -39.37 3.29 19.57
C VAL B 37 -38.76 1.99 20.05
N LYS B 38 -39.13 1.53 21.25
CA LYS B 38 -38.62 0.25 21.73
C LYS B 38 -39.04 -0.89 20.82
N LYS B 39 -40.32 -0.89 20.42
CA LYS B 39 -40.80 -1.93 19.50
C LYS B 39 -40.04 -1.89 18.18
N ARG B 40 -39.84 -0.69 17.64
CA ARG B 40 -39.15 -0.55 16.37
C ARG B 40 -37.70 -1.01 16.47
N VAL B 41 -37.02 -0.69 17.57
CA VAL B 41 -35.64 -1.12 17.74
C VAL B 41 -35.56 -2.63 17.84
N GLU B 42 -36.46 -3.25 18.60
CA GLU B 42 -36.48 -4.70 18.70
C GLU B 42 -36.71 -5.34 17.33
N GLU B 43 -37.62 -4.76 16.54
CA GLU B 43 -37.86 -5.29 15.20
C GLU B 43 -36.65 -5.13 14.30
N ILE B 44 -35.96 -3.98 14.37
CA ILE B 44 -34.85 -3.71 13.48
C ILE B 44 -33.65 -4.60 13.80
N MET B 45 -33.36 -4.79 15.09
CA MET B 45 -32.13 -5.49 15.47
C MET B 45 -32.13 -6.95 15.05
N LYS B 46 -33.27 -7.50 14.65
CA LYS B 46 -33.35 -8.88 14.21
C LYS B 46 -32.70 -9.11 12.85
N ASN B 47 -32.42 -8.05 12.09
CA ASN B 47 -31.82 -8.21 10.78
C ASN B 47 -30.37 -8.71 10.91
N PRO B 48 -29.92 -9.55 9.98
CA PRO B 48 -28.55 -10.08 10.06
C PRO B 48 -27.51 -9.19 9.41
N ASN B 49 -27.93 -8.22 8.62
CA ASN B 49 -26.99 -7.33 7.93
C ASN B 49 -26.66 -6.14 8.82
N PRO B 50 -25.40 -5.95 9.22
CA PRO B 50 -25.10 -4.85 10.16
C PRO B 50 -25.24 -3.47 9.55
N VAL B 51 -24.83 -3.29 8.29
CA VAL B 51 -24.89 -1.98 7.67
C VAL B 51 -26.35 -1.54 7.49
N LYS B 52 -27.22 -2.47 7.08
CA LYS B 52 -28.63 -2.15 6.97
C LYS B 52 -29.22 -1.78 8.33
N VAL B 53 -28.84 -2.51 9.38
CA VAL B 53 -29.30 -2.19 10.72
C VAL B 53 -28.87 -0.79 11.11
N MET B 54 -27.62 -0.43 10.82
CA MET B 54 -27.14 0.90 11.14
C MET B 54 -27.90 1.97 10.37
N LEU B 55 -28.21 1.72 9.10
CA LEU B 55 -28.96 2.70 8.31
C LEU B 55 -30.36 2.90 8.87
N GLU B 56 -31.06 1.82 9.21
CA GLU B 56 -32.39 1.96 9.79
C GLU B 56 -32.34 2.65 11.14
N LEU B 57 -31.30 2.39 11.94
CA LEU B 57 -31.20 3.05 13.24
C LEU B 57 -30.93 4.54 13.07
N LYS B 58 -30.13 4.92 12.07
CA LYS B 58 -29.95 6.33 11.76
C LYS B 58 -31.27 6.99 11.37
N GLU B 59 -32.06 6.32 10.52
CA GLU B 59 -33.34 6.87 10.13
C GLU B 59 -34.26 7.03 11.34
N LEU B 60 -34.26 6.04 12.24
CA LEU B 60 -35.09 6.11 13.42
C LEU B 60 -34.67 7.26 14.34
N LEU B 61 -33.36 7.47 14.48
CA LEU B 61 -32.87 8.59 15.29
C LEU B 61 -33.30 9.93 14.70
N ASP B 62 -33.21 10.07 13.37
CA ASP B 62 -33.66 11.29 12.73
C ASP B 62 -35.16 11.51 12.96
N GLU B 63 -35.95 10.45 12.85
CA GLU B 63 -37.39 10.57 13.10
C GLU B 63 -37.67 10.98 14.54
N ALA B 64 -36.90 10.44 15.48
CA ALA B 64 -37.08 10.82 16.88
C ALA B 64 -36.78 12.29 17.09
N VAL B 65 -35.72 12.80 16.46
CA VAL B 65 -35.42 14.24 16.58
C VAL B 65 -36.54 15.08 15.97
N HIS B 66 -37.06 14.65 14.82
CA HIS B 66 -38.18 15.37 14.20
C HIS B 66 -39.37 15.42 15.14
N GLU B 67 -39.67 14.30 15.80
CA GLU B 67 -40.76 14.28 16.77
C GLU B 67 -40.46 15.21 17.94
N PHE B 68 -39.20 15.27 18.37
CA PHE B 68 -38.84 16.11 19.50
C PHE B 68 -39.08 17.58 19.20
N VAL B 69 -38.68 18.06 18.02
CA VAL B 69 -38.86 19.47 17.71
C VAL B 69 -40.31 19.85 17.44
N LEU B 70 -41.20 18.87 17.27
CA LEU B 70 -42.60 19.11 16.96
C LEU B 70 -43.50 19.09 18.19
N MET B 71 -42.94 18.90 19.39
CA MET B 71 -43.72 18.78 20.60
C MET B 71 -43.11 19.64 21.70
N GLU B 72 -43.89 19.88 22.75
CA GLU B 72 -43.42 20.68 23.86
C GLU B 72 -42.51 19.86 24.77
N VAL B 73 -41.41 20.47 25.20
CA VAL B 73 -40.48 19.79 26.09
C VAL B 73 -40.41 20.54 27.41
N ASN B 74 -41.21 20.10 28.38
CA ASN B 74 -41.19 20.65 29.72
C ASN B 74 -40.29 19.78 30.61
N GLU B 75 -40.32 20.05 31.91
CA GLU B 75 -39.48 19.32 32.85
C GLU B 75 -40.03 17.94 33.20
N GLU B 76 -41.22 17.58 32.70
CA GLU B 76 -41.81 16.29 33.00
C GLU B 76 -41.37 15.21 32.02
N ASN B 77 -41.43 15.49 30.72
CA ASN B 77 -41.14 14.48 29.70
C ASN B 77 -39.69 14.48 29.24
N ARG B 78 -38.83 15.33 29.82
CA ARG B 78 -37.45 15.41 29.37
C ARG B 78 -36.72 14.09 29.59
N GLU B 79 -36.95 13.45 30.74
CA GLU B 79 -36.30 12.17 31.03
C GLU B 79 -36.69 11.10 30.02
N VAL B 80 -37.97 11.06 29.63
CA VAL B 80 -38.43 10.04 28.69
C VAL B 80 -37.76 10.24 27.33
N LEU B 81 -37.64 11.48 26.88
CA LEU B 81 -36.97 11.76 25.62
C LEU B 81 -35.50 11.37 25.68
N ILE B 82 -34.84 11.66 26.80
CA ILE B 82 -33.44 11.27 26.96
C ILE B 82 -33.29 9.75 26.88
N GLU B 83 -34.23 9.02 27.50
CA GLU B 83 -34.15 7.56 27.42
C GLU B 83 -34.42 7.05 26.02
N ILE B 84 -35.30 7.71 25.27
CA ILE B 84 -35.52 7.32 23.87
C ILE B 84 -34.23 7.46 23.08
N LEU B 85 -33.57 8.61 23.21
CA LEU B 85 -32.32 8.84 22.51
C LEU B 85 -31.26 7.83 22.92
N ALA B 86 -31.16 7.56 24.23
CA ALA B 86 -30.17 6.61 24.72
C ALA B 86 -30.44 5.21 24.19
N THR B 87 -31.71 4.80 24.12
CA THR B 87 -32.05 3.48 23.59
C THR B 87 -31.59 3.35 22.15
N ILE B 88 -31.94 4.32 21.31
CA ILE B 88 -31.57 4.22 19.90
C ILE B 88 -30.05 4.24 19.74
N PHE B 89 -29.37 5.11 20.49
CA PHE B 89 -27.92 5.21 20.34
C PHE B 89 -27.20 3.96 20.85
N GLU B 90 -27.69 3.35 21.92
CA GLU B 90 -27.09 2.10 22.41
C GLU B 90 -27.25 1.00 21.37
N ALA B 91 -28.44 0.89 20.78
CA ALA B 91 -28.63 -0.11 19.72
C ALA B 91 -27.66 0.15 18.57
N PHE B 92 -27.49 1.42 18.18
CA PHE B 92 -26.57 1.75 17.10
C PHE B 92 -25.13 1.37 17.44
N LEU B 93 -24.71 1.62 18.68
CA LEU B 93 -23.33 1.31 19.07
C LEU B 93 -23.08 -0.19 19.06
N HIS B 94 -24.05 -0.98 19.53
CA HIS B 94 -23.89 -2.43 19.44
C HIS B 94 -23.82 -2.90 17.99
N ALA B 95 -24.69 -2.37 17.13
CA ALA B 95 -24.65 -2.75 15.73
C ALA B 95 -23.32 -2.38 15.09
N ALA B 96 -22.77 -1.23 15.47
CA ALA B 96 -21.46 -0.83 14.95
C ALA B 96 -20.36 -1.78 15.42
N ARG B 97 -20.45 -2.22 16.68
CA ARG B 97 -19.52 -3.25 17.15
C ARG B 97 -19.66 -4.56 16.38
N ASP B 98 -20.84 -4.83 15.83
CA ASP B 98 -21.04 -6.11 15.13
C ASP B 98 -20.06 -6.28 13.97
N GLY B 99 -19.88 -5.25 13.15
CA GLY B 99 -18.84 -5.31 12.14
C GLY B 99 -19.21 -4.76 10.77
N GLY B 100 -18.28 -4.86 9.82
CA GLY B 100 -18.46 -4.38 8.47
C GLY B 100 -17.18 -3.74 7.97
N ASN B 101 -17.32 -2.93 6.93
CA ASN B 101 -16.19 -2.20 6.37
C ASN B 101 -15.81 -1.05 7.28
N PRO B 102 -14.57 -0.96 7.77
CA PRO B 102 -14.24 0.04 8.81
C PRO B 102 -14.51 1.48 8.42
N LYS B 103 -14.21 1.88 7.17
CA LYS B 103 -14.42 3.26 6.78
C LYS B 103 -15.90 3.63 6.78
N LEU B 104 -16.72 2.77 6.20
CA LEU B 104 -18.16 3.02 6.18
C LEU B 104 -18.73 3.04 7.58
N VAL B 105 -18.28 2.12 8.44
CA VAL B 105 -18.76 2.08 9.82
C VAL B 105 -18.38 3.34 10.57
N LEU B 106 -17.15 3.82 10.37
CA LEU B 106 -16.71 5.04 11.05
C LEU B 106 -17.52 6.25 10.58
N LEU B 107 -17.76 6.35 9.27
CA LEU B 107 -18.56 7.47 8.76
C LEU B 107 -19.98 7.43 9.32
N LEU B 108 -20.59 6.24 9.36
CA LEU B 108 -21.93 6.12 9.91
C LEU B 108 -21.95 6.45 11.40
N LEU B 109 -20.92 6.05 12.12
CA LEU B 109 -20.81 6.38 13.54
C LEU B 109 -20.75 7.88 13.74
N LEU B 110 -19.96 8.58 12.92
CA LEU B 110 -19.89 10.04 13.06
C LEU B 110 -21.24 10.69 12.75
N GLU B 111 -21.93 10.22 11.71
CA GLU B 111 -23.24 10.79 11.38
C GLU B 111 -24.23 10.57 12.52
N ALA B 112 -24.27 9.35 13.06
CA ALA B 112 -25.18 9.06 14.16
C ALA B 112 -24.85 9.89 15.38
N PHE B 113 -23.56 10.09 15.66
CA PHE B 113 -23.18 10.91 16.81
C PHE B 113 -23.62 12.35 16.63
N GLU B 114 -23.48 12.90 15.43
CA GLU B 114 -23.92 14.27 15.20
C GLU B 114 -25.43 14.40 15.36
N THR B 115 -26.20 13.41 14.88
CA THR B 115 -27.64 13.43 15.07
C THR B 115 -28.00 13.33 16.55
N PHE B 116 -27.28 12.49 17.29
CA PHE B 116 -27.51 12.36 18.73
C PHE B 116 -27.24 13.67 19.45
N VAL B 117 -26.16 14.36 19.07
CA VAL B 117 -25.84 15.65 19.68
C VAL B 117 -26.93 16.68 19.38
N ARG B 118 -27.45 16.68 18.16
CA ARG B 118 -28.55 17.58 17.83
C ARG B 118 -29.79 17.29 18.68
N GLY B 119 -30.11 16.00 18.85
CA GLY B 119 -31.24 15.64 19.69
C GLY B 119 -31.05 16.07 21.14
N VAL B 120 -29.85 15.88 21.68
CA VAL B 120 -29.57 16.30 23.05
C VAL B 120 -29.67 17.81 23.18
N GLU B 121 -29.17 18.55 22.18
CA GLU B 121 -29.29 20.00 22.20
C GLU B 121 -30.75 20.44 22.19
N VAL B 122 -31.58 19.76 21.39
CA VAL B 122 -33.00 20.12 21.34
C VAL B 122 -33.67 19.84 22.68
N VAL B 123 -33.43 18.65 23.25
CA VAL B 123 -34.10 18.27 24.48
C VAL B 123 -33.51 19.00 25.68
N GLY B 124 -32.19 19.04 25.78
CA GLY B 124 -31.56 19.64 26.94
C GLY B 124 -31.41 18.66 28.09
N VAL B 125 -30.40 18.91 28.91
CA VAL B 125 -30.09 18.05 30.05
C VAL B 125 -30.11 18.90 31.31
N THR B 126 -30.94 18.51 32.27
CA THR B 126 -31.09 19.26 33.52
C THR B 126 -30.66 18.45 34.74
N SER B 127 -31.24 17.27 34.94
CA SER B 127 -30.96 16.49 36.12
C SER B 127 -29.63 15.75 36.00
N GLU B 128 -29.23 15.09 37.08
CA GLU B 128 -27.97 14.35 37.08
C GLU B 128 -28.08 13.03 36.35
N ARG B 129 -29.26 12.40 36.35
CA ARG B 129 -29.41 11.12 35.68
C ARG B 129 -29.21 11.27 34.17
N GLU B 130 -29.78 12.32 33.58
CA GLU B 130 -29.61 12.54 32.15
C GLU B 130 -28.16 12.81 31.80
N LEU B 131 -27.48 13.60 32.64
CA LEU B 131 -26.05 13.86 32.41
C LEU B 131 -25.25 12.57 32.48
N ARG B 132 -25.52 11.73 33.48
CA ARG B 132 -24.82 10.45 33.57
C ARG B 132 -25.07 9.60 32.35
N LEU B 133 -26.32 9.56 31.88
CA LEU B 133 -26.67 8.76 30.71
C LEU B 133 -25.90 9.23 29.47
N VAL B 134 -25.90 10.54 29.21
CA VAL B 134 -25.25 11.02 27.99
C VAL B 134 -23.74 10.86 28.08
N LEU B 135 -23.16 11.07 29.27
CA LEU B 135 -21.72 10.90 29.41
C LEU B 135 -21.30 9.44 29.24
N GLU B 136 -22.09 8.51 29.77
CA GLU B 136 -21.82 7.09 29.54
C GLU B 136 -21.91 6.76 28.06
N LEU B 137 -22.89 7.32 27.36
CA LEU B 137 -23.00 7.09 25.92
C LEU B 137 -21.77 7.62 25.19
N LEU B 138 -21.28 8.80 25.59
CA LEU B 138 -20.07 9.34 24.96
C LEU B 138 -18.87 8.44 25.17
N VAL B 139 -18.72 7.91 26.40
CA VAL B 139 -17.59 7.02 26.67
C VAL B 139 -17.67 5.76 25.81
N GLU B 140 -18.86 5.15 25.72
CA GLU B 140 -19.01 3.96 24.88
C GLU B 140 -18.76 4.28 23.43
N PHE B 141 -19.18 5.46 22.96
CA PHE B 141 -18.95 5.85 21.57
C PHE B 141 -17.46 5.95 21.29
N VAL B 142 -16.71 6.59 22.20
CA VAL B 142 -15.26 6.73 21.99
C VAL B 142 -14.59 5.36 21.96
N HIS B 143 -15.00 4.47 22.88
CA HIS B 143 -14.42 3.13 22.90
C HIS B 143 -14.69 2.37 21.60
N VAL B 144 -15.93 2.43 21.12
CA VAL B 144 -16.28 1.71 19.88
C VAL B 144 -15.53 2.31 18.70
N PHE B 145 -15.39 3.63 18.65
CA PHE B 145 -14.68 4.27 17.56
C PHE B 145 -13.22 3.82 17.53
N ILE B 146 -12.57 3.78 18.69
CA ILE B 146 -11.18 3.36 18.73
C ILE B 146 -11.05 1.90 18.32
N LEU B 147 -11.98 1.05 18.78
CA LEU B 147 -11.95 -0.36 18.43
C LEU B 147 -12.08 -0.56 16.93
N ILE B 148 -13.00 0.17 16.29
CA ILE B 148 -13.20 0.01 14.85
C ILE B 148 -12.00 0.55 14.08
N SER B 149 -11.44 1.68 14.51
CA SER B 149 -10.36 2.30 13.75
C SER B 149 -8.99 1.70 14.06
N ARG B 150 -8.91 0.74 14.98
CA ARG B 150 -7.65 0.04 15.23
C ARG B 150 -7.05 -0.58 13.98
N LEU B 151 -7.89 -0.98 13.02
CA LEU B 151 -7.45 -1.82 11.91
C LEU B 151 -7.10 -1.05 10.65
N LEU B 152 -7.13 0.28 10.68
CA LEU B 152 -6.72 1.06 9.52
C LEU B 152 -5.21 1.22 9.48
N GLU B 153 -4.72 1.78 8.38
CA GLU B 153 -3.32 2.14 8.27
C GLU B 153 -3.05 3.43 9.05
N PRO B 154 -1.79 3.65 9.45
CA PRO B 154 -1.52 4.77 10.39
C PRO B 154 -1.97 6.14 9.91
N ARG B 155 -1.85 6.44 8.62
CA ARG B 155 -2.27 7.76 8.13
C ARG B 155 -3.79 7.91 8.21
N GLU B 156 -4.52 6.90 7.73
CA GLU B 156 -5.97 6.91 7.86
C GLU B 156 -6.40 6.87 9.32
N PHE B 157 -5.63 6.17 10.16
CA PHE B 157 -5.92 6.16 11.59
C PHE B 157 -5.83 7.56 12.18
N ILE B 158 -4.78 8.32 11.82
CA ILE B 158 -4.63 9.67 12.35
C ILE B 158 -5.73 10.58 11.83
N ALA B 159 -6.13 10.40 10.56
CA ALA B 159 -7.24 11.18 10.03
C ALA B 159 -8.53 10.90 10.79
N SER B 160 -8.81 9.63 11.06
CA SER B 160 -10.00 9.28 11.84
C SER B 160 -9.93 9.85 13.26
N MET B 161 -8.74 9.87 13.85
CA MET B 161 -8.60 10.43 15.18
C MET B 161 -8.87 11.93 15.18
N LEU B 162 -8.43 12.63 14.14
CA LEU B 162 -8.75 14.05 14.04
C LEU B 162 -10.25 14.27 13.94
N GLU B 163 -10.94 13.45 13.12
CA GLU B 163 -12.39 13.56 13.02
C GLU B 163 -13.07 13.30 14.37
N LEU B 164 -12.60 12.30 15.10
CA LEU B 164 -13.15 12.00 16.42
C LEU B 164 -12.95 13.17 17.38
N LEU B 165 -11.77 13.81 17.31
CA LEU B 165 -11.52 14.97 18.18
C LEU B 165 -12.48 16.10 17.88
N ARG B 166 -12.74 16.37 16.60
CA ARG B 166 -13.71 17.40 16.25
C ARG B 166 -15.09 17.06 16.77
N ALA B 167 -15.51 15.79 16.65
CA ALA B 167 -16.81 15.39 17.15
C ALA B 167 -16.92 15.58 18.66
N ILE B 168 -15.88 15.20 19.40
CA ILE B 168 -15.89 15.34 20.84
C ILE B 168 -15.95 16.82 21.23
N GLU B 169 -15.22 17.67 20.52
CA GLU B 169 -15.26 19.10 20.79
C GLU B 169 -16.66 19.65 20.59
N ARG B 170 -17.32 19.26 19.49
CA ARG B 170 -18.68 19.72 19.26
C ARG B 170 -19.62 19.25 20.37
N PHE B 171 -19.49 17.99 20.79
CA PHE B 171 -20.35 17.46 21.86
C PHE B 171 -20.18 18.26 23.13
N PHE B 172 -18.93 18.51 23.54
CA PHE B 172 -18.70 19.20 24.80
C PHE B 172 -19.00 20.69 24.71
N GLU B 173 -19.04 21.26 23.51
CA GLU B 173 -19.51 22.63 23.38
C GLU B 173 -21.02 22.70 23.50
N VAL B 174 -21.74 21.72 22.97
CA VAL B 174 -23.19 21.74 23.05
C VAL B 174 -23.67 21.53 24.48
N LEU B 175 -23.08 20.56 25.18
CA LEU B 175 -23.57 20.16 26.49
C LEU B 175 -23.34 21.23 27.54
N LYS B 176 -24.28 21.30 28.49
CA LYS B 176 -24.21 22.22 29.63
C LYS B 176 -24.38 21.45 30.92
N GLY B 177 -23.65 21.83 31.95
CA GLY B 177 -23.71 21.13 33.21
C GLY B 177 -22.61 21.59 34.14
N ASN B 178 -22.26 20.73 35.08
CA ASN B 178 -21.20 21.05 36.03
C ASN B 178 -19.85 21.06 35.33
N PRO B 179 -19.12 22.18 35.36
CA PRO B 179 -17.86 22.24 34.61
C PRO B 179 -16.81 21.23 35.05
N GLU B 180 -16.73 20.91 36.33
CA GLU B 180 -15.65 20.07 36.83
C GLU B 180 -15.81 18.62 36.37
N ARG B 181 -17.02 18.08 36.52
CA ARG B 181 -17.27 16.70 36.08
C ARG B 181 -17.09 16.59 34.56
N LEU B 182 -17.59 17.58 33.82
CA LEU B 182 -17.43 17.55 32.37
C LEU B 182 -15.97 17.60 31.97
N LEU B 183 -15.17 18.42 32.67
CA LEU B 183 -13.74 18.48 32.37
C LEU B 183 -13.04 17.16 32.70
N ALA B 184 -13.45 16.51 33.80
CA ALA B 184 -12.85 15.22 34.14
C ALA B 184 -13.15 14.18 33.07
N VAL B 185 -14.41 14.12 32.60
CA VAL B 185 -14.77 13.17 31.56
C VAL B 185 -14.01 13.46 30.27
N PHE B 186 -13.91 14.75 29.92
CA PHE B 186 -13.19 15.14 28.71
C PHE B 186 -11.72 14.74 28.78
N GLU B 187 -11.08 14.98 29.92
CA GLU B 187 -9.67 14.61 30.07
C GLU B 187 -9.48 13.10 30.00
N GLU B 188 -10.40 12.34 30.60
CA GLU B 188 -10.28 10.88 30.54
C GLU B 188 -10.40 10.35 29.11
N VAL B 189 -11.38 10.85 28.35
CA VAL B 189 -11.51 10.35 26.97
C VAL B 189 -10.33 10.81 26.12
N LEU B 190 -9.78 11.99 26.40
CA LEU B 190 -8.57 12.42 25.71
C LEU B 190 -7.41 11.50 26.01
N GLU B 191 -7.26 11.07 27.26
CA GLU B 191 -6.20 10.16 27.61
C GLU B 191 -6.36 8.82 26.89
N ASP B 192 -7.61 8.34 26.77
CA ASP B 192 -7.85 7.11 26.02
C ASP B 192 -7.38 7.25 24.57
N ILE B 193 -7.78 8.34 23.91
CA ILE B 193 -7.39 8.54 22.51
C ILE B 193 -5.87 8.66 22.38
N GLU B 194 -5.24 9.38 23.30
CA GLU B 194 -3.79 9.56 23.25
C GLU B 194 -3.06 8.22 23.40
N GLU B 195 -3.53 7.38 24.33
CA GLU B 195 -2.93 6.06 24.50
C GLU B 195 -3.07 5.23 23.24
N ALA B 196 -4.25 5.26 22.62
CA ALA B 196 -4.44 4.49 21.39
C ALA B 196 -3.50 4.96 20.28
N VAL B 197 -3.37 6.28 20.12
CA VAL B 197 -2.51 6.82 19.07
C VAL B 197 -1.05 6.45 19.32
N LEU B 198 -0.59 6.59 20.56
CA LEU B 198 0.79 6.26 20.87
C LEU B 198 1.07 4.78 20.61
N LYS B 199 0.13 3.91 21.00
CA LYS B 199 0.33 2.48 20.76
C LYS B 199 0.36 2.16 19.28
N LYS B 200 -0.50 2.81 18.49
CA LYS B 200 -0.57 2.50 17.06
C LYS B 200 0.64 3.02 16.30
N LEU B 201 1.20 4.15 16.69
CA LEU B 201 2.25 4.78 15.91
C LEU B 201 3.60 4.09 16.01
N THR B 202 3.68 2.90 16.60
CA THR B 202 4.95 2.20 16.67
C THR B 202 5.22 1.32 15.46
N GLU B 203 4.33 1.31 14.48
CA GLU B 203 4.46 0.46 13.31
C GLU B 203 5.14 1.15 12.14
N VAL B 204 5.59 2.40 12.30
CA VAL B 204 6.15 3.17 11.20
C VAL B 204 7.52 3.71 11.61
N ASN B 205 8.18 4.35 10.64
CA ASN B 205 9.51 4.92 10.85
C ASN B 205 9.44 6.14 11.75
N PRO B 206 10.56 6.50 12.39
CA PRO B 206 10.55 7.67 13.29
C PRO B 206 10.15 8.98 12.63
N GLU B 207 10.47 9.19 11.35
CA GLU B 207 10.08 10.43 10.70
C GLU B 207 8.56 10.51 10.52
N THR B 208 7.95 9.42 10.08
CA THR B 208 6.49 9.37 9.99
C THR B 208 5.87 9.51 11.38
N GLN B 209 6.50 8.91 12.39
CA GLN B 209 6.03 9.10 13.76
C GLN B 209 6.04 10.57 14.15
N VAL B 210 7.11 11.28 13.83
CA VAL B 210 7.19 12.69 14.20
C VAL B 210 6.11 13.49 13.49
N LEU B 211 5.93 13.26 12.20
CA LEU B 211 4.91 13.99 11.45
C LEU B 211 3.51 13.75 12.02
N LEU B 212 3.14 12.48 12.18
CA LEU B 212 1.80 12.16 12.65
C LEU B 212 1.57 12.63 14.08
N LEU B 213 2.59 12.50 14.93
CA LEU B 213 2.49 12.98 16.30
C LEU B 213 2.31 14.49 16.35
N GLU B 214 3.03 15.22 15.50
CA GLU B 214 2.85 16.66 15.44
C GLU B 214 1.43 17.04 15.04
N ALA B 215 0.89 16.36 14.02
CA ALA B 215 -0.48 16.65 13.61
C ALA B 215 -1.47 16.38 14.75
N PHE B 216 -1.35 15.20 15.37
CA PHE B 216 -2.29 14.84 16.43
C PHE B 216 -2.19 15.79 17.61
N TYR B 217 -0.97 16.16 18.01
CA TYR B 217 -0.81 17.01 19.18
C TYR B 217 -1.26 18.44 18.93
N GLU B 218 -1.04 18.96 17.72
CA GLU B 218 -1.59 20.27 17.38
C GLU B 218 -3.11 20.27 17.47
N LYS B 219 -3.74 19.24 16.90
CA LYS B 219 -5.20 19.19 16.97
C LYS B 219 -5.69 19.05 18.40
N LYS B 220 -5.01 18.22 19.20
CA LYS B 220 -5.42 18.02 20.59
C LYS B 220 -5.31 19.31 21.39
N LYS B 221 -4.22 20.06 21.20
CA LYS B 221 -4.07 21.33 21.89
C LYS B 221 -5.17 22.31 21.51
N ASP B 222 -5.49 22.38 20.22
CA ASP B 222 -6.56 23.27 19.78
C ASP B 222 -7.90 22.90 20.42
N VAL B 223 -8.24 21.60 20.42
CA VAL B 223 -9.53 21.20 20.97
C VAL B 223 -9.57 21.41 22.48
N VAL B 224 -8.44 21.21 23.16
CA VAL B 224 -8.40 21.47 24.60
C VAL B 224 -8.67 22.94 24.88
N GLU B 225 -8.04 23.83 24.10
CA GLU B 225 -8.30 25.26 24.29
C GLU B 225 -9.78 25.58 24.06
N HIS B 226 -10.35 25.05 22.98
CA HIS B 226 -11.75 25.35 22.67
C HIS B 226 -12.68 24.85 23.77
N VAL B 227 -12.45 23.62 24.25
CA VAL B 227 -13.34 23.04 25.25
C VAL B 227 -13.21 23.78 26.58
N ARG B 228 -11.99 24.11 26.98
CA ARG B 228 -11.80 24.87 28.21
C ARG B 228 -12.43 26.26 28.12
N LYS B 229 -12.39 26.87 26.94
CA LYS B 229 -13.07 28.15 26.75
C LYS B 229 -14.57 27.99 26.89
N ALA B 230 -15.14 26.93 26.30
CA ALA B 230 -16.58 26.76 26.31
C ALA B 230 -17.11 26.40 27.69
N LEU B 231 -16.39 25.55 28.42
CA LEU B 231 -16.88 25.07 29.70
C LEU B 231 -16.87 26.17 30.75
N PHE B 232 -15.76 26.91 30.85
CA PHE B 232 -15.63 27.98 31.82
C PHE B 232 -15.93 29.34 31.20
N SER C 25 6.38 -27.88 -48.10
CA SER C 25 6.86 -28.99 -47.30
C SER C 25 6.99 -28.58 -45.83
N PRO C 26 6.56 -29.47 -44.93
CA PRO C 26 6.63 -29.15 -43.50
C PRO C 26 8.05 -29.02 -42.99
N LEU C 27 8.93 -29.95 -43.39
CA LEU C 27 10.29 -29.98 -42.87
C LEU C 27 11.07 -28.74 -43.30
N GLU C 28 10.96 -28.35 -44.56
CA GLU C 28 11.71 -27.20 -45.04
C GLU C 28 11.24 -25.91 -44.36
N GLU C 29 9.92 -25.76 -44.21
CA GLU C 29 9.39 -24.60 -43.52
C GLU C 29 9.82 -24.57 -42.05
N ALA C 30 9.84 -25.74 -41.41
CA ALA C 30 10.31 -25.81 -40.03
C ALA C 30 11.77 -25.42 -39.90
N LYS C 31 12.60 -25.87 -40.84
CA LYS C 31 14.02 -25.51 -40.80
C LYS C 31 14.22 -24.02 -41.06
N ARG C 32 13.44 -23.45 -41.98
CA ARG C 32 13.52 -22.01 -42.21
C ARG C 32 13.11 -21.24 -40.97
N LEU C 33 12.06 -21.70 -40.29
CA LEU C 33 11.66 -21.07 -39.03
C LEU C 33 12.75 -21.19 -37.98
N LEU C 34 13.43 -22.34 -37.92
CA LEU C 34 14.52 -22.51 -36.98
C LEU C 34 15.64 -21.51 -37.24
N GLU C 35 16.01 -21.34 -38.51
CA GLU C 35 17.07 -20.39 -38.85
C GLU C 35 16.66 -18.96 -38.49
N LYS C 36 15.41 -18.60 -38.81
CA LYS C 36 14.93 -17.25 -38.50
C LYS C 36 14.93 -17.01 -36.99
N VAL C 37 14.49 -18.01 -36.21
CA VAL C 37 14.43 -17.87 -34.76
C VAL C 37 15.83 -17.76 -34.18
N LYS C 38 16.78 -18.55 -34.70
CA LYS C 38 18.16 -18.44 -34.23
C LYS C 38 18.72 -17.05 -34.50
N LYS C 39 18.48 -16.51 -35.69
CA LYS C 39 18.96 -15.17 -36.00
C LYS C 39 18.33 -14.13 -35.08
N ARG C 40 17.02 -14.26 -34.84
CA ARG C 40 16.34 -13.29 -33.97
C ARG C 40 16.85 -13.36 -32.54
N VAL C 41 17.09 -14.57 -32.03
CA VAL C 41 17.60 -14.71 -30.68
C VAL C 41 19.00 -14.11 -30.57
N GLU C 42 19.84 -14.36 -31.57
CA GLU C 42 21.18 -13.78 -31.56
C GLU C 42 21.12 -12.25 -31.58
N GLU C 43 20.21 -11.70 -32.38
CA GLU C 43 20.05 -10.25 -32.42
C GLU C 43 19.55 -9.70 -31.08
N ILE C 44 18.59 -10.38 -30.46
CA ILE C 44 17.98 -9.87 -29.23
C ILE C 44 18.98 -9.91 -28.08
N MET C 45 19.77 -10.98 -27.99
CA MET C 45 20.65 -11.14 -26.84
C MET C 45 21.71 -10.06 -26.73
N LYS C 46 21.93 -9.27 -27.79
CA LYS C 46 22.94 -8.23 -27.76
C LYS C 46 22.52 -7.01 -26.94
N ASN C 47 21.25 -6.89 -26.58
CA ASN C 47 20.79 -5.75 -25.82
C ASN C 47 21.36 -5.79 -24.40
N PRO C 48 21.68 -4.62 -23.82
CA PRO C 48 22.25 -4.61 -22.46
C PRO C 48 21.20 -4.63 -21.36
N ASN C 49 19.94 -4.33 -21.69
CA ASN C 49 18.89 -4.29 -20.68
C ASN C 49 18.29 -5.68 -20.52
N PRO C 50 18.37 -6.29 -19.33
CA PRO C 50 17.86 -7.66 -19.19
C PRO C 50 16.35 -7.77 -19.27
N VAL C 51 15.62 -6.80 -18.72
CA VAL C 51 14.16 -6.85 -18.76
C VAL C 51 13.66 -6.71 -20.19
N LYS C 52 14.27 -5.81 -20.97
CA LYS C 52 13.89 -5.69 -22.36
C LYS C 52 14.18 -6.97 -23.14
N VAL C 53 15.32 -7.60 -22.85
CA VAL C 53 15.64 -8.88 -23.48
C VAL C 53 14.59 -9.93 -23.15
N MET C 54 14.19 -10.00 -21.88
CA MET C 54 13.18 -10.97 -21.46
C MET C 54 11.84 -10.71 -22.14
N LEU C 55 11.44 -9.44 -22.27
CA LEU C 55 10.19 -9.12 -22.92
C LEU C 55 10.22 -9.50 -24.41
N GLU C 56 11.33 -9.21 -25.09
CA GLU C 56 11.44 -9.59 -26.50
C GLU C 56 11.44 -11.10 -26.67
N LEU C 57 12.09 -11.82 -25.76
CA LEU C 57 12.12 -13.28 -25.84
C LEU C 57 10.73 -13.87 -25.59
N LYS C 58 9.97 -13.28 -24.67
CA LYS C 58 8.59 -13.71 -24.46
C LYS C 58 7.75 -13.51 -25.71
N GLU C 59 7.91 -12.35 -26.36
CA GLU C 59 7.17 -12.09 -27.60
C GLU C 59 7.57 -13.10 -28.67
N LEU C 60 8.85 -13.42 -28.77
CA LEU C 60 9.32 -14.38 -29.76
C LEU C 60 8.74 -15.77 -29.48
N LEU C 61 8.65 -16.16 -28.21
CA LEU C 61 8.06 -17.44 -27.86
C LEU C 61 6.58 -17.49 -28.25
N ASP C 62 5.85 -16.42 -27.99
CA ASP C 62 4.44 -16.38 -28.39
C ASP C 62 4.30 -16.47 -29.91
N GLU C 63 5.16 -15.77 -30.65
CA GLU C 63 5.11 -15.86 -32.11
C GLU C 63 5.41 -17.28 -32.59
N ALA C 64 6.36 -17.95 -31.94
CA ALA C 64 6.67 -19.32 -32.32
C ALA C 64 5.47 -20.24 -32.09
N VAL C 65 4.77 -20.07 -30.97
CA VAL C 65 3.59 -20.89 -30.72
C VAL C 65 2.50 -20.61 -31.76
N HIS C 66 2.31 -19.33 -32.10
CA HIS C 66 1.34 -18.98 -33.14
C HIS C 66 1.68 -19.67 -34.45
N GLU C 67 2.96 -19.65 -34.83
CA GLU C 67 3.38 -20.36 -36.04
C GLU C 67 3.13 -21.85 -35.93
N PHE C 68 3.33 -22.42 -34.74
CA PHE C 68 3.14 -23.85 -34.55
C PHE C 68 1.70 -24.26 -34.78
N VAL C 69 0.74 -23.51 -34.22
CA VAL C 69 -0.66 -23.90 -34.39
C VAL C 69 -1.18 -23.67 -35.81
N LEU C 70 -0.44 -22.95 -36.64
CA LEU C 70 -0.87 -22.61 -37.99
C LEU C 70 -0.31 -23.55 -39.05
N MET C 71 0.46 -24.56 -38.66
CA MET C 71 1.09 -25.47 -39.61
C MET C 71 0.86 -26.91 -39.15
N GLU C 72 1.14 -27.84 -40.06
CA GLU C 72 0.97 -29.26 -39.77
C GLU C 72 2.17 -29.78 -38.99
N VAL C 73 1.89 -30.56 -37.95
CA VAL C 73 2.95 -31.13 -37.12
C VAL C 73 2.90 -32.64 -37.22
N ASN C 74 3.70 -33.20 -38.13
CA ASN C 74 3.84 -34.63 -38.28
C ASN C 74 5.09 -35.10 -37.53
N GLU C 75 5.45 -36.36 -37.72
CA GLU C 75 6.58 -36.96 -37.01
C GLU C 75 7.92 -36.53 -37.59
N GLU C 76 7.95 -35.82 -38.70
CA GLU C 76 9.20 -35.39 -39.31
C GLU C 76 9.72 -34.08 -38.73
N ASN C 77 8.85 -33.09 -38.59
CA ASN C 77 9.26 -31.75 -38.16
C ASN C 77 9.13 -31.54 -36.66
N ARG C 78 8.69 -32.55 -35.91
CA ARG C 78 8.46 -32.38 -34.48
C ARG C 78 9.76 -32.03 -33.74
N GLU C 79 10.85 -32.70 -34.10
CA GLU C 79 12.14 -32.45 -33.45
C GLU C 79 12.59 -31.01 -33.68
N VAL C 80 12.41 -30.49 -34.88
CA VAL C 80 12.82 -29.12 -35.19
C VAL C 80 12.03 -28.11 -34.37
N LEU C 81 10.72 -28.35 -34.22
CA LEU C 81 9.91 -27.44 -33.41
C LEU C 81 10.31 -27.49 -31.95
N ILE C 82 10.61 -28.69 -31.43
CA ILE C 82 11.09 -28.80 -30.06
C ILE C 82 12.41 -28.05 -29.90
N GLU C 83 13.28 -28.12 -30.91
CA GLU C 83 14.56 -27.40 -30.82
C GLU C 83 14.36 -25.89 -30.85
N ILE C 84 13.39 -25.41 -31.65
CA ILE C 84 13.09 -23.98 -31.66
C ILE C 84 12.64 -23.52 -30.28
N LEU C 85 11.71 -24.26 -29.67
CA LEU C 85 11.23 -23.91 -28.34
C LEU C 85 12.38 -23.93 -27.33
N ALA C 86 13.24 -24.95 -27.41
CA ALA C 86 14.34 -25.08 -26.47
C ALA C 86 15.33 -23.93 -26.63
N THR C 87 15.60 -23.51 -27.86
CA THR C 87 16.50 -22.38 -28.09
C THR C 87 15.97 -21.12 -27.44
N ILE C 88 14.70 -20.81 -27.69
CA ILE C 88 14.13 -19.59 -27.12
C ILE C 88 14.12 -19.67 -25.58
N PHE C 89 13.75 -20.82 -25.03
CA PHE C 89 13.66 -20.92 -23.57
C PHE C 89 15.03 -20.88 -22.91
N GLU C 90 16.05 -21.47 -23.53
CA GLU C 90 17.40 -21.37 -22.99
C GLU C 90 17.88 -19.93 -22.97
N ALA C 91 17.64 -19.19 -24.06
CA ALA C 91 18.00 -17.78 -24.07
C ALA C 91 17.29 -17.03 -22.97
N PHE C 92 15.99 -17.31 -22.77
CA PHE C 92 15.23 -16.65 -21.71
C PHE C 92 15.79 -16.96 -20.33
N LEU C 93 16.17 -18.22 -20.09
CA LEU C 93 16.69 -18.58 -18.78
C LEU C 93 18.02 -17.89 -18.50
N HIS C 94 18.89 -17.79 -19.51
CA HIS C 94 20.13 -17.05 -19.32
C HIS C 94 19.86 -15.57 -19.04
N ALA C 95 18.95 -14.97 -19.79
CA ALA C 95 18.61 -13.56 -19.55
C ALA C 95 18.06 -13.37 -18.14
N ALA C 96 17.26 -14.32 -17.65
CA ALA C 96 16.75 -14.22 -16.29
C ALA C 96 17.87 -14.34 -15.26
N ARG C 97 18.85 -15.21 -15.52
CA ARG C 97 20.02 -15.27 -14.67
C ARG C 97 20.80 -13.97 -14.67
N ASP C 98 20.73 -13.19 -15.75
CA ASP C 98 21.50 -11.95 -15.82
C ASP C 98 21.15 -10.99 -14.68
N GLY C 99 19.86 -10.82 -14.39
CA GLY C 99 19.48 -10.05 -13.23
C GLY C 99 18.38 -9.03 -13.44
N GLY C 100 18.05 -8.29 -12.39
CA GLY C 100 17.00 -7.30 -12.40
C GLY C 100 16.24 -7.33 -11.10
N ASN C 101 15.04 -6.74 -11.12
CA ASN C 101 14.17 -6.74 -9.95
C ASN C 101 13.62 -8.15 -9.72
N PRO C 102 13.82 -8.75 -8.55
CA PRO C 102 13.46 -10.16 -8.37
C PRO C 102 11.99 -10.48 -8.62
N LYS C 103 11.06 -9.64 -8.16
CA LYS C 103 9.65 -9.94 -8.34
C LYS C 103 9.25 -9.90 -9.81
N LEU C 104 9.69 -8.87 -10.52
CA LEU C 104 9.39 -8.77 -11.94
C LEU C 104 10.02 -9.92 -12.71
N VAL C 105 11.25 -10.29 -12.37
CA VAL C 105 11.92 -11.39 -13.05
C VAL C 105 11.17 -12.70 -12.81
N LEU C 106 10.73 -12.94 -11.59
CA LEU C 106 10.00 -14.17 -11.28
C LEU C 106 8.66 -14.22 -12.02
N LEU C 107 7.96 -13.10 -12.09
CA LEU C 107 6.70 -13.06 -12.80
C LEU C 107 6.89 -13.31 -14.31
N LEU C 108 7.93 -12.71 -14.89
CA LEU C 108 8.23 -12.95 -16.29
C LEU C 108 8.63 -14.41 -16.53
N LEU C 109 9.36 -14.99 -15.58
CA LEU C 109 9.72 -16.40 -15.68
C LEU C 109 8.48 -17.28 -15.69
N LEU C 110 7.51 -16.98 -14.83
CA LEU C 110 6.29 -17.78 -14.79
C LEU C 110 5.51 -17.67 -16.10
N GLU C 111 5.37 -16.47 -16.65
CA GLU C 111 4.68 -16.34 -17.94
C GLU C 111 5.42 -17.08 -19.04
N ALA C 112 6.74 -16.97 -19.08
CA ALA C 112 7.51 -17.68 -20.11
C ALA C 112 7.35 -19.18 -19.97
N PHE C 113 7.34 -19.70 -18.75
CA PHE C 113 7.15 -21.13 -18.55
C PHE C 113 5.77 -21.58 -19.00
N GLU C 114 4.75 -20.77 -18.72
CA GLU C 114 3.41 -21.13 -19.18
C GLU C 114 3.33 -21.19 -20.70
N THR C 115 3.92 -20.21 -21.39
CA THR C 115 3.94 -20.23 -22.85
C THR C 115 4.71 -21.43 -23.37
N PHE C 116 5.83 -21.77 -22.73
CA PHE C 116 6.61 -22.94 -23.14
C PHE C 116 5.80 -24.22 -22.98
N VAL C 117 5.06 -24.34 -21.88
CA VAL C 117 4.24 -25.54 -21.66
C VAL C 117 3.14 -25.64 -22.71
N ARG C 118 2.52 -24.50 -23.05
CA ARG C 118 1.50 -24.52 -24.10
C ARG C 118 2.10 -24.94 -25.44
N GLY C 119 3.29 -24.44 -25.76
CA GLY C 119 3.94 -24.85 -27.00
C GLY C 119 4.27 -26.33 -27.03
N VAL C 120 4.77 -26.86 -25.92
CA VAL C 120 5.06 -28.30 -25.84
C VAL C 120 3.78 -29.11 -26.00
N GLU C 121 2.69 -28.66 -25.38
CA GLU C 121 1.41 -29.33 -25.53
C GLU C 121 0.96 -29.35 -26.99
N VAL C 122 1.12 -28.23 -27.68
CA VAL C 122 0.72 -28.16 -29.09
C VAL C 122 1.56 -29.10 -29.93
N VAL C 123 2.88 -29.06 -29.76
CA VAL C 123 3.76 -29.86 -30.60
C VAL C 123 3.70 -31.34 -30.22
N GLY C 124 3.79 -31.63 -28.93
CA GLY C 124 3.83 -33.01 -28.49
C GLY C 124 5.25 -33.55 -28.44
N VAL C 125 5.46 -34.50 -27.52
CA VAL C 125 6.78 -35.10 -27.30
C VAL C 125 6.62 -36.60 -27.51
N THR C 126 7.37 -37.14 -28.47
CA THR C 126 7.27 -38.56 -28.82
C THR C 126 8.57 -39.31 -28.55
N SER C 127 9.68 -38.87 -29.12
CA SER C 127 10.93 -39.59 -28.99
C SER C 127 11.58 -39.31 -27.63
N GLU C 128 12.68 -40.01 -27.37
CA GLU C 128 13.40 -39.83 -26.11
C GLU C 128 14.22 -38.56 -26.09
N ARG C 129 14.73 -38.12 -27.25
CA ARG C 129 15.54 -36.91 -27.28
C ARG C 129 14.71 -35.68 -26.88
N GLU C 130 13.48 -35.58 -27.39
CA GLU C 130 12.62 -34.46 -27.04
C GLU C 130 12.28 -34.47 -25.56
N LEU C 131 12.00 -35.67 -25.01
CA LEU C 131 11.73 -35.78 -23.58
C LEU C 131 12.92 -35.34 -22.76
N ARG C 132 14.12 -35.77 -23.14
CA ARG C 132 15.31 -35.35 -22.42
C ARG C 132 15.49 -33.84 -22.48
N LEU C 133 15.26 -33.25 -23.66
CA LEU C 133 15.41 -31.81 -23.83
C LEU C 133 14.46 -31.06 -22.91
N VAL C 134 13.18 -31.43 -22.92
CA VAL C 134 12.21 -30.68 -22.13
C VAL C 134 12.45 -30.89 -20.64
N LEU C 135 12.86 -32.09 -20.23
CA LEU C 135 13.13 -32.33 -18.81
C LEU C 135 14.35 -31.54 -18.34
N GLU C 136 15.39 -31.46 -19.17
CA GLU C 136 16.54 -30.62 -18.81
C GLU C 136 16.13 -29.17 -18.70
N LEU C 137 15.27 -28.70 -19.61
CA LEU C 137 14.79 -27.32 -19.53
C LEU C 137 14.03 -27.09 -18.23
N LEU C 138 13.21 -28.05 -17.81
CA LEU C 138 12.49 -27.92 -16.56
C LEU C 138 13.44 -27.84 -15.37
N VAL C 139 14.49 -28.65 -15.37
CA VAL C 139 15.44 -28.63 -14.26
C VAL C 139 16.16 -27.28 -14.19
N GLU C 140 16.61 -26.77 -15.33
CA GLU C 140 17.25 -25.45 -15.33
C GLU C 140 16.29 -24.35 -14.90
N PHE C 141 15.02 -24.46 -15.30
CA PHE C 141 14.03 -23.47 -14.89
C PHE C 141 13.87 -23.46 -13.38
N VAL C 142 13.79 -24.64 -12.76
CA VAL C 142 13.64 -24.72 -11.32
C VAL C 142 14.87 -24.13 -10.61
N HIS C 143 16.06 -24.46 -11.11
CA HIS C 143 17.28 -23.93 -10.49
C HIS C 143 17.34 -22.43 -10.58
N VAL C 144 17.02 -21.87 -11.75
CA VAL C 144 17.03 -20.41 -11.93
C VAL C 144 16.01 -19.75 -11.02
N PHE C 145 14.81 -20.34 -10.91
CA PHE C 145 13.77 -19.77 -10.06
C PHE C 145 14.23 -19.71 -8.61
N ILE C 146 14.81 -20.80 -8.11
CA ILE C 146 15.27 -20.81 -6.72
C ILE C 146 16.38 -19.79 -6.51
N LEU C 147 17.32 -19.71 -7.47
CA LEU C 147 18.41 -18.76 -7.37
C LEU C 147 17.91 -17.32 -7.31
N ILE C 148 16.94 -16.98 -8.17
CA ILE C 148 16.44 -15.62 -8.20
C ILE C 148 15.64 -15.30 -6.93
N SER C 149 14.85 -16.26 -6.45
CA SER C 149 13.99 -16.01 -5.30
C SER C 149 14.70 -16.16 -3.97
N ARG C 150 15.98 -16.56 -3.97
CA ARG C 150 16.73 -16.65 -2.72
C ARG C 150 16.72 -15.34 -1.91
N LEU C 151 16.58 -14.20 -2.58
CA LEU C 151 16.83 -12.90 -1.97
C LEU C 151 15.58 -12.22 -1.43
N LEU C 152 14.42 -12.88 -1.46
CA LEU C 152 13.21 -12.27 -0.93
C LEU C 152 13.10 -12.49 0.58
N GLU C 153 12.02 -11.95 1.15
CA GLU C 153 11.68 -12.21 2.54
C GLU C 153 10.99 -13.57 2.66
N PRO C 154 11.04 -14.18 3.86
CA PRO C 154 10.51 -15.55 3.99
C PRO C 154 9.05 -15.71 3.58
N ARG C 155 8.18 -14.74 3.87
CA ARG C 155 6.79 -14.86 3.48
C ARG C 155 6.62 -14.80 1.96
N GLU C 156 7.26 -13.81 1.33
CA GLU C 156 7.24 -13.72 -0.12
C GLU C 156 7.94 -14.92 -0.76
N PHE C 157 8.99 -15.43 -0.11
CA PHE C 157 9.67 -16.62 -0.61
C PHE C 157 8.73 -17.82 -0.62
N ILE C 158 7.95 -18.00 0.44
CA ILE C 158 7.03 -19.13 0.50
C ILE C 158 5.92 -18.96 -0.55
N ALA C 159 5.47 -17.73 -0.75
CA ALA C 159 4.48 -17.48 -1.81
C ALA C 159 5.03 -17.85 -3.19
N SER C 160 6.29 -17.48 -3.45
CA SER C 160 6.91 -17.82 -4.73
C SER C 160 7.07 -19.33 -4.89
N MET C 161 7.43 -20.02 -3.81
CA MET C 161 7.48 -21.49 -3.86
C MET C 161 6.11 -22.09 -4.17
N LEU C 162 5.04 -21.53 -3.61
CA LEU C 162 3.72 -22.04 -3.95
C LEU C 162 3.42 -21.87 -5.43
N GLU C 163 3.75 -20.69 -5.99
CA GLU C 163 3.55 -20.48 -7.42
C GLU C 163 4.36 -21.45 -8.26
N LEU C 164 5.62 -21.70 -7.86
CA LEU C 164 6.45 -22.64 -8.58
C LEU C 164 5.88 -24.05 -8.53
N LEU C 165 5.33 -24.44 -7.37
CA LEU C 165 4.71 -25.76 -7.26
C LEU C 165 3.53 -25.90 -8.20
N ARG C 166 2.69 -24.86 -8.28
CA ARG C 166 1.57 -24.91 -9.23
C ARG C 166 2.07 -25.03 -10.68
N ALA C 167 3.11 -24.27 -11.03
CA ALA C 167 3.64 -24.34 -12.39
C ALA C 167 4.17 -25.73 -12.71
N ILE C 168 4.91 -26.33 -11.77
CA ILE C 168 5.45 -27.67 -11.99
C ILE C 168 4.33 -28.69 -12.12
N GLU C 169 3.29 -28.57 -11.31
CA GLU C 169 2.15 -29.47 -11.41
C GLU C 169 1.50 -29.38 -12.78
N ARG C 170 1.31 -28.15 -13.28
CA ARG C 170 0.72 -27.98 -14.61
C ARG C 170 1.60 -28.60 -15.69
N PHE C 171 2.91 -28.39 -15.59
CA PHE C 171 3.84 -28.95 -16.57
C PHE C 171 3.74 -30.47 -16.59
N PHE C 172 3.77 -31.11 -15.42
CA PHE C 172 3.75 -32.57 -15.39
C PHE C 172 2.38 -33.14 -15.72
N GLU C 173 1.32 -32.35 -15.58
CA GLU C 173 0.02 -32.80 -16.08
C GLU C 173 -0.04 -32.77 -17.60
N VAL C 174 0.55 -31.74 -18.22
CA VAL C 174 0.51 -31.65 -19.68
C VAL C 174 1.36 -32.75 -20.31
N LEU C 175 2.56 -32.97 -19.79
CA LEU C 175 3.52 -33.85 -20.44
C LEU C 175 3.06 -35.31 -20.39
N LYS C 176 3.41 -36.05 -21.45
CA LYS C 176 3.13 -37.48 -21.55
C LYS C 176 4.42 -38.22 -21.89
N GLY C 177 4.58 -39.41 -21.31
CA GLY C 177 5.79 -40.17 -21.53
C GLY C 177 5.85 -41.35 -20.58
N ASN C 178 7.06 -41.85 -20.36
CA ASN C 178 7.26 -42.97 -19.46
C ASN C 178 6.99 -42.53 -18.02
N PRO C 179 6.07 -43.17 -17.30
CA PRO C 179 5.73 -42.69 -15.95
C PRO C 179 6.87 -42.74 -14.96
N GLU C 180 7.76 -43.74 -15.06
CA GLU C 180 8.79 -43.92 -14.04
C GLU C 180 9.84 -42.81 -14.09
N ARG C 181 10.34 -42.52 -15.29
CA ARG C 181 11.35 -41.46 -15.42
C ARG C 181 10.76 -40.11 -15.05
N LEU C 182 9.52 -39.85 -15.46
CA LEU C 182 8.86 -38.60 -15.11
C LEU C 182 8.70 -38.47 -13.60
N LEU C 183 8.32 -39.56 -12.93
CA LEU C 183 8.18 -39.52 -11.49
C LEU C 183 9.52 -39.28 -10.81
N ALA C 184 10.59 -39.89 -11.33
CA ALA C 184 11.92 -39.66 -10.76
C ALA C 184 12.33 -38.19 -10.89
N VAL C 185 12.11 -37.60 -12.06
CA VAL C 185 12.45 -36.19 -12.26
C VAL C 185 11.62 -35.30 -11.33
N PHE C 186 10.33 -35.60 -11.21
CA PHE C 186 9.46 -34.82 -10.35
C PHE C 186 9.92 -34.88 -8.90
N GLU C 187 10.26 -36.07 -8.42
CA GLU C 187 10.72 -36.21 -7.04
C GLU C 187 12.04 -35.47 -6.81
N GLU C 188 12.94 -35.50 -7.80
CA GLU C 188 14.21 -34.81 -7.64
C GLU C 188 14.02 -33.30 -7.55
N VAL C 189 13.21 -32.72 -8.44
CA VAL C 189 13.00 -31.28 -8.36
C VAL C 189 12.25 -30.90 -7.09
N LEU C 190 11.35 -31.78 -6.62
CA LEU C 190 10.68 -31.52 -5.35
C LEU C 190 11.68 -31.49 -4.19
N GLU C 191 12.65 -32.41 -4.20
CA GLU C 191 13.67 -32.41 -3.16
C GLU C 191 14.49 -31.14 -3.20
N ASP C 192 14.80 -30.66 -4.40
CA ASP C 192 15.52 -29.38 -4.53
C ASP C 192 14.73 -28.24 -3.87
N ILE C 193 13.44 -28.15 -4.19
CA ILE C 193 12.61 -27.07 -3.63
C ILE C 193 12.53 -27.20 -2.11
N GLU C 194 12.37 -28.43 -1.61
CA GLU C 194 12.27 -28.64 -0.17
C GLU C 194 13.55 -28.23 0.54
N GLU C 195 14.70 -28.56 -0.03
CA GLU C 195 15.97 -28.14 0.56
C GLU C 195 16.09 -26.62 0.59
N ALA C 196 15.70 -25.95 -0.50
CA ALA C 196 15.77 -24.50 -0.51
C ALA C 196 14.88 -23.88 0.56
N VAL C 197 13.66 -24.39 0.71
CA VAL C 197 12.73 -23.86 1.71
C VAL C 197 13.28 -24.08 3.11
N LEU C 198 13.79 -25.28 3.40
CA LEU C 198 14.33 -25.57 4.72
C LEU C 198 15.51 -24.67 5.05
N LYS C 199 16.40 -24.45 4.09
CA LYS C 199 17.54 -23.58 4.33
C LYS C 199 17.10 -22.14 4.56
N LYS C 200 16.10 -21.67 3.83
CA LYS C 200 15.69 -20.27 3.96
C LYS C 200 14.92 -20.02 5.26
N LEU C 201 14.16 -21.00 5.73
CA LEU C 201 13.27 -20.74 6.86
C LEU C 201 13.98 -20.68 8.21
N THR C 202 15.30 -20.68 8.24
CA THR C 202 16.01 -20.56 9.52
C THR C 202 16.20 -19.12 9.97
N GLU C 203 15.72 -18.15 9.20
CA GLU C 203 15.89 -16.74 9.51
C GLU C 203 14.75 -16.14 10.31
N VAL C 204 13.76 -16.94 10.72
CA VAL C 204 12.59 -16.45 11.41
C VAL C 204 12.39 -17.23 12.71
N ASN C 205 11.42 -16.77 13.49
CA ASN C 205 11.09 -17.39 14.76
C ASN C 205 10.42 -18.75 14.55
N PRO C 206 10.48 -19.63 15.55
CA PRO C 206 9.89 -20.97 15.39
C PRO C 206 8.40 -20.95 15.11
N GLU C 207 7.64 -19.98 15.60
CA GLU C 207 6.21 -19.92 15.29
C GLU C 207 5.98 -19.62 13.82
N THR C 208 6.71 -18.63 13.28
CA THR C 208 6.64 -18.35 11.86
C THR C 208 7.13 -19.55 11.04
N GLN C 209 8.17 -20.24 11.53
CA GLN C 209 8.63 -21.44 10.86
C GLN C 209 7.52 -22.48 10.79
N VAL C 210 6.81 -22.69 11.88
CA VAL C 210 5.74 -23.69 11.89
C VAL C 210 4.64 -23.30 10.90
N LEU C 211 4.24 -22.02 10.91
CA LEU C 211 3.20 -21.57 10.00
C LEU C 211 3.59 -21.78 8.54
N LEU C 212 4.77 -21.27 8.16
CA LEU C 212 5.20 -21.34 6.77
C LEU C 212 5.46 -22.77 6.33
N LEU C 213 6.02 -23.59 7.23
CA LEU C 213 6.25 -25.00 6.91
C LEU C 213 4.93 -25.74 6.70
N GLU C 214 3.92 -25.45 7.53
CA GLU C 214 2.62 -26.08 7.33
C GLU C 214 2.04 -25.72 5.97
N ALA C 215 2.11 -24.43 5.60
CA ALA C 215 1.58 -24.03 4.30
C ALA C 215 2.31 -24.74 3.16
N PHE C 216 3.64 -24.74 3.22
CA PHE C 216 4.43 -25.37 2.16
C PHE C 216 4.15 -26.86 2.05
N TYR C 217 4.07 -27.55 3.19
CA TYR C 217 3.91 -29.00 3.15
C TYR C 217 2.50 -29.39 2.72
N GLU C 218 1.49 -28.60 3.09
CA GLU C 218 0.14 -28.86 2.57
C GLU C 218 0.12 -28.75 1.06
N LYS C 219 0.72 -27.68 0.51
CA LYS C 219 0.74 -27.53 -0.94
C LYS C 219 1.52 -28.65 -1.62
N LYS C 220 2.65 -29.04 -1.02
CA LYS C 220 3.46 -30.10 -1.61
C LYS C 220 2.70 -31.42 -1.64
N LYS C 221 1.99 -31.75 -0.56
CA LYS C 221 1.20 -32.97 -0.54
C LYS C 221 0.11 -32.93 -1.61
N ASP C 222 -0.56 -31.79 -1.77
CA ASP C 222 -1.58 -31.68 -2.79
C ASP C 222 -1.01 -31.88 -4.20
N VAL C 223 0.12 -31.24 -4.49
CA VAL C 223 0.68 -31.37 -5.85
C VAL C 223 1.20 -32.78 -6.09
N VAL C 224 1.72 -33.44 -5.05
CA VAL C 224 2.15 -34.82 -5.21
C VAL C 224 0.97 -35.71 -5.55
N GLU C 225 -0.15 -35.54 -4.85
CA GLU C 225 -1.34 -36.33 -5.14
C GLU C 225 -1.82 -36.09 -6.58
N HIS C 226 -1.87 -34.83 -6.99
CA HIS C 226 -2.33 -34.52 -8.35
C HIS C 226 -1.42 -35.14 -9.40
N VAL C 227 -0.10 -35.01 -9.22
CA VAL C 227 0.84 -35.52 -10.21
C VAL C 227 0.80 -37.04 -10.27
N ARG C 228 0.70 -37.71 -9.12
CA ARG C 228 0.60 -39.15 -9.12
C ARG C 228 -0.69 -39.63 -9.78
N LYS C 229 -1.80 -38.90 -9.58
CA LYS C 229 -3.02 -39.24 -10.30
C LYS C 229 -2.84 -39.08 -11.80
N ALA C 230 -2.19 -38.00 -12.23
CA ALA C 230 -2.09 -37.72 -13.66
C ALA C 230 -1.15 -38.69 -14.36
N LEU C 231 -0.01 -39.01 -13.74
CA LEU C 231 0.99 -39.84 -14.40
C LEU C 231 0.53 -41.28 -14.53
N PHE C 232 0.01 -41.86 -13.45
CA PHE C 232 -0.47 -43.24 -13.48
C PHE C 232 -1.98 -43.29 -13.71
N SER D 25 -13.91 62.11 5.57
CA SER D 25 -12.52 61.94 6.00
C SER D 25 -12.09 60.49 5.82
N PRO D 26 -10.85 60.29 5.35
CA PRO D 26 -10.36 58.92 5.13
C PRO D 26 -10.18 58.14 6.43
N LEU D 27 -9.61 58.77 7.45
CA LEU D 27 -9.32 58.07 8.69
C LEU D 27 -10.59 57.61 9.39
N GLU D 28 -11.59 58.49 9.46
CA GLU D 28 -12.83 58.13 10.13
C GLU D 28 -13.54 56.99 9.43
N GLU D 29 -13.60 57.04 8.10
CA GLU D 29 -14.21 55.97 7.33
C GLU D 29 -13.45 54.66 7.51
N ALA D 30 -12.11 54.73 7.54
CA ALA D 30 -11.31 53.54 7.76
C ALA D 30 -11.57 52.92 9.13
N LYS D 31 -11.69 53.76 10.16
CA LYS D 31 -11.98 53.25 11.49
C LYS D 31 -13.38 52.65 11.57
N ARG D 32 -14.35 53.28 10.91
CA ARG D 32 -15.69 52.70 10.85
C ARG D 32 -15.68 51.35 10.16
N LEU D 33 -14.91 51.24 9.07
CA LEU D 33 -14.78 49.96 8.38
C LEU D 33 -14.12 48.92 9.29
N LEU D 34 -13.12 49.32 10.06
CA LEU D 34 -12.46 48.41 10.98
C LEU D 34 -13.44 47.88 12.01
N GLU D 35 -14.25 48.76 12.59
CA GLU D 35 -15.24 48.33 13.57
C GLU D 35 -16.26 47.38 12.96
N LYS D 36 -16.75 47.70 11.76
CA LYS D 36 -17.71 46.83 11.10
C LYS D 36 -17.11 45.46 10.80
N VAL D 37 -15.86 45.44 10.33
CA VAL D 37 -15.20 44.17 10.02
C VAL D 37 -14.99 43.35 11.29
N LYS D 38 -14.60 43.99 12.39
CA LYS D 38 -14.44 43.27 13.64
C LYS D 38 -15.76 42.64 14.09
N LYS D 39 -16.85 43.40 14.00
CA LYS D 39 -18.15 42.86 14.37
C LYS D 39 -18.53 41.68 13.48
N ARG D 40 -18.31 41.81 12.18
CA ARG D 40 -18.65 40.73 11.25
C ARG D 40 -17.83 39.48 11.51
N VAL D 41 -16.53 39.65 11.81
CA VAL D 41 -15.67 38.50 12.08
C VAL D 41 -16.13 37.79 13.35
N GLU D 42 -16.45 38.57 14.40
CA GLU D 42 -16.94 37.96 15.63
C GLU D 42 -18.24 37.20 15.38
N GLU D 43 -19.13 37.77 14.57
CA GLU D 43 -20.39 37.08 14.26
C GLU D 43 -20.15 35.81 13.47
N ILE D 44 -19.23 35.84 12.50
CA ILE D 44 -18.99 34.67 11.65
C ILE D 44 -18.33 33.55 12.43
N MET D 45 -17.38 33.88 13.31
CA MET D 45 -16.60 32.85 13.98
C MET D 45 -17.45 31.96 14.88
N LYS D 46 -18.67 32.37 15.22
CA LYS D 46 -19.54 31.59 16.08
C LYS D 46 -20.12 30.37 15.40
N ASN D 47 -20.05 30.29 14.08
CA ASN D 47 -20.59 29.13 13.37
C ASN D 47 -19.76 27.88 13.67
N PRO D 48 -20.40 26.72 13.76
CA PRO D 48 -19.66 25.49 14.07
C PRO D 48 -19.06 24.80 12.85
N ASN D 49 -19.48 25.19 11.65
CA ASN D 49 -18.99 24.55 10.44
C ASN D 49 -17.75 25.26 9.94
N PRO D 50 -16.58 24.61 9.92
CA PRO D 50 -15.35 25.32 9.52
C PRO D 50 -15.34 25.72 8.06
N VAL D 51 -15.92 24.91 7.17
CA VAL D 51 -15.91 25.24 5.74
C VAL D 51 -16.80 26.44 5.47
N LYS D 52 -17.97 26.50 6.12
CA LYS D 52 -18.82 27.67 5.97
C LYS D 52 -18.15 28.92 6.53
N VAL D 53 -17.46 28.80 7.66
CA VAL D 53 -16.73 29.92 8.23
C VAL D 53 -15.68 30.41 7.24
N MET D 54 -14.94 29.48 6.64
CA MET D 54 -13.90 29.85 5.68
C MET D 54 -14.50 30.55 4.46
N LEU D 55 -15.63 30.05 3.95
CA LEU D 55 -16.25 30.68 2.80
C LEU D 55 -16.73 32.10 3.13
N GLU D 56 -17.34 32.28 4.31
CA GLU D 56 -17.79 33.60 4.71
C GLU D 56 -16.61 34.56 4.88
N LEU D 57 -15.51 34.06 5.45
CA LEU D 57 -14.34 34.92 5.63
C LEU D 57 -13.71 35.28 4.29
N LYS D 58 -13.73 34.37 3.32
CA LYS D 58 -13.25 34.68 1.98
C LYS D 58 -14.10 35.77 1.34
N GLU D 59 -15.42 35.68 1.48
CA GLU D 59 -16.30 36.71 0.96
C GLU D 59 -16.02 38.05 1.64
N LEU D 60 -15.80 38.03 2.96
CA LEU D 60 -15.52 39.26 3.69
C LEU D 60 -14.20 39.89 3.24
N LEU D 61 -13.19 39.06 2.99
CA LEU D 61 -11.90 39.57 2.49
C LEU D 61 -12.07 40.22 1.12
N ASP D 62 -12.84 39.58 0.24
CA ASP D 62 -13.10 40.18 -1.06
C ASP D 62 -13.82 41.52 -0.93
N GLU D 63 -14.81 41.59 -0.03
CA GLU D 63 -15.52 42.84 0.18
C GLU D 63 -14.60 43.93 0.73
N ALA D 64 -13.68 43.55 1.61
CA ALA D 64 -12.71 44.52 2.13
C ALA D 64 -11.82 45.05 1.03
N VAL D 65 -11.37 44.18 0.11
CA VAL D 65 -10.55 44.65 -1.00
C VAL D 65 -11.35 45.58 -1.91
N HIS D 66 -12.62 45.24 -2.16
CA HIS D 66 -13.49 46.11 -2.95
C HIS D 66 -13.61 47.49 -2.31
N GLU D 67 -13.79 47.53 -0.99
CA GLU D 67 -13.85 48.80 -0.29
C GLU D 67 -12.52 49.54 -0.41
N PHE D 68 -11.40 48.82 -0.37
CA PHE D 68 -10.09 49.45 -0.44
C PHE D 68 -9.90 50.16 -1.78
N VAL D 69 -10.28 49.52 -2.88
CA VAL D 69 -10.08 50.14 -4.19
C VAL D 69 -11.04 51.29 -4.46
N LEU D 70 -12.07 51.45 -3.63
CA LEU D 70 -13.08 52.49 -3.83
C LEU D 70 -12.84 53.74 -3.00
N MET D 71 -11.75 53.80 -2.25
CA MET D 71 -11.47 54.93 -1.38
C MET D 71 -10.01 55.36 -1.53
N GLU D 72 -9.71 56.55 -1.06
CA GLU D 72 -8.35 57.08 -1.13
C GLU D 72 -7.50 56.46 -0.04
N VAL D 73 -6.28 56.08 -0.39
CA VAL D 73 -5.35 55.49 0.57
C VAL D 73 -4.13 56.37 0.71
N ASN D 74 -4.14 57.26 1.70
CA ASN D 74 -3.01 58.11 2.02
C ASN D 74 -2.23 57.47 3.17
N GLU D 75 -1.27 58.22 3.72
CA GLU D 75 -0.39 57.70 4.75
C GLU D 75 -1.02 57.67 6.13
N GLU D 76 -2.24 58.19 6.28
CA GLU D 76 -2.89 58.20 7.59
C GLU D 76 -3.68 56.92 7.85
N ASN D 77 -4.48 56.48 6.87
CA ASN D 77 -5.36 55.35 7.04
C ASN D 77 -4.73 54.02 6.61
N ARG D 78 -3.49 54.03 6.15
CA ARG D 78 -2.85 52.80 5.66
C ARG D 78 -2.74 51.76 6.77
N GLU D 79 -2.38 52.20 7.98
CA GLU D 79 -2.25 51.28 9.11
C GLU D 79 -3.58 50.60 9.42
N VAL D 80 -4.67 51.35 9.37
CA VAL D 80 -5.98 50.78 9.67
C VAL D 80 -6.37 49.73 8.63
N LEU D 81 -6.10 50.00 7.36
CA LEU D 81 -6.43 49.03 6.31
C LEU D 81 -5.59 47.76 6.47
N ILE D 82 -4.31 47.91 6.79
CA ILE D 82 -3.47 46.74 7.03
C ILE D 82 -3.99 45.95 8.23
N GLU D 83 -4.46 46.65 9.27
CA GLU D 83 -5.02 45.97 10.44
C GLU D 83 -6.29 45.21 10.09
N ILE D 84 -7.14 45.78 9.23
CA ILE D 84 -8.34 45.08 8.80
C ILE D 84 -7.98 43.80 8.07
N LEU D 85 -7.03 43.90 7.13
CA LEU D 85 -6.59 42.71 6.40
C LEU D 85 -6.02 41.66 7.33
N ALA D 86 -5.20 42.09 8.30
CA ALA D 86 -4.60 41.15 9.25
C ALA D 86 -5.66 40.47 10.09
N THR D 87 -6.67 41.22 10.54
CA THR D 87 -7.75 40.64 11.32
C THR D 87 -8.46 39.53 10.56
N ILE D 88 -8.87 39.83 9.32
CA ILE D 88 -9.61 38.82 8.55
C ILE D 88 -8.73 37.62 8.26
N PHE D 89 -7.46 37.84 7.91
CA PHE D 89 -6.59 36.72 7.57
C PHE D 89 -6.27 35.86 8.79
N GLU D 90 -6.11 36.46 9.97
CA GLU D 90 -5.89 35.68 11.18
C GLU D 90 -7.10 34.80 11.50
N ALA D 91 -8.30 35.38 11.36
CA ALA D 91 -9.49 34.57 11.59
C ALA D 91 -9.56 33.41 10.61
N PHE D 92 -9.23 33.66 9.34
CA PHE D 92 -9.23 32.60 8.34
C PHE D 92 -8.22 31.51 8.68
N LEU D 93 -7.02 31.89 9.12
CA LEU D 93 -6.00 30.90 9.44
C LEU D 93 -6.43 30.02 10.61
N HIS D 94 -7.05 30.63 11.63
CA HIS D 94 -7.55 29.83 12.74
C HIS D 94 -8.65 28.87 12.28
N ALA D 95 -9.58 29.35 11.46
CA ALA D 95 -10.63 28.47 10.96
C ALA D 95 -10.06 27.33 10.13
N ALA D 96 -9.01 27.60 9.37
CA ALA D 96 -8.36 26.55 8.60
C ALA D 96 -7.70 25.52 9.51
N ARG D 97 -7.09 25.99 10.61
CA ARG D 97 -6.57 25.06 11.61
C ARG D 97 -7.68 24.22 12.24
N ASP D 98 -8.92 24.73 12.29
CA ASP D 98 -10.00 24.00 12.95
C ASP D 98 -10.23 22.63 12.31
N GLY D 99 -10.26 22.57 10.98
CA GLY D 99 -10.33 21.28 10.32
C GLY D 99 -11.24 21.19 9.11
N GLY D 100 -11.32 20.02 8.50
CA GLY D 100 -12.12 19.77 7.33
C GLY D 100 -11.42 18.82 6.39
N ASN D 101 -11.90 18.77 5.16
CA ASN D 101 -11.29 17.95 4.12
C ASN D 101 -9.99 18.60 3.66
N PRO D 102 -8.85 17.90 3.71
CA PRO D 102 -7.57 18.57 3.44
C PRO D 102 -7.45 19.23 2.07
N LYS D 103 -7.93 18.60 1.00
CA LYS D 103 -7.78 19.20 -0.32
C LYS D 103 -8.60 20.47 -0.45
N LEU D 104 -9.86 20.44 0.00
CA LEU D 104 -10.71 21.62 -0.03
C LEU D 104 -10.13 22.73 0.84
N VAL D 105 -9.63 22.38 2.02
CA VAL D 105 -9.05 23.37 2.91
C VAL D 105 -7.81 24.02 2.28
N LEU D 106 -6.96 23.21 1.65
CA LEU D 106 -5.76 23.76 1.02
C LEU D 106 -6.10 24.68 -0.14
N LEU D 107 -7.09 24.31 -0.95
CA LEU D 107 -7.50 25.17 -2.06
C LEU D 107 -8.08 26.49 -1.55
N LEU D 108 -8.92 26.43 -0.51
CA LEU D 108 -9.46 27.65 0.07
C LEU D 108 -8.35 28.52 0.67
N LEU D 109 -7.35 27.89 1.29
CA LEU D 109 -6.22 28.62 1.82
C LEU D 109 -5.47 29.36 0.72
N LEU D 110 -5.25 28.68 -0.41
CA LEU D 110 -4.56 29.35 -1.53
C LEU D 110 -5.37 30.52 -2.07
N GLU D 111 -6.69 30.35 -2.22
CA GLU D 111 -7.51 31.45 -2.70
C GLU D 111 -7.49 32.64 -1.73
N ALA D 112 -7.60 32.36 -0.44
CA ALA D 112 -7.55 33.43 0.55
C ALA D 112 -6.20 34.14 0.54
N PHE D 113 -5.12 33.39 0.37
CA PHE D 113 -3.79 34.00 0.29
C PHE D 113 -3.66 34.90 -0.93
N GLU D 114 -4.21 34.47 -2.07
CA GLU D 114 -4.17 35.32 -3.26
C GLU D 114 -4.94 36.62 -3.04
N THR D 115 -6.13 36.52 -2.44
CA THR D 115 -6.90 37.73 -2.16
C THR D 115 -6.15 38.65 -1.19
N PHE D 116 -5.51 38.07 -0.18
CA PHE D 116 -4.73 38.85 0.78
C PHE D 116 -3.57 39.57 0.09
N VAL D 117 -2.89 38.88 -0.83
CA VAL D 117 -1.79 39.50 -1.56
C VAL D 117 -2.29 40.65 -2.42
N ARG D 118 -3.45 40.47 -3.07
CA ARG D 118 -4.02 41.55 -3.86
C ARG D 118 -4.35 42.76 -2.99
N GLY D 119 -4.93 42.52 -1.81
CA GLY D 119 -5.23 43.61 -0.90
C GLY D 119 -3.98 44.34 -0.44
N VAL D 120 -2.93 43.60 -0.12
CA VAL D 120 -1.67 44.22 0.29
C VAL D 120 -1.08 45.05 -0.84
N GLU D 121 -1.16 44.53 -2.07
CA GLU D 121 -0.68 45.28 -3.22
C GLU D 121 -1.45 46.59 -3.40
N VAL D 122 -2.77 46.53 -3.21
CA VAL D 122 -3.59 47.74 -3.36
C VAL D 122 -3.23 48.76 -2.28
N VAL D 123 -3.16 48.31 -1.02
CA VAL D 123 -2.91 49.24 0.08
C VAL D 123 -1.45 49.69 0.09
N GLY D 124 -0.53 48.77 -0.04
CA GLY D 124 0.88 49.11 0.07
C GLY D 124 1.37 49.09 1.50
N VAL D 125 2.66 48.79 1.66
CA VAL D 125 3.29 48.69 2.97
C VAL D 125 4.46 49.66 3.00
N THR D 126 4.42 50.59 3.96
CA THR D 126 5.45 51.62 4.08
C THR D 126 6.23 51.52 5.38
N SER D 127 5.56 51.54 6.52
CA SER D 127 6.24 51.54 7.81
C SER D 127 6.72 50.14 8.18
N GLU D 128 7.43 50.07 9.30
CA GLU D 128 7.96 48.79 9.77
C GLU D 128 6.90 47.91 10.40
N ARG D 129 5.90 48.52 11.07
CA ARG D 129 4.87 47.72 11.73
C ARG D 129 4.05 46.94 10.72
N GLU D 130 3.69 47.57 9.59
CA GLU D 130 2.92 46.87 8.57
C GLU D 130 3.72 45.72 7.97
N LEU D 131 5.01 45.94 7.72
CA LEU D 131 5.86 44.87 7.23
C LEU D 131 5.93 43.73 8.22
N ARG D 132 6.09 44.04 9.50
CA ARG D 132 6.11 43.00 10.52
C ARG D 132 4.80 42.21 10.52
N LEU D 133 3.67 42.91 10.44
CA LEU D 133 2.37 42.25 10.44
C LEU D 133 2.26 41.28 9.27
N VAL D 134 2.58 41.75 8.06
CA VAL D 134 2.39 40.88 6.89
C VAL D 134 3.37 39.72 6.91
N LEU D 135 4.58 39.93 7.43
CA LEU D 135 5.56 38.85 7.46
C LEU D 135 5.16 37.77 8.47
N GLU D 136 4.67 38.17 9.65
CA GLU D 136 4.17 37.16 10.59
C GLU D 136 2.96 36.43 10.01
N LEU D 137 2.11 37.14 9.27
CA LEU D 137 0.99 36.47 8.61
C LEU D 137 1.48 35.43 7.62
N LEU D 138 2.51 35.75 6.85
CA LEU D 138 3.07 34.78 5.91
C LEU D 138 3.64 33.56 6.62
N VAL D 139 4.35 33.78 7.74
CA VAL D 139 4.92 32.65 8.47
C VAL D 139 3.81 31.74 9.00
N GLU D 140 2.76 32.34 9.57
CA GLU D 140 1.64 31.55 10.06
C GLU D 140 0.96 30.80 8.93
N PHE D 141 0.83 31.43 7.76
CA PHE D 141 0.21 30.77 6.62
C PHE D 141 1.01 29.55 6.19
N VAL D 142 2.34 29.67 6.14
CA VAL D 142 3.17 28.54 5.76
C VAL D 142 3.05 27.41 6.78
N HIS D 143 3.06 27.76 8.06
CA HIS D 143 2.93 26.74 9.11
C HIS D 143 1.60 25.99 8.99
N VAL D 144 0.50 26.72 8.80
CA VAL D 144 -0.81 26.10 8.70
C VAL D 144 -0.89 25.24 7.45
N PHE D 145 -0.33 25.72 6.33
CA PHE D 145 -0.36 24.95 5.10
C PHE D 145 0.37 23.62 5.26
N ILE D 146 1.55 23.65 5.87
CA ILE D 146 2.30 22.42 6.08
C ILE D 146 1.55 21.48 7.03
N LEU D 147 0.97 22.04 8.09
CA LEU D 147 0.22 21.23 9.04
C LEU D 147 -0.94 20.51 8.36
N ILE D 148 -1.68 21.22 7.51
CA ILE D 148 -2.82 20.60 6.84
C ILE D 148 -2.36 19.57 5.82
N SER D 149 -1.31 19.88 5.06
CA SER D 149 -0.88 18.96 4.01
C SER D 149 -0.07 17.78 4.51
N ARG D 150 0.25 17.73 5.81
CA ARG D 150 0.96 16.58 6.37
C ARG D 150 0.26 15.26 6.09
N LEU D 151 -1.06 15.26 5.96
CA LEU D 151 -1.84 14.04 5.94
C LEU D 151 -2.14 13.50 4.55
N LEU D 152 -1.62 14.12 3.49
CA LEU D 152 -1.84 13.59 2.16
C LEU D 152 -0.82 12.51 1.83
N GLU D 153 -1.00 11.88 0.67
CA GLU D 153 -0.03 10.94 0.13
C GLU D 153 1.16 11.69 -0.47
N PRO D 154 2.31 11.03 -0.61
CA PRO D 154 3.52 11.76 -1.02
C PRO D 154 3.41 12.51 -2.34
N ARG D 155 2.74 11.95 -3.34
CA ARG D 155 2.65 12.64 -4.63
C ARG D 155 1.78 13.89 -4.53
N GLU D 156 0.59 13.75 -3.94
CA GLU D 156 -0.24 14.92 -3.69
C GLU D 156 0.42 15.91 -2.75
N PHE D 157 1.20 15.41 -1.79
CA PHE D 157 1.95 16.30 -0.91
C PHE D 157 2.94 17.14 -1.69
N ILE D 158 3.67 16.53 -2.63
CA ILE D 158 4.65 17.28 -3.43
C ILE D 158 3.95 18.27 -4.34
N ALA D 159 2.80 17.89 -4.91
CA ALA D 159 2.04 18.83 -5.72
C ALA D 159 1.59 20.04 -4.90
N SER D 160 1.11 19.79 -3.67
CA SER D 160 0.71 20.88 -2.79
C SER D 160 1.90 21.78 -2.43
N MET D 161 3.07 21.18 -2.20
CA MET D 161 4.25 21.97 -1.89
C MET D 161 4.66 22.84 -3.08
N LEU D 162 4.50 22.32 -4.30
CA LEU D 162 4.76 23.14 -5.49
C LEU D 162 3.82 24.33 -5.55
N GLU D 163 2.53 24.10 -5.28
CA GLU D 163 1.57 25.21 -5.26
C GLU D 163 1.95 26.25 -4.20
N LEU D 164 2.36 25.79 -3.02
CA LEU D 164 2.78 26.71 -1.96
C LEU D 164 4.00 27.52 -2.39
N LEU D 165 4.94 26.89 -3.09
CA LEU D 165 6.12 27.61 -3.57
C LEU D 165 5.73 28.71 -4.55
N ARG D 166 4.82 28.41 -5.47
CA ARG D 166 4.35 29.44 -6.39
C ARG D 166 3.69 30.60 -5.65
N ALA D 167 2.86 30.27 -4.64
CA ALA D 167 2.20 31.33 -3.88
C ALA D 167 3.22 32.22 -3.16
N ILE D 168 4.24 31.62 -2.55
CA ILE D 168 5.25 32.39 -1.84
C ILE D 168 6.03 33.27 -2.81
N GLU D 169 6.34 32.74 -3.99
CA GLU D 169 7.03 33.53 -5.00
C GLU D 169 6.21 34.76 -5.39
N ARG D 170 4.91 34.56 -5.62
CA ARG D 170 4.04 35.69 -5.95
C ARG D 170 4.03 36.72 -4.83
N PHE D 171 3.91 36.26 -3.58
CA PHE D 171 3.88 37.17 -2.44
C PHE D 171 5.15 38.01 -2.38
N PHE D 172 6.32 37.38 -2.51
CA PHE D 172 7.56 38.11 -2.38
C PHE D 172 7.86 38.96 -3.61
N GLU D 173 7.27 38.67 -4.75
CA GLU D 173 7.39 39.58 -5.88
C GLU D 173 6.52 40.82 -5.69
N VAL D 174 5.32 40.67 -5.12
CA VAL D 174 4.44 41.82 -4.92
C VAL D 174 5.02 42.76 -3.86
N LEU D 175 5.51 42.22 -2.76
CA LEU D 175 5.90 43.03 -1.62
C LEU D 175 7.15 43.86 -1.89
N LYS D 176 7.22 45.01 -1.23
CA LYS D 176 8.37 45.91 -1.32
C LYS D 176 8.81 46.29 0.08
N GLY D 177 10.13 46.44 0.25
CA GLY D 177 10.67 46.76 1.56
C GLY D 177 12.17 46.60 1.57
N ASN D 178 12.71 46.38 2.76
CA ASN D 178 14.15 46.19 2.92
C ASN D 178 14.55 44.84 2.34
N PRO D 179 15.46 44.80 1.35
CA PRO D 179 15.78 43.52 0.70
C PRO D 179 16.37 42.47 1.65
N GLU D 180 17.16 42.89 2.63
CA GLU D 180 17.87 41.92 3.47
C GLU D 180 16.91 41.18 4.39
N ARG D 181 16.02 41.91 5.06
CA ARG D 181 15.06 41.26 5.94
C ARG D 181 14.11 40.36 5.15
N LEU D 182 13.67 40.83 3.98
CA LEU D 182 12.79 40.02 3.15
C LEU D 182 13.48 38.73 2.70
N LEU D 183 14.76 38.84 2.32
CA LEU D 183 15.51 37.66 1.91
C LEU D 183 15.68 36.69 3.08
N ALA D 184 15.93 37.21 4.28
CA ALA D 184 16.07 36.35 5.45
C ALA D 184 14.78 35.59 5.75
N VAL D 185 13.64 36.29 5.70
CA VAL D 185 12.35 35.64 5.93
C VAL D 185 12.08 34.60 4.85
N PHE D 186 12.39 34.93 3.59
CA PHE D 186 12.18 33.98 2.50
C PHE D 186 13.02 32.72 2.71
N GLU D 187 14.29 32.88 3.10
CA GLU D 187 15.14 31.72 3.32
C GLU D 187 14.62 30.87 4.48
N GLU D 188 14.13 31.51 5.54
CA GLU D 188 13.63 30.75 6.68
C GLU D 188 12.39 29.92 6.31
N VAL D 189 11.44 30.52 5.58
CA VAL D 189 10.27 29.74 5.21
C VAL D 189 10.64 28.64 4.21
N LEU D 190 11.63 28.89 3.36
CA LEU D 190 12.10 27.85 2.45
C LEU D 190 12.70 26.68 3.23
N GLU D 191 13.47 26.97 4.28
CA GLU D 191 14.02 25.89 5.10
C GLU D 191 12.91 25.10 5.78
N ASP D 192 11.86 25.80 6.24
CA ASP D 192 10.72 25.09 6.83
C ASP D 192 10.10 24.10 5.84
N ILE D 193 9.84 24.56 4.62
CA ILE D 193 9.22 23.70 3.62
C ILE D 193 10.14 22.53 3.28
N GLU D 194 11.44 22.80 3.15
CA GLU D 194 12.39 21.75 2.81
C GLU D 194 12.46 20.68 3.88
N GLU D 195 12.46 21.10 5.15
CA GLU D 195 12.46 20.13 6.24
C GLU D 195 11.20 19.26 6.21
N ALA D 196 10.04 19.89 5.98
CA ALA D 196 8.80 19.11 5.91
C ALA D 196 8.85 18.08 4.79
N VAL D 197 9.32 18.49 3.61
CA VAL D 197 9.39 17.58 2.47
C VAL D 197 10.35 16.43 2.75
N LEU D 198 11.52 16.74 3.30
CA LEU D 198 12.50 15.69 3.59
C LEU D 198 11.94 14.70 4.59
N LYS D 199 11.26 15.18 5.63
CA LYS D 199 10.68 14.26 6.62
C LYS D 199 9.59 13.40 6.00
N LYS D 200 8.76 13.98 5.13
CA LYS D 200 7.66 13.22 4.55
C LYS D 200 8.13 12.17 3.56
N LEU D 201 9.19 12.45 2.79
CA LEU D 201 9.56 11.57 1.70
C LEU D 201 10.24 10.27 2.16
N THR D 202 10.26 9.98 3.45
CA THR D 202 10.85 8.73 3.92
C THR D 202 9.88 7.56 3.90
N GLU D 203 8.64 7.78 3.45
CA GLU D 203 7.61 6.75 3.43
C GLU D 203 7.54 6.00 2.10
N VAL D 204 8.43 6.28 1.15
CA VAL D 204 8.37 5.72 -0.18
C VAL D 204 9.70 5.06 -0.53
N ASN D 205 9.70 4.36 -1.66
CA ASN D 205 10.89 3.70 -2.16
C ASN D 205 11.91 4.73 -2.65
N PRO D 206 13.19 4.36 -2.71
CA PRO D 206 14.21 5.33 -3.13
C PRO D 206 14.01 5.89 -4.53
N GLU D 207 13.43 5.12 -5.46
CA GLU D 207 13.20 5.65 -6.80
C GLU D 207 12.15 6.77 -6.79
N THR D 208 11.04 6.54 -6.07
CA THR D 208 10.05 7.60 -5.92
C THR D 208 10.64 8.78 -5.18
N GLN D 209 11.50 8.52 -4.19
CA GLN D 209 12.18 9.60 -3.49
C GLN D 209 13.00 10.45 -4.44
N VAL D 210 13.75 9.80 -5.33
CA VAL D 210 14.58 10.55 -6.27
C VAL D 210 13.71 11.38 -7.21
N LEU D 211 12.64 10.79 -7.73
CA LEU D 211 11.75 11.54 -8.62
C LEU D 211 11.17 12.76 -7.94
N LEU D 212 10.56 12.58 -6.77
CA LEU D 212 9.89 13.67 -6.10
C LEU D 212 10.88 14.73 -5.62
N LEU D 213 12.06 14.30 -5.15
CA LEU D 213 13.08 15.25 -4.74
C LEU D 213 13.59 16.07 -5.91
N GLU D 214 13.77 15.44 -7.08
CA GLU D 214 14.17 16.19 -8.26
C GLU D 214 13.14 17.25 -8.62
N ALA D 215 11.86 16.88 -8.62
CA ALA D 215 10.82 17.85 -8.93
C ALA D 215 10.83 19.02 -7.95
N PHE D 216 10.86 18.70 -6.65
CA PHE D 216 10.83 19.74 -5.63
C PHE D 216 12.04 20.67 -5.73
N TYR D 217 13.23 20.10 -5.94
CA TYR D 217 14.43 20.92 -5.96
C TYR D 217 14.52 21.78 -7.21
N GLU D 218 14.04 21.27 -8.35
CA GLU D 218 13.96 22.11 -9.54
C GLU D 218 13.06 23.32 -9.30
N LYS D 219 11.88 23.07 -8.73
CA LYS D 219 10.97 24.19 -8.47
C LYS D 219 11.57 25.17 -7.47
N LYS D 220 12.24 24.66 -6.43
CA LYS D 220 12.82 25.53 -5.42
C LYS D 220 13.91 26.40 -6.02
N LYS D 221 14.77 25.83 -6.87
CA LYS D 221 15.81 26.63 -7.53
C LYS D 221 15.19 27.72 -8.39
N ASP D 222 14.14 27.37 -9.14
CA ASP D 222 13.49 28.38 -9.99
C ASP D 222 12.92 29.53 -9.16
N VAL D 223 12.23 29.21 -8.06
CA VAL D 223 11.62 30.27 -7.26
C VAL D 223 12.69 31.10 -6.56
N VAL D 224 13.79 30.47 -6.15
CA VAL D 224 14.88 31.24 -5.54
C VAL D 224 15.44 32.25 -6.54
N GLU D 225 15.66 31.81 -7.78
CA GLU D 225 16.17 32.72 -8.80
C GLU D 225 15.20 33.87 -9.03
N HIS D 226 13.91 33.56 -9.15
CA HIS D 226 12.92 34.61 -9.40
C HIS D 226 12.87 35.61 -8.24
N VAL D 227 12.87 35.12 -7.01
CA VAL D 227 12.77 36.02 -5.86
C VAL D 227 14.03 36.87 -5.74
N ARG D 228 15.20 36.29 -5.98
CA ARG D 228 16.43 37.07 -5.90
C ARG D 228 16.48 38.13 -7.00
N LYS D 229 15.96 37.82 -8.19
CA LYS D 229 15.86 38.85 -9.22
C LYS D 229 14.91 39.97 -8.80
N ALA D 230 13.76 39.61 -8.21
CA ALA D 230 12.76 40.62 -7.89
C ALA D 230 13.20 41.51 -6.73
N LEU D 231 13.85 40.92 -5.73
CA LEU D 231 14.21 41.69 -4.54
C LEU D 231 15.33 42.68 -4.83
N PHE D 232 16.38 42.24 -5.51
CA PHE D 232 17.51 43.09 -5.82
C PHE D 232 17.43 43.64 -7.24
N SER E 25 36.12 26.34 -33.46
CA SER E 25 37.16 25.36 -33.21
C SER E 25 36.75 24.40 -32.10
N PRO E 26 37.04 23.12 -32.28
CA PRO E 26 36.67 22.12 -31.27
C PRO E 26 37.41 22.28 -29.95
N LEU E 27 38.72 22.49 -30.04
CA LEU E 27 39.55 22.54 -28.84
C LEU E 27 39.18 23.74 -27.96
N GLU E 28 38.98 24.91 -28.57
CA GLU E 28 38.63 26.10 -27.80
C GLU E 28 37.29 25.94 -27.13
N GLU E 29 36.30 25.38 -27.84
CA GLU E 29 35.00 25.15 -27.24
C GLU E 29 35.08 24.14 -26.10
N ALA E 30 35.91 23.10 -26.27
CA ALA E 30 36.10 22.14 -25.20
C ALA E 30 36.72 22.78 -23.96
N LYS E 31 37.71 23.67 -24.16
CA LYS E 31 38.31 24.33 -23.02
C LYS E 31 37.34 25.28 -22.33
N ARG E 32 36.52 25.99 -23.12
CA ARG E 32 35.49 26.84 -22.53
C ARG E 32 34.50 26.02 -21.71
N LEU E 33 34.11 24.86 -22.24
CA LEU E 33 33.22 23.97 -21.50
C LEU E 33 33.88 23.48 -20.21
N LEU E 34 35.17 23.18 -20.27
CA LEU E 34 35.89 22.75 -19.06
C LEU E 34 35.89 23.84 -18.00
N GLU E 35 36.16 25.08 -18.41
CA GLU E 35 36.17 26.18 -17.44
C GLU E 35 34.78 26.38 -16.84
N LYS E 36 33.74 26.33 -17.67
CA LYS E 36 32.39 26.50 -17.17
C LYS E 36 32.02 25.39 -16.20
N VAL E 37 32.40 24.16 -16.52
CA VAL E 37 32.09 23.01 -15.65
C VAL E 37 32.83 23.14 -14.32
N LYS E 38 34.10 23.56 -14.36
CA LYS E 38 34.84 23.76 -13.12
C LYS E 38 34.18 24.81 -12.23
N LYS E 39 33.77 25.93 -12.84
CA LYS E 39 33.10 26.97 -12.06
C LYS E 39 31.80 26.44 -11.46
N ARG E 40 31.02 25.70 -12.25
CA ARG E 40 29.76 25.17 -11.75
C ARG E 40 29.98 24.17 -10.62
N VAL E 41 31.00 23.33 -10.73
CA VAL E 41 31.28 22.35 -9.68
C VAL E 41 31.69 23.07 -8.39
N GLU E 42 32.53 24.09 -8.50
CA GLU E 42 32.92 24.86 -7.33
C GLU E 42 31.71 25.52 -6.68
N GLU E 43 30.79 26.07 -7.49
CA GLU E 43 29.59 26.69 -6.95
C GLU E 43 28.70 25.66 -6.26
N ILE E 44 28.52 24.48 -6.87
CA ILE E 44 27.62 23.48 -6.32
C ILE E 44 28.15 22.92 -5.02
N MET E 45 29.46 22.65 -4.95
CA MET E 45 30.01 21.95 -3.80
C MET E 45 29.86 22.73 -2.51
N LYS E 46 29.55 24.04 -2.58
CA LYS E 46 29.39 24.85 -1.38
C LYS E 46 28.10 24.58 -0.62
N ASN E 47 27.15 23.88 -1.23
CA ASN E 47 25.88 23.60 -0.56
C ASN E 47 26.11 22.62 0.60
N PRO E 48 25.37 22.78 1.69
CA PRO E 48 25.56 21.89 2.85
C PRO E 48 24.76 20.59 2.78
N ASN E 49 23.80 20.51 1.87
CA ASN E 49 22.95 19.32 1.77
C ASN E 49 23.59 18.32 0.82
N PRO E 50 23.98 17.12 1.28
CA PRO E 50 24.67 16.18 0.38
C PRO E 50 23.78 15.65 -0.74
N VAL E 51 22.50 15.35 -0.45
CA VAL E 51 21.62 14.81 -1.47
C VAL E 51 21.35 15.84 -2.56
N LYS E 52 21.16 17.10 -2.18
CA LYS E 52 20.98 18.15 -3.18
C LYS E 52 22.23 18.32 -4.03
N VAL E 53 23.41 18.24 -3.41
CA VAL E 53 24.65 18.33 -4.16
C VAL E 53 24.76 17.19 -5.16
N MET E 54 24.40 15.97 -4.73
CA MET E 54 24.45 14.83 -5.62
C MET E 54 23.49 14.98 -6.79
N LEU E 55 22.28 15.48 -6.52
CA LEU E 55 21.31 15.68 -7.60
C LEU E 55 21.81 16.72 -8.60
N GLU E 56 22.38 17.82 -8.10
CA GLU E 56 22.91 18.84 -9.00
C GLU E 56 24.07 18.31 -9.84
N LEU E 57 24.94 17.50 -9.22
CA LEU E 57 26.06 16.94 -9.97
C LEU E 57 25.60 15.94 -11.02
N LYS E 58 24.56 15.17 -10.71
CA LYS E 58 23.98 14.27 -11.71
C LYS E 58 23.41 15.05 -12.88
N GLU E 59 22.71 16.16 -12.60
CA GLU E 59 22.21 17.00 -13.67
C GLU E 59 23.35 17.56 -14.51
N LEU E 60 24.43 17.99 -13.86
CA LEU E 60 25.58 18.53 -14.58
C LEU E 60 26.21 17.48 -15.48
N LEU E 61 26.31 16.24 -14.99
CA LEU E 61 26.84 15.16 -15.81
C LEU E 61 25.98 14.91 -17.03
N ASP E 62 24.64 14.92 -16.85
CA ASP E 62 23.75 14.74 -17.99
C ASP E 62 23.94 15.86 -19.02
N GLU E 63 24.05 17.10 -18.56
CA GLU E 63 24.27 18.21 -19.48
C GLU E 63 25.60 18.07 -20.21
N ALA E 64 26.64 17.60 -19.52
CA ALA E 64 27.93 17.39 -20.15
C ALA E 64 27.82 16.36 -21.27
N VAL E 65 27.10 15.26 -21.02
CA VAL E 65 26.93 14.25 -22.05
C VAL E 65 26.15 14.81 -23.24
N HIS E 66 25.11 15.60 -22.96
CA HIS E 66 24.35 16.24 -24.04
C HIS E 66 25.26 17.11 -24.90
N GLU E 67 26.12 17.90 -24.26
CA GLU E 67 27.08 18.71 -25.00
C GLU E 67 28.02 17.85 -25.81
N PHE E 68 28.45 16.71 -25.25
CA PHE E 68 29.39 15.84 -25.94
C PHE E 68 28.80 15.28 -27.23
N VAL E 69 27.57 14.76 -27.18
CA VAL E 69 27.01 14.12 -28.36
C VAL E 69 26.65 15.11 -29.46
N LEU E 70 26.61 16.40 -29.15
CA LEU E 70 26.16 17.42 -30.09
C LEU E 70 27.32 18.16 -30.74
N MET E 71 28.55 17.77 -30.45
CA MET E 71 29.75 18.42 -30.99
C MET E 71 30.69 17.36 -31.54
N GLU E 72 31.66 17.81 -32.34
CA GLU E 72 32.61 16.89 -32.94
C GLU E 72 33.67 16.48 -31.91
N VAL E 73 34.00 15.19 -31.91
CA VAL E 73 35.01 14.67 -30.99
C VAL E 73 36.15 14.06 -31.80
N ASN E 74 37.19 14.85 -32.04
CA ASN E 74 38.38 14.38 -32.73
C ASN E 74 39.45 14.00 -31.69
N GLU E 75 40.66 13.74 -32.16
CA GLU E 75 41.75 13.31 -31.29
C GLU E 75 42.38 14.45 -30.51
N GLU E 76 41.99 15.70 -30.78
CA GLU E 76 42.59 16.84 -30.10
C GLU E 76 41.87 17.16 -28.78
N ASN E 77 40.54 17.21 -28.81
CA ASN E 77 39.76 17.61 -27.64
C ASN E 77 39.31 16.43 -26.79
N ARG E 78 39.71 15.21 -27.13
CA ARG E 78 39.26 14.04 -26.39
C ARG E 78 39.73 14.08 -24.94
N GLU E 79 40.98 14.48 -24.72
CA GLU E 79 41.52 14.56 -23.37
C GLU E 79 40.74 15.56 -22.52
N VAL E 80 40.36 16.70 -23.10
CA VAL E 80 39.61 17.71 -22.35
C VAL E 80 38.25 17.17 -21.94
N LEU E 81 37.58 16.46 -22.85
CA LEU E 81 36.26 15.90 -22.52
C LEU E 81 36.38 14.85 -21.41
N ILE E 82 37.40 14.00 -21.49
CA ILE E 82 37.62 13.02 -20.43
C ILE E 82 37.88 13.73 -19.10
N GLU E 83 38.63 14.83 -19.14
CA GLU E 83 38.91 15.57 -17.92
C GLU E 83 37.65 16.20 -17.33
N ILE E 84 36.76 16.69 -18.19
CA ILE E 84 35.48 17.23 -17.72
C ILE E 84 34.68 16.14 -17.00
N LEU E 85 34.58 14.97 -17.64
CA LEU E 85 33.85 13.87 -17.03
C LEU E 85 34.47 13.47 -15.70
N ALA E 86 35.81 13.40 -15.65
CA ALA E 86 36.49 13.00 -14.42
C ALA E 86 36.27 14.02 -13.31
N THR E 87 36.27 15.31 -13.65
CA THR E 87 36.03 16.35 -12.64
C THR E 87 34.65 16.19 -12.03
N ILE E 88 33.63 16.06 -12.87
CA ILE E 88 32.27 15.94 -12.33
C ILE E 88 32.14 14.66 -11.51
N PHE E 89 32.72 13.55 -11.98
CA PHE E 89 32.54 12.29 -11.27
C PHE E 89 33.31 12.28 -9.95
N GLU E 90 34.49 12.91 -9.90
CA GLU E 90 35.21 13.01 -8.63
C GLU E 90 34.42 13.82 -7.62
N ALA E 91 33.83 14.94 -8.06
CA ALA E 91 32.99 15.71 -7.16
C ALA E 91 31.83 14.88 -6.65
N PHE E 92 31.20 14.10 -7.54
CA PHE E 92 30.08 13.26 -7.13
C PHE E 92 30.51 12.20 -6.11
N LEU E 93 31.67 11.59 -6.32
CA LEU E 93 32.13 10.56 -5.39
C LEU E 93 32.42 11.15 -4.02
N HIS E 94 33.03 12.33 -3.97
CA HIS E 94 33.26 12.97 -2.68
C HIS E 94 31.95 13.31 -1.99
N ALA E 95 30.98 13.85 -2.73
CA ALA E 95 29.69 14.18 -2.14
C ALA E 95 28.98 12.93 -1.63
N ALA E 96 29.15 11.80 -2.32
CA ALA E 96 28.59 10.55 -1.84
C ALA E 96 29.26 10.09 -0.56
N ARG E 97 30.58 10.26 -0.47
CA ARG E 97 31.26 9.97 0.78
C ARG E 97 30.79 10.86 1.92
N ASP E 98 30.29 12.06 1.61
CA ASP E 98 29.86 12.98 2.68
C ASP E 98 28.78 12.36 3.55
N GLY E 99 27.78 11.71 2.94
CA GLY E 99 26.80 10.99 3.73
C GLY E 99 25.36 11.13 3.29
N GLY E 100 24.45 10.50 4.04
CA GLY E 100 23.03 10.53 3.75
C GLY E 100 22.41 9.18 4.01
N ASN E 101 21.21 8.99 3.47
CA ASN E 101 20.50 7.71 3.60
C ASN E 101 21.16 6.67 2.70
N PRO E 102 21.61 5.54 3.23
CA PRO E 102 22.41 4.61 2.41
C PRO E 102 21.74 4.11 1.15
N LYS E 103 20.45 3.77 1.19
CA LYS E 103 19.79 3.25 0.00
C LYS E 103 19.68 4.32 -1.08
N LEU E 104 19.27 5.53 -0.71
CA LEU E 104 19.18 6.62 -1.66
C LEU E 104 20.54 6.97 -2.24
N VAL E 105 21.57 6.98 -1.40
CA VAL E 105 22.92 7.29 -1.87
C VAL E 105 23.39 6.22 -2.86
N LEU E 106 23.12 4.95 -2.56
CA LEU E 106 23.52 3.88 -3.48
C LEU E 106 22.80 3.99 -4.81
N LEU E 107 21.50 4.30 -4.79
CA LEU E 107 20.76 4.46 -6.03
C LEU E 107 21.32 5.60 -6.86
N LEU E 108 21.61 6.74 -6.22
CA LEU E 108 22.17 7.88 -6.95
C LEU E 108 23.56 7.55 -7.49
N LEU E 109 24.35 6.78 -6.73
CA LEU E 109 25.66 6.37 -7.20
C LEU E 109 25.55 5.52 -8.45
N LEU E 110 24.61 4.57 -8.47
CA LEU E 110 24.45 3.73 -9.65
C LEU E 110 23.99 4.54 -10.86
N GLU E 111 23.06 5.47 -10.66
CA GLU E 111 22.61 6.30 -11.77
C GLU E 111 23.74 7.15 -12.33
N ALA E 112 24.53 7.77 -11.45
CA ALA E 112 25.66 8.58 -11.90
C ALA E 112 26.69 7.74 -12.62
N PHE E 113 26.93 6.52 -12.14
CA PHE E 113 27.87 5.64 -12.81
C PHE E 113 27.41 5.27 -14.21
N GLU E 114 26.11 5.00 -14.38
CA GLU E 114 25.62 4.67 -15.72
C GLU E 114 25.74 5.88 -16.66
N THR E 115 25.45 7.09 -16.16
CA THR E 115 25.64 8.28 -16.98
C THR E 115 27.10 8.47 -17.36
N PHE E 116 28.01 8.23 -16.41
CA PHE E 116 29.44 8.33 -16.68
C PHE E 116 29.88 7.33 -17.74
N VAL E 117 29.37 6.10 -17.67
CA VAL E 117 29.73 5.09 -18.66
C VAL E 117 29.22 5.48 -20.04
N ARG E 118 28.01 6.03 -20.11
CA ARG E 118 27.51 6.51 -21.40
C ARG E 118 28.38 7.63 -21.96
N GLY E 119 28.81 8.56 -21.09
CA GLY E 119 29.69 9.62 -21.54
C GLY E 119 31.02 9.10 -22.06
N VAL E 120 31.60 8.14 -21.35
CA VAL E 120 32.86 7.55 -21.79
C VAL E 120 32.69 6.83 -23.12
N GLU E 121 31.57 6.13 -23.29
CA GLU E 121 31.28 5.47 -24.55
C GLU E 121 31.17 6.48 -25.69
N VAL E 122 30.51 7.60 -25.44
CA VAL E 122 30.37 8.62 -26.48
C VAL E 122 31.73 9.21 -26.83
N VAL E 123 32.53 9.57 -25.83
CA VAL E 123 33.81 10.21 -26.09
C VAL E 123 34.83 9.21 -26.60
N GLY E 124 34.96 8.07 -25.93
CA GLY E 124 35.97 7.09 -26.32
C GLY E 124 37.29 7.33 -25.64
N VAL E 125 38.01 6.26 -25.35
CA VAL E 125 39.31 6.37 -24.69
C VAL E 125 40.39 5.76 -25.56
N THR E 126 41.41 6.54 -25.88
CA THR E 126 42.46 6.04 -26.76
C THR E 126 43.82 6.02 -26.09
N SER E 127 44.29 7.16 -25.62
CA SER E 127 45.60 7.24 -25.00
C SER E 127 45.66 6.47 -23.69
N GLU E 128 46.82 6.46 -23.06
CA GLU E 128 46.98 5.75 -21.80
C GLU E 128 46.62 6.64 -20.62
N ARG E 129 46.66 7.94 -20.81
CA ARG E 129 46.24 8.85 -19.74
C ARG E 129 44.75 8.74 -19.46
N GLU E 130 43.93 8.71 -20.51
CA GLU E 130 42.49 8.58 -20.33
C GLU E 130 42.15 7.23 -19.71
N LEU E 131 42.82 6.17 -20.15
CA LEU E 131 42.60 4.85 -19.56
C LEU E 131 42.92 4.85 -18.08
N ARG E 132 44.05 5.44 -17.70
CA ARG E 132 44.41 5.52 -16.30
C ARG E 132 43.37 6.30 -15.51
N LEU E 133 42.91 7.42 -16.05
CA LEU E 133 41.91 8.24 -15.37
C LEU E 133 40.62 7.45 -15.13
N VAL E 134 40.10 6.80 -16.17
CA VAL E 134 38.83 6.11 -16.03
C VAL E 134 38.96 4.90 -15.11
N LEU E 135 40.11 4.21 -15.15
CA LEU E 135 40.29 3.06 -14.26
C LEU E 135 40.41 3.50 -12.81
N GLU E 136 41.10 4.61 -12.54
CA GLU E 136 41.15 5.13 -11.19
C GLU E 136 39.76 5.54 -10.70
N LEU E 137 38.97 6.14 -11.59
CA LEU E 137 37.60 6.49 -11.21
C LEU E 137 36.78 5.25 -10.89
N LEU E 138 36.96 4.18 -11.65
CA LEU E 138 36.25 2.93 -11.36
C LEU E 138 36.64 2.36 -9.99
N VAL E 139 37.94 2.38 -9.68
CA VAL E 139 38.39 1.86 -8.40
C VAL E 139 37.82 2.69 -7.25
N GLU E 140 37.84 4.02 -7.39
CA GLU E 140 37.27 4.87 -6.35
C GLU E 140 35.77 4.65 -6.20
N PHE E 141 35.07 4.45 -7.33
CA PHE E 141 33.64 4.18 -7.26
C PHE E 141 33.35 2.90 -6.49
N VAL E 142 34.12 1.84 -6.76
CA VAL E 142 33.91 0.58 -6.05
C VAL E 142 34.18 0.75 -4.55
N HIS E 143 35.26 1.45 -4.21
CA HIS E 143 35.57 1.66 -2.79
C HIS E 143 34.47 2.44 -2.08
N VAL E 144 33.98 3.52 -2.70
CA VAL E 144 32.92 4.31 -2.09
C VAL E 144 31.65 3.49 -1.95
N PHE E 145 31.32 2.69 -2.97
CA PHE E 145 30.11 1.88 -2.93
C PHE E 145 30.17 0.88 -1.76
N ILE E 146 31.31 0.20 -1.61
CA ILE E 146 31.45 -0.74 -0.51
C ILE E 146 31.36 -0.03 0.83
N LEU E 147 32.01 1.13 0.95
CA LEU E 147 31.98 1.89 2.20
C LEU E 147 30.55 2.29 2.57
N ILE E 148 29.77 2.74 1.60
CA ILE E 148 28.40 3.18 1.89
C ILE E 148 27.52 1.98 2.22
N SER E 149 27.65 0.88 1.49
CA SER E 149 26.78 -0.26 1.71
C SER E 149 27.21 -1.12 2.89
N ARG E 150 28.33 -0.80 3.53
CA ARG E 150 28.76 -1.55 4.71
C ARG E 150 27.70 -1.61 5.80
N LEU E 151 26.83 -0.62 5.88
CA LEU E 151 25.93 -0.46 7.02
C LEU E 151 24.54 -1.03 6.82
N LEU E 152 24.28 -1.72 5.72
CA LEU E 152 22.98 -2.34 5.52
C LEU E 152 22.92 -3.69 6.24
N GLU E 153 21.75 -4.32 6.16
CA GLU E 153 21.58 -5.68 6.62
C GLU E 153 22.09 -6.66 5.56
N PRO E 154 22.43 -7.90 5.96
CA PRO E 154 23.12 -8.80 5.02
C PRO E 154 22.38 -9.07 3.73
N ARG E 155 21.04 -9.20 3.76
CA ARG E 155 20.30 -9.48 2.55
C ARG E 155 20.33 -8.29 1.60
N GLU E 156 20.05 -7.09 2.11
CA GLU E 156 20.17 -5.88 1.29
C GLU E 156 21.61 -5.64 0.87
N PHE E 157 22.57 -6.03 1.70
CA PHE E 157 23.97 -5.91 1.31
C PHE E 157 24.28 -6.78 0.09
N ILE E 158 23.77 -8.01 0.08
CA ILE E 158 24.02 -8.89 -1.06
C ILE E 158 23.29 -8.39 -2.30
N ALA E 159 22.09 -7.83 -2.12
CA ALA E 159 21.39 -7.24 -3.26
C ALA E 159 22.19 -6.08 -3.87
N SER E 160 22.72 -5.20 -3.02
CA SER E 160 23.54 -4.10 -3.50
C SER E 160 24.81 -4.60 -4.18
N MET E 161 25.40 -5.67 -3.66
CA MET E 161 26.58 -6.25 -4.29
C MET E 161 26.26 -6.78 -5.68
N LEU E 162 25.10 -7.42 -5.85
CA LEU E 162 24.70 -7.88 -7.17
C LEU E 162 24.53 -6.71 -8.13
N GLU E 163 23.90 -5.63 -7.66
CA GLU E 163 23.75 -4.45 -8.51
C GLU E 163 25.11 -3.87 -8.91
N LEU E 164 26.05 -3.81 -7.97
CA LEU E 164 27.39 -3.33 -8.27
C LEU E 164 28.08 -4.22 -9.29
N LEU E 165 27.90 -5.54 -9.18
CA LEU E 165 28.50 -6.46 -10.14
C LEU E 165 27.97 -6.21 -11.55
N ARG E 166 26.66 -6.00 -11.67
CA ARG E 166 26.10 -5.69 -12.99
C ARG E 166 26.68 -4.39 -13.54
N ALA E 167 26.80 -3.36 -12.69
CA ALA E 167 27.37 -2.09 -13.16
C ALA E 167 28.81 -2.27 -13.65
N ILE E 168 29.61 -3.03 -12.90
CA ILE E 168 31.01 -3.26 -13.29
C ILE E 168 31.07 -4.02 -14.61
N GLU E 169 30.21 -5.02 -14.78
CA GLU E 169 30.18 -5.77 -16.03
C GLU E 169 29.87 -4.85 -17.20
N ARG E 170 28.87 -3.98 -17.05
CA ARG E 170 28.54 -3.06 -18.12
C ARG E 170 29.71 -2.13 -18.44
N PHE E 171 30.36 -1.61 -17.40
CA PHE E 171 31.51 -0.71 -17.61
C PHE E 171 32.61 -1.40 -18.40
N PHE E 172 32.96 -2.62 -18.01
CA PHE E 172 34.06 -3.31 -18.68
C PHE E 172 33.66 -3.83 -20.04
N GLU E 173 32.37 -3.97 -20.32
CA GLU E 173 31.95 -4.27 -21.68
C GLU E 173 32.07 -3.06 -22.59
N VAL E 174 31.73 -1.87 -22.07
CA VAL E 174 31.82 -0.66 -22.89
C VAL E 174 33.27 -0.31 -23.21
N LEU E 175 34.15 -0.40 -22.22
CA LEU E 175 35.51 0.10 -22.36
C LEU E 175 36.33 -0.76 -23.33
N LYS E 176 37.23 -0.11 -24.04
CA LYS E 176 38.14 -0.76 -24.98
C LYS E 176 39.57 -0.34 -24.65
N GLY E 177 40.50 -1.28 -24.78
CA GLY E 177 41.89 -1.00 -24.47
C GLY E 177 42.70 -2.28 -24.45
N ASN E 178 43.80 -2.23 -23.70
CA ASN E 178 44.66 -3.40 -23.57
C ASN E 178 43.97 -4.47 -22.72
N PRO E 179 43.77 -5.69 -23.23
CA PRO E 179 43.03 -6.69 -22.46
C PRO E 179 43.69 -7.08 -21.15
N GLU E 180 45.02 -7.12 -21.09
CA GLU E 180 45.70 -7.63 -19.90
C GLU E 180 45.54 -6.68 -18.71
N ARG E 181 45.78 -5.39 -18.93
CA ARG E 181 45.63 -4.43 -17.84
C ARG E 181 44.18 -4.36 -17.37
N LEU E 182 43.24 -4.38 -18.31
CA LEU E 182 41.83 -4.37 -17.96
C LEU E 182 41.46 -5.60 -17.14
N LEU E 183 41.97 -6.76 -17.52
CA LEU E 183 41.70 -7.98 -16.76
C LEU E 183 42.30 -7.90 -15.36
N ALA E 184 43.49 -7.34 -15.24
CA ALA E 184 44.10 -7.18 -13.91
C ALA E 184 43.25 -6.27 -13.03
N VAL E 185 42.80 -5.14 -13.57
CA VAL E 185 41.96 -4.23 -12.79
C VAL E 185 40.65 -4.90 -12.39
N PHE E 186 40.04 -5.63 -13.33
CA PHE E 186 38.80 -6.34 -13.04
C PHE E 186 38.98 -7.36 -11.93
N GLU E 187 40.06 -8.14 -11.98
CA GLU E 187 40.32 -9.13 -10.95
C GLU E 187 40.54 -8.47 -9.59
N GLU E 188 41.26 -7.34 -9.56
CA GLU E 188 41.51 -6.68 -8.29
C GLU E 188 40.23 -6.15 -7.66
N VAL E 189 39.37 -5.50 -8.46
CA VAL E 189 38.13 -5.00 -7.88
C VAL E 189 37.22 -6.15 -7.45
N LEU E 190 37.25 -7.26 -8.19
CA LEU E 190 36.48 -8.43 -7.78
C LEU E 190 36.96 -8.97 -6.44
N GLU E 191 38.28 -9.00 -6.24
CA GLU E 191 38.80 -9.45 -4.95
C GLU E 191 38.37 -8.52 -3.82
N ASP E 192 38.35 -7.22 -4.09
CA ASP E 192 37.86 -6.28 -3.08
C ASP E 192 36.42 -6.58 -2.67
N ILE E 193 35.55 -6.76 -3.67
CA ILE E 193 34.13 -7.03 -3.38
C ILE E 193 33.98 -8.36 -2.65
N GLU E 194 34.75 -9.37 -3.06
CA GLU E 194 34.66 -10.68 -2.40
C GLU E 194 35.08 -10.60 -0.95
N GLU E 195 36.16 -9.85 -0.66
CA GLU E 195 36.59 -9.69 0.72
C GLU E 195 35.52 -8.99 1.55
N ALA E 196 34.89 -7.95 0.99
CA ALA E 196 33.85 -7.25 1.73
C ALA E 196 32.67 -8.18 2.04
N VAL E 197 32.25 -8.98 1.05
CA VAL E 197 31.12 -9.88 1.26
C VAL E 197 31.45 -10.94 2.31
N LEU E 198 32.65 -11.52 2.22
CA LEU E 198 33.04 -12.54 3.19
C LEU E 198 33.08 -11.97 4.60
N LYS E 199 33.61 -10.75 4.76
CA LYS E 199 33.66 -10.15 6.08
C LYS E 199 32.27 -9.85 6.62
N LYS E 200 31.37 -9.40 5.75
CA LYS E 200 30.03 -9.05 6.21
C LYS E 200 29.18 -10.26 6.56
N LEU E 201 29.36 -11.37 5.86
CA LEU E 201 28.47 -12.51 6.04
C LEU E 201 28.75 -13.31 7.31
N THR E 202 29.61 -12.84 8.20
CA THR E 202 29.85 -13.54 9.46
C THR E 202 28.83 -13.18 10.53
N GLU E 203 27.87 -12.30 10.23
CA GLU E 203 26.87 -11.86 11.20
C GLU E 203 25.58 -12.66 11.15
N VAL E 204 25.53 -13.75 10.38
CA VAL E 204 24.30 -14.52 10.19
C VAL E 204 24.59 -15.98 10.45
N ASN E 205 23.51 -16.77 10.50
CA ASN E 205 23.60 -18.20 10.72
C ASN E 205 24.21 -18.89 9.51
N PRO E 206 24.79 -20.09 9.71
CA PRO E 206 25.45 -20.77 8.59
C PRO E 206 24.53 -21.09 7.42
N GLU E 207 23.24 -21.34 7.66
CA GLU E 207 22.32 -21.61 6.56
C GLU E 207 22.12 -20.36 5.70
N THR E 208 21.89 -19.21 6.34
CA THR E 208 21.81 -17.97 5.60
C THR E 208 23.12 -17.65 4.91
N GLN E 209 24.24 -17.98 5.55
CA GLN E 209 25.54 -17.79 4.93
C GLN E 209 25.64 -18.60 3.63
N VAL E 210 25.23 -19.86 3.67
CA VAL E 210 25.30 -20.70 2.48
C VAL E 210 24.41 -20.14 1.38
N LEU E 211 23.19 -19.74 1.73
CA LEU E 211 22.27 -19.19 0.72
C LEU E 211 22.88 -17.96 0.04
N LEU E 212 23.31 -16.99 0.86
CA LEU E 212 23.81 -15.73 0.31
C LEU E 212 25.12 -15.93 -0.45
N LEU E 213 25.98 -16.82 0.05
CA LEU E 213 27.23 -17.09 -0.64
C LEU E 213 26.98 -17.76 -1.98
N GLU E 214 26.01 -18.67 -2.05
CA GLU E 214 25.66 -19.29 -3.33
C GLU E 214 25.19 -18.24 -4.33
N ALA E 215 24.31 -17.34 -3.89
CA ALA E 215 23.83 -16.30 -4.80
C ALA E 215 24.98 -15.44 -5.30
N PHE E 216 25.82 -14.97 -4.37
CA PHE E 216 26.93 -14.09 -4.76
C PHE E 216 27.88 -14.78 -5.72
N TYR E 217 28.23 -16.04 -5.44
CA TYR E 217 29.21 -16.72 -6.28
C TYR E 217 28.65 -17.07 -7.65
N GLU E 218 27.36 -17.40 -7.73
CA GLU E 218 26.75 -17.60 -9.04
C GLU E 218 26.83 -16.33 -9.88
N LYS E 219 26.47 -15.19 -9.28
CA LYS E 219 26.53 -13.94 -10.03
C LYS E 219 27.96 -13.60 -10.44
N LYS E 220 28.92 -13.82 -9.54
CA LYS E 220 30.31 -13.51 -9.84
C LYS E 220 30.83 -14.37 -11.00
N LYS E 221 30.51 -15.65 -10.99
CA LYS E 221 30.93 -16.51 -12.09
C LYS E 221 30.33 -16.06 -13.41
N ASP E 222 29.05 -15.68 -13.40
CA ASP E 222 28.42 -15.18 -14.62
C ASP E 222 29.12 -13.93 -15.15
N VAL E 223 29.39 -12.96 -14.26
CA VAL E 223 30.00 -11.72 -14.73
C VAL E 223 31.43 -11.97 -15.19
N VAL E 224 32.15 -12.89 -14.55
CA VAL E 224 33.51 -13.21 -15.01
C VAL E 224 33.46 -13.78 -16.42
N GLU E 225 32.52 -14.69 -16.69
CA GLU E 225 32.40 -15.24 -18.03
C GLU E 225 32.09 -14.16 -19.05
N HIS E 226 31.14 -13.27 -18.71
CA HIS E 226 30.78 -12.22 -19.66
C HIS E 226 31.96 -11.29 -19.95
N VAL E 227 32.68 -10.88 -18.91
CA VAL E 227 33.80 -9.96 -19.10
C VAL E 227 34.92 -10.62 -19.88
N ARG E 228 35.21 -11.88 -19.59
CA ARG E 228 36.27 -12.57 -20.34
C ARG E 228 35.88 -12.74 -21.80
N LYS E 229 34.60 -12.98 -22.10
CA LYS E 229 34.16 -13.01 -23.49
C LYS E 229 34.33 -11.66 -24.15
N ALA E 230 33.97 -10.58 -23.44
CA ALA E 230 33.99 -9.26 -24.06
C ALA E 230 35.42 -8.77 -24.30
N LEU E 231 36.31 -8.98 -23.33
CA LEU E 231 37.66 -8.43 -23.44
C LEU E 231 38.47 -9.16 -24.51
N PHE E 232 38.46 -10.48 -24.49
CA PHE E 232 39.21 -11.26 -25.47
C PHE E 232 38.33 -11.66 -26.64
N SER F 25 14.02 44.60 -48.80
CA SER F 25 15.12 43.67 -48.54
C SER F 25 14.71 42.63 -47.51
N PRO F 26 15.07 41.37 -47.76
CA PRO F 26 14.68 40.29 -46.84
C PRO F 26 15.37 40.41 -45.48
N LEU F 27 16.66 40.73 -45.48
CA LEU F 27 17.42 40.77 -44.23
C LEU F 27 16.91 41.88 -43.31
N GLU F 28 16.63 43.06 -43.85
CA GLU F 28 16.17 44.16 -43.01
C GLU F 28 14.81 43.85 -42.41
N GLU F 29 13.90 43.29 -43.21
CA GLU F 29 12.60 42.92 -42.69
C GLU F 29 12.71 41.83 -41.63
N ALA F 30 13.62 40.87 -41.84
CA ALA F 30 13.83 39.82 -40.84
C ALA F 30 14.36 40.41 -39.53
N LYS F 31 15.28 41.36 -39.61
CA LYS F 31 15.81 41.98 -38.39
C LYS F 31 14.74 42.80 -37.68
N ARG F 32 13.91 43.51 -38.46
CA ARG F 32 12.80 44.24 -37.85
C ARG F 32 11.84 43.30 -37.15
N LEU F 33 11.54 42.16 -37.78
CA LEU F 33 10.70 41.15 -37.15
C LEU F 33 11.34 40.61 -35.88
N LEU F 34 12.65 40.40 -35.89
CA LEU F 34 13.35 39.93 -34.70
C LEU F 34 13.21 40.92 -33.55
N GLU F 35 13.40 42.20 -33.84
CA GLU F 35 13.26 43.22 -32.80
C GLU F 35 11.84 43.27 -32.26
N LYS F 36 10.85 43.22 -33.16
CA LYS F 36 9.45 43.24 -32.73
C LYS F 36 9.12 42.04 -31.86
N VAL F 37 9.61 40.85 -32.26
CA VAL F 37 9.33 39.64 -31.49
C VAL F 37 10.00 39.70 -30.12
N LYS F 38 11.24 40.20 -30.06
CA LYS F 38 11.90 40.34 -28.77
C LYS F 38 11.12 41.28 -27.85
N LYS F 39 10.67 42.41 -28.38
CA LYS F 39 9.88 43.34 -27.58
C LYS F 39 8.59 42.68 -27.09
N ARG F 40 7.90 41.96 -27.98
CA ARG F 40 6.65 41.31 -27.60
C ARG F 40 6.86 40.26 -26.53
N VAL F 41 7.93 39.47 -26.65
CA VAL F 41 8.22 38.44 -25.64
C VAL F 41 8.51 39.08 -24.30
N GLU F 42 9.34 40.14 -24.30
CA GLU F 42 9.64 40.84 -23.05
C GLU F 42 8.38 41.40 -22.40
N GLU F 43 7.48 41.95 -23.22
CA GLU F 43 6.22 42.46 -22.67
C GLU F 43 5.36 41.32 -22.12
N ILE F 44 5.32 40.19 -22.80
CA ILE F 44 4.43 39.09 -22.39
C ILE F 44 4.90 38.46 -21.09
N MET F 45 6.21 38.24 -20.94
CA MET F 45 6.69 37.48 -19.78
C MET F 45 6.48 38.21 -18.46
N LYS F 46 6.12 39.50 -18.48
CA LYS F 46 5.85 40.23 -17.26
C LYS F 46 4.57 39.79 -16.57
N ASN F 47 3.70 39.06 -17.26
CA ASN F 47 2.45 38.61 -16.67
C ASN F 47 2.72 37.55 -15.59
N PRO F 48 1.92 37.54 -14.52
CA PRO F 48 2.14 36.55 -13.46
C PRO F 48 1.45 35.21 -13.69
N ASN F 49 0.50 35.16 -14.61
CA ASN F 49 -0.26 33.94 -14.85
C ASN F 49 0.47 33.08 -15.86
N PRO F 50 0.94 31.89 -15.50
CA PRO F 50 1.73 31.09 -16.46
C PRO F 50 0.92 30.57 -17.63
N VAL F 51 -0.34 30.20 -17.42
CA VAL F 51 -1.15 29.66 -18.51
C VAL F 51 -1.44 30.74 -19.54
N LYS F 52 -1.75 31.96 -19.08
CA LYS F 52 -1.97 33.07 -20.01
C LYS F 52 -0.69 33.40 -20.77
N VAL F 53 0.46 33.34 -20.10
CA VAL F 53 1.73 33.56 -20.77
C VAL F 53 1.94 32.52 -21.85
N MET F 54 1.65 31.26 -21.55
CA MET F 54 1.80 30.19 -22.54
C MET F 54 0.88 30.40 -23.73
N LEU F 55 -0.37 30.82 -23.48
CA LEU F 55 -1.30 31.04 -24.58
C LEU F 55 -0.84 32.19 -25.48
N GLU F 56 -0.39 33.29 -24.88
CA GLU F 56 0.12 34.40 -25.68
C GLU F 56 1.37 34.01 -26.47
N LEU F 57 2.25 33.21 -25.86
CA LEU F 57 3.45 32.78 -26.57
C LEU F 57 3.10 31.86 -27.73
N LYS F 58 2.10 30.99 -27.54
CA LYS F 58 1.65 30.14 -28.64
C LYS F 58 1.09 30.97 -29.79
N GLU F 59 0.30 31.99 -29.46
CA GLU F 59 -0.22 32.88 -30.49
C GLU F 59 0.93 33.59 -31.22
N LEU F 60 1.93 34.04 -30.49
CA LEU F 60 3.07 34.72 -31.10
C LEU F 60 3.85 33.78 -32.02
N LEU F 61 4.02 32.53 -31.61
CA LEU F 61 4.70 31.54 -32.44
C LEU F 61 3.93 31.30 -33.74
N ASP F 62 2.60 31.17 -33.64
CA ASP F 62 1.80 30.99 -34.85
C ASP F 62 1.91 32.21 -35.77
N GLU F 63 1.90 33.41 -35.19
CA GLU F 63 2.07 34.62 -36.00
C GLU F 63 3.43 34.65 -36.68
N ALA F 64 4.47 34.20 -35.99
CA ALA F 64 5.80 34.14 -36.59
C ALA F 64 5.83 33.18 -37.77
N VAL F 65 5.18 32.03 -37.64
CA VAL F 65 5.14 31.09 -38.76
C VAL F 65 4.36 31.70 -39.93
N HIS F 66 3.26 32.37 -39.64
CA HIS F 66 2.50 33.05 -40.69
C HIS F 66 3.38 34.07 -41.43
N GLU F 67 4.16 34.85 -40.68
CA GLU F 67 5.06 35.80 -41.31
C GLU F 67 6.12 35.08 -42.14
N PHE F 68 6.59 33.93 -41.67
CA PHE F 68 7.62 33.19 -42.39
C PHE F 68 7.12 32.71 -43.75
N VAL F 69 5.89 32.18 -43.81
CA VAL F 69 5.39 31.67 -45.08
C VAL F 69 5.00 32.78 -46.04
N LEU F 70 4.93 34.03 -45.58
CA LEU F 70 4.53 35.16 -46.41
C LEU F 70 5.72 35.92 -46.98
N MET F 71 6.95 35.51 -46.69
CA MET F 71 8.14 36.22 -47.12
C MET F 71 9.13 35.25 -47.74
N GLU F 72 10.10 35.81 -48.45
CA GLU F 72 11.11 34.99 -49.10
C GLU F 72 12.19 34.58 -48.09
N VAL F 73 12.59 33.31 -48.14
CA VAL F 73 13.61 32.81 -47.24
C VAL F 73 14.81 32.35 -48.06
N ASN F 74 15.80 33.22 -48.20
CA ASN F 74 17.05 32.90 -48.86
C ASN F 74 18.10 32.52 -47.82
N GLU F 75 19.34 32.38 -48.25
CA GLU F 75 20.43 31.98 -47.37
C GLU F 75 20.91 33.09 -46.46
N GLU F 76 20.43 34.31 -46.65
CA GLU F 76 20.89 35.44 -45.84
C GLU F 76 20.10 35.60 -44.55
N ASN F 77 18.77 35.55 -44.63
CA ASN F 77 17.91 35.80 -43.47
C ASN F 77 17.52 34.54 -42.72
N ARG F 78 18.03 33.37 -43.14
CA ARG F 78 17.62 32.11 -42.50
C ARG F 78 18.02 32.07 -41.03
N GLU F 79 19.24 32.55 -40.72
CA GLU F 79 19.71 32.56 -39.35
C GLU F 79 18.82 33.41 -38.45
N VAL F 80 18.37 34.56 -38.96
CA VAL F 80 17.52 35.44 -38.16
C VAL F 80 16.18 34.77 -37.87
N LEU F 81 15.60 34.08 -38.85
CA LEU F 81 14.35 33.39 -38.63
C LEU F 81 14.50 32.27 -37.60
N ILE F 82 15.60 31.51 -37.69
CA ILE F 82 15.84 30.47 -36.70
C ILE F 82 16.01 31.08 -35.31
N GLU F 83 16.66 32.24 -35.24
CA GLU F 83 16.82 32.91 -33.95
C GLU F 83 15.49 33.37 -33.38
N ILE F 84 14.59 33.86 -34.24
CA ILE F 84 13.26 34.27 -33.78
C ILE F 84 12.52 33.06 -33.20
N LEU F 85 12.54 31.94 -33.92
CA LEU F 85 11.87 30.74 -33.44
C LEU F 85 12.47 30.28 -32.12
N ALA F 86 13.79 30.31 -32.00
CA ALA F 86 14.45 29.90 -30.77
C ALA F 86 14.08 30.80 -29.60
N THR F 87 14.01 32.11 -29.85
CA THR F 87 13.62 33.05 -28.80
C THR F 87 12.23 32.72 -28.26
N ILE F 88 11.26 32.58 -29.16
CA ILE F 88 9.90 32.31 -28.70
C ILE F 88 9.82 30.97 -27.98
N PHE F 89 10.50 29.94 -28.51
CA PHE F 89 10.39 28.63 -27.89
C PHE F 89 11.10 28.57 -26.54
N GLU F 90 12.22 29.28 -26.38
CA GLU F 90 12.87 29.35 -25.08
C GLU F 90 11.98 30.02 -24.05
N ALA F 91 11.33 31.13 -24.44
CA ALA F 91 10.40 31.77 -23.52
C ALA F 91 9.27 30.83 -23.14
N PHE F 92 8.74 30.09 -24.11
CA PHE F 92 7.67 29.14 -23.82
C PHE F 92 8.12 28.05 -22.86
N LEU F 93 9.34 27.52 -23.05
CA LEU F 93 9.83 26.45 -22.19
C LEU F 93 10.00 26.95 -20.76
N HIS F 94 10.52 28.16 -20.59
CA HIS F 94 10.65 28.71 -19.24
C HIS F 94 9.28 28.91 -18.59
N ALA F 95 8.32 29.45 -19.34
CA ALA F 95 6.98 29.64 -18.79
C ALA F 95 6.34 28.31 -18.42
N ALA F 96 6.62 27.25 -19.20
CA ALA F 96 6.13 25.93 -18.86
C ALA F 96 6.76 25.43 -17.57
N ARG F 97 8.06 25.66 -17.39
CA ARG F 97 8.70 25.30 -16.13
C ARG F 97 8.12 26.06 -14.95
N ASP F 98 7.55 27.25 -15.19
CA ASP F 98 7.03 28.06 -14.09
C ASP F 98 5.94 27.34 -13.32
N GLY F 99 5.00 26.70 -14.01
CA GLY F 99 4.02 25.89 -13.33
C GLY F 99 2.60 25.95 -13.87
N GLY F 100 1.70 25.21 -13.23
CA GLY F 100 0.31 25.13 -13.62
C GLY F 100 -0.20 23.70 -13.49
N ASN F 101 -1.37 23.46 -14.06
CA ASN F 101 -1.97 22.13 -14.05
C ASN F 101 -1.20 21.22 -15.00
N PRO F 102 -0.69 20.07 -14.55
CA PRO F 102 0.20 19.27 -15.41
C PRO F 102 -0.40 18.85 -16.74
N LYS F 103 -1.67 18.44 -16.77
CA LYS F 103 -2.25 17.97 -18.03
C LYS F 103 -2.37 19.10 -19.04
N LEU F 104 -2.88 20.25 -18.61
CA LEU F 104 -3.00 21.40 -19.49
C LEU F 104 -1.63 21.86 -19.97
N VAL F 105 -0.65 21.86 -19.07
CA VAL F 105 0.71 22.30 -19.43
C VAL F 105 1.31 21.35 -20.47
N LEU F 106 1.14 20.04 -20.27
CA LEU F 106 1.68 19.08 -21.24
C LEU F 106 1.00 19.22 -22.60
N LEU F 107 -0.31 19.44 -22.61
CA LEU F 107 -1.02 19.63 -23.87
C LEU F 107 -0.54 20.89 -24.60
N LEU F 108 -0.36 21.99 -23.87
CA LEU F 108 0.16 23.21 -24.49
C LEU F 108 1.59 23.02 -24.97
N LEU F 109 2.39 22.26 -24.23
CA LEU F 109 3.75 21.96 -24.67
C LEU F 109 3.76 21.21 -25.98
N LEU F 110 2.87 20.23 -26.12
CA LEU F 110 2.78 19.49 -27.38
C LEU F 110 2.36 20.40 -28.53
N GLU F 111 1.36 21.26 -28.30
CA GLU F 111 0.95 22.18 -29.36
C GLU F 111 2.09 23.10 -29.78
N ALA F 112 2.81 23.65 -28.80
CA ALA F 112 3.93 24.52 -29.10
C ALA F 112 5.01 23.79 -29.88
N PHE F 113 5.29 22.54 -29.51
CA PHE F 113 6.32 21.78 -30.21
C PHE F 113 5.94 21.50 -31.66
N GLU F 114 4.68 21.17 -31.91
CA GLU F 114 4.25 20.98 -33.29
C GLU F 114 4.34 22.28 -34.09
N THR F 115 3.96 23.41 -33.50
CA THR F 115 4.10 24.68 -34.21
C THR F 115 5.57 24.98 -34.52
N PHE F 116 6.45 24.72 -33.55
CA PHE F 116 7.88 24.94 -33.75
C PHE F 116 8.43 24.06 -34.87
N VAL F 117 7.99 22.79 -34.92
CA VAL F 117 8.45 21.89 -35.97
C VAL F 117 7.98 22.37 -37.33
N ARG F 118 6.73 22.85 -37.41
CA ARG F 118 6.25 23.40 -38.68
C ARG F 118 7.07 24.62 -39.11
N GLY F 119 7.41 25.48 -38.15
CA GLY F 119 8.23 26.64 -38.48
C GLY F 119 9.61 26.24 -38.97
N VAL F 120 10.23 25.27 -38.33
CA VAL F 120 11.55 24.80 -38.75
C VAL F 120 11.48 24.19 -40.13
N GLU F 121 10.41 23.44 -40.41
CA GLU F 121 10.22 22.87 -41.74
C GLU F 121 10.09 23.96 -42.80
N VAL F 122 9.33 25.02 -42.48
CA VAL F 122 9.16 26.10 -43.45
C VAL F 122 10.48 26.81 -43.70
N VAL F 123 11.23 27.11 -42.63
CA VAL F 123 12.46 27.87 -42.79
C VAL F 123 13.59 27.00 -43.32
N GLY F 124 13.80 25.84 -42.71
CA GLY F 124 14.90 24.98 -43.11
C GLY F 124 16.16 25.26 -42.33
N VAL F 125 16.95 24.21 -42.13
CA VAL F 125 18.19 24.29 -41.36
C VAL F 125 19.34 23.86 -42.26
N THR F 126 20.30 24.77 -42.47
CA THR F 126 21.40 24.52 -43.39
C THR F 126 22.74 24.50 -42.67
N SER F 127 23.09 25.56 -41.94
CA SER F 127 24.39 25.64 -41.30
C SER F 127 24.43 24.80 -40.02
N GLU F 128 25.61 24.74 -39.41
CA GLU F 128 25.77 23.98 -38.18
C GLU F 128 25.20 24.71 -36.98
N ARG F 129 25.24 26.04 -36.98
CA ARG F 129 24.74 26.80 -35.83
C ARG F 129 23.24 26.61 -35.67
N GLU F 130 22.49 26.63 -36.76
CA GLU F 130 21.05 26.41 -36.68
C GLU F 130 20.72 25.01 -36.19
N LEU F 131 21.48 24.01 -36.67
CA LEU F 131 21.29 22.65 -36.19
C LEU F 131 21.57 22.55 -34.70
N ARG F 132 22.64 23.19 -34.24
CA ARG F 132 22.95 23.19 -32.81
C ARG F 132 21.82 23.83 -32.02
N LEU F 133 21.29 24.95 -32.50
CA LEU F 133 20.23 25.65 -31.80
C LEU F 133 18.98 24.78 -31.68
N VAL F 134 18.55 24.17 -32.78
CA VAL F 134 17.32 23.38 -32.74
C VAL F 134 17.51 22.11 -31.92
N LEU F 135 18.69 21.50 -31.96
CA LEU F 135 18.92 20.29 -31.17
C LEU F 135 18.95 20.60 -29.67
N GLU F 136 19.57 21.74 -29.30
CA GLU F 136 19.53 22.15 -27.90
C GLU F 136 18.11 22.42 -27.45
N LEU F 137 17.29 23.05 -28.31
CA LEU F 137 15.90 23.28 -27.97
C LEU F 137 15.15 21.96 -27.77
N LEU F 138 15.43 20.97 -28.61
CA LEU F 138 14.78 19.67 -28.45
C LEU F 138 15.16 19.01 -27.13
N VAL F 139 16.44 19.07 -26.75
CA VAL F 139 16.87 18.48 -25.48
C VAL F 139 16.17 19.17 -24.31
N GLU F 140 16.11 20.51 -24.35
CA GLU F 140 15.43 21.24 -23.29
C GLU F 140 13.94 20.89 -23.23
N PHE F 141 13.31 20.72 -24.39
CA PHE F 141 11.90 20.35 -24.43
C PHE F 141 11.66 19.00 -23.80
N VAL F 142 12.52 18.02 -24.09
CA VAL F 142 12.35 16.70 -23.51
C VAL F 142 12.53 16.75 -22.00
N HIS F 143 13.54 17.50 -21.54
CA HIS F 143 13.76 17.62 -20.10
C HIS F 143 12.56 18.25 -19.40
N VAL F 144 12.01 19.32 -19.97
CA VAL F 144 10.88 19.99 -19.35
C VAL F 144 9.64 19.08 -19.36
N PHE F 145 9.43 18.35 -20.45
CA PHE F 145 8.29 17.44 -20.52
C PHE F 145 8.37 16.38 -19.43
N ILE F 146 9.55 15.78 -19.24
CA ILE F 146 9.70 14.77 -18.20
C ILE F 146 9.50 15.38 -16.82
N LEU F 147 10.07 16.56 -16.59
CA LEU F 147 9.92 17.23 -15.31
C LEU F 147 8.45 17.49 -14.98
N ILE F 148 7.67 17.95 -15.96
CA ILE F 148 6.27 18.24 -15.70
C ILE F 148 5.48 16.95 -15.49
N SER F 149 5.75 15.92 -16.29
CA SER F 149 4.97 14.70 -16.21
C SER F 149 5.38 13.79 -15.07
N ARG F 150 6.42 14.15 -14.32
CA ARG F 150 6.80 13.36 -13.14
C ARG F 150 5.66 13.19 -12.15
N LEU F 151 4.74 14.15 -12.07
CA LEU F 151 3.76 14.20 -11.00
C LEU F 151 2.44 13.52 -11.31
N LEU F 152 2.31 12.85 -12.46
CA LEU F 152 1.08 12.16 -12.78
C LEU F 152 1.09 10.75 -12.19
N GLU F 153 -0.01 10.03 -12.42
CA GLU F 153 -0.12 8.63 -12.08
C GLU F 153 0.54 7.78 -13.17
N PRO F 154 0.94 6.54 -12.85
CA PRO F 154 1.72 5.74 -13.82
C PRO F 154 1.06 5.53 -15.16
N ARG F 155 -0.26 5.31 -15.21
CA ARG F 155 -0.91 5.08 -16.49
C ARG F 155 -0.94 6.35 -17.34
N GLU F 156 -1.32 7.47 -16.74
CA GLU F 156 -1.27 8.75 -17.45
C GLU F 156 0.17 9.11 -17.80
N PHE F 157 1.13 8.76 -16.94
CA PHE F 157 2.53 9.00 -17.25
C PHE F 157 2.95 8.25 -18.50
N ILE F 158 2.54 6.98 -18.63
CA ILE F 158 2.92 6.19 -19.80
C ILE F 158 2.24 6.72 -21.06
N ALA F 159 0.99 7.16 -20.93
CA ALA F 159 0.31 7.78 -22.08
C ALA F 159 1.05 9.04 -22.52
N SER F 160 1.48 9.86 -21.56
CA SER F 160 2.24 11.07 -21.89
C SER F 160 3.56 10.74 -22.56
N MET F 161 4.25 9.68 -22.10
CA MET F 161 5.49 9.28 -22.74
C MET F 161 5.25 8.80 -24.16
N LEU F 162 4.14 8.12 -24.41
CA LEU F 162 3.80 7.73 -25.77
C LEU F 162 3.62 8.96 -26.66
N GLU F 163 2.89 9.96 -26.17
CA GLU F 163 2.73 11.20 -26.94
C GLU F 163 4.07 11.87 -27.21
N LEU F 164 4.95 11.90 -26.22
CA LEU F 164 6.27 12.50 -26.40
C LEU F 164 7.08 11.74 -27.46
N LEU F 165 6.96 10.41 -27.47
CA LEU F 165 7.66 9.61 -28.47
C LEU F 165 7.17 9.94 -29.88
N ARG F 166 5.86 10.06 -30.05
CA ARG F 166 5.34 10.44 -31.37
C ARG F 166 5.85 11.82 -31.80
N ALA F 167 5.88 12.77 -30.85
CA ALA F 167 6.38 14.10 -31.18
C ALA F 167 7.84 14.06 -31.61
N ILE F 168 8.67 13.31 -30.88
CA ILE F 168 10.09 13.22 -31.21
C ILE F 168 10.27 12.58 -32.58
N GLU F 169 9.49 11.55 -32.88
CA GLU F 169 9.57 10.90 -34.19
C GLU F 169 9.23 11.87 -35.31
N ARG F 170 8.17 12.64 -35.12
CA ARG F 170 7.81 13.64 -36.14
C ARG F 170 8.91 14.67 -36.32
N PHE F 171 9.49 15.15 -35.20
CA PHE F 171 10.56 16.14 -35.28
C PHE F 171 11.75 15.60 -36.07
N PHE F 172 12.18 14.38 -35.76
CA PHE F 172 13.36 13.84 -36.44
C PHE F 172 13.05 13.44 -37.87
N GLU F 173 11.79 13.19 -38.22
CA GLU F 173 11.45 12.98 -39.62
C GLU F 173 11.51 14.29 -40.40
N VAL F 174 11.06 15.40 -39.79
CA VAL F 174 11.09 16.68 -40.51
C VAL F 174 12.52 17.14 -40.74
N LEU F 175 13.37 17.04 -39.73
CA LEU F 175 14.70 17.65 -39.78
C LEU F 175 15.61 16.93 -40.76
N LYS F 176 16.53 17.68 -41.36
CA LYS F 176 17.53 17.17 -42.27
C LYS F 176 18.90 17.66 -41.85
N GLY F 177 19.91 16.80 -42.00
CA GLY F 177 21.25 17.17 -41.59
C GLY F 177 22.16 15.95 -41.62
N ASN F 178 23.21 16.01 -40.81
CA ASN F 178 24.15 14.90 -40.73
C ASN F 178 23.50 13.73 -40.01
N PRO F 179 23.41 12.55 -40.63
CA PRO F 179 22.70 11.43 -39.99
C PRO F 179 23.31 10.97 -38.67
N GLU F 180 24.64 11.03 -38.54
CA GLU F 180 25.28 10.46 -37.35
C GLU F 180 25.00 11.28 -36.11
N ARG F 181 25.17 12.61 -36.21
CA ARG F 181 24.89 13.47 -35.06
C ARG F 181 23.42 13.41 -34.68
N LEU F 182 22.52 13.39 -35.66
CA LEU F 182 21.10 13.29 -35.38
C LEU F 182 20.78 11.99 -34.68
N LEU F 183 21.39 10.89 -35.12
CA LEU F 183 21.17 9.60 -34.47
C LEU F 183 21.68 9.60 -33.05
N ALA F 184 22.84 10.22 -32.81
CA ALA F 184 23.37 10.29 -31.45
C ALA F 184 22.43 11.07 -30.53
N VAL F 185 21.92 12.22 -31.00
CA VAL F 185 21.00 13.01 -30.19
C VAL F 185 19.72 12.24 -29.92
N PHE F 186 19.20 11.57 -30.95
CA PHE F 186 17.98 10.77 -30.79
C PHE F 186 18.18 9.66 -29.75
N GLU F 187 19.32 8.97 -29.81
CA GLU F 187 19.59 7.91 -28.84
C GLU F 187 19.69 8.47 -27.43
N GLU F 188 20.33 9.63 -27.27
CA GLU F 188 20.48 10.20 -25.93
C GLU F 188 19.12 10.59 -25.34
N VAL F 189 18.26 11.24 -26.13
CA VAL F 189 16.95 11.61 -25.57
C VAL F 189 16.11 10.37 -25.31
N LEU F 190 16.25 9.32 -26.12
CA LEU F 190 15.56 8.07 -25.84
C LEU F 190 16.02 7.46 -24.52
N GLU F 191 17.33 7.52 -24.25
CA GLU F 191 17.83 6.99 -22.99
C GLU F 191 17.28 7.78 -21.81
N ASP F 192 17.16 9.11 -21.96
CA ASP F 192 16.57 9.92 -20.89
C ASP F 192 15.13 9.49 -20.61
N ILE F 193 14.33 9.31 -21.68
CA ILE F 193 12.94 8.89 -21.49
C ILE F 193 12.87 7.53 -20.83
N GLU F 194 13.73 6.60 -21.27
CA GLU F 194 13.70 5.24 -20.72
C GLU F 194 14.07 5.24 -19.24
N GLU F 195 15.06 6.04 -18.85
CA GLU F 195 15.42 6.13 -17.44
C GLU F 195 14.26 6.68 -16.62
N ALA F 196 13.60 7.72 -17.12
CA ALA F 196 12.45 8.26 -16.39
C ALA F 196 11.36 7.22 -16.21
N VAL F 197 11.03 6.49 -17.28
CA VAL F 197 9.97 5.49 -17.21
C VAL F 197 10.32 4.39 -16.21
N LEU F 198 11.56 3.91 -16.27
CA LEU F 198 11.98 2.84 -15.37
C LEU F 198 11.93 3.30 -13.92
N LYS F 199 12.36 4.53 -13.65
CA LYS F 199 12.30 5.04 -12.28
C LYS F 199 10.86 5.17 -11.80
N LYS F 200 9.95 5.63 -12.68
CA LYS F 200 8.58 5.84 -12.25
C LYS F 200 7.82 4.54 -12.04
N LEU F 201 8.11 3.52 -12.84
CA LEU F 201 7.29 2.30 -12.79
C LEU F 201 7.57 1.42 -11.57
N THR F 202 8.35 1.89 -10.60
CA THR F 202 8.59 1.10 -9.40
C THR F 202 7.50 1.30 -8.34
N GLU F 203 6.49 2.11 -8.63
CA GLU F 203 5.43 2.42 -7.67
C GLU F 203 4.21 1.53 -7.83
N VAL F 204 4.24 0.53 -8.71
CA VAL F 204 3.09 -0.30 -9.01
C VAL F 204 3.45 -1.76 -8.84
N ASN F 205 2.43 -2.61 -8.95
CA ASN F 205 2.61 -4.05 -8.85
C ASN F 205 3.35 -4.58 -10.08
N PRO F 206 3.99 -5.75 -9.95
CA PRO F 206 4.74 -6.31 -11.10
C PRO F 206 3.90 -6.56 -12.33
N GLU F 207 2.62 -6.92 -12.18
CA GLU F 207 1.77 -7.14 -13.36
C GLU F 207 1.53 -5.84 -14.12
N THR F 208 1.22 -4.77 -13.40
CA THR F 208 1.08 -3.46 -14.03
C THR F 208 2.39 -3.01 -14.65
N GLN F 209 3.51 -3.31 -13.97
CA GLN F 209 4.81 -3.00 -14.53
C GLN F 209 5.01 -3.70 -15.87
N VAL F 210 4.66 -4.99 -15.95
CA VAL F 210 4.85 -5.73 -17.19
C VAL F 210 3.98 -5.14 -18.29
N LEU F 211 2.71 -4.85 -17.98
CA LEU F 211 1.82 -4.27 -18.98
C LEU F 211 2.37 -2.96 -19.52
N LEU F 212 2.69 -2.03 -18.62
CA LEU F 212 3.11 -0.70 -19.05
C LEU F 212 4.46 -0.73 -19.74
N LEU F 213 5.37 -1.59 -19.27
CA LEU F 213 6.67 -1.74 -19.93
C LEU F 213 6.51 -2.32 -21.33
N GLU F 214 5.61 -3.29 -21.51
CA GLU F 214 5.36 -3.82 -22.84
C GLU F 214 4.86 -2.73 -23.78
N ALA F 215 3.91 -1.93 -23.32
CA ALA F 215 3.39 -0.85 -24.16
C ALA F 215 4.50 0.13 -24.54
N PHE F 216 5.27 0.58 -23.55
CA PHE F 216 6.32 1.56 -23.79
C PHE F 216 7.37 1.02 -24.75
N TYR F 217 7.81 -0.24 -24.54
CA TYR F 217 8.88 -0.78 -25.36
C TYR F 217 8.42 -1.07 -26.78
N GLU F 218 7.17 -1.47 -26.97
CA GLU F 218 6.65 -1.61 -28.32
C GLU F 218 6.67 -0.27 -29.04
N LYS F 219 6.19 0.79 -28.39
CA LYS F 219 6.20 2.10 -29.03
C LYS F 219 7.62 2.56 -29.33
N LYS F 220 8.54 2.34 -28.40
CA LYS F 220 9.93 2.77 -28.60
C LYS F 220 10.56 2.04 -29.78
N LYS F 221 10.33 0.73 -29.89
CA LYS F 221 10.85 0.00 -31.03
C LYS F 221 10.29 0.52 -32.35
N ASP F 222 8.99 0.80 -32.39
CA ASP F 222 8.39 1.32 -33.61
C ASP F 222 9.00 2.67 -34.01
N VAL F 223 9.16 3.58 -33.04
CA VAL F 223 9.70 4.89 -33.38
C VAL F 223 11.17 4.79 -33.76
N VAL F 224 11.92 3.88 -33.15
CA VAL F 224 13.32 3.68 -33.56
C VAL F 224 13.39 3.22 -35.00
N GLU F 225 12.53 2.27 -35.39
CA GLU F 225 12.51 1.81 -36.77
C GLU F 225 12.17 2.96 -37.72
N HIS F 226 11.14 3.74 -37.39
CA HIS F 226 10.74 4.83 -38.27
C HIS F 226 11.86 5.87 -38.42
N VAL F 227 12.50 6.23 -37.30
CA VAL F 227 13.54 7.26 -37.35
C VAL F 227 14.75 6.76 -38.12
N ARG F 228 15.14 5.50 -37.91
CA ARG F 228 16.27 4.95 -38.66
C ARG F 228 15.97 4.89 -40.15
N LYS F 229 14.73 4.58 -40.52
CA LYS F 229 14.36 4.63 -41.94
C LYS F 229 14.45 6.04 -42.48
N ALA F 230 13.97 7.02 -41.73
CA ALA F 230 13.93 8.39 -42.24
C ALA F 230 15.32 9.00 -42.34
N LEU F 231 16.19 8.73 -41.37
CA LEU F 231 17.51 9.36 -41.36
C LEU F 231 18.40 8.81 -42.46
N PHE F 232 18.45 7.49 -42.59
CA PHE F 232 19.29 6.86 -43.60
C PHE F 232 18.50 6.51 -44.85
N SER G 25 12.35 49.93 20.48
CA SER G 25 13.73 49.69 20.86
C SER G 25 14.04 48.19 20.78
N PRO G 26 15.21 47.85 20.23
CA PRO G 26 15.58 46.44 20.09
C PRO G 26 15.80 45.74 21.41
N LEU G 27 16.49 46.41 22.34
CA LEU G 27 16.83 45.78 23.62
C LEU G 27 15.58 45.48 24.44
N GLU G 28 14.64 46.43 24.49
CA GLU G 28 13.42 46.21 25.27
C GLU G 28 12.59 45.08 24.69
N GLU G 29 12.47 45.04 23.36
CA GLU G 29 11.72 43.95 22.73
C GLU G 29 12.41 42.61 22.96
N ALA G 30 13.74 42.58 22.92
CA ALA G 30 14.47 41.35 23.20
C ALA G 30 14.24 40.88 24.62
N LYS G 31 14.25 41.80 25.59
CA LYS G 31 14.02 41.42 26.98
C LYS G 31 12.59 40.92 27.19
N ARG G 32 11.61 41.57 26.54
CA ARG G 32 10.24 41.09 26.61
C ARG G 32 10.12 39.69 26.02
N LEU G 33 10.79 39.44 24.91
CA LEU G 33 10.79 38.12 24.31
C LEU G 33 11.44 37.10 25.24
N LEU G 34 12.51 37.48 25.92
CA LEU G 34 13.16 36.58 26.87
C LEU G 34 12.21 36.21 28.00
N GLU G 35 11.50 37.20 28.54
CA GLU G 35 10.55 36.91 29.61
C GLU G 35 9.43 35.99 29.13
N LYS G 36 8.90 36.26 27.94
CA LYS G 36 7.84 35.42 27.39
C LYS G 36 8.32 33.98 27.17
N VAL G 37 9.54 33.83 26.65
CA VAL G 37 10.09 32.50 26.41
C VAL G 37 10.32 31.76 27.71
N LYS G 38 10.82 32.45 28.74
CA LYS G 38 11.01 31.81 30.04
C LYS G 38 9.69 31.33 30.60
N LYS G 39 8.65 32.17 30.51
CA LYS G 39 7.33 31.77 31.00
C LYS G 39 6.82 30.55 30.24
N ARG G 40 6.97 30.55 28.91
CA ARG G 40 6.49 29.44 28.10
C ARG G 40 7.24 28.14 28.43
N VAL G 41 8.55 28.23 28.62
CA VAL G 41 9.33 27.04 28.95
C VAL G 41 8.91 26.49 30.31
N GLU G 42 8.71 27.38 31.29
CA GLU G 42 8.26 26.94 32.60
C GLU G 42 6.91 26.25 32.51
N GLU G 43 6.00 26.80 31.70
CA GLU G 43 4.69 26.17 31.52
C GLU G 43 4.81 24.82 30.84
N ILE G 44 5.66 24.70 29.81
CA ILE G 44 5.76 23.47 29.04
C ILE G 44 6.37 22.35 29.88
N MET G 45 7.39 22.67 30.68
CA MET G 45 8.12 21.63 31.40
C MET G 45 7.26 20.87 32.39
N LYS G 46 6.09 21.40 32.75
CA LYS G 46 5.21 20.73 33.70
C LYS G 46 4.53 19.50 33.13
N ASN G 47 4.53 19.31 31.82
CA ASN G 47 3.87 18.17 31.21
C ASN G 47 4.60 16.87 31.57
N PRO G 48 3.87 15.78 31.76
CA PRO G 48 4.52 14.52 32.14
C PRO G 48 5.00 13.68 30.95
N ASN G 49 4.56 14.02 29.75
CA ASN G 49 4.93 13.25 28.56
C ASN G 49 6.21 13.81 27.95
N PRO G 50 7.30 13.05 27.90
CA PRO G 50 8.56 13.62 27.39
C PRO G 50 8.52 13.93 25.91
N VAL G 51 7.88 13.09 25.10
CA VAL G 51 7.85 13.33 23.65
C VAL G 51 7.05 14.58 23.34
N LYS G 52 5.92 14.76 24.03
CA LYS G 52 5.14 15.98 23.83
C LYS G 52 5.92 17.22 24.26
N VAL G 53 6.65 17.12 25.37
CA VAL G 53 7.47 18.24 25.82
C VAL G 53 8.52 18.58 24.76
N MET G 54 9.17 17.56 24.20
CA MET G 54 10.18 17.80 23.18
C MET G 54 9.57 18.44 21.94
N LEU G 55 8.39 17.98 21.52
CA LEU G 55 7.75 18.58 20.36
C LEU G 55 7.40 20.04 20.59
N GLU G 56 6.86 20.36 21.77
CA GLU G 56 6.54 21.75 22.07
C GLU G 56 7.80 22.61 22.14
N LEU G 57 8.88 22.07 22.70
CA LEU G 57 10.12 22.83 22.78
C LEU G 57 10.71 23.06 21.39
N LYS G 58 10.60 22.08 20.50
CA LYS G 58 11.04 22.28 19.12
C LYS G 58 10.24 23.37 18.43
N GLU G 59 8.91 23.37 18.64
CA GLU G 59 8.09 24.44 18.08
C GLU G 59 8.48 25.80 18.65
N LEU G 60 8.77 25.86 19.95
CA LEU G 60 9.19 27.11 20.57
C LEU G 60 10.51 27.60 19.99
N LEU G 61 11.45 26.69 19.75
CA LEU G 61 12.72 27.06 19.13
C LEU G 61 12.50 27.62 17.73
N ASP G 62 11.64 26.97 16.94
CA ASP G 62 11.34 27.49 15.61
C ASP G 62 10.72 28.88 15.66
N GLU G 63 9.79 29.10 16.60
CA GLU G 63 9.19 30.42 16.74
C GLU G 63 10.23 31.46 17.15
N ALA G 64 11.16 31.07 18.02
CA ALA G 64 12.22 32.00 18.41
C ALA G 64 13.08 32.38 17.21
N VAL G 65 13.41 31.42 16.36
CA VAL G 65 14.20 31.73 15.17
C VAL G 65 13.42 32.64 14.23
N HIS G 66 12.12 32.40 14.09
CA HIS G 66 11.29 33.29 13.26
C HIS G 66 11.31 34.71 13.80
N GLU G 67 11.18 34.86 15.12
CA GLU G 67 11.24 36.19 15.72
C GLU G 67 12.60 36.84 15.52
N PHE G 68 13.67 36.04 15.61
CA PHE G 68 15.01 36.58 15.45
C PHE G 68 15.23 37.10 14.04
N VAL G 69 14.83 36.32 13.03
CA VAL G 69 15.12 36.67 11.65
C VAL G 69 14.32 37.85 11.15
N LEU G 70 13.32 38.31 11.89
CA LEU G 70 12.44 39.40 11.44
C LEU G 70 12.72 40.72 12.14
N MET G 71 13.53 40.69 13.18
CA MET G 71 13.86 41.89 13.91
C MET G 71 15.33 42.24 13.72
N GLU G 72 15.70 43.44 14.14
CA GLU G 72 17.08 43.90 13.98
C GLU G 72 17.96 43.30 15.08
N VAL G 73 19.15 42.84 14.68
CA VAL G 73 20.10 42.27 15.63
C VAL G 73 21.37 43.09 15.65
N ASN G 74 21.48 44.00 16.61
CA ASN G 74 22.66 44.80 16.81
C ASN G 74 23.51 44.23 17.94
N GLU G 75 24.57 44.94 18.31
CA GLU G 75 25.49 44.45 19.32
C GLU G 75 24.96 44.58 20.74
N GLU G 76 23.82 45.23 20.93
CA GLU G 76 23.24 45.41 22.27
C GLU G 76 22.37 44.23 22.68
N ASN G 77 21.52 43.74 21.79
CA ASN G 77 20.58 42.69 22.11
C ASN G 77 21.07 41.29 21.74
N ARG G 78 22.29 41.16 21.23
CA ARG G 78 22.80 39.86 20.81
C ARG G 78 22.89 38.88 21.99
N GLU G 79 23.34 39.38 23.14
CA GLU G 79 23.46 38.53 24.32
C GLU G 79 22.10 37.99 24.75
N VAL G 80 21.06 38.82 24.69
CA VAL G 80 19.73 38.39 25.10
C VAL G 80 19.22 37.29 24.15
N LEU G 81 19.44 37.45 22.85
CA LEU G 81 18.99 36.44 21.90
C LEU G 81 19.73 35.12 22.11
N ILE G 82 21.03 35.19 22.36
CA ILE G 82 21.79 33.97 22.66
C ILE G 82 21.26 33.32 23.93
N GLU G 83 20.90 34.12 24.93
CA GLU G 83 20.36 33.55 26.17
C GLU G 83 19.01 32.89 25.95
N ILE G 84 18.17 33.47 25.08
CA ILE G 84 16.89 32.85 24.74
C ILE G 84 17.12 31.48 24.11
N LEU G 85 18.02 31.43 23.13
CA LEU G 85 18.32 30.16 22.46
C LEU G 85 18.87 29.14 23.46
N ALA G 86 19.77 29.58 24.33
CA ALA G 86 20.36 28.67 25.31
C ALA G 86 19.32 28.14 26.28
N THR G 87 18.38 28.99 26.71
CA THR G 87 17.34 28.55 27.61
C THR G 87 16.49 27.45 26.98
N ILE G 88 16.04 27.69 25.75
CA ILE G 88 15.19 26.69 25.09
C ILE G 88 15.97 25.40 24.86
N PHE G 89 17.23 25.50 24.44
CA PHE G 89 18.00 24.29 24.15
C PHE G 89 18.33 23.51 25.42
N GLU G 90 18.61 24.19 26.53
CA GLU G 90 18.84 23.48 27.79
C GLU G 90 17.59 22.73 28.23
N ALA G 91 16.43 23.38 28.12
CA ALA G 91 15.19 22.68 28.46
C ALA G 91 14.99 21.45 27.58
N PHE G 92 15.27 21.59 26.28
CA PHE G 92 15.13 20.45 25.38
C PHE G 92 16.08 19.32 25.75
N LEU G 93 17.32 19.65 26.10
CA LEU G 93 18.28 18.60 26.45
C LEU G 93 17.87 17.86 27.71
N HIS G 94 17.35 18.58 28.71
CA HIS G 94 16.84 17.89 29.90
C HIS G 94 15.66 16.99 29.57
N ALA G 95 14.73 17.49 28.76
CA ALA G 95 13.59 16.67 28.37
C ALA G 95 14.03 15.43 27.61
N ALA G 96 15.08 15.56 26.78
CA ALA G 96 15.61 14.39 26.08
C ALA G 96 16.23 13.40 27.06
N ARG G 97 16.92 13.89 28.08
CA ARG G 97 17.43 13.00 29.13
C ARG G 97 16.31 12.30 29.88
N ASP G 98 15.12 12.90 29.93
CA ASP G 98 14.02 12.29 30.68
C ASP G 98 13.70 10.89 30.17
N GLY G 99 13.62 10.70 28.85
CA GLY G 99 13.45 9.37 28.32
C GLY G 99 12.46 9.24 27.17
N GLY G 100 12.26 8.02 26.71
CA GLY G 100 11.37 7.72 25.61
C GLY G 100 11.97 6.67 24.71
N ASN G 101 11.43 6.58 23.49
CA ASN G 101 11.95 5.65 22.50
C ASN G 101 13.26 6.18 21.92
N PRO G 102 14.35 5.43 21.99
CA PRO G 102 15.66 5.99 21.62
C PRO G 102 15.76 6.52 20.20
N LYS G 103 15.17 5.83 19.21
CA LYS G 103 15.28 6.29 17.83
C LYS G 103 14.53 7.61 17.63
N LEU G 104 13.31 7.70 18.14
CA LEU G 104 12.54 8.93 18.04
C LEU G 104 13.23 10.07 18.77
N VAL G 105 13.77 9.79 19.95
CA VAL G 105 14.46 10.81 20.73
C VAL G 105 15.69 11.32 19.98
N LEU G 106 16.46 10.41 19.37
CA LEU G 106 17.65 10.83 18.64
C LEU G 106 17.28 11.67 17.42
N LEU G 107 16.22 11.29 16.69
CA LEU G 107 15.82 12.08 15.54
C LEU G 107 15.35 13.47 15.96
N LEU G 108 14.59 13.56 17.06
CA LEU G 108 14.16 14.87 17.55
C LEU G 108 15.35 15.70 18.02
N LEU G 109 16.35 15.06 18.64
CA LEU G 109 17.56 15.76 19.06
C LEU G 109 18.28 16.36 17.85
N LEU G 110 18.39 15.58 16.77
CA LEU G 110 19.07 16.11 15.58
C LEU G 110 18.29 17.26 14.97
N GLU G 111 16.97 17.17 14.90
CA GLU G 111 16.17 18.26 14.38
C GLU G 111 16.34 19.53 15.22
N ALA G 112 16.28 19.37 16.54
CA ALA G 112 16.45 20.53 17.43
C ALA G 112 17.83 21.14 17.30
N PHE G 113 18.86 20.30 17.15
CA PHE G 113 20.22 20.81 16.97
C PHE G 113 20.35 21.60 15.67
N GLU G 114 19.72 21.12 14.60
CA GLU G 114 19.76 21.87 13.35
C GLU G 114 19.08 23.23 13.49
N THR G 115 17.91 23.26 14.15
CA THR G 115 17.24 24.54 14.37
C THR G 115 18.10 25.48 15.22
N PHE G 116 18.75 24.93 16.24
CA PHE G 116 19.61 25.73 17.10
C PHE G 116 20.78 26.32 16.32
N VAL G 117 21.39 25.52 15.44
CA VAL G 117 22.50 26.00 14.63
C VAL G 117 22.04 27.10 13.69
N ARG G 118 20.85 26.95 13.11
CA ARG G 118 20.31 28.02 12.26
C ARG G 118 20.09 29.30 13.06
N GLY G 119 19.56 29.19 14.27
CA GLY G 119 19.37 30.37 15.10
C GLY G 119 20.67 31.05 15.45
N VAL G 120 21.70 30.26 15.79
CA VAL G 120 23.01 30.84 16.11
C VAL G 120 23.60 31.51 14.88
N GLU G 121 23.42 30.90 13.70
CA GLU G 121 23.90 31.51 12.48
C GLU G 121 23.22 32.85 12.22
N VAL G 122 21.91 32.91 12.45
CA VAL G 122 21.17 34.16 12.24
C VAL G 122 21.66 35.23 13.21
N VAL G 123 21.78 34.88 14.49
CA VAL G 123 22.15 35.87 15.49
C VAL G 123 23.64 36.21 15.40
N GLY G 124 24.49 35.20 15.34
CA GLY G 124 25.93 35.43 15.36
C GLY G 124 26.48 35.51 16.76
N VAL G 125 27.75 35.12 16.89
CA VAL G 125 28.44 35.09 18.18
C VAL G 125 29.66 35.98 18.07
N THR G 126 29.76 36.96 18.97
CA THR G 126 30.85 37.92 18.94
C THR G 126 31.71 37.86 20.20
N SER G 127 31.12 38.00 21.39
CA SER G 127 31.89 38.06 22.62
C SER G 127 32.28 36.66 23.08
N GLU G 128 33.04 36.63 24.18
CA GLU G 128 33.49 35.35 24.73
C GLU G 128 32.39 34.63 25.50
N ARG G 129 31.49 35.37 26.15
CA ARG G 129 30.42 34.74 26.91
C ARG G 129 29.51 33.92 26.00
N GLU G 130 29.14 34.48 24.85
CA GLU G 130 28.27 33.75 23.92
C GLU G 130 28.97 32.51 23.38
N LEU G 131 30.27 32.62 23.07
CA LEU G 131 31.02 31.47 22.61
C LEU G 131 31.06 30.38 23.67
N ARG G 132 31.32 30.76 24.92
CA ARG G 132 31.33 29.77 26.00
C ARG G 132 29.96 29.12 26.15
N LEU G 133 28.89 29.91 26.06
CA LEU G 133 27.55 29.36 26.20
C LEU G 133 27.25 28.34 25.11
N VAL G 134 27.52 28.69 23.85
CA VAL G 134 27.19 27.78 22.75
C VAL G 134 28.07 26.54 22.80
N LEU G 135 29.34 26.69 23.20
CA LEU G 135 30.21 25.51 23.26
C LEU G 135 29.79 24.57 24.39
N GLU G 136 29.38 25.12 25.53
CA GLU G 136 28.85 24.28 26.60
C GLU G 136 27.60 23.55 26.15
N LEU G 137 26.73 24.24 25.40
CA LEU G 137 25.54 23.58 24.87
C LEU G 137 25.91 22.44 23.93
N LEU G 138 26.94 22.65 23.10
CA LEU G 138 27.39 21.59 22.20
C LEU G 138 27.89 20.38 22.97
N VAL G 139 28.68 20.62 24.03
CA VAL G 139 29.22 19.51 24.80
C VAL G 139 28.10 18.73 25.49
N GLU G 140 27.14 19.44 26.07
CA GLU G 140 25.99 18.76 26.69
C GLU G 140 25.19 17.97 25.67
N PHE G 141 25.03 18.53 24.47
CA PHE G 141 24.29 17.82 23.42
C PHE G 141 24.99 16.53 23.03
N VAL G 142 26.32 16.56 22.90
CA VAL G 142 27.06 15.35 22.54
C VAL G 142 26.94 14.31 23.64
N HIS G 143 27.05 14.74 24.91
CA HIS G 143 26.92 13.80 26.02
C HIS G 143 25.55 13.15 26.05
N VAL G 144 24.49 13.94 25.88
CA VAL G 144 23.14 13.40 25.90
C VAL G 144 22.92 12.44 24.72
N PHE G 145 23.43 12.79 23.54
CA PHE G 145 23.30 11.93 22.38
C PHE G 145 23.95 10.58 22.62
N ILE G 146 25.16 10.58 23.17
CA ILE G 146 25.85 9.32 23.43
C ILE G 146 25.10 8.50 24.48
N LEU G 147 24.62 9.17 25.53
CA LEU G 147 23.88 8.47 26.58
C LEU G 147 22.62 7.80 26.03
N ILE G 148 21.88 8.51 25.17
CA ILE G 148 20.66 7.94 24.62
C ILE G 148 20.98 6.79 23.66
N SER G 149 21.99 6.97 22.81
CA SER G 149 22.30 5.95 21.82
C SER G 149 23.06 4.75 22.38
N ARG G 150 23.45 4.80 23.66
CA ARG G 150 24.12 3.65 24.27
C ARG G 150 23.33 2.35 24.14
N LEU G 151 22.00 2.43 24.08
CA LEU G 151 21.14 1.26 24.20
C LEU G 151 20.74 0.65 22.86
N LEU G 152 21.23 1.16 21.74
CA LEU G 152 20.91 0.57 20.45
C LEU G 152 21.82 -0.63 20.16
N GLU G 153 21.55 -1.29 19.05
CA GLU G 153 22.42 -2.34 18.54
C GLU G 153 23.63 -1.73 17.85
N PRO G 154 24.73 -2.49 17.73
CA PRO G 154 25.98 -1.90 17.22
C PRO G 154 25.86 -1.26 15.84
N ARG G 155 25.11 -1.84 14.91
CA ARG G 155 24.99 -1.26 13.58
C ARG G 155 24.19 0.04 13.62
N GLU G 156 23.04 0.03 14.30
CA GLU G 156 22.29 1.26 14.49
C GLU G 156 23.07 2.29 15.29
N PHE G 157 23.89 1.82 16.23
CA PHE G 157 24.75 2.72 17.00
C PHE G 157 25.75 3.42 16.08
N ILE G 158 26.36 2.69 15.15
CA ILE G 158 27.34 3.30 14.26
C ILE G 158 26.66 4.27 13.29
N ALA G 159 25.46 3.92 12.83
CA ALA G 159 24.70 4.85 11.99
C ALA G 159 24.40 6.15 12.74
N SER G 160 23.99 6.02 14.01
CA SER G 160 23.72 7.21 14.82
C SER G 160 24.97 8.04 15.03
N MET G 161 26.11 7.38 15.22
CA MET G 161 27.38 8.10 15.36
C MET G 161 27.73 8.86 14.09
N LEU G 162 27.47 8.27 12.93
CA LEU G 162 27.73 8.99 11.68
C LEU G 162 26.85 10.23 11.57
N GLU G 163 25.57 10.10 11.93
CA GLU G 163 24.69 11.27 11.92
C GLU G 163 25.19 12.35 12.88
N LEU G 164 25.63 11.95 14.06
CA LEU G 164 26.16 12.91 15.03
C LEU G 164 27.41 13.61 14.49
N LEU G 165 28.28 12.87 13.81
CA LEU G 165 29.47 13.48 13.22
C LEU G 165 29.11 14.52 12.18
N ARG G 166 28.11 14.22 11.33
CA ARG G 166 27.68 15.21 10.35
C ARG G 166 27.12 16.46 11.03
N ALA G 167 26.32 16.27 12.09
CA ALA G 167 25.78 17.43 12.81
C ALA G 167 26.89 18.28 13.41
N ILE G 168 27.90 17.64 14.01
CA ILE G 168 29.01 18.38 14.61
C ILE G 168 29.79 19.14 13.54
N GLU G 169 30.01 18.51 12.39
CA GLU G 169 30.71 19.18 11.30
C GLU G 169 29.95 20.43 10.85
N ARG G 170 28.63 20.31 10.70
CA ARG G 170 27.83 21.48 10.31
C ARG G 170 27.93 22.58 11.36
N PHE G 171 27.84 22.22 12.64
CA PHE G 171 27.93 23.21 13.70
C PHE G 171 29.25 23.95 13.65
N PHE G 172 30.37 23.22 13.53
CA PHE G 172 31.67 23.87 13.54
C PHE G 172 31.97 24.61 12.25
N GLU G 173 31.28 24.27 11.16
CA GLU G 173 31.40 25.09 9.96
C GLU G 173 30.65 26.42 10.09
N VAL G 174 29.47 26.39 10.72
CA VAL G 174 28.71 27.63 10.87
C VAL G 174 29.43 28.60 11.81
N LEU G 175 29.94 28.10 12.94
CA LEU G 175 30.46 28.96 13.99
C LEU G 175 31.74 29.67 13.57
N LYS G 176 31.92 30.89 14.08
CA LYS G 176 33.11 31.69 13.85
C LYS G 176 33.66 32.16 15.18
N GLY G 177 34.99 32.18 15.29
CA GLY G 177 35.62 32.58 16.54
C GLY G 177 37.10 32.28 16.51
N ASN G 178 37.68 32.14 17.70
CA ASN G 178 39.10 31.84 17.82
C ASN G 178 39.37 30.41 17.35
N PRO G 179 40.24 30.21 16.35
CA PRO G 179 40.43 28.85 15.81
C PRO G 179 40.99 27.86 16.82
N GLU G 180 41.86 28.29 17.74
CA GLU G 180 42.54 27.35 18.62
C GLU G 180 41.59 26.75 19.64
N ARG G 181 40.79 27.59 20.29
CA ARG G 181 39.83 27.08 21.27
C ARG G 181 38.78 26.20 20.61
N LEU G 182 38.33 26.59 19.42
CA LEU G 182 37.36 25.78 18.69
C LEU G 182 37.96 24.42 18.33
N LEU G 183 39.22 24.41 17.89
CA LEU G 183 39.87 23.14 17.56
C LEU G 183 40.03 22.26 18.79
N ALA G 184 40.35 22.85 19.95
CA ALA G 184 40.46 22.08 21.17
C ALA G 184 39.11 21.45 21.56
N VAL G 185 38.03 22.24 21.48
CA VAL G 185 36.70 21.70 21.79
C VAL G 185 36.33 20.59 20.83
N PHE G 186 36.61 20.78 19.54
CA PHE G 186 36.30 19.77 18.53
C PHE G 186 37.06 18.47 18.80
N GLU G 187 38.35 18.57 19.12
CA GLU G 187 39.13 17.38 19.40
C GLU G 187 38.62 16.66 20.64
N GLU G 188 38.22 17.41 21.67
CA GLU G 188 37.73 16.77 22.89
C GLU G 188 36.41 16.03 22.64
N VAL G 189 35.48 16.64 21.91
CA VAL G 189 34.23 15.93 21.65
C VAL G 189 34.48 14.73 20.74
N LEU G 190 35.44 14.84 19.82
CA LEU G 190 35.80 13.68 19.00
C LEU G 190 36.35 12.55 19.85
N GLU G 191 37.15 12.89 20.87
CA GLU G 191 37.66 11.87 21.77
C GLU G 191 36.53 11.17 22.51
N ASP G 192 35.54 11.95 22.96
CA ASP G 192 34.40 11.33 23.64
C ASP G 192 33.66 10.35 22.73
N ILE G 193 33.40 10.76 21.48
CA ILE G 193 32.70 9.88 20.55
C ILE G 193 33.52 8.63 20.27
N GLU G 194 34.84 8.80 20.08
CA GLU G 194 35.69 7.65 19.79
C GLU G 194 35.72 6.67 20.95
N GLU G 195 35.80 7.16 22.18
CA GLU G 195 35.76 6.27 23.33
C GLU G 195 34.45 5.52 23.40
N ALA G 196 33.32 6.20 23.15
CA ALA G 196 32.04 5.52 23.17
C ALA G 196 31.97 4.41 22.12
N VAL G 197 32.43 4.70 20.91
CA VAL G 197 32.39 3.69 19.84
C VAL G 197 33.26 2.50 20.19
N LEU G 198 34.47 2.76 20.69
CA LEU G 198 35.39 1.68 21.03
C LEU G 198 34.80 0.79 22.13
N LYS G 199 34.20 1.40 23.15
CA LYS G 199 33.59 0.60 24.21
C LYS G 199 32.42 -0.22 23.68
N LYS G 200 31.59 0.36 22.82
CA LYS G 200 30.40 -0.35 22.36
C LYS G 200 30.75 -1.49 21.41
N LEU G 201 31.81 -1.35 20.61
CA LEU G 201 32.09 -2.34 19.58
C LEU G 201 32.71 -3.63 20.10
N THR G 202 32.75 -3.85 21.40
CA THR G 202 33.29 -5.09 21.94
C THR G 202 32.24 -6.18 22.09
N GLU G 203 31.00 -5.92 21.67
CA GLU G 203 29.91 -6.88 21.81
C GLU G 203 29.70 -7.74 20.57
N VAL G 204 30.53 -7.58 19.54
CA VAL G 204 30.35 -8.29 18.27
C VAL G 204 31.63 -9.02 17.91
N ASN G 205 31.55 -9.81 16.83
CA ASN G 205 32.67 -10.59 16.35
C ASN G 205 33.76 -9.67 15.77
N PRO G 206 35.00 -10.15 15.72
CA PRO G 206 36.09 -9.31 15.19
C PRO G 206 35.88 -8.84 13.76
N GLU G 207 35.22 -9.63 12.91
CA GLU G 207 34.99 -9.19 11.54
C GLU G 207 34.02 -8.01 11.49
N THR G 208 32.93 -8.09 12.27
CA THR G 208 32.01 -6.96 12.36
C THR G 208 32.70 -5.76 12.98
N GLN G 209 33.59 -5.99 13.96
CA GLN G 209 34.36 -4.91 14.53
C GLN G 209 35.19 -4.22 13.46
N VAL G 210 35.86 -5.00 12.62
CA VAL G 210 36.69 -4.40 11.56
C VAL G 210 35.83 -3.57 10.61
N LEU G 211 34.70 -4.12 10.19
CA LEU G 211 33.83 -3.39 9.26
C LEU G 211 33.35 -2.06 9.86
N LEU G 212 32.81 -2.13 11.08
CA LEU G 212 32.24 -0.93 11.69
C LEU G 212 33.33 0.09 12.04
N LEU G 213 34.48 -0.38 12.50
CA LEU G 213 35.58 0.53 12.79
C LEU G 213 36.08 1.22 11.54
N GLU G 214 36.15 0.49 10.42
CA GLU G 214 36.55 1.12 9.16
C GLU G 214 35.57 2.22 8.76
N ALA G 215 34.27 1.93 8.84
CA ALA G 215 33.28 2.95 8.50
C ALA G 215 33.42 4.18 9.39
N PHE G 216 33.50 3.96 10.71
CA PHE G 216 33.59 5.08 11.64
C PHE G 216 34.83 5.91 11.40
N TYR G 217 35.98 5.26 11.20
CA TYR G 217 37.23 6.00 11.06
C TYR G 217 37.29 6.75 9.73
N GLU G 218 36.73 6.18 8.65
CA GLU G 218 36.66 6.93 7.40
C GLU G 218 35.85 8.20 7.58
N LYS G 219 34.67 8.08 8.21
CA LYS G 219 33.84 9.28 8.42
C LYS G 219 34.55 10.30 9.31
N LYS G 220 35.22 9.82 10.36
CA LYS G 220 35.90 10.73 11.28
C LYS G 220 37.02 11.49 10.57
N LYS G 221 37.80 10.79 9.73
CA LYS G 221 38.86 11.46 8.99
C LYS G 221 38.29 12.51 8.05
N ASP G 222 37.19 12.18 7.36
CA ASP G 222 36.58 13.16 6.46
C ASP G 222 36.12 14.40 7.21
N VAL G 223 35.44 14.22 8.35
CA VAL G 223 34.95 15.40 9.07
C VAL G 223 36.10 16.19 9.67
N VAL G 224 37.19 15.52 10.07
CA VAL G 224 38.35 16.26 10.56
C VAL G 224 38.93 17.13 9.47
N GLU G 225 39.07 16.59 8.26
CA GLU G 225 39.58 17.38 7.14
C GLU G 225 38.68 18.58 6.86
N HIS G 226 37.36 18.36 6.82
CA HIS G 226 36.44 19.45 6.55
C HIS G 226 36.52 20.54 7.61
N VAL G 227 36.55 20.15 8.89
CA VAL G 227 36.57 21.13 9.96
C VAL G 227 37.90 21.90 9.96
N ARG G 228 39.01 21.21 9.72
CA ARG G 228 40.29 21.91 9.68
C ARG G 228 40.36 22.87 8.50
N LYS G 229 39.75 22.51 7.36
CA LYS G 229 39.67 23.47 6.25
C LYS G 229 38.83 24.67 6.63
N ALA G 230 37.70 24.46 7.30
CA ALA G 230 36.79 25.56 7.58
C ALA G 230 37.34 26.50 8.64
N LEU G 231 37.96 25.96 9.69
CA LEU G 231 38.43 26.80 10.79
C LEU G 231 39.62 27.64 10.38
N PHE G 232 40.60 27.03 9.74
CA PHE G 232 41.79 27.75 9.29
C PHE G 232 41.66 28.17 7.84
N SER H 25 -11.00 -10.03 -69.08
CA SER H 25 -10.53 -11.19 -68.33
C SER H 25 -10.51 -10.89 -66.83
N PRO H 26 -10.94 -11.86 -66.03
CA PRO H 26 -11.00 -11.66 -64.57
C PRO H 26 -9.63 -11.49 -63.95
N LEU H 27 -8.68 -12.34 -64.35
CA LEU H 27 -7.35 -12.32 -63.75
C LEU H 27 -6.62 -11.02 -64.04
N GLU H 28 -6.69 -10.54 -65.28
CA GLU H 28 -6.00 -9.30 -65.63
C GLU H 28 -6.59 -8.11 -64.89
N GLU H 29 -7.92 -8.06 -64.79
CA GLU H 29 -8.56 -6.98 -64.05
C GLU H 29 -8.20 -7.04 -62.57
N ALA H 30 -8.12 -8.26 -62.01
CA ALA H 30 -7.72 -8.40 -60.62
C ALA H 30 -6.28 -7.92 -60.40
N LYS H 31 -5.38 -8.24 -61.33
CA LYS H 31 -4.00 -7.78 -61.19
C LYS H 31 -3.90 -6.26 -61.33
N ARG H 32 -4.67 -5.67 -62.24
CA ARG H 32 -4.69 -4.22 -62.36
C ARG H 32 -5.21 -3.59 -61.08
N LEU H 33 -6.25 -4.18 -60.48
CA LEU H 33 -6.75 -3.69 -59.21
C LEU H 33 -5.70 -3.81 -58.11
N LEU H 34 -4.94 -4.90 -58.10
CA LEU H 34 -3.89 -5.07 -57.12
C LEU H 34 -2.83 -3.98 -57.24
N GLU H 35 -2.42 -3.70 -58.48
CA GLU H 35 -1.42 -2.64 -58.69
C GLU H 35 -1.95 -1.27 -58.26
N LYS H 36 -3.21 -0.98 -58.61
CA LYS H 36 -3.80 0.30 -58.21
C LYS H 36 -3.88 0.42 -56.69
N VAL H 37 -4.28 -0.66 -56.02
CA VAL H 37 -4.40 -0.63 -54.57
C VAL H 37 -3.03 -0.46 -53.92
N LYS H 38 -2.01 -1.14 -54.44
CA LYS H 38 -0.66 -0.97 -53.90
C LYS H 38 -0.19 0.47 -54.03
N LYS H 39 -0.42 1.07 -55.20
CA LYS H 39 -0.03 2.47 -55.40
C LYS H 39 -0.76 3.38 -54.44
N ARG H 40 -2.08 3.16 -54.26
CA ARG H 40 -2.86 3.99 -53.37
C ARG H 40 -2.39 3.86 -51.93
N VAL H 41 -2.07 2.64 -51.50
CA VAL H 41 -1.60 2.43 -50.13
C VAL H 41 -0.27 3.12 -49.90
N GLU H 42 0.65 3.00 -50.88
CA GLU H 42 1.93 3.70 -50.76
C GLU H 42 1.73 5.20 -50.67
N GLU H 43 0.80 5.74 -51.47
CA GLU H 43 0.53 7.17 -51.41
C GLU H 43 -0.06 7.59 -50.06
N ILE H 44 -0.99 6.79 -49.53
CA ILE H 44 -1.66 7.15 -48.29
C ILE H 44 -0.70 7.09 -47.11
N MET H 45 0.16 6.07 -47.06
CA MET H 45 0.99 5.85 -45.88
C MET H 45 1.97 6.99 -45.63
N LYS H 46 2.21 7.85 -46.61
CA LYS H 46 3.13 8.97 -46.45
C LYS H 46 2.59 10.07 -45.54
N ASN H 47 1.30 10.06 -45.24
CA ASN H 47 0.71 11.10 -44.39
C ASN H 47 1.21 10.96 -42.96
N PRO H 48 1.41 12.07 -42.24
CA PRO H 48 1.90 11.99 -40.86
C PRO H 48 0.79 11.81 -39.83
N ASN H 49 -0.46 12.06 -40.21
CA ASN H 49 -1.57 11.97 -39.28
C ASN H 49 -2.09 10.54 -39.24
N PRO H 50 -2.01 9.84 -38.11
CA PRO H 50 -2.45 8.42 -38.11
C PRO H 50 -3.94 8.24 -38.27
N VAL H 51 -4.75 9.11 -37.68
CA VAL H 51 -6.20 8.96 -37.78
C VAL H 51 -6.68 9.18 -39.21
N LYS H 52 -6.12 10.18 -39.89
CA LYS H 52 -6.46 10.40 -41.28
C LYS H 52 -6.03 9.22 -42.15
N VAL H 53 -4.86 8.66 -41.87
CA VAL H 53 -4.40 7.47 -42.59
C VAL H 53 -5.38 6.33 -42.40
N MET H 54 -5.83 6.12 -41.17
CA MET H 54 -6.78 5.04 -40.89
C MET H 54 -8.11 5.28 -41.62
N LEU H 55 -8.56 6.53 -41.67
CA LEU H 55 -9.81 6.82 -42.36
C LEU H 55 -9.71 6.55 -43.86
N GLU H 56 -8.60 6.98 -44.48
CA GLU H 56 -8.42 6.69 -45.90
C GLU H 56 -8.29 5.19 -46.16
N LEU H 57 -7.62 4.47 -45.27
CA LEU H 57 -7.49 3.02 -45.45
C LEU H 57 -8.84 2.33 -45.32
N LYS H 58 -9.68 2.79 -44.40
CA LYS H 58 -11.03 2.23 -44.27
C LYS H 58 -11.83 2.49 -45.54
N GLU H 59 -11.74 3.70 -46.09
CA GLU H 59 -12.43 4.00 -47.34
C GLU H 59 -11.92 3.09 -48.48
N LEU H 60 -10.61 2.87 -48.53
CA LEU H 60 -10.04 2.03 -49.57
C LEU H 60 -10.50 0.59 -49.43
N LEU H 61 -10.58 0.07 -48.20
CA LEU H 61 -11.09 -1.27 -47.98
C LEU H 61 -12.54 -1.40 -48.42
N ASP H 62 -13.37 -0.40 -48.09
CA ASP H 62 -14.76 -0.42 -48.55
C ASP H 62 -14.84 -0.41 -50.07
N GLU H 63 -14.02 0.41 -50.73
CA GLU H 63 -14.02 0.44 -52.19
C GLU H 63 -13.59 -0.90 -52.77
N ALA H 64 -12.62 -1.55 -52.14
CA ALA H 64 -12.20 -2.88 -52.60
C ALA H 64 -13.32 -3.89 -52.50
N VAL H 65 -14.10 -3.85 -51.41
CA VAL H 65 -15.23 -4.76 -51.28
C VAL H 65 -16.28 -4.47 -52.35
N HIS H 66 -16.55 -3.17 -52.59
CA HIS H 66 -17.48 -2.80 -53.65
C HIS H 66 -17.02 -3.36 -55.00
N GLU H 67 -15.73 -3.25 -55.29
CA GLU H 67 -15.21 -3.81 -56.54
C GLU H 67 -15.34 -5.32 -56.56
N PHE H 68 -15.15 -5.98 -55.42
CA PHE H 68 -15.25 -7.43 -55.36
C PHE H 68 -16.64 -7.91 -55.69
N VAL H 69 -17.68 -7.28 -55.13
CA VAL H 69 -19.04 -7.73 -55.40
C VAL H 69 -19.51 -7.40 -56.81
N LEU H 70 -18.74 -6.59 -57.55
CA LEU H 70 -19.12 -6.16 -58.89
C LEU H 70 -18.45 -6.95 -60.00
N MET H 71 -17.65 -7.96 -59.66
CA MET H 71 -16.91 -8.73 -60.63
C MET H 71 -17.04 -10.21 -60.32
N GLU H 72 -16.72 -11.04 -61.31
CA GLU H 72 -16.81 -12.49 -61.15
C GLU H 72 -15.62 -12.99 -60.35
N VAL H 73 -15.88 -13.89 -59.39
CA VAL H 73 -14.83 -14.46 -58.57
C VAL H 73 -14.76 -15.96 -58.81
N ASN H 74 -13.88 -16.37 -59.71
CA ASN H 74 -13.62 -17.77 -59.98
C ASN H 74 -12.40 -18.23 -59.18
N GLU H 75 -11.91 -19.43 -59.47
CA GLU H 75 -10.78 -19.99 -58.75
C GLU H 75 -9.45 -19.43 -59.22
N GLU H 76 -9.43 -18.60 -60.26
CA GLU H 76 -8.19 -18.04 -60.77
C GLU H 76 -7.78 -16.76 -60.05
N ASN H 77 -8.70 -15.83 -59.88
CA ASN H 77 -8.41 -14.52 -59.33
C ASN H 77 -8.65 -14.43 -57.83
N ARG H 78 -9.05 -15.52 -57.18
CA ARG H 78 -9.35 -15.48 -55.75
C ARG H 78 -8.12 -15.13 -54.93
N GLU H 79 -6.96 -15.69 -55.29
CA GLU H 79 -5.73 -15.39 -54.57
C GLU H 79 -5.37 -13.91 -54.64
N VAL H 80 -5.56 -13.30 -55.81
CA VAL H 80 -5.23 -11.88 -55.97
C VAL H 80 -6.13 -11.02 -55.10
N LEU H 81 -7.43 -11.34 -55.05
CA LEU H 81 -8.34 -10.58 -54.20
C LEU H 81 -7.99 -10.72 -52.73
N ILE H 82 -7.64 -11.94 -52.30
CA ILE H 82 -7.22 -12.13 -50.92
C ILE H 82 -5.95 -11.33 -50.63
N GLU H 83 -5.03 -11.27 -51.60
CA GLU H 83 -3.81 -10.49 -51.41
C GLU H 83 -4.10 -9.01 -51.31
N ILE H 84 -5.06 -8.51 -52.09
CA ILE H 84 -5.46 -7.11 -51.99
C ILE H 84 -5.98 -6.79 -50.60
N LEU H 85 -6.88 -7.65 -50.11
CA LEU H 85 -7.44 -7.45 -48.77
C LEU H 85 -6.35 -7.48 -47.71
N ALA H 86 -5.42 -8.44 -47.82
CA ALA H 86 -4.34 -8.54 -46.86
C ALA H 86 -3.45 -7.32 -46.88
N THR H 87 -3.15 -6.79 -48.08
CA THR H 87 -2.33 -5.59 -48.19
C THR H 87 -2.97 -4.42 -47.45
N ILE H 88 -4.25 -4.16 -47.74
CA ILE H 88 -4.91 -3.02 -47.11
C ILE H 88 -5.00 -3.21 -45.60
N PHE H 89 -5.31 -4.43 -45.15
CA PHE H 89 -5.47 -4.65 -43.72
C PHE H 89 -4.14 -4.58 -42.97
N GLU H 90 -3.05 -5.04 -43.58
CA GLU H 90 -1.74 -4.89 -42.96
C GLU H 90 -1.37 -3.42 -42.82
N ALA H 91 -1.62 -2.63 -43.86
CA ALA H 91 -1.36 -1.19 -43.75
C ALA H 91 -2.19 -0.58 -42.63
N PHE H 92 -3.46 -0.98 -42.52
CA PHE H 92 -4.31 -0.44 -41.45
C PHE H 92 -3.80 -0.83 -40.07
N LEU H 93 -3.34 -2.07 -39.90
CA LEU H 93 -2.85 -2.50 -38.60
C LEU H 93 -1.59 -1.73 -38.20
N HIS H 94 -0.68 -1.51 -39.16
CA HIS H 94 0.49 -0.70 -38.85
C HIS H 94 0.12 0.72 -38.48
N ALA H 95 -0.82 1.33 -39.23
CA ALA H 95 -1.26 2.68 -38.91
C ALA H 95 -1.90 2.74 -37.53
N ALA H 96 -2.64 1.70 -37.15
CA ALA H 96 -3.22 1.64 -35.82
C ALA H 96 -2.14 1.56 -34.75
N ARG H 97 -1.10 0.75 -34.99
CA ARG H 97 0.03 0.72 -34.06
C ARG H 97 0.73 2.05 -33.94
N ASP H 98 0.65 2.90 -34.98
CA ASP H 98 1.35 4.18 -34.93
C ASP H 98 0.88 5.04 -33.77
N GLY H 99 -0.42 5.12 -33.54
CA GLY H 99 -0.91 5.81 -32.36
C GLY H 99 -2.15 6.66 -32.54
N GLY H 100 -2.56 7.34 -31.47
CA GLY H 100 -3.73 8.18 -31.46
C GLY H 100 -4.50 8.01 -30.16
N ASN H 101 -5.74 8.49 -30.16
CA ASN H 101 -6.63 8.34 -29.01
C ASN H 101 -7.10 6.90 -28.92
N PRO H 102 -6.91 6.22 -27.78
CA PRO H 102 -7.21 4.78 -27.73
C PRO H 102 -8.65 4.41 -28.07
N LYS H 103 -9.64 5.17 -27.60
CA LYS H 103 -11.03 4.80 -27.88
C LYS H 103 -11.36 4.92 -29.36
N LEU H 104 -10.96 6.03 -29.97
CA LEU H 104 -11.19 6.23 -31.41
C LEU H 104 -10.47 5.18 -32.22
N VAL H 105 -9.22 4.87 -31.85
CA VAL H 105 -8.44 3.89 -32.59
C VAL H 105 -9.07 2.51 -32.48
N LEU H 106 -9.53 2.14 -31.29
CA LEU H 106 -10.17 0.84 -31.11
C LEU H 106 -11.46 0.73 -31.90
N LEU H 107 -12.27 1.79 -31.91
CA LEU H 107 -13.51 1.75 -32.66
C LEU H 107 -13.25 1.65 -34.17
N LEU H 108 -12.27 2.40 -34.67
CA LEU H 108 -11.88 2.28 -36.07
C LEU H 108 -11.37 0.89 -36.38
N LEU H 109 -10.61 0.29 -35.46
CA LEU H 109 -10.11 -1.06 -35.65
C LEU H 109 -11.26 -2.05 -35.79
N LEU H 110 -12.28 -1.91 -34.95
CA LEU H 110 -13.43 -2.81 -35.04
C LEU H 110 -14.15 -2.66 -36.38
N GLU H 111 -14.38 -1.43 -36.83
CA GLU H 111 -15.05 -1.24 -38.12
C GLU H 111 -14.22 -1.81 -39.25
N ALA H 112 -12.90 -1.59 -39.23
CA ALA H 112 -12.04 -2.13 -40.28
C ALA H 112 -12.07 -3.65 -40.28
N PHE H 113 -12.07 -4.27 -39.10
CA PHE H 113 -12.13 -5.72 -39.03
C PHE H 113 -13.45 -6.25 -39.60
N GLU H 114 -14.56 -5.56 -39.30
CA GLU H 114 -15.84 -6.02 -39.83
C GLU H 114 -15.87 -5.90 -41.36
N THR H 115 -15.30 -4.83 -41.91
CA THR H 115 -15.23 -4.71 -43.37
C THR H 115 -14.35 -5.81 -43.97
N PHE H 116 -13.23 -6.12 -43.31
CA PHE H 116 -12.36 -7.19 -43.78
C PHE H 116 -13.09 -8.54 -43.76
N VAL H 117 -13.89 -8.79 -42.72
CA VAL H 117 -14.65 -10.03 -42.64
C VAL H 117 -15.67 -10.10 -43.76
N ARG H 118 -16.34 -8.99 -44.06
CA ARG H 118 -17.28 -8.98 -45.17
C ARG H 118 -16.58 -9.26 -46.50
N GLY H 119 -15.40 -8.68 -46.70
CA GLY H 119 -14.64 -8.95 -47.91
C GLY H 119 -14.25 -10.41 -48.04
N VAL H 120 -13.79 -11.01 -46.94
CA VAL H 120 -13.43 -12.42 -46.96
C VAL H 120 -14.65 -13.29 -47.24
N GLU H 121 -15.80 -12.92 -46.67
CA GLU H 121 -17.02 -13.66 -46.96
C GLU H 121 -17.39 -13.58 -48.44
N VAL H 122 -17.26 -12.40 -49.03
CA VAL H 122 -17.60 -12.24 -50.44
C VAL H 122 -16.65 -13.06 -51.32
N VAL H 123 -15.35 -12.95 -51.05
CA VAL H 123 -14.37 -13.62 -51.91
C VAL H 123 -14.35 -15.12 -51.63
N GLY H 124 -14.30 -15.50 -50.37
CA GLY H 124 -14.18 -16.91 -50.02
C GLY H 124 -12.73 -17.36 -49.95
N VAL H 125 -12.49 -18.36 -49.11
CA VAL H 125 -11.15 -18.90 -48.88
C VAL H 125 -11.19 -20.39 -49.18
N THR H 126 -10.38 -20.83 -50.13
CA THR H 126 -10.36 -22.22 -50.55
C THR H 126 -9.02 -22.90 -50.31
N SER H 127 -7.92 -22.32 -50.79
CA SER H 127 -6.62 -22.95 -50.67
C SER H 127 -6.06 -22.74 -49.26
N GLU H 128 -4.92 -23.40 -49.00
CA GLU H 128 -4.28 -23.28 -47.70
C GLU H 128 -3.55 -21.97 -47.52
N ARG H 129 -3.01 -21.40 -48.60
CA ARG H 129 -2.27 -20.14 -48.48
C ARG H 129 -3.19 -19.00 -48.05
N GLU H 130 -4.40 -18.94 -48.62
CA GLU H 130 -5.35 -17.90 -48.23
C GLU H 130 -5.77 -18.06 -46.77
N LEU H 131 -5.99 -19.30 -46.34
CA LEU H 131 -6.32 -19.55 -44.94
C LEU H 131 -5.20 -19.10 -44.03
N ARG H 132 -3.96 -19.43 -44.38
CA ARG H 132 -2.82 -18.99 -43.57
C ARG H 132 -2.75 -17.48 -43.51
N LEU H 133 -2.97 -16.81 -44.64
CA LEU H 133 -2.91 -15.35 -44.69
C LEU H 133 -3.95 -14.73 -43.77
N VAL H 134 -5.21 -15.19 -43.87
CA VAL H 134 -6.26 -14.58 -43.08
C VAL H 134 -6.08 -14.89 -41.59
N LEU H 135 -5.60 -16.09 -41.26
CA LEU H 135 -5.39 -16.42 -39.85
C LEU H 135 -4.25 -15.62 -39.25
N GLU H 136 -3.17 -15.40 -40.01
CA GLU H 136 -2.09 -14.53 -39.55
C GLU H 136 -2.61 -13.11 -39.33
N LEU H 137 -3.46 -12.64 -40.25
CA LEU H 137 -4.04 -11.31 -40.08
C LEU H 137 -4.88 -11.23 -38.81
N LEU H 138 -5.66 -12.28 -38.51
CA LEU H 138 -6.45 -12.29 -37.29
C LEU H 138 -5.57 -12.25 -36.04
N VAL H 139 -4.48 -13.02 -36.04
CA VAL H 139 -3.58 -13.00 -34.89
C VAL H 139 -2.98 -11.61 -34.69
N GLU H 140 -2.54 -10.98 -35.79
CA GLU H 140 -1.98 -9.64 -35.69
C GLU H 140 -3.02 -8.65 -35.19
N PHE H 141 -4.26 -8.78 -35.66
CA PHE H 141 -5.33 -7.89 -35.22
C PHE H 141 -5.56 -8.01 -33.71
N VAL H 142 -5.59 -9.24 -33.20
CA VAL H 142 -5.80 -9.42 -31.76
C VAL H 142 -4.66 -8.83 -30.97
N HIS H 143 -3.42 -9.06 -31.42
CA HIS H 143 -2.27 -8.50 -30.72
C HIS H 143 -2.32 -6.97 -30.69
N VAL H 144 -2.63 -6.34 -31.82
CA VAL H 144 -2.69 -4.88 -31.88
C VAL H 144 -3.81 -4.35 -31.01
N PHE H 145 -4.96 -5.03 -31.01
CA PHE H 145 -6.08 -4.60 -30.19
C PHE H 145 -5.71 -4.60 -28.71
N ILE H 146 -5.07 -5.69 -28.26
CA ILE H 146 -4.69 -5.77 -26.85
C ILE H 146 -3.65 -4.71 -26.51
N LEU H 147 -2.69 -4.50 -27.41
CA LEU H 147 -1.66 -3.49 -27.19
C LEU H 147 -2.26 -2.11 -27.04
N ILE H 148 -3.22 -1.76 -27.91
CA ILE H 148 -3.82 -0.43 -27.84
C ILE H 148 -4.67 -0.30 -26.58
N SER H 149 -5.43 -1.33 -26.22
CA SER H 149 -6.36 -1.23 -25.11
C SER H 149 -5.68 -1.46 -23.75
N ARG H 150 -4.38 -1.73 -23.72
CA ARG H 150 -3.66 -1.85 -22.45
C ARG H 150 -3.81 -0.62 -21.58
N LEU H 151 -4.01 0.56 -22.16
CA LEU H 151 -3.91 1.82 -21.45
C LEU H 151 -5.25 2.38 -20.99
N LEU H 152 -6.33 1.62 -21.09
CA LEU H 152 -7.61 2.09 -20.57
C LEU H 152 -7.76 1.72 -19.09
N GLU H 153 -8.84 2.21 -18.50
CA GLU H 153 -9.21 1.81 -17.15
C GLU H 153 -9.85 0.42 -17.17
N PRO H 154 -9.83 -0.29 -16.04
CA PRO H 154 -10.26 -1.70 -16.06
C PRO H 154 -11.67 -1.93 -16.58
N ARG H 155 -12.62 -1.05 -16.27
CA ARG H 155 -13.99 -1.26 -16.73
C ARG H 155 -14.09 -1.07 -18.24
N GLU H 156 -13.51 0.01 -18.77
CA GLU H 156 -13.46 0.20 -20.21
C GLU H 156 -12.62 -0.88 -20.87
N PHE H 157 -11.59 -1.37 -20.18
CA PHE H 157 -10.80 -2.48 -20.72
C PHE H 157 -11.67 -3.72 -20.90
N ILE H 158 -12.49 -4.05 -19.90
CA ILE H 158 -13.34 -5.24 -20.01
C ILE H 158 -14.40 -5.05 -21.09
N ALA H 159 -14.93 -3.82 -21.22
CA ALA H 159 -15.90 -3.57 -22.29
C ALA H 159 -15.26 -3.77 -23.67
N SER H 160 -14.02 -3.27 -23.84
CA SER H 160 -13.31 -3.47 -25.10
C SER H 160 -13.04 -4.95 -25.36
N MET H 161 -12.71 -5.70 -24.31
CA MET H 161 -12.47 -7.14 -24.49
C MET H 161 -13.75 -7.86 -24.89
N LEU H 162 -14.90 -7.44 -24.35
CA LEU H 162 -16.16 -8.03 -24.78
C LEU H 162 -16.43 -7.75 -26.25
N GLU H 163 -16.17 -6.52 -26.69
CA GLU H 163 -16.34 -6.21 -28.11
C GLU H 163 -15.40 -7.05 -28.97
N LEU H 164 -14.16 -7.24 -28.53
CA LEU H 164 -13.21 -8.06 -29.28
C LEU H 164 -13.69 -9.51 -29.36
N LEU H 165 -14.28 -10.03 -28.28
CA LEU H 165 -14.80 -11.39 -28.30
C LEU H 165 -15.93 -11.54 -29.30
N ARG H 166 -16.83 -10.54 -29.36
CA ARG H 166 -17.89 -10.59 -30.37
C ARG H 166 -17.31 -10.56 -31.79
N ALA H 167 -16.30 -9.72 -32.02
CA ALA H 167 -15.69 -9.66 -33.35
C ALA H 167 -15.06 -10.99 -33.73
N ILE H 168 -14.33 -11.63 -32.80
CA ILE H 168 -13.69 -12.90 -33.09
C ILE H 168 -14.72 -13.97 -33.37
N GLU H 169 -15.83 -13.98 -32.62
CA GLU H 169 -16.89 -14.93 -32.85
C GLU H 169 -17.48 -14.77 -34.25
N ARG H 170 -17.74 -13.53 -34.66
CA ARG H 170 -18.26 -13.29 -36.00
C ARG H 170 -17.28 -13.76 -37.07
N PHE H 171 -16.00 -13.47 -36.89
CA PHE H 171 -14.99 -13.90 -37.85
C PHE H 171 -14.99 -15.41 -38.01
N PHE H 172 -14.96 -16.13 -36.88
CA PHE H 172 -14.87 -17.59 -36.96
C PHE H 172 -16.18 -18.22 -37.42
N GLU H 173 -17.30 -17.52 -37.30
CA GLU H 173 -18.53 -18.03 -37.89
C GLU H 173 -18.54 -17.85 -39.40
N VAL H 174 -18.01 -16.73 -39.90
CA VAL H 174 -18.00 -16.51 -41.34
C VAL H 174 -17.05 -17.49 -42.03
N LEU H 175 -15.86 -17.70 -41.47
CA LEU H 175 -14.82 -18.45 -42.16
C LEU H 175 -15.16 -19.94 -42.25
N LYS H 176 -14.65 -20.57 -43.31
CA LYS H 176 -14.81 -21.99 -43.54
C LYS H 176 -13.45 -22.62 -43.85
N GLY H 177 -13.26 -23.85 -43.39
CA GLY H 177 -11.98 -24.52 -43.61
C GLY H 177 -11.88 -25.76 -42.75
N ASN H 178 -10.65 -26.15 -42.46
CA ASN H 178 -10.41 -27.33 -41.64
C ASN H 178 -10.80 -27.03 -40.19
N PRO H 179 -11.72 -27.79 -39.59
CA PRO H 179 -12.17 -27.45 -38.23
C PRO H 179 -11.07 -27.50 -37.18
N GLU H 180 -10.11 -28.41 -37.31
CA GLU H 180 -9.13 -28.60 -36.24
C GLU H 180 -8.17 -27.42 -36.16
N ARG H 181 -7.63 -27.00 -37.31
CA ARG H 181 -6.71 -25.87 -37.33
C ARG H 181 -7.41 -24.59 -36.87
N LEU H 182 -8.66 -24.39 -37.33
CA LEU H 182 -9.41 -23.23 -36.91
C LEU H 182 -9.65 -23.23 -35.41
N LEU H 183 -9.97 -24.39 -34.84
CA LEU H 183 -10.18 -24.49 -33.40
C LEU H 183 -8.89 -24.21 -32.64
N ALA H 184 -7.76 -24.69 -33.15
CA ALA H 184 -6.48 -24.42 -32.49
C ALA H 184 -6.17 -22.92 -32.48
N VAL H 185 -6.37 -22.25 -33.62
CA VAL H 185 -6.12 -20.81 -33.68
C VAL H 185 -7.06 -20.07 -32.74
N PHE H 186 -8.34 -20.45 -32.72
CA PHE H 186 -9.32 -19.81 -31.85
C PHE H 186 -8.92 -19.96 -30.39
N GLU H 187 -8.52 -21.16 -29.98
CA GLU H 187 -8.10 -21.38 -28.60
C GLU H 187 -6.87 -20.54 -28.26
N GLU H 188 -5.92 -20.45 -29.18
CA GLU H 188 -4.71 -19.69 -28.88
C GLU H 188 -5.00 -18.20 -28.70
N VAL H 189 -5.83 -17.62 -29.58
CA VAL H 189 -6.14 -16.20 -29.41
C VAL H 189 -6.96 -15.98 -28.14
N LEU H 190 -7.82 -16.95 -27.78
CA LEU H 190 -8.55 -16.84 -26.53
C LEU H 190 -7.61 -16.85 -25.33
N GLU H 191 -6.59 -17.70 -25.35
CA GLU H 191 -5.62 -17.71 -24.27
C GLU H 191 -4.87 -16.39 -24.17
N ASP H 192 -4.55 -15.79 -25.32
CA ASP H 192 -3.91 -14.46 -25.29
C ASP H 192 -4.80 -13.42 -24.61
N ILE H 193 -6.08 -13.39 -25.00
CA ILE H 193 -7.00 -12.43 -24.39
C ILE H 193 -7.14 -12.68 -22.89
N GLU H 194 -7.25 -13.95 -22.50
CA GLU H 194 -7.41 -14.28 -21.09
C GLU H 194 -6.19 -13.87 -20.27
N GLU H 195 -4.98 -14.10 -20.80
CA GLU H 195 -3.79 -13.66 -20.10
C GLU H 195 -3.76 -12.15 -19.93
N ALA H 196 -4.10 -11.42 -20.99
CA ALA H 196 -4.12 -9.96 -20.89
C ALA H 196 -5.11 -9.49 -19.82
N VAL H 197 -6.32 -10.06 -19.81
CA VAL H 197 -7.34 -9.65 -18.85
C VAL H 197 -6.88 -9.95 -17.42
N LEU H 198 -6.36 -11.16 -17.20
CA LEU H 198 -5.93 -11.53 -15.86
C LEU H 198 -4.81 -10.64 -15.37
N LYS H 199 -3.85 -10.31 -16.24
CA LYS H 199 -2.75 -9.45 -15.82
C LYS H 199 -3.24 -8.03 -15.54
N LYS H 200 -4.22 -7.55 -16.31
CA LYS H 200 -4.72 -6.20 -16.09
C LYS H 200 -5.52 -6.09 -14.80
N LEU H 201 -6.31 -7.10 -14.46
CA LEU H 201 -7.28 -6.97 -13.38
C LEU H 201 -6.64 -6.96 -12.00
N THR H 202 -5.32 -6.89 -11.88
CA THR H 202 -4.67 -6.87 -10.58
C THR H 202 -4.59 -5.46 -9.98
N GLU H 203 -5.10 -4.45 -10.69
CA GLU H 203 -5.02 -3.07 -10.23
C GLU H 203 -6.27 -2.61 -9.48
N VAL H 204 -7.23 -3.50 -9.22
CA VAL H 204 -8.48 -3.14 -8.58
C VAL H 204 -8.70 -4.01 -7.36
N ASN H 205 -9.74 -3.68 -6.60
CA ASN H 205 -10.09 -4.40 -5.39
C ASN H 205 -10.65 -5.78 -5.73
N PRO H 206 -10.58 -6.73 -4.79
CA PRO H 206 -11.08 -8.08 -5.08
C PRO H 206 -12.56 -8.14 -5.46
N GLU H 207 -13.40 -7.26 -4.93
CA GLU H 207 -14.81 -7.27 -5.32
C GLU H 207 -14.99 -6.87 -6.79
N THR H 208 -14.29 -5.81 -7.21
CA THR H 208 -14.31 -5.43 -8.62
C THR H 208 -13.71 -6.52 -9.48
N GLN H 209 -12.66 -7.18 -8.99
CA GLN H 209 -12.08 -8.31 -9.71
C GLN H 209 -13.11 -9.40 -9.92
N VAL H 210 -13.87 -9.74 -8.88
CA VAL H 210 -14.88 -10.79 -9.01
C VAL H 210 -15.94 -10.40 -10.02
N LEU H 211 -16.42 -9.16 -9.95
CA LEU H 211 -17.45 -8.72 -10.88
C LEU H 211 -16.96 -8.78 -12.33
N LEU H 212 -15.80 -8.18 -12.60
CA LEU H 212 -15.31 -8.11 -13.96
C LEU H 212 -14.93 -9.48 -14.50
N LEU H 213 -14.33 -10.33 -13.65
CA LEU H 213 -14.00 -11.68 -14.08
C LEU H 213 -15.25 -12.49 -14.40
N GLU H 214 -16.31 -12.31 -13.61
CA GLU H 214 -17.56 -13.01 -13.89
C GLU H 214 -18.11 -12.59 -15.26
N ALA H 215 -18.11 -11.29 -15.53
CA ALA H 215 -18.59 -10.81 -16.83
C ALA H 215 -17.77 -11.40 -17.97
N PHE H 216 -16.43 -11.32 -17.85
CA PHE H 216 -15.56 -11.79 -18.91
C PHE H 216 -15.73 -13.29 -19.15
N TYR H 217 -15.81 -14.08 -18.08
CA TYR H 217 -15.88 -15.52 -18.24
C TYR H 217 -17.23 -15.97 -18.77
N GLU H 218 -18.31 -15.29 -18.39
CA GLU H 218 -19.60 -15.58 -19.00
C GLU H 218 -19.54 -15.35 -20.51
N LYS H 219 -19.00 -14.20 -20.93
CA LYS H 219 -18.93 -13.93 -22.36
C LYS H 219 -18.03 -14.93 -23.07
N LYS H 220 -16.91 -15.29 -22.46
CA LYS H 220 -16.00 -16.24 -23.10
C LYS H 220 -16.64 -17.61 -23.26
N LYS H 221 -17.37 -18.08 -22.25
CA LYS H 221 -18.08 -19.35 -22.37
C LYS H 221 -19.10 -19.30 -23.49
N ASP H 222 -19.85 -18.20 -23.58
CA ASP H 222 -20.85 -18.08 -24.65
C ASP H 222 -20.19 -18.14 -26.03
N VAL H 223 -19.11 -17.38 -26.22
CA VAL H 223 -18.48 -17.36 -27.54
C VAL H 223 -17.85 -18.71 -27.86
N VAL H 224 -17.29 -19.40 -26.86
CA VAL H 224 -16.73 -20.73 -27.11
C VAL H 224 -17.82 -21.68 -27.58
N GLU H 225 -18.98 -21.66 -26.92
CA GLU H 225 -20.06 -22.55 -27.34
C GLU H 225 -20.56 -22.21 -28.74
N HIS H 226 -20.68 -20.91 -29.05
CA HIS H 226 -21.12 -20.51 -30.39
C HIS H 226 -20.14 -20.96 -31.46
N VAL H 227 -18.84 -20.76 -31.22
CA VAL H 227 -17.83 -21.12 -32.21
C VAL H 227 -17.76 -22.63 -32.38
N ARG H 228 -17.88 -23.39 -31.29
CA ARG H 228 -17.87 -24.84 -31.42
C ARG H 228 -19.09 -25.35 -32.16
N LYS H 229 -20.24 -24.70 -31.98
CA LYS H 229 -21.41 -25.06 -32.79
C LYS H 229 -21.18 -24.75 -34.27
N ALA H 230 -20.59 -23.60 -34.56
CA ALA H 230 -20.43 -23.18 -35.95
C ALA H 230 -19.40 -24.03 -36.69
N LEU H 231 -18.28 -24.36 -36.04
CA LEU H 231 -17.22 -25.08 -36.70
C LEU H 231 -17.61 -26.53 -36.98
N PHE H 232 -18.15 -27.21 -35.98
CA PHE H 232 -18.53 -28.61 -36.13
C PHE H 232 -20.03 -28.74 -36.42
N SER I 25 -27.30 7.78 46.69
CA SER I 25 -26.29 7.89 47.73
C SER I 25 -24.93 7.41 47.21
N PRO I 26 -23.86 8.11 47.58
CA PRO I 26 -22.53 7.74 47.11
C PRO I 26 -22.05 6.40 47.65
N LEU I 27 -22.23 6.18 48.94
CA LEU I 27 -21.71 4.97 49.58
C LEU I 27 -22.40 3.73 49.03
N GLU I 28 -23.72 3.77 48.87
CA GLU I 28 -24.44 2.59 48.37
C GLU I 28 -24.03 2.26 46.95
N GLU I 29 -23.91 3.28 46.10
CA GLU I 29 -23.47 3.04 44.72
C GLU I 29 -22.04 2.51 44.69
N ALA I 30 -21.17 3.02 45.55
CA ALA I 30 -19.80 2.52 45.61
C ALA I 30 -19.76 1.06 46.04
N LYS I 31 -20.58 0.68 47.03
CA LYS I 31 -20.60 -0.71 47.47
C LYS I 31 -21.18 -1.62 46.39
N ARG I 32 -22.20 -1.16 45.67
CA ARG I 32 -22.72 -1.94 44.56
C ARG I 32 -21.65 -2.13 43.48
N LEU I 33 -20.90 -1.08 43.18
CA LEU I 33 -19.81 -1.19 42.22
C LEU I 33 -18.75 -2.16 42.70
N LEU I 34 -18.45 -2.14 44.01
CA LEU I 34 -17.47 -3.08 44.55
C LEU I 34 -17.93 -4.52 44.39
N GLU I 35 -19.20 -4.79 44.68
CA GLU I 35 -19.71 -6.15 44.51
C GLU I 35 -19.67 -6.58 43.06
N LYS I 36 -20.07 -5.68 42.14
CA LYS I 36 -20.03 -6.02 40.72
C LYS I 36 -18.61 -6.29 40.25
N VAL I 37 -17.65 -5.49 40.72
CA VAL I 37 -16.25 -5.68 40.32
C VAL I 37 -15.72 -7.00 40.87
N LYS I 38 -16.06 -7.34 42.12
CA LYS I 38 -15.62 -8.61 42.67
C LYS I 38 -16.16 -9.78 41.86
N LYS I 39 -17.45 -9.72 41.50
CA LYS I 39 -18.04 -10.76 40.68
C LYS I 39 -17.33 -10.88 39.34
N ARG I 40 -17.06 -9.74 38.70
CA ARG I 40 -16.40 -9.75 37.40
C ARG I 40 -14.99 -10.32 37.50
N VAL I 41 -14.25 -9.97 38.55
CA VAL I 41 -12.89 -10.48 38.71
C VAL I 41 -12.91 -11.98 38.92
N GLU I 42 -13.83 -12.48 39.76
CA GLU I 42 -13.94 -13.91 39.96
C GLU I 42 -14.27 -14.63 38.66
N GLU I 43 -15.17 -14.06 37.87
CA GLU I 43 -15.52 -14.66 36.58
C GLU I 43 -14.33 -14.69 35.63
N ILE I 44 -13.57 -13.59 35.57
CA ILE I 44 -12.47 -13.48 34.62
C ILE I 44 -11.34 -14.44 34.99
N MET I 45 -11.03 -14.55 36.28
CA MET I 45 -9.87 -15.33 36.70
C MET I 45 -9.99 -16.81 36.34
N LYS I 46 -11.19 -17.30 36.03
CA LYS I 46 -11.37 -18.69 35.68
C LYS I 46 -10.81 -19.05 34.31
N ASN I 47 -10.51 -18.06 33.47
CA ASN I 47 -10.00 -18.34 32.14
C ASN I 47 -8.59 -18.93 32.21
N PRO I 48 -8.26 -19.86 31.32
CA PRO I 48 -6.93 -20.49 31.37
C PRO I 48 -5.85 -19.71 30.60
N ASN I 49 -6.24 -18.74 29.80
CA ASN I 49 -5.28 -17.98 29.01
C ASN I 49 -4.81 -16.75 29.78
N PRO I 50 -3.54 -16.65 30.14
CA PRO I 50 -3.10 -15.50 30.96
C PRO I 50 -3.18 -14.17 30.25
N VAL I 51 -2.83 -14.11 28.96
CA VAL I 51 -2.86 -12.84 28.24
C VAL I 51 -4.29 -12.34 28.10
N LYS I 52 -5.23 -13.24 27.81
CA LYS I 52 -6.64 -12.83 27.74
C LYS I 52 -7.14 -12.34 29.09
N VAL I 53 -6.74 -13.01 30.17
CA VAL I 53 -7.11 -12.57 31.52
C VAL I 53 -6.58 -11.17 31.78
N MET I 54 -5.32 -10.93 31.39
CA MET I 54 -4.72 -9.61 31.60
C MET I 54 -5.46 -8.55 30.80
N LEU I 55 -5.84 -8.85 29.56
CA LEU I 55 -6.55 -7.88 28.74
C LEU I 55 -7.92 -7.54 29.34
N GLU I 56 -8.66 -8.57 29.80
CA GLU I 56 -9.95 -8.28 30.41
C GLU I 56 -9.80 -7.50 31.71
N LEU I 57 -8.77 -7.80 32.50
CA LEU I 57 -8.56 -7.05 33.73
C LEU I 57 -8.18 -5.60 33.45
N LYS I 58 -7.40 -5.36 32.40
CA LYS I 58 -7.09 -3.99 31.99
C LYS I 58 -8.36 -3.25 31.58
N GLU I 59 -9.23 -3.91 30.81
CA GLU I 59 -10.50 -3.30 30.44
C GLU I 59 -11.35 -2.98 31.67
N LEU I 60 -11.37 -3.90 32.64
CA LEU I 60 -12.13 -3.66 33.86
C LEU I 60 -11.58 -2.48 34.64
N LEU I 61 -10.25 -2.35 34.71
CA LEU I 61 -9.64 -1.20 35.38
C LEU I 61 -10.02 0.10 34.69
N ASP I 62 -10.01 0.12 33.36
CA ASP I 62 -10.41 1.32 32.63
C ASP I 62 -11.86 1.69 32.90
N GLU I 63 -12.76 0.69 32.91
CA GLU I 63 -14.16 0.97 33.22
C GLU I 63 -14.32 1.49 34.65
N ALA I 64 -13.53 0.96 35.58
CA ALA I 64 -13.61 1.45 36.96
C ALA I 64 -13.20 2.92 37.03
N VAL I 65 -12.13 3.29 36.32
CA VAL I 65 -11.73 4.70 36.31
C VAL I 65 -12.82 5.57 35.68
N HIS I 66 -13.42 5.10 34.59
CA HIS I 66 -14.51 5.84 33.96
C HIS I 66 -15.65 6.07 34.93
N GLU I 67 -16.01 5.03 35.68
CA GLU I 67 -17.05 5.18 36.71
C GLU I 67 -16.62 6.17 37.78
N PHE I 68 -15.33 6.16 38.14
CA PHE I 68 -14.85 7.06 39.19
C PHE I 68 -15.00 8.52 38.78
N VAL I 69 -14.64 8.85 37.54
CA VAL I 69 -14.74 10.26 37.12
C VAL I 69 -16.17 10.72 36.91
N LEU I 70 -17.13 9.78 36.85
CA LEU I 70 -18.53 10.09 36.58
C LEU I 70 -19.37 10.23 37.83
N MET I 71 -18.77 10.14 39.01
CA MET I 71 -19.50 10.17 40.27
C MET I 71 -18.77 11.07 41.26
N GLU I 72 -19.48 11.44 42.32
CA GLU I 72 -18.90 12.28 43.35
C GLU I 72 -18.02 11.45 44.28
N VAL I 73 -16.83 11.95 44.57
CA VAL I 73 -15.90 11.25 45.44
C VAL I 73 -15.63 12.12 46.67
N ASN I 74 -16.43 11.92 47.72
CA ASN I 74 -16.23 12.58 48.99
C ASN I 74 -15.45 11.67 49.93
N GLU I 75 -15.38 12.05 51.20
CA GLU I 75 -14.57 11.33 52.17
C GLU I 75 -15.20 10.04 52.69
N GLU I 76 -16.45 9.75 52.33
CA GLU I 76 -17.10 8.56 52.87
C GLU I 76 -16.91 7.34 51.97
N ASN I 77 -16.83 7.54 50.65
CA ASN I 77 -16.71 6.45 49.71
C ASN I 77 -15.31 6.28 49.16
N ARG I 78 -14.34 7.08 49.63
CA ARG I 78 -12.98 7.01 49.10
C ARG I 78 -12.34 5.65 49.38
N GLU I 79 -12.57 5.11 50.57
CA GLU I 79 -11.99 3.81 50.93
C GLU I 79 -12.51 2.71 50.02
N VAL I 80 -13.80 2.73 49.69
CA VAL I 80 -14.37 1.71 48.82
C VAL I 80 -13.77 1.78 47.42
N LEU I 81 -13.60 2.99 46.89
CA LEU I 81 -13.00 3.13 45.56
C LEU I 81 -11.55 2.65 45.56
N ILE I 82 -10.79 2.98 46.60
CA ILE I 82 -9.43 2.49 46.71
C ILE I 82 -9.41 0.96 46.78
N GLU I 83 -10.37 0.37 47.49
CA GLU I 83 -10.43 -1.08 47.58
C GLU I 83 -10.78 -1.72 46.25
N ILE I 84 -11.65 -1.09 45.46
CA ILE I 84 -11.96 -1.59 44.12
C ILE I 84 -10.72 -1.60 43.25
N LEU I 85 -9.99 -0.48 43.25
CA LEU I 85 -8.75 -0.40 42.48
C LEU I 85 -7.74 -1.45 42.93
N ALA I 86 -7.60 -1.62 44.25
CA ALA I 86 -6.65 -2.60 44.78
C ALA I 86 -7.04 -4.01 44.38
N THR I 87 -8.33 -4.33 44.40
CA THR I 87 -8.78 -5.67 44.00
C THR I 87 -8.41 -5.96 42.55
N ILE I 88 -8.74 -5.03 41.66
CA ILE I 88 -8.45 -5.27 40.25
C ILE I 88 -6.95 -5.37 40.02
N PHE I 89 -6.16 -4.50 40.66
CA PHE I 89 -4.71 -4.52 40.43
C PHE I 89 -4.06 -5.77 41.02
N GLU I 90 -4.54 -6.26 42.17
CA GLU I 90 -4.01 -7.50 42.72
C GLU I 90 -4.30 -8.67 41.79
N ALA I 91 -5.52 -8.76 41.26
CA ALA I 91 -5.82 -9.81 40.30
C ALA I 91 -4.91 -9.72 39.09
N PHE I 92 -4.68 -8.49 38.59
CA PHE I 92 -3.80 -8.32 37.43
C PHE I 92 -2.37 -8.77 37.74
N LEU I 93 -1.86 -8.44 38.93
CA LEU I 93 -0.50 -8.83 39.28
C LEU I 93 -0.35 -10.34 39.38
N HIS I 94 -1.36 -11.02 39.95
CA HIS I 94 -1.31 -12.48 39.97
C HIS I 94 -1.34 -13.06 38.56
N ALA I 95 -2.21 -12.53 37.70
CA ALA I 95 -2.27 -13.02 36.33
C ALA I 95 -0.94 -12.78 35.60
N ALA I 96 -0.26 -11.67 35.91
CA ALA I 96 1.05 -11.42 35.31
C ALA I 96 2.07 -12.42 35.82
N ARG I 97 2.02 -12.77 37.11
CA ARG I 97 2.88 -13.84 37.62
C ARG I 97 2.60 -15.17 36.95
N ASP I 98 1.38 -15.39 36.46
CA ASP I 98 1.03 -16.68 35.87
C ASP I 98 1.93 -17.01 34.68
N GLY I 99 2.19 -16.05 33.80
CA GLY I 99 3.16 -16.28 32.75
C GLY I 99 2.76 -15.80 31.36
N GLY I 100 3.63 -16.06 30.39
CA GLY I 100 3.42 -15.68 29.01
C GLY I 100 4.70 -15.18 28.39
N ASN I 101 4.57 -14.47 27.28
CA ASN I 101 5.70 -13.87 26.59
C ASN I 101 6.20 -12.67 27.40
N PRO I 102 7.48 -12.64 27.81
CA PRO I 102 7.93 -11.60 28.74
C PRO I 102 7.75 -10.17 28.26
N LYS I 103 8.03 -9.88 26.98
CA LYS I 103 7.92 -8.51 26.50
C LYS I 103 6.47 -8.02 26.51
N LEU I 104 5.55 -8.87 26.02
CA LEU I 104 4.14 -8.51 26.03
C LEU I 104 3.63 -8.33 27.46
N VAL I 105 4.05 -9.21 28.36
CA VAL I 105 3.63 -9.11 29.76
C VAL I 105 4.13 -7.81 30.38
N LEU I 106 5.38 -7.44 30.11
CA LEU I 106 5.92 -6.20 30.66
C LEU I 106 5.18 -4.99 30.11
N LEU I 107 4.87 -4.99 28.83
CA LEU I 107 4.14 -3.87 28.25
C LEU I 107 2.74 -3.74 28.85
N LEU I 108 2.05 -4.87 29.02
CA LEU I 108 0.73 -4.84 29.64
C LEU I 108 0.82 -4.39 31.09
N LEU I 109 1.86 -4.82 31.80
CA LEU I 109 2.06 -4.38 33.17
C LEU I 109 2.21 -2.87 33.26
N LEU I 110 2.99 -2.29 32.35
CA LEU I 110 3.17 -0.84 32.35
C LEU I 110 1.85 -0.12 32.07
N GLU I 111 1.08 -0.62 31.09
CA GLU I 111 -0.21 0.02 30.80
C GLU I 111 -1.14 -0.04 32.00
N ALA I 112 -1.22 -1.21 32.64
CA ALA I 112 -2.10 -1.36 33.80
C ALA I 112 -1.65 -0.45 34.94
N PHE I 113 -0.33 -0.32 35.14
CA PHE I 113 0.17 0.56 36.18
C PHE I 113 -0.19 2.01 35.90
N GLU I 114 -0.09 2.45 34.65
CA GLU I 114 -0.48 3.81 34.32
C GLU I 114 -1.96 4.05 34.58
N THR I 115 -2.82 3.10 34.20
CA THR I 115 -4.25 3.25 34.48
C THR I 115 -4.51 3.29 35.98
N PHE I 116 -3.81 2.45 36.74
CA PHE I 116 -3.97 2.43 38.19
C PHE I 116 -3.56 3.77 38.81
N VAL I 117 -2.46 4.36 38.32
CA VAL I 117 -2.01 5.64 38.84
C VAL I 117 -3.02 6.73 38.51
N ARG I 118 -3.60 6.69 37.32
CA ARG I 118 -4.64 7.66 36.97
C ARG I 118 -5.86 7.52 37.89
N GLY I 119 -6.26 6.29 38.17
CA GLY I 119 -7.36 6.08 39.09
C GLY I 119 -7.08 6.59 40.49
N VAL I 120 -5.86 6.35 40.99
CA VAL I 120 -5.48 6.85 42.30
C VAL I 120 -5.48 8.38 42.32
N GLU I 121 -4.99 8.99 41.24
CA GLU I 121 -5.00 10.45 41.14
C GLU I 121 -6.43 10.99 41.17
N VAL I 122 -7.35 10.33 40.46
CA VAL I 122 -8.74 10.77 40.44
C VAL I 122 -9.36 10.64 41.82
N VAL I 123 -9.16 9.51 42.48
CA VAL I 123 -9.79 9.27 43.77
C VAL I 123 -9.08 10.03 44.87
N GLY I 124 -7.75 9.94 44.93
CA GLY I 124 -7.01 10.57 46.00
C GLY I 124 -6.86 9.68 47.21
N VAL I 125 -5.78 9.90 47.96
CA VAL I 125 -5.45 9.11 49.13
C VAL I 125 -5.34 10.06 50.33
N THR I 126 -6.16 9.81 51.36
CA THR I 126 -6.19 10.67 52.53
C THR I 126 -5.75 9.94 53.80
N SER I 127 -6.38 8.82 54.13
CA SER I 127 -6.08 8.13 55.38
C SER I 127 -4.83 7.29 55.25
N GLU I 128 -4.42 6.68 56.36
CA GLU I 128 -3.23 5.83 56.37
C GLU I 128 -3.51 4.47 55.75
N ARG I 129 -4.73 3.96 55.86
CA ARG I 129 -5.06 2.66 55.28
C ARG I 129 -4.90 2.67 53.76
N GLU I 130 -5.42 3.71 53.11
CA GLU I 130 -5.30 3.80 51.66
C GLU I 130 -3.84 3.95 51.23
N LEU I 131 -3.07 4.74 51.97
CA LEU I 131 -1.64 4.89 51.68
C LEU I 131 -0.92 3.56 51.78
N ARG I 132 -1.19 2.81 52.86
CA ARG I 132 -0.57 1.50 53.01
C ARG I 132 -0.96 0.57 51.87
N LEU I 133 -2.24 0.58 51.48
CA LEU I 133 -2.70 -0.27 50.40
C LEU I 133 -1.97 0.04 49.10
N VAL I 134 -1.90 1.32 48.72
CA VAL I 134 -1.30 1.68 47.44
C VAL I 134 0.21 1.43 47.46
N LEU I 135 0.86 1.65 48.60
CA LEU I 135 2.31 1.41 48.67
C LEU I 135 2.62 -0.07 48.60
N GLU I 136 1.81 -0.91 49.24
CA GLU I 136 1.99 -2.35 49.12
C GLU I 136 1.78 -2.80 47.68
N LEU I 137 0.79 -2.22 46.99
CA LEU I 137 0.59 -2.54 45.58
C LEU I 137 1.79 -2.15 44.74
N LEU I 138 2.40 -0.99 45.03
CA LEU I 138 3.60 -0.58 44.31
C LEU I 138 4.74 -1.56 44.53
N VAL I 139 4.94 -2.00 45.77
CA VAL I 139 6.02 -2.94 46.06
C VAL I 139 5.82 -4.25 45.31
N GLU I 140 4.58 -4.78 45.34
CA GLU I 140 4.31 -6.02 44.61
C GLU I 140 4.50 -5.84 43.10
N PHE I 141 4.12 -4.67 42.57
CA PHE I 141 4.31 -4.41 41.15
C PHE I 141 5.80 -4.43 40.79
N VAL I 142 6.64 -3.81 41.62
CA VAL I 142 8.07 -3.79 41.33
C VAL I 142 8.65 -5.19 41.39
N HIS I 143 8.24 -5.97 42.39
CA HIS I 143 8.74 -7.34 42.50
C HIS I 143 8.35 -8.18 41.29
N VAL I 144 7.09 -8.09 40.87
CA VAL I 144 6.64 -8.86 39.70
C VAL I 144 7.37 -8.43 38.44
N PHE I 145 7.59 -7.11 38.28
CA PHE I 145 8.29 -6.62 37.11
C PHE I 145 9.71 -7.18 37.04
N ILE I 146 10.42 -7.16 38.17
CA ILE I 146 11.79 -7.68 38.19
C ILE I 146 11.78 -9.18 37.90
N LEU I 147 10.84 -9.91 38.49
CA LEU I 147 10.77 -11.35 38.27
C LEU I 147 10.54 -11.67 36.80
N ILE I 148 9.65 -10.93 36.13
CA ILE I 148 9.38 -11.21 34.72
C ILE I 148 10.58 -10.82 33.86
N SER I 149 11.19 -9.67 34.12
CA SER I 149 12.29 -9.20 33.29
C SER I 149 13.60 -9.92 33.56
N ARG I 150 13.66 -10.80 34.56
CA ARG I 150 14.87 -11.57 34.82
C ARG I 150 15.36 -12.33 33.59
N LEU I 151 14.46 -12.74 32.70
CA LEU I 151 14.75 -13.69 31.64
C LEU I 151 15.11 -13.04 30.31
N LEU I 152 15.23 -11.73 30.24
CA LEU I 152 15.62 -11.08 29.00
C LEU I 152 17.15 -11.04 28.88
N GLU I 153 17.61 -10.53 27.75
CA GLU I 153 19.02 -10.25 27.54
C GLU I 153 19.41 -8.96 28.26
N PRO I 154 20.70 -8.78 28.57
CA PRO I 154 21.11 -7.63 29.40
C PRO I 154 20.71 -6.27 28.84
N ARG I 155 20.79 -6.07 27.52
CA ARG I 155 20.44 -4.78 26.95
C ARG I 155 18.93 -4.52 27.06
N GLU I 156 18.12 -5.52 26.69
CA GLU I 156 16.68 -5.39 26.86
C GLU I 156 16.31 -5.29 28.34
N PHE I 157 17.06 -5.97 29.21
CA PHE I 157 16.81 -5.85 30.64
C PHE I 157 17.04 -4.42 31.13
N ILE I 158 18.11 -3.77 30.65
CA ILE I 158 18.38 -2.39 31.06
C ILE I 158 17.33 -1.44 30.51
N ALA I 159 16.89 -1.67 29.27
CA ALA I 159 15.80 -0.86 28.73
C ALA I 159 14.53 -0.99 29.57
N SER I 160 14.20 -2.23 29.96
CA SER I 160 13.03 -2.45 30.80
C SER I 160 13.17 -1.78 32.15
N MET I 161 14.38 -1.81 32.74
CA MET I 161 14.60 -1.13 34.01
C MET I 161 14.43 0.37 33.88
N LEU I 162 14.87 0.94 32.76
CA LEU I 162 14.64 2.37 32.54
C LEU I 162 13.15 2.69 32.47
N GLU I 163 12.38 1.87 31.76
CA GLU I 163 10.93 2.09 31.72
C GLU I 163 10.32 2.00 33.12
N LEU I 164 10.77 1.01 33.91
CA LEU I 164 10.26 0.87 35.27
C LEU I 164 10.59 2.09 36.12
N LEU I 165 11.79 2.64 35.96
CA LEU I 165 12.18 3.84 36.71
C LEU I 165 11.28 5.01 36.36
N ARG I 166 10.97 5.18 35.07
CA ARG I 166 10.05 6.26 34.69
C ARG I 166 8.67 6.05 35.31
N ALA I 167 8.18 4.81 35.30
CA ALA I 167 6.87 4.53 35.90
C ALA I 167 6.86 4.85 37.38
N ILE I 168 7.91 4.46 38.10
CA ILE I 168 7.98 4.74 39.54
C ILE I 168 8.04 6.23 39.80
N GLU I 169 8.80 6.96 38.97
CA GLU I 169 8.87 8.41 39.13
C GLU I 169 7.50 9.05 38.95
N ARG I 170 6.75 8.62 37.93
CA ARG I 170 5.41 9.16 37.72
C ARG I 170 4.51 8.85 38.91
N PHE I 171 4.58 7.61 39.42
CA PHE I 171 3.74 7.24 40.56
C PHE I 171 4.03 8.11 41.76
N PHE I 172 5.31 8.30 42.08
CA PHE I 172 5.64 9.08 43.27
C PHE I 172 5.44 10.57 43.07
N GLU I 173 5.38 11.04 41.83
CA GLU I 173 4.98 12.42 41.60
C GLU I 173 3.48 12.61 41.81
N VAL I 174 2.67 11.64 41.40
CA VAL I 174 1.23 11.77 41.56
C VAL I 174 0.83 11.70 43.02
N LEU I 175 1.42 10.78 43.78
CA LEU I 175 0.96 10.50 45.14
C LEU I 175 1.29 11.64 46.09
N LYS I 176 0.42 11.81 47.09
CA LYS I 176 0.60 12.80 48.14
C LYS I 176 0.47 12.12 49.50
N GLY I 177 1.27 12.56 50.46
CA GLY I 177 1.24 11.96 51.78
C GLY I 177 2.42 12.44 52.61
N ASN I 178 2.78 11.64 53.61
CA ASN I 178 3.90 11.98 54.48
C ASN I 178 5.21 11.81 53.71
N PRO I 179 6.03 12.86 53.61
CA PRO I 179 7.26 12.75 52.79
C PRO I 179 8.24 11.71 53.28
N GLU I 180 8.37 11.50 54.59
CA GLU I 180 9.41 10.62 55.10
C GLU I 180 9.13 9.16 54.77
N ARG I 181 7.89 8.70 55.01
CA ARG I 181 7.54 7.32 54.69
C ARG I 181 7.61 7.07 53.19
N LEU I 182 7.17 8.03 52.39
CA LEU I 182 7.25 7.89 50.94
C LEU I 182 8.69 7.79 50.48
N LEU I 183 9.57 8.61 51.07
CA LEU I 183 10.99 8.56 50.72
C LEU I 183 11.60 7.21 51.11
N ALA I 184 11.22 6.68 52.27
CA ALA I 184 11.73 5.37 52.68
C ALA I 184 11.30 4.28 51.71
N VAL I 185 10.02 4.28 51.31
CA VAL I 185 9.54 3.28 50.36
C VAL I 185 10.26 3.42 49.03
N PHE I 186 10.43 4.66 48.56
CA PHE I 186 11.13 4.90 47.30
C PHE I 186 12.56 4.39 47.34
N GLU I 187 13.27 4.66 48.44
CA GLU I 187 14.64 4.19 48.56
C GLU I 187 14.71 2.67 48.58
N GLU I 188 13.76 2.03 49.25
CA GLU I 188 13.79 0.56 49.32
C GLU I 188 13.54 -0.07 47.95
N VAL I 189 12.55 0.45 47.19
CA VAL I 189 12.32 -0.13 45.87
C VAL I 189 13.49 0.16 44.95
N LEU I 190 14.14 1.32 45.10
CA LEU I 190 15.35 1.60 44.33
C LEU I 190 16.45 0.61 44.66
N GLU I 191 16.59 0.24 45.93
CA GLU I 191 17.59 -0.75 46.32
C GLU I 191 17.30 -2.09 45.66
N ASP I 192 16.03 -2.49 45.61
CA ASP I 192 15.68 -3.75 44.95
C ASP I 192 16.06 -3.71 43.48
N ILE I 193 15.73 -2.62 42.79
CA ILE I 193 16.06 -2.51 41.36
C ILE I 193 17.57 -2.54 41.15
N GLU I 194 18.31 -1.82 42.00
CA GLU I 194 19.77 -1.78 41.86
C GLU I 194 20.39 -3.15 42.08
N GLU I 195 19.91 -3.90 43.07
CA GLU I 195 20.40 -5.24 43.30
C GLU I 195 20.14 -6.14 42.11
N ALA I 196 18.94 -6.07 41.54
CA ALA I 196 18.64 -6.89 40.37
C ALA I 196 19.55 -6.55 39.20
N VAL I 197 19.76 -5.26 38.95
CA VAL I 197 20.61 -4.84 37.83
C VAL I 197 22.04 -5.31 38.03
N LEU I 198 22.57 -5.15 39.24
CA LEU I 198 23.94 -5.58 39.52
C LEU I 198 24.09 -7.08 39.35
N LYS I 199 23.11 -7.85 39.82
CA LYS I 199 23.19 -9.30 39.67
C LYS I 199 23.14 -9.71 38.21
N LYS I 200 22.29 -9.06 37.42
CA LYS I 200 22.14 -9.46 36.02
C LYS I 200 23.35 -9.06 35.18
N LEU I 201 23.99 -7.94 35.49
CA LEU I 201 25.04 -7.44 34.61
C LEU I 201 26.36 -8.20 34.72
N THR I 202 26.40 -9.33 35.41
CA THR I 202 27.61 -10.13 35.49
C THR I 202 27.76 -11.10 34.32
N GLU I 203 26.81 -11.13 33.40
CA GLU I 203 26.83 -12.06 32.28
C GLU I 203 27.47 -11.48 31.04
N VAL I 204 28.04 -10.28 31.10
CA VAL I 204 28.59 -9.60 29.94
C VAL I 204 30.03 -9.21 30.23
N ASN I 205 30.70 -8.72 29.19
CA ASN I 205 32.08 -8.27 29.30
C ASN I 205 32.16 -6.97 30.09
N PRO I 206 33.33 -6.66 30.66
CA PRO I 206 33.45 -5.45 31.48
C PRO I 206 33.16 -4.15 30.74
N GLU I 207 33.43 -4.07 29.43
CA GLU I 207 33.12 -2.86 28.69
C GLU I 207 31.61 -2.66 28.57
N THR I 208 30.89 -3.74 28.24
CA THR I 208 29.43 -3.68 28.22
C THR I 208 28.88 -3.37 29.60
N GLN I 209 29.51 -3.94 30.64
CA GLN I 209 29.09 -3.64 32.00
C GLN I 209 29.22 -2.15 32.30
N VAL I 210 30.34 -1.54 31.92
CA VAL I 210 30.52 -0.11 32.17
C VAL I 210 29.48 0.70 31.42
N LEU I 211 29.23 0.36 30.15
CA LEU I 211 28.25 1.11 29.37
C LEU I 211 26.86 1.05 30.00
N LEU I 212 26.39 -0.17 30.30
CA LEU I 212 25.04 -0.34 30.81
C LEU I 212 24.91 0.22 32.22
N LEU I 213 25.94 0.08 33.04
CA LEU I 213 25.93 0.67 34.37
C LEU I 213 25.87 2.18 34.31
N GLU I 214 26.60 2.80 33.38
CA GLU I 214 26.53 4.24 33.23
C GLU I 214 25.12 4.68 32.86
N ALA I 215 24.49 3.98 31.92
CA ALA I 215 23.12 4.33 31.54
C ALA I 215 22.17 4.22 32.74
N PHE I 216 22.23 3.09 33.43
CA PHE I 216 21.33 2.87 34.57
C PHE I 216 21.53 3.91 35.66
N TYR I 217 22.78 4.22 35.99
CA TYR I 217 23.05 5.14 37.09
C TYR I 217 22.69 6.57 36.73
N GLU I 218 22.88 6.98 35.47
CA GLU I 218 22.40 8.30 35.06
C GLU I 218 20.90 8.40 35.23
N LYS I 219 20.15 7.40 34.76
CA LYS I 219 18.70 7.46 34.91
C LYS I 219 18.29 7.46 36.38
N LYS I 220 18.96 6.65 37.20
CA LYS I 220 18.61 6.59 38.61
C LYS I 220 18.85 7.93 39.30
N LYS I 221 19.97 8.58 39.00
CA LYS I 221 20.23 9.90 39.58
C LYS I 221 19.17 10.91 39.17
N ASP I 222 18.79 10.90 37.88
CA ASP I 222 17.76 11.83 37.43
C ASP I 222 16.44 11.60 38.15
N VAL I 223 16.01 10.33 38.27
CA VAL I 223 14.72 10.08 38.91
C VAL I 223 14.77 10.39 40.41
N VAL I 224 15.91 10.16 41.05
CA VAL I 224 16.04 10.53 42.47
C VAL I 224 15.88 12.03 42.63
N GLU I 225 16.52 12.82 41.76
CA GLU I 225 16.38 14.27 41.84
C GLU I 225 14.92 14.69 41.64
N HIS I 226 14.26 14.10 40.65
CA HIS I 226 12.87 14.48 40.38
C HIS I 226 11.97 14.14 41.57
N VAL I 227 12.13 12.95 42.14
CA VAL I 227 11.27 12.52 43.24
C VAL I 227 11.53 13.37 44.47
N ARG I 228 12.80 13.68 44.76
CA ARG I 228 13.08 14.52 45.93
C ARG I 228 12.54 15.93 45.74
N LYS I 229 12.57 16.46 44.51
CA LYS I 229 11.93 17.75 44.27
C LYS I 229 10.42 17.68 44.49
N ALA I 230 9.78 16.61 44.01
CA ALA I 230 8.33 16.53 44.10
C ALA I 230 7.86 16.32 45.54
N LEU I 231 8.54 15.46 46.29
CA LEU I 231 8.08 15.12 47.63
C LEU I 231 8.27 16.29 48.59
N PHE I 232 9.44 16.91 48.57
CA PHE I 232 9.73 18.03 49.47
C PHE I 232 9.50 19.36 48.75
N SER J 25 -61.35 -25.28 -33.39
CA SER J 25 -60.98 -25.81 -32.08
C SER J 25 -59.85 -25.00 -31.46
N PRO J 26 -59.95 -24.73 -30.15
CA PRO J 26 -58.93 -23.93 -29.48
C PRO J 26 -57.56 -24.60 -29.44
N LEU J 27 -57.55 -25.90 -29.11
CA LEU J 27 -56.28 -26.62 -28.96
C LEU J 27 -55.53 -26.70 -30.28
N GLU J 28 -56.23 -27.02 -31.37
CA GLU J 28 -55.56 -27.14 -32.66
C GLU J 28 -55.00 -25.81 -33.12
N GLU J 29 -55.76 -24.73 -32.94
CA GLU J 29 -55.25 -23.42 -33.31
C GLU J 29 -54.06 -23.02 -32.46
N ALA J 30 -54.10 -23.35 -31.17
CA ALA J 30 -52.97 -23.07 -30.29
C ALA J 30 -51.72 -23.82 -30.72
N LYS J 31 -51.87 -25.10 -31.10
CA LYS J 31 -50.72 -25.87 -31.56
C LYS J 31 -50.17 -25.33 -32.88
N ARG J 32 -51.07 -24.93 -33.78
CA ARG J 32 -50.62 -24.31 -35.03
C ARG J 32 -49.85 -23.03 -34.76
N LEU J 33 -50.35 -22.22 -33.83
CA LEU J 33 -49.62 -21.00 -33.45
C LEU J 33 -48.27 -21.33 -32.85
N LEU J 34 -48.20 -22.39 -32.04
CA LEU J 34 -46.92 -22.79 -31.45
C LEU J 34 -45.92 -23.17 -32.53
N GLU J 35 -46.37 -23.94 -33.53
CA GLU J 35 -45.47 -24.32 -34.62
C GLU J 35 -45.00 -23.10 -35.41
N LYS J 36 -45.94 -22.18 -35.70
CA LYS J 36 -45.56 -20.98 -36.43
C LYS J 36 -44.55 -20.13 -35.65
N VAL J 37 -44.76 -20.01 -34.34
CA VAL J 37 -43.85 -19.20 -33.52
C VAL J 37 -42.48 -19.86 -33.43
N LYS J 38 -42.45 -21.19 -33.32
CA LYS J 38 -41.16 -21.89 -33.31
C LYS J 38 -40.41 -21.65 -34.61
N LYS J 39 -41.10 -21.75 -35.74
CA LYS J 39 -40.47 -21.50 -37.03
C LYS J 39 -39.95 -20.07 -37.11
N ARG J 40 -40.75 -19.10 -36.66
CA ARG J 40 -40.34 -17.71 -36.72
C ARG J 40 -39.12 -17.44 -35.84
N VAL J 41 -39.09 -18.02 -34.64
CA VAL J 41 -37.96 -17.83 -33.75
C VAL J 41 -36.69 -18.44 -34.35
N GLU J 42 -36.82 -19.64 -34.93
CA GLU J 42 -35.66 -20.26 -35.57
C GLU J 42 -35.14 -19.41 -36.72
N GLU J 43 -36.06 -18.84 -37.51
CA GLU J 43 -35.64 -17.97 -38.61
C GLU J 43 -34.96 -16.70 -38.10
N ILE J 44 -35.50 -16.10 -37.03
CA ILE J 44 -34.97 -14.83 -36.53
C ILE J 44 -33.58 -15.03 -35.93
N MET J 45 -33.38 -16.12 -35.18
CA MET J 45 -32.14 -16.29 -34.43
C MET J 45 -30.92 -16.41 -35.32
N LYS J 46 -31.10 -16.67 -36.62
CA LYS J 46 -29.99 -16.80 -37.54
C LYS J 46 -29.30 -15.46 -37.85
N ASN J 47 -29.93 -14.34 -37.52
CA ASN J 47 -29.35 -13.04 -37.81
C ASN J 47 -28.11 -12.80 -36.93
N PRO J 48 -27.10 -12.11 -37.46
CA PRO J 48 -25.89 -11.85 -36.66
C PRO J 48 -25.97 -10.61 -35.78
N ASN J 49 -26.91 -9.71 -36.08
CA ASN J 49 -27.03 -8.46 -35.34
C ASN J 49 -27.89 -8.68 -34.09
N PRO J 50 -27.34 -8.50 -32.88
CA PRO J 50 -28.14 -8.81 -31.68
C PRO J 50 -29.29 -7.84 -31.46
N VAL J 51 -29.10 -6.55 -31.72
CA VAL J 51 -30.16 -5.57 -31.47
C VAL J 51 -31.33 -5.80 -32.42
N LYS J 52 -31.06 -6.10 -33.68
CA LYS J 52 -32.13 -6.41 -34.63
C LYS J 52 -32.88 -7.67 -34.21
N VAL J 53 -32.16 -8.68 -33.73
CA VAL J 53 -32.79 -9.90 -33.23
C VAL J 53 -33.70 -9.57 -32.07
N MET J 54 -33.24 -8.72 -31.14
CA MET J 54 -34.04 -8.39 -29.97
C MET J 54 -35.30 -7.62 -30.37
N LEU J 55 -35.17 -6.69 -31.32
CA LEU J 55 -36.35 -5.94 -31.78
C LEU J 55 -37.36 -6.86 -32.45
N GLU J 56 -36.88 -7.78 -33.29
CA GLU J 56 -37.77 -8.74 -33.94
C GLU J 56 -38.48 -9.62 -32.91
N LEU J 57 -37.75 -10.06 -31.88
CA LEU J 57 -38.35 -10.89 -30.86
C LEU J 57 -39.39 -10.12 -30.05
N LYS J 58 -39.13 -8.84 -29.79
CA LYS J 58 -40.12 -8.01 -29.11
C LYS J 58 -41.39 -7.89 -29.95
N GLU J 59 -41.23 -7.69 -31.25
CA GLU J 59 -42.41 -7.63 -32.12
C GLU J 59 -43.17 -8.95 -32.12
N LEU J 60 -42.44 -10.07 -32.14
CA LEU J 60 -43.09 -11.38 -32.12
C LEU J 60 -43.85 -11.60 -30.82
N LEU J 61 -43.28 -11.18 -29.69
CA LEU J 61 -43.96 -11.30 -28.41
C LEU J 61 -45.24 -10.47 -28.40
N ASP J 62 -45.18 -9.24 -28.92
CA ASP J 62 -46.39 -8.42 -29.01
C ASP J 62 -47.45 -9.07 -29.87
N GLU J 63 -47.04 -9.65 -31.02
CA GLU J 63 -48.00 -10.33 -31.88
C GLU J 63 -48.61 -11.53 -31.19
N ALA J 64 -47.82 -12.26 -30.40
CA ALA J 64 -48.35 -13.39 -29.65
C ALA J 64 -49.40 -12.93 -28.64
N VAL J 65 -49.15 -11.82 -27.96
CA VAL J 65 -50.14 -11.31 -27.01
C VAL J 65 -51.42 -10.88 -27.74
N HIS J 66 -51.26 -10.22 -28.89
CA HIS J 66 -52.42 -9.85 -29.69
C HIS J 66 -53.25 -11.07 -30.07
N GLU J 67 -52.58 -12.15 -30.47
CA GLU J 67 -53.28 -13.38 -30.78
C GLU J 67 -53.97 -13.95 -29.54
N PHE J 68 -53.32 -13.85 -28.37
CA PHE J 68 -53.89 -14.39 -27.15
C PHE J 68 -55.20 -13.71 -26.79
N VAL J 69 -55.25 -12.38 -26.91
CA VAL J 69 -56.49 -11.68 -26.54
C VAL J 69 -57.60 -11.85 -27.56
N LEU J 70 -57.29 -12.40 -28.74
CA LEU J 70 -58.28 -12.57 -29.80
C LEU J 70 -58.88 -13.96 -29.85
N MET J 71 -58.49 -14.86 -28.94
CA MET J 71 -58.98 -16.23 -28.96
C MET J 71 -59.41 -16.62 -27.55
N GLU J 72 -60.19 -17.70 -27.46
CA GLU J 72 -60.66 -18.19 -26.18
C GLU J 72 -59.52 -18.93 -25.47
N VAL J 73 -59.34 -18.62 -24.19
CA VAL J 73 -58.31 -19.29 -23.40
C VAL J 73 -58.99 -20.11 -22.31
N ASN J 74 -59.25 -21.38 -22.60
CA ASN J 74 -59.82 -22.32 -21.65
C ASN J 74 -58.69 -23.12 -21.00
N GLU J 75 -59.06 -24.17 -20.28
CA GLU J 75 -58.10 -24.94 -19.51
C GLU J 75 -57.32 -25.95 -20.34
N GLU J 76 -57.64 -26.13 -21.62
CA GLU J 76 -56.94 -27.13 -22.40
C GLU J 76 -55.76 -26.53 -23.17
N ASN J 77 -55.88 -25.28 -23.62
CA ASN J 77 -54.85 -24.65 -24.43
C ASN J 77 -53.94 -23.72 -23.63
N ARG J 78 -54.16 -23.60 -22.32
CA ARG J 78 -53.36 -22.69 -21.51
C ARG J 78 -51.89 -23.08 -21.49
N GLU J 79 -51.61 -24.39 -21.41
CA GLU J 79 -50.24 -24.86 -21.40
C GLU J 79 -49.50 -24.49 -22.68
N VAL J 80 -50.17 -24.62 -23.83
CA VAL J 80 -49.53 -24.31 -25.10
C VAL J 80 -49.21 -22.82 -25.19
N LEU J 81 -50.12 -21.96 -24.72
CA LEU J 81 -49.86 -20.53 -24.75
C LEU J 81 -48.70 -20.15 -23.83
N ILE J 82 -48.65 -20.76 -22.65
CA ILE J 82 -47.52 -20.51 -21.75
C ILE J 82 -46.21 -20.97 -22.39
N GLU J 83 -46.26 -22.10 -23.11
CA GLU J 83 -45.06 -22.60 -23.78
C GLU J 83 -44.62 -21.65 -24.90
N ILE J 84 -45.57 -21.07 -25.63
CA ILE J 84 -45.23 -20.10 -26.67
C ILE J 84 -44.53 -18.89 -26.04
N LEU J 85 -45.10 -18.37 -24.95
CA LEU J 85 -44.50 -17.23 -24.27
C LEU J 85 -43.09 -17.57 -23.79
N ALA J 86 -42.93 -18.75 -23.20
CA ALA J 86 -41.61 -19.17 -22.70
C ALA J 86 -40.61 -19.29 -23.83
N THR J 87 -41.02 -19.82 -24.97
CA THR J 87 -40.12 -19.95 -26.11
C THR J 87 -39.60 -18.59 -26.56
N ILE J 88 -40.52 -17.63 -26.76
CA ILE J 88 -40.09 -16.32 -27.23
C ILE J 88 -39.21 -15.63 -26.19
N PHE J 89 -39.57 -15.75 -24.91
CA PHE J 89 -38.79 -15.05 -23.89
C PHE J 89 -37.41 -15.67 -23.69
N GLU J 90 -37.29 -17.00 -23.80
CA GLU J 90 -35.98 -17.63 -23.73
C GLU J 90 -35.10 -17.18 -24.88
N ALA J 91 -35.66 -17.13 -26.09
CA ALA J 91 -34.88 -16.62 -27.21
C ALA J 91 -34.43 -15.19 -26.96
N PHE J 92 -35.31 -14.35 -26.42
CA PHE J 92 -34.94 -12.97 -26.14
C PHE J 92 -33.84 -12.88 -25.10
N LEU J 93 -33.90 -13.71 -24.05
CA LEU J 93 -32.89 -13.67 -23.01
C LEU J 93 -31.53 -14.08 -23.56
N HIS J 94 -31.49 -15.11 -24.41
CA HIS J 94 -30.22 -15.48 -25.04
C HIS J 94 -29.69 -14.34 -25.92
N ALA J 95 -30.56 -13.73 -26.71
CA ALA J 95 -30.12 -12.62 -27.57
C ALA J 95 -29.59 -11.47 -26.74
N ALA J 96 -30.19 -11.21 -25.58
CA ALA J 96 -29.70 -10.16 -24.70
C ALA J 96 -28.33 -10.52 -24.13
N ARG J 97 -28.12 -11.79 -23.79
CA ARG J 97 -26.79 -12.22 -23.35
C ARG J 97 -25.75 -12.09 -24.45
N ASP J 98 -26.18 -12.13 -25.72
CA ASP J 98 -25.21 -12.07 -26.81
C ASP J 98 -24.40 -10.78 -26.79
N GLY J 99 -25.04 -9.64 -26.58
CA GLY J 99 -24.29 -8.41 -26.39
C GLY J 99 -24.86 -7.18 -27.06
N GLY J 100 -24.16 -6.06 -26.93
CA GLY J 100 -24.57 -4.80 -27.48
C GLY J 100 -24.29 -3.66 -26.51
N ASN J 101 -24.92 -2.53 -26.76
CA ASN J 101 -24.80 -1.38 -25.86
C ASN J 101 -25.58 -1.64 -24.58
N PRO J 102 -24.95 -1.56 -23.40
CA PRO J 102 -25.66 -1.97 -22.17
C PRO J 102 -26.94 -1.21 -21.88
N LYS J 103 -26.97 0.11 -22.09
CA LYS J 103 -28.18 0.86 -21.77
C LYS J 103 -29.33 0.48 -22.68
N LEU J 104 -29.08 0.40 -23.98
CA LEU J 104 -30.10 0.01 -24.93
C LEU J 104 -30.59 -1.41 -24.64
N VAL J 105 -29.67 -2.32 -24.35
CA VAL J 105 -30.04 -3.71 -24.08
C VAL J 105 -30.90 -3.80 -22.83
N LEU J 106 -30.54 -3.06 -21.77
CA LEU J 106 -31.32 -3.08 -20.55
C LEU J 106 -32.72 -2.53 -20.76
N LEU J 107 -32.84 -1.44 -21.53
CA LEU J 107 -34.14 -0.87 -21.82
C LEU J 107 -35.02 -1.84 -22.62
N LEU J 108 -34.43 -2.50 -23.63
CA LEU J 108 -35.18 -3.50 -24.39
C LEU J 108 -35.57 -4.68 -23.51
N LEU J 109 -34.69 -5.05 -22.56
CA LEU J 109 -35.02 -6.13 -21.63
C LEU J 109 -36.22 -5.78 -20.78
N LEU J 110 -36.27 -4.53 -20.30
CA LEU J 110 -37.42 -4.11 -19.50
C LEU J 110 -38.70 -4.13 -20.33
N GLU J 111 -38.65 -3.64 -21.57
CA GLU J 111 -39.85 -3.67 -22.41
C GLU J 111 -40.32 -5.10 -22.67
N ALA J 112 -39.39 -5.99 -22.96
CA ALA J 112 -39.74 -7.39 -23.19
C ALA J 112 -40.36 -8.01 -21.95
N PHE J 113 -39.81 -7.69 -20.77
CA PHE J 113 -40.37 -8.23 -19.53
C PHE J 113 -41.79 -7.74 -19.30
N GLU J 114 -42.04 -6.45 -19.58
CA GLU J 114 -43.40 -5.92 -19.40
C GLU J 114 -44.37 -6.61 -20.36
N THR J 115 -43.97 -6.82 -21.61
CA THR J 115 -44.85 -7.53 -22.54
C THR J 115 -45.10 -8.96 -22.07
N PHE J 116 -44.07 -9.63 -21.56
CA PHE J 116 -44.21 -10.99 -21.04
C PHE J 116 -45.18 -11.04 -19.87
N VAL J 117 -45.09 -10.06 -18.97
CA VAL J 117 -45.99 -10.01 -17.83
C VAL J 117 -47.43 -9.79 -18.29
N ARG J 118 -47.63 -8.92 -19.29
CA ARG J 118 -48.98 -8.73 -19.83
C ARG J 118 -49.52 -10.02 -20.43
N GLY J 119 -48.68 -10.75 -21.16
CA GLY J 119 -49.12 -12.02 -21.73
C GLY J 119 -49.49 -13.03 -20.67
N VAL J 120 -48.69 -13.11 -19.60
CA VAL J 120 -49.00 -14.04 -18.51
C VAL J 120 -50.29 -13.64 -17.82
N GLU J 121 -50.52 -12.34 -17.65
CA GLU J 121 -51.78 -11.87 -17.07
C GLU J 121 -52.97 -12.25 -17.93
N VAL J 122 -52.84 -12.10 -19.25
CA VAL J 122 -53.94 -12.44 -20.15
C VAL J 122 -54.22 -13.94 -20.11
N VAL J 123 -53.18 -14.75 -20.20
CA VAL J 123 -53.36 -16.20 -20.25
C VAL J 123 -53.71 -16.75 -18.87
N GLY J 124 -52.98 -16.35 -17.85
CA GLY J 124 -53.20 -16.90 -16.52
C GLY J 124 -52.40 -18.17 -16.29
N VAL J 125 -52.08 -18.41 -15.03
CA VAL J 125 -51.27 -19.56 -14.63
C VAL J 125 -52.06 -20.35 -13.60
N THR J 126 -52.31 -21.63 -13.88
CA THR J 126 -53.12 -22.47 -13.01
C THR J 126 -52.34 -23.66 -12.46
N SER J 127 -51.73 -24.47 -13.33
CA SER J 127 -51.06 -25.68 -12.89
C SER J 127 -49.68 -25.35 -12.32
N GLU J 128 -49.02 -26.39 -11.79
CA GLU J 128 -47.70 -26.21 -11.21
C GLU J 128 -46.62 -26.09 -12.28
N ARG J 129 -46.79 -26.76 -13.43
CA ARG J 129 -45.78 -26.68 -14.48
C ARG J 129 -45.66 -25.27 -15.04
N GLU J 130 -46.79 -24.59 -15.25
CA GLU J 130 -46.74 -23.22 -15.75
C GLU J 130 -46.09 -22.29 -14.74
N LEU J 131 -46.40 -22.47 -13.46
CA LEU J 131 -45.77 -21.67 -12.42
C LEU J 131 -44.26 -21.89 -12.40
N ARG J 132 -43.82 -23.15 -12.50
CA ARG J 132 -42.40 -23.43 -12.53
C ARG J 132 -41.74 -22.78 -13.74
N LEU J 133 -42.39 -22.84 -14.90
CA LEU J 133 -41.85 -22.25 -16.11
C LEU J 133 -41.66 -20.74 -15.96
N VAL J 134 -42.70 -20.05 -15.49
CA VAL J 134 -42.61 -18.59 -15.39
C VAL J 134 -41.62 -18.18 -14.31
N LEU J 135 -41.53 -18.92 -13.21
CA LEU J 135 -40.58 -18.56 -12.16
C LEU J 135 -39.14 -18.78 -12.62
N GLU J 136 -38.89 -19.87 -13.35
CA GLU J 136 -37.57 -20.06 -13.94
C GLU J 136 -37.22 -18.93 -14.90
N LEU J 137 -38.19 -18.51 -15.71
CA LEU J 137 -37.94 -17.38 -16.61
C LEU J 137 -37.61 -16.12 -15.84
N LEU J 138 -38.30 -15.87 -14.73
CA LEU J 138 -38.00 -14.69 -13.92
C LEU J 138 -36.58 -14.75 -13.35
N VAL J 139 -36.18 -15.91 -12.86
CA VAL J 139 -34.82 -16.05 -12.32
C VAL J 139 -33.78 -15.77 -13.41
N GLU J 140 -33.99 -16.35 -14.60
CA GLU J 140 -33.06 -16.11 -15.69
C GLU J 140 -33.02 -14.63 -16.09
N PHE J 141 -34.18 -13.98 -16.10
CA PHE J 141 -34.24 -12.56 -16.43
C PHE J 141 -33.43 -11.74 -15.43
N VAL J 142 -33.58 -12.02 -14.15
CA VAL J 142 -32.84 -11.26 -13.14
C VAL J 142 -31.34 -11.49 -13.31
N HIS J 143 -30.93 -12.73 -13.54
CA HIS J 143 -29.51 -13.02 -13.72
C HIS J 143 -28.94 -12.29 -14.93
N VAL J 144 -29.66 -12.29 -16.06
CA VAL J 144 -29.18 -11.62 -17.25
C VAL J 144 -29.12 -10.11 -17.03
N PHE J 145 -30.11 -9.54 -16.35
CA PHE J 145 -30.11 -8.11 -16.09
C PHE J 145 -28.90 -7.71 -15.26
N ILE J 146 -28.61 -8.46 -14.21
CA ILE J 146 -27.45 -8.13 -13.38
C ILE J 146 -26.16 -8.29 -14.16
N LEU J 147 -26.06 -9.34 -14.97
CA LEU J 147 -24.87 -9.55 -15.78
C LEU J 147 -24.63 -8.41 -16.74
N ILE J 148 -25.69 -7.91 -17.38
CA ILE J 148 -25.52 -6.81 -18.33
C ILE J 148 -25.18 -5.52 -17.60
N SER J 149 -25.83 -5.24 -16.47
CA SER J 149 -25.62 -3.98 -15.78
C SER J 149 -24.35 -3.95 -14.95
N ARG J 150 -23.61 -5.07 -14.87
CA ARG J 150 -22.35 -5.08 -14.15
C ARG J 150 -21.38 -4.00 -14.65
N LEU J 151 -21.47 -3.62 -15.91
CA LEU J 151 -20.45 -2.80 -16.55
C LEU J 151 -20.78 -1.32 -16.60
N LEU J 152 -21.82 -0.87 -15.90
CA LEU J 152 -22.11 0.56 -15.84
C LEU J 152 -21.34 1.22 -14.69
N GLU J 153 -21.52 2.53 -14.57
CA GLU J 153 -21.01 3.26 -13.43
C GLU J 153 -21.95 3.09 -12.23
N PRO J 154 -21.45 3.31 -11.01
CA PRO J 154 -22.26 3.00 -9.81
C PRO J 154 -23.60 3.73 -9.76
N ARG J 155 -23.66 4.99 -10.18
CA ARG J 155 -24.93 5.71 -10.13
C ARG J 155 -25.93 5.14 -11.14
N GLU J 156 -25.49 4.94 -12.38
CA GLU J 156 -26.35 4.30 -13.37
C GLU J 156 -26.66 2.86 -12.98
N PHE J 157 -25.73 2.17 -12.34
CA PHE J 157 -26.00 0.82 -11.86
C PHE J 157 -27.13 0.81 -10.83
N ILE J 158 -27.12 1.76 -9.90
CA ILE J 158 -28.17 1.82 -8.89
C ILE J 158 -29.50 2.21 -9.54
N ALA J 159 -29.48 3.10 -10.52
CA ALA J 159 -30.71 3.44 -11.23
C ALA J 159 -31.29 2.21 -11.93
N SER J 160 -30.44 1.41 -12.58
CA SER J 160 -30.89 0.19 -13.21
C SER J 160 -31.46 -0.80 -12.19
N MET J 161 -30.82 -0.90 -11.02
CA MET J 161 -31.33 -1.79 -9.98
C MET J 161 -32.70 -1.33 -9.48
N LEU J 162 -32.91 -0.02 -9.37
CA LEU J 162 -34.22 0.49 -8.99
C LEU J 162 -35.27 0.12 -10.02
N GLU J 163 -34.94 0.26 -11.31
CA GLU J 163 -35.88 -0.15 -12.36
C GLU J 163 -36.19 -1.64 -12.30
N LEU J 164 -35.16 -2.45 -12.04
CA LEU J 164 -35.37 -3.90 -11.92
C LEU J 164 -36.28 -4.22 -10.73
N LEU J 165 -36.11 -3.49 -9.62
CA LEU J 165 -36.98 -3.70 -8.47
C LEU J 165 -38.43 -3.41 -8.80
N ARG J 166 -38.68 -2.30 -9.51
CA ARG J 166 -40.05 -2.00 -9.91
C ARG J 166 -40.62 -3.10 -10.81
N ALA J 167 -39.81 -3.59 -11.75
CA ALA J 167 -40.28 -4.64 -12.65
C ALA J 167 -40.64 -5.91 -11.87
N ILE J 168 -39.80 -6.30 -10.92
CA ILE J 168 -40.07 -7.50 -10.13
C ILE J 168 -41.33 -7.32 -9.29
N GLU J 169 -41.52 -6.13 -8.72
CA GLU J 169 -42.72 -5.86 -7.94
C GLU J 169 -43.97 -6.00 -8.80
N ARG J 170 -43.94 -5.44 -10.01
CA ARG J 170 -45.09 -5.58 -10.91
C ARG J 170 -45.34 -7.04 -11.25
N PHE J 171 -44.28 -7.80 -11.55
CA PHE J 171 -44.45 -9.21 -11.87
C PHE J 171 -45.12 -9.97 -10.74
N PHE J 172 -44.63 -9.77 -9.51
CA PHE J 172 -45.18 -10.53 -8.39
C PHE J 172 -46.55 -10.03 -7.97
N GLU J 173 -46.93 -8.80 -8.35
CA GLU J 173 -48.31 -8.38 -8.15
C GLU J 173 -49.25 -9.03 -9.14
N VAL J 174 -48.81 -9.21 -10.40
CA VAL J 174 -49.68 -9.81 -11.40
C VAL J 174 -49.91 -11.29 -11.10
N LEU J 175 -48.84 -12.01 -10.75
CA LEU J 175 -48.91 -13.47 -10.65
C LEU J 175 -49.78 -13.91 -9.47
N LYS J 176 -50.43 -15.07 -9.64
CA LYS J 176 -51.24 -15.68 -8.61
C LYS J 176 -50.82 -17.14 -8.44
N GLY J 177 -50.82 -17.61 -7.20
CA GLY J 177 -50.40 -18.97 -6.93
C GLY J 177 -50.23 -19.19 -5.43
N ASN J 178 -49.39 -20.17 -5.10
CA ASN J 178 -49.12 -20.48 -3.70
C ASN J 178 -48.29 -19.37 -3.08
N PRO J 179 -48.75 -18.72 -2.02
CA PRO J 179 -48.00 -17.59 -1.45
C PRO J 179 -46.63 -17.94 -0.94
N GLU J 180 -46.44 -19.14 -0.37
CA GLU J 180 -45.16 -19.46 0.25
C GLU J 180 -44.05 -19.64 -0.77
N ARG J 181 -44.32 -20.40 -1.84
CA ARG J 181 -43.31 -20.59 -2.87
C ARG J 181 -42.98 -19.29 -3.57
N LEU J 182 -44.00 -18.47 -3.85
CA LEU J 182 -43.76 -17.18 -4.48
C LEU J 182 -42.92 -16.28 -3.58
N LEU J 183 -43.19 -16.29 -2.28
CA LEU J 183 -42.40 -15.49 -1.34
C LEU J 183 -40.96 -15.98 -1.28
N ALA J 184 -40.76 -17.30 -1.31
CA ALA J 184 -39.40 -17.83 -1.31
C ALA J 184 -38.62 -17.40 -2.54
N VAL J 185 -39.26 -17.49 -3.71
CA VAL J 185 -38.60 -17.07 -4.95
C VAL J 185 -38.28 -15.58 -4.92
N PHE J 186 -39.23 -14.78 -4.43
CA PHE J 186 -39.02 -13.33 -4.35
C PHE J 186 -37.86 -12.99 -3.43
N GLU J 187 -37.80 -13.64 -2.27
CA GLU J 187 -36.69 -13.38 -1.34
C GLU J 187 -35.36 -13.79 -1.95
N GLU J 188 -35.32 -14.91 -2.66
CA GLU J 188 -34.06 -15.35 -3.25
C GLU J 188 -33.57 -14.36 -4.31
N VAL J 189 -34.46 -13.91 -5.20
CA VAL J 189 -33.99 -12.96 -6.21
C VAL J 189 -33.61 -11.63 -5.57
N LEU J 190 -34.28 -11.24 -4.49
CA LEU J 190 -33.88 -10.04 -3.78
C LEU J 190 -32.48 -10.18 -3.20
N GLU J 191 -32.16 -11.34 -2.64
CA GLU J 191 -30.82 -11.56 -2.12
C GLU J 191 -29.77 -11.50 -3.23
N ASP J 192 -30.11 -12.04 -4.41
CA ASP J 192 -29.19 -11.95 -5.54
C ASP J 192 -28.89 -10.50 -5.90
N ILE J 193 -29.94 -9.68 -6.01
CA ILE J 193 -29.75 -8.26 -6.35
C ILE J 193 -28.95 -7.55 -5.27
N GLU J 194 -29.24 -7.85 -4.00
CA GLU J 194 -28.53 -7.20 -2.90
C GLU J 194 -27.05 -7.55 -2.91
N GLU J 195 -26.72 -8.81 -3.16
CA GLU J 195 -25.31 -9.21 -3.27
C GLU J 195 -24.62 -8.46 -4.40
N ALA J 196 -25.28 -8.36 -5.56
CA ALA J 196 -24.66 -7.63 -6.67
C ALA J 196 -24.40 -6.17 -6.31
N VAL J 197 -25.39 -5.51 -5.69
CA VAL J 197 -25.24 -4.10 -5.35
C VAL J 197 -24.12 -3.90 -4.33
N LEU J 198 -24.06 -4.76 -3.31
CA LEU J 198 -23.04 -4.63 -2.29
C LEU J 198 -21.65 -4.84 -2.89
N LYS J 199 -21.50 -5.81 -3.79
CA LYS J 199 -20.21 -6.03 -4.44
C LYS J 199 -19.82 -4.83 -5.29
N LYS J 200 -20.77 -4.25 -6.01
CA LYS J 200 -20.44 -3.15 -6.90
C LYS J 200 -20.08 -1.88 -6.15
N LEU J 201 -20.75 -1.60 -5.03
CA LEU J 201 -20.59 -0.31 -4.36
C LEU J 201 -19.26 -0.15 -3.65
N THR J 202 -18.31 -1.07 -3.81
CA THR J 202 -17.01 -0.93 -3.18
C THR J 202 -16.03 -0.10 -3.99
N GLU J 203 -16.43 0.39 -5.16
CA GLU J 203 -15.57 1.16 -6.04
C GLU J 203 -15.66 2.66 -5.81
N VAL J 204 -16.41 3.11 -4.82
CA VAL J 204 -16.65 4.54 -4.60
C VAL J 204 -16.28 4.89 -3.17
N ASN J 205 -16.31 6.20 -2.89
CA ASN J 205 -16.02 6.71 -1.57
C ASN J 205 -17.14 6.35 -0.58
N PRO J 206 -16.83 6.31 0.72
CA PRO J 206 -17.86 5.95 1.70
C PRO J 206 -19.08 6.84 1.69
N GLU J 207 -18.93 8.14 1.40
CA GLU J 207 -20.10 9.02 1.35
C GLU J 207 -21.03 8.66 0.20
N THR J 208 -20.47 8.41 -0.98
CA THR J 208 -21.27 7.94 -2.11
C THR J 208 -21.88 6.59 -1.80
N GLN J 209 -21.13 5.72 -1.13
CA GLN J 209 -21.66 4.42 -0.73
C GLN J 209 -22.89 4.59 0.16
N VAL J 210 -22.81 5.51 1.13
CA VAL J 210 -23.93 5.72 2.04
C VAL J 210 -25.14 6.24 1.28
N LEU J 211 -24.94 7.21 0.40
CA LEU J 211 -26.06 7.75 -0.37
C LEU J 211 -26.74 6.67 -1.20
N LEU J 212 -25.96 5.93 -1.97
CA LEU J 212 -26.52 4.92 -2.86
C LEU J 212 -27.16 3.78 -2.07
N LEU J 213 -26.55 3.39 -0.95
CA LEU J 213 -27.12 2.33 -0.13
C LEU J 213 -28.44 2.77 0.49
N GLU J 214 -28.54 4.03 0.94
CA GLU J 214 -29.80 4.52 1.46
C GLU J 214 -30.89 4.47 0.40
N ALA J 215 -30.58 4.92 -0.82
CA ALA J 215 -31.57 4.87 -1.89
C ALA J 215 -32.01 3.44 -2.17
N PHE J 216 -31.05 2.54 -2.32
CA PHE J 216 -31.38 1.15 -2.65
C PHE J 216 -32.21 0.50 -1.55
N TYR J 217 -31.84 0.71 -0.29
CA TYR J 217 -32.55 0.04 0.79
C TYR J 217 -33.94 0.63 1.01
N GLU J 218 -34.12 1.93 0.79
CA GLU J 218 -35.47 2.49 0.83
C GLU J 218 -36.35 1.84 -0.22
N LYS J 219 -35.85 1.75 -1.46
CA LYS J 219 -36.65 1.13 -2.51
C LYS J 219 -36.94 -0.34 -2.20
N LYS J 220 -35.94 -1.07 -1.70
CA LYS J 220 -36.14 -2.48 -1.39
C LYS J 220 -37.18 -2.67 -0.31
N LYS J 221 -37.14 -1.85 0.75
CA LYS J 221 -38.15 -1.95 1.79
C LYS J 221 -39.54 -1.67 1.24
N ASP J 222 -39.68 -0.66 0.39
CA ASP J 222 -40.98 -0.35 -0.19
C ASP J 222 -41.51 -1.52 -1.02
N VAL J 223 -40.66 -2.11 -1.88
CA VAL J 223 -41.14 -3.19 -2.72
C VAL J 223 -41.45 -4.43 -1.91
N VAL J 224 -40.69 -4.69 -0.84
CA VAL J 224 -41.01 -5.82 0.03
C VAL J 224 -42.38 -5.64 0.67
N GLU J 225 -42.66 -4.42 1.15
CA GLU J 225 -43.97 -4.16 1.74
C GLU J 225 -45.08 -4.37 0.72
N HIS J 226 -44.91 -3.84 -0.49
CA HIS J 226 -45.94 -3.98 -1.52
C HIS J 226 -46.18 -5.44 -1.87
N VAL J 227 -45.11 -6.21 -2.05
CA VAL J 227 -45.25 -7.60 -2.44
C VAL J 227 -45.89 -8.42 -1.33
N ARG J 228 -45.50 -8.16 -0.08
CA ARG J 228 -46.11 -8.89 1.03
C ARG J 228 -47.59 -8.55 1.16
N LYS J 229 -47.98 -7.30 0.89
CA LYS J 229 -49.40 -6.96 0.86
C LYS J 229 -50.11 -7.72 -0.26
N ALA J 230 -49.51 -7.78 -1.45
CA ALA J 230 -50.19 -8.38 -2.59
C ALA J 230 -50.33 -9.89 -2.45
N LEU J 231 -49.28 -10.56 -1.95
CA LEU J 231 -49.30 -12.02 -1.88
C LEU J 231 -50.27 -12.52 -0.83
N PHE J 232 -50.23 -11.95 0.37
CA PHE J 232 -51.10 -12.37 1.45
C PHE J 232 -52.32 -11.45 1.55
N SER K 25 -23.93 -47.30 15.21
CA SER K 25 -23.49 -47.68 16.54
C SER K 25 -22.21 -46.96 16.93
N PRO K 26 -22.12 -46.52 18.18
CA PRO K 26 -20.93 -45.77 18.63
C PRO K 26 -19.68 -46.64 18.66
N LEU K 27 -19.79 -47.84 19.19
CA LEU K 27 -18.62 -48.70 19.35
C LEU K 27 -18.03 -49.10 18.01
N GLU K 28 -18.89 -49.46 17.05
CA GLU K 28 -18.39 -49.87 15.73
C GLU K 28 -17.71 -48.71 15.02
N GLU K 29 -18.29 -47.52 15.09
CA GLU K 29 -17.68 -46.36 14.48
C GLU K 29 -16.35 -46.02 15.15
N ALA K 30 -16.28 -46.16 16.48
CA ALA K 30 -15.03 -45.92 17.19
C ALA K 30 -13.95 -46.91 16.76
N LYS K 31 -14.32 -48.19 16.60
CA LYS K 31 -13.34 -49.18 16.17
C LYS K 31 -12.88 -48.93 14.74
N ARG K 32 -13.80 -48.52 13.85
CA ARG K 32 -13.41 -48.16 12.50
C ARG K 32 -12.44 -46.98 12.50
N LEU K 33 -12.72 -45.98 13.34
CA LEU K 33 -11.83 -44.84 13.47
C LEU K 33 -10.46 -45.27 13.99
N LEU K 34 -10.44 -46.20 14.94
CA LEU K 34 -9.17 -46.71 15.47
C LEU K 34 -8.36 -47.38 14.38
N GLU K 35 -9.00 -48.22 13.56
CA GLU K 35 -8.29 -48.89 12.48
C GLU K 35 -7.76 -47.88 11.46
N LYS K 36 -8.57 -46.90 11.10
CA LYS K 36 -8.13 -45.88 10.15
C LYS K 36 -6.95 -45.09 10.71
N VAL K 37 -7.00 -44.74 11.99
CA VAL K 37 -5.92 -43.98 12.61
C VAL K 37 -4.64 -44.81 12.66
N LYS K 38 -4.75 -46.10 12.97
CA LYS K 38 -3.58 -46.96 12.98
C LYS K 38 -2.95 -47.04 11.59
N LYS K 39 -3.78 -47.20 10.56
CA LYS K 39 -3.26 -47.23 9.20
C LYS K 39 -2.55 -45.93 8.85
N ARG K 40 -3.16 -44.79 9.21
CA ARG K 40 -2.58 -43.50 8.89
C ARG K 40 -1.26 -43.29 9.62
N VAL K 41 -1.18 -43.71 10.90
CA VAL K 41 0.05 -43.55 11.66
C VAL K 41 1.16 -44.40 11.04
N GLU K 42 0.83 -45.64 10.68
CA GLU K 42 1.83 -46.51 10.05
C GLU K 42 2.33 -45.90 8.74
N GLU K 43 1.42 -45.33 7.94
CA GLU K 43 1.82 -44.70 6.70
C GLU K 43 2.70 -43.47 6.95
N ILE K 44 2.35 -42.65 7.95
CA ILE K 44 3.08 -41.41 8.19
C ILE K 44 4.48 -41.70 8.72
N MET K 45 4.62 -42.68 9.60
CA MET K 45 5.91 -42.90 10.25
C MET K 45 7.00 -43.34 9.28
N LYS K 46 6.63 -43.73 8.06
CA LYS K 46 7.61 -44.18 7.07
C LYS K 46 8.42 -43.02 6.48
N ASN K 47 7.98 -41.78 6.66
CA ASN K 47 8.70 -40.64 6.10
C ASN K 47 10.05 -40.47 6.80
N PRO K 48 11.08 -40.05 6.06
CA PRO K 48 12.40 -39.87 6.68
C PRO K 48 12.59 -38.51 7.34
N ASN K 49 11.72 -37.55 7.05
CA ASN K 49 11.84 -36.21 7.61
C ASN K 49 11.10 -36.14 8.95
N PRO K 50 11.80 -35.87 10.06
CA PRO K 50 11.10 -35.87 11.36
C PRO K 50 10.12 -34.73 11.54
N VAL K 51 10.45 -33.53 11.06
CA VAL K 51 9.57 -32.38 11.23
C VAL K 51 8.29 -32.57 10.44
N LYS K 52 8.39 -33.10 9.22
CA LYS K 52 7.20 -33.40 8.44
C LYS K 52 6.34 -34.45 9.12
N VAL K 53 6.97 -35.47 9.71
CA VAL K 53 6.24 -36.49 10.45
C VAL K 53 5.49 -35.85 11.61
N MET K 54 6.14 -34.96 12.35
CA MET K 54 5.49 -34.30 13.47
C MET K 54 4.31 -33.44 13.00
N LEU K 55 4.47 -32.74 11.88
CA LEU K 55 3.38 -31.92 11.37
C LEU K 55 2.17 -32.76 10.98
N GLU K 56 2.41 -33.87 10.27
CA GLU K 56 1.28 -34.74 9.91
C GLU K 56 0.64 -35.36 11.13
N LEU K 57 1.43 -35.71 12.14
CA LEU K 57 0.85 -36.29 13.35
C LEU K 57 0.03 -35.26 14.11
N LYS K 58 0.47 -34.00 14.14
CA LYS K 58 -0.33 -32.95 14.75
C LYS K 58 -1.65 -32.77 14.02
N GLU K 59 -1.61 -32.79 12.69
CA GLU K 59 -2.85 -32.69 11.92
C GLU K 59 -3.77 -33.86 12.21
N LEU K 60 -3.21 -35.06 12.31
CA LEU K 60 -4.01 -36.25 12.61
C LEU K 60 -4.66 -36.14 13.99
N LEU K 61 -3.91 -35.63 14.97
CA LEU K 61 -4.48 -35.44 16.31
C LEU K 61 -5.64 -34.45 16.28
N ASP K 62 -5.47 -33.35 15.55
CA ASP K 62 -6.56 -32.38 15.44
C ASP K 62 -7.79 -33.00 14.79
N GLU K 63 -7.60 -33.78 13.72
CA GLU K 63 -8.74 -34.45 13.09
C GLU K 63 -9.41 -35.43 14.05
N ALA K 64 -8.62 -36.13 14.86
CA ALA K 64 -9.20 -37.05 15.83
C ALA K 64 -10.06 -36.31 16.84
N VAL K 65 -9.60 -35.15 17.32
CA VAL K 65 -10.40 -34.37 18.25
C VAL K 65 -11.68 -33.89 17.58
N HIS K 66 -11.58 -33.45 16.33
CA HIS K 66 -12.76 -33.01 15.59
C HIS K 66 -13.78 -34.15 15.48
N GLU K 67 -13.30 -35.36 15.21
CA GLU K 67 -14.19 -36.52 15.15
C GLU K 67 -14.80 -36.80 16.53
N PHE K 68 -14.02 -36.61 17.59
CA PHE K 68 -14.52 -36.87 18.93
C PHE K 68 -15.68 -35.95 19.29
N VAL K 69 -15.55 -34.66 18.99
CA VAL K 69 -16.63 -33.73 19.35
C VAL K 69 -17.86 -33.88 18.46
N LEU K 70 -17.76 -34.62 17.37
CA LEU K 70 -18.85 -34.79 16.41
C LEU K 70 -19.64 -36.07 16.62
N MET K 71 -19.31 -36.87 17.63
CA MET K 71 -19.97 -38.14 17.87
C MET K 71 -20.31 -38.25 19.35
N GLU K 72 -21.19 -39.22 19.65
CA GLU K 72 -21.59 -39.45 21.03
C GLU K 72 -20.51 -40.21 21.78
N VAL K 73 -20.18 -39.75 22.98
CA VAL K 73 -19.16 -40.40 23.78
C VAL K 73 -19.80 -40.95 25.06
N ASN K 74 -20.18 -42.21 25.02
CA ASN K 74 -20.74 -42.91 26.17
C ASN K 74 -19.66 -43.78 26.81
N GLU K 75 -20.07 -44.63 27.76
CA GLU K 75 -19.13 -45.42 28.54
C GLU K 75 -18.62 -46.64 27.79
N GLU K 76 -19.15 -46.96 26.61
CA GLU K 76 -18.73 -48.16 25.90
C GLU K 76 -17.58 -47.90 24.94
N ASN K 77 -17.50 -46.69 24.38
CA ASN K 77 -16.47 -46.36 23.40
C ASN K 77 -15.39 -45.45 23.95
N ARG K 78 -15.44 -45.11 25.23
CA ARG K 78 -14.45 -44.19 25.81
C ARG K 78 -13.05 -44.78 25.75
N GLU K 79 -12.92 -46.08 26.02
CA GLU K 79 -11.60 -46.71 26.01
C GLU K 79 -10.99 -46.67 24.61
N VAL K 80 -11.80 -46.88 23.58
CA VAL K 80 -11.30 -46.86 22.20
C VAL K 80 -10.79 -45.46 21.84
N LEU K 81 -11.53 -44.42 22.24
CA LEU K 81 -11.09 -43.06 21.94
C LEU K 81 -9.80 -42.72 22.67
N ILE K 82 -9.68 -43.16 23.93
CA ILE K 82 -8.44 -42.94 24.67
C ILE K 82 -7.30 -43.67 24.00
N GLU K 83 -7.55 -44.87 23.48
CA GLU K 83 -6.50 -45.62 22.79
C GLU K 83 -6.08 -44.93 21.50
N ILE K 84 -7.03 -44.33 20.78
CA ILE K 84 -6.68 -43.58 19.57
C ILE K 84 -5.76 -42.41 19.92
N LEU K 85 -6.14 -41.65 20.96
CA LEU K 85 -5.32 -40.52 21.38
C LEU K 85 -3.93 -40.98 21.80
N ALA K 86 -3.86 -42.08 22.55
CA ALA K 86 -2.58 -42.60 23.00
C ALA K 86 -1.70 -43.04 21.84
N THR K 87 -2.31 -43.68 20.83
CA THR K 87 -1.55 -44.11 19.67
C THR K 87 -0.91 -42.93 18.95
N ILE K 88 -1.72 -41.90 18.67
CA ILE K 88 -1.18 -40.75 17.95
C ILE K 88 -0.11 -40.03 18.79
N PHE K 89 -0.35 -39.88 20.09
CA PHE K 89 0.61 -39.16 20.92
C PHE K 89 1.92 -39.94 21.09
N GLU K 90 1.85 -41.27 21.20
CA GLU K 90 3.07 -42.06 21.28
C GLU K 90 3.88 -41.95 19.99
N ALA K 91 3.21 -42.00 18.83
CA ALA K 91 3.92 -41.80 17.58
C ALA K 91 4.58 -40.43 17.56
N PHE K 92 3.88 -39.40 18.02
CA PHE K 92 4.46 -38.06 18.04
C PHE K 92 5.67 -37.97 18.95
N LEU K 93 5.61 -38.61 20.12
CA LEU K 93 6.74 -38.55 21.05
C LEU K 93 7.96 -39.26 20.48
N HIS K 94 7.76 -40.40 19.83
CA HIS K 94 8.88 -41.06 19.17
C HIS K 94 9.47 -40.19 18.07
N ALA K 95 8.61 -39.57 17.26
CA ALA K 95 9.09 -38.67 16.20
C ALA K 95 9.88 -37.51 16.79
N ALA K 96 9.45 -36.99 17.94
CA ALA K 96 10.20 -35.93 18.59
C ALA K 96 11.56 -36.42 19.05
N ARG K 97 11.62 -37.64 19.58
CA ARG K 97 12.92 -38.22 19.92
C ARG K 97 13.80 -38.40 18.71
N ASP K 98 13.22 -38.54 17.51
CA ASP K 98 14.03 -38.79 16.32
C ASP K 98 15.02 -37.66 16.06
N GLY K 99 14.59 -36.41 16.20
CA GLY K 99 15.52 -35.30 16.11
C GLY K 99 15.05 -34.10 15.33
N GLY K 100 15.89 -33.07 15.26
CA GLY K 100 15.60 -31.85 14.55
C GLY K 100 16.12 -30.65 15.33
N ASN K 101 15.67 -29.47 14.92
CA ASN K 101 16.04 -28.23 15.59
C ASN K 101 15.35 -28.16 16.95
N PRO K 102 16.10 -27.99 18.05
CA PRO K 102 15.49 -28.10 19.38
C PRO K 102 14.34 -27.13 19.64
N LYS K 103 14.46 -25.87 19.21
CA LYS K 103 13.41 -24.90 19.51
C LYS K 103 12.12 -25.24 18.76
N LEU K 104 12.24 -25.57 17.48
CA LEU K 104 11.07 -25.97 16.70
C LEU K 104 10.43 -27.23 17.26
N VAL K 105 11.25 -28.21 17.65
CA VAL K 105 10.73 -29.45 18.20
C VAL K 105 9.98 -29.19 19.50
N LEU K 106 10.54 -28.33 20.36
CA LEU K 106 9.88 -28.03 21.62
C LEU K 106 8.55 -27.30 21.40
N LEU K 107 8.51 -26.36 20.45
CA LEU K 107 7.27 -25.68 20.13
C LEU K 107 6.20 -26.65 19.63
N LEU K 108 6.60 -27.56 18.72
CA LEU K 108 5.65 -28.55 18.21
C LEU K 108 5.19 -29.48 19.33
N LEU K 109 6.09 -29.82 20.25
CA LEU K 109 5.73 -30.68 21.38
C LEU K 109 4.68 -30.01 22.24
N LEU K 110 4.85 -28.73 22.53
CA LEU K 110 3.86 -28.02 23.33
C LEU K 110 2.51 -27.95 22.63
N GLU K 111 2.51 -27.68 21.32
CA GLU K 111 1.25 -27.63 20.58
C GLU K 111 0.54 -28.98 20.60
N ALA K 112 1.30 -30.06 20.35
CA ALA K 112 0.71 -31.39 20.37
C ALA K 112 0.16 -31.73 21.75
N PHE K 113 0.87 -31.34 22.81
CA PHE K 113 0.40 -31.59 24.16
C PHE K 113 -0.91 -30.85 24.44
N GLU K 114 -1.01 -29.60 23.98
CA GLU K 114 -2.27 -28.87 24.16
C GLU K 114 -3.42 -29.57 23.44
N THR K 115 -3.19 -30.01 22.20
CA THR K 115 -4.24 -30.71 21.48
C THR K 115 -4.63 -32.01 22.19
N PHE K 116 -3.64 -32.75 22.70
CA PHE K 116 -3.91 -33.99 23.43
C PHE K 116 -4.73 -33.72 24.68
N VAL K 117 -4.41 -32.65 25.40
CA VAL K 117 -5.17 -32.32 26.62
C VAL K 117 -6.60 -31.95 26.27
N ARG K 118 -6.80 -31.22 25.17
CA ARG K 118 -8.16 -30.92 24.73
C ARG K 118 -8.92 -32.19 24.38
N GLY K 119 -8.27 -33.12 23.71
CA GLY K 119 -8.92 -34.39 23.39
C GLY K 119 -9.30 -35.17 24.64
N VAL K 120 -8.41 -35.21 25.62
CA VAL K 120 -8.72 -35.92 26.88
C VAL K 120 -9.87 -35.24 27.60
N GLU K 121 -9.89 -33.91 27.59
CA GLU K 121 -11.00 -33.17 28.20
C GLU K 121 -12.32 -33.51 27.53
N VAL K 122 -12.33 -33.58 26.20
CA VAL K 122 -13.56 -33.89 25.48
C VAL K 122 -14.01 -35.32 25.80
N VAL K 123 -13.09 -36.28 25.75
CA VAL K 123 -13.46 -37.68 25.96
C VAL K 123 -13.75 -37.95 27.43
N GLY K 124 -12.87 -37.51 28.31
CA GLY K 124 -13.02 -37.82 29.72
C GLY K 124 -12.37 -39.14 30.10
N VAL K 125 -11.95 -39.23 31.35
CA VAL K 125 -11.27 -40.41 31.87
C VAL K 125 -12.06 -40.92 33.08
N THR K 126 -12.51 -42.18 33.00
CA THR K 126 -13.32 -42.77 34.05
C THR K 126 -12.64 -43.95 34.72
N SER K 127 -12.22 -44.96 33.96
CA SER K 127 -11.66 -46.16 34.54
C SER K 127 -10.20 -45.95 34.92
N GLU K 128 -9.62 -46.96 35.56
CA GLU K 128 -8.22 -46.89 35.96
C GLU K 128 -7.27 -47.10 34.78
N ARG K 129 -7.69 -47.89 33.79
CA ARG K 129 -6.83 -48.11 32.62
C ARG K 129 -6.57 -46.82 31.87
N GLU K 130 -7.62 -46.02 31.65
CA GLU K 130 -7.45 -44.76 30.94
C GLU K 130 -6.58 -43.80 31.73
N LEU K 131 -6.76 -43.75 33.05
CA LEU K 131 -5.93 -42.90 33.89
C LEU K 131 -4.46 -43.32 33.80
N ARG K 132 -4.19 -44.63 33.87
CA ARG K 132 -2.83 -45.11 33.76
C ARG K 132 -2.24 -44.74 32.41
N LEU K 133 -3.02 -44.90 31.33
CA LEU K 133 -2.53 -44.58 30.00
C LEU K 133 -2.15 -43.10 29.89
N VAL K 134 -3.03 -42.21 30.32
CA VAL K 134 -2.76 -40.78 30.17
C VAL K 134 -1.61 -40.35 31.08
N LEU K 135 -1.50 -40.94 32.27
CA LEU K 135 -0.40 -40.56 33.15
C LEU K 135 0.94 -41.05 32.62
N GLU K 136 0.98 -42.25 32.05
CA GLU K 136 2.19 -42.72 31.41
C GLU K 136 2.58 -41.83 30.25
N LEU K 137 1.59 -41.39 29.47
CA LEU K 137 1.88 -40.46 28.37
C LEU K 137 2.45 -39.16 28.88
N LEU K 138 1.92 -38.65 30.00
CA LEU K 138 2.46 -37.42 30.59
C LEU K 138 3.92 -37.61 31.02
N VAL K 139 4.23 -38.75 31.64
CA VAL K 139 5.60 -38.99 32.08
C VAL K 139 6.55 -39.05 30.90
N GLU K 140 6.16 -39.76 29.83
CA GLU K 140 7.03 -39.83 28.65
C GLU K 140 7.17 -38.46 28.00
N PHE K 141 6.11 -37.66 27.99
CA PHE K 141 6.21 -36.31 27.44
C PHE K 141 7.22 -35.47 28.21
N VAL K 142 7.19 -35.54 29.55
CA VAL K 142 8.13 -34.76 30.33
C VAL K 142 9.56 -35.23 30.09
N HIS K 143 9.76 -36.55 30.02
CA HIS K 143 11.10 -37.06 29.77
C HIS K 143 11.64 -36.62 28.41
N VAL K 144 10.82 -36.70 27.37
CA VAL K 144 11.24 -36.31 26.03
C VAL K 144 11.54 -34.81 25.99
N PHE K 145 10.69 -34.01 26.65
CA PHE K 145 10.90 -32.57 26.68
C PHE K 145 12.24 -32.22 27.32
N ILE K 146 12.55 -32.85 28.46
CA ILE K 146 13.81 -32.56 29.14
C ILE K 146 14.98 -33.00 28.28
N LEU K 147 14.87 -34.18 27.65
CA LEU K 147 15.94 -34.69 26.80
C LEU K 147 16.23 -33.74 25.64
N ILE K 148 15.18 -33.21 25.01
CA ILE K 148 15.39 -32.29 23.90
C ILE K 148 15.98 -30.97 24.40
N SER K 149 15.46 -30.43 25.50
CA SER K 149 15.90 -29.12 25.97
C SER K 149 17.25 -29.15 26.66
N ARG K 150 17.84 -30.33 26.87
CA ARG K 150 19.17 -30.41 27.48
C ARG K 150 20.20 -29.58 26.73
N LEU K 151 20.04 -29.40 25.43
CA LEU K 151 21.09 -28.84 24.58
C LEU K 151 20.97 -27.33 24.35
N LEU K 152 20.02 -26.66 25.01
CA LEU K 152 19.93 -25.22 24.87
C LEU K 152 20.89 -24.51 25.83
N GLU K 153 20.95 -23.20 25.72
CA GLU K 153 21.68 -22.36 26.66
C GLU K 153 20.89 -22.22 27.96
N PRO K 154 21.56 -21.92 29.07
CA PRO K 154 20.87 -21.92 30.37
C PRO K 154 19.65 -21.02 30.45
N ARG K 155 19.69 -19.82 29.85
CA ARG K 155 18.55 -18.92 29.92
C ARG K 155 17.39 -19.44 29.10
N GLU K 156 17.66 -19.87 27.86
CA GLU K 156 16.62 -20.50 27.06
C GLU K 156 16.13 -21.79 27.69
N PHE K 157 17.02 -22.52 28.36
CA PHE K 157 16.61 -23.73 29.08
C PHE K 157 15.62 -23.40 30.19
N ILE K 158 15.87 -22.33 30.93
CA ILE K 158 14.96 -21.96 32.01
C ILE K 158 13.62 -21.50 31.45
N ALA K 159 13.64 -20.74 30.35
CA ALA K 159 12.38 -20.34 29.72
C ALA K 159 11.58 -21.56 29.26
N SER K 160 12.25 -22.55 28.67
CA SER K 160 11.57 -23.77 28.25
C SER K 160 11.00 -24.52 29.44
N MET K 161 11.73 -24.55 30.54
CA MET K 161 11.22 -25.21 31.74
C MET K 161 9.99 -24.52 32.29
N LEU K 162 9.96 -23.18 32.21
CA LEU K 162 8.75 -22.47 32.63
C LEU K 162 7.55 -22.82 31.75
N GLU K 163 7.77 -22.91 30.43
CA GLU K 163 6.70 -23.33 29.55
C GLU K 163 6.22 -24.74 29.87
N LEU K 164 7.15 -25.65 30.16
CA LEU K 164 6.79 -27.01 30.54
C LEU K 164 5.97 -27.03 31.83
N LEU K 165 6.35 -26.19 32.80
CA LEU K 165 5.59 -26.11 34.05
C LEU K 165 4.16 -25.67 33.79
N ARG K 166 3.98 -24.65 32.94
CA ARG K 166 2.62 -24.22 32.63
C ARG K 166 1.82 -25.32 31.95
N ALA K 167 2.45 -26.06 31.04
CA ALA K 167 1.75 -27.17 30.38
C ALA K 167 1.31 -28.23 31.38
N ILE K 168 2.19 -28.60 32.30
CA ILE K 168 1.84 -29.61 33.31
C ILE K 168 0.71 -29.10 34.20
N GLU K 169 0.75 -27.81 34.56
CA GLU K 169 -0.31 -27.24 35.38
C GLU K 169 -1.66 -27.34 34.68
N ARG K 170 -1.70 -26.99 33.38
CA ARG K 170 -2.95 -27.09 32.63
C ARG K 170 -3.44 -28.54 32.56
N PHE K 171 -2.52 -29.47 32.31
CA PHE K 171 -2.91 -30.88 32.23
C PHE K 171 -3.53 -31.35 33.54
N PHE K 172 -2.89 -31.03 34.66
CA PHE K 172 -3.40 -31.52 35.94
C PHE K 172 -4.64 -30.76 36.40
N GLU K 173 -4.89 -29.57 35.86
CA GLU K 173 -6.16 -28.91 36.13
C GLU K 173 -7.29 -29.57 35.34
N VAL K 174 -7.03 -29.95 34.10
CA VAL K 174 -8.08 -30.56 33.28
C VAL K 174 -8.47 -31.94 33.84
N LEU K 175 -7.47 -32.75 34.20
CA LEU K 175 -7.72 -34.14 34.55
C LEU K 175 -8.48 -34.27 35.86
N LYS K 176 -9.32 -35.30 35.94
CA LYS K 176 -10.08 -35.63 37.14
C LYS K 176 -9.86 -37.09 37.50
N GLY K 177 -9.77 -37.38 38.80
CA GLY K 177 -9.51 -38.74 39.24
C GLY K 177 -9.20 -38.76 40.73
N ASN K 178 -8.49 -39.81 41.13
CA ASN K 178 -8.11 -39.95 42.53
C ASN K 178 -7.06 -38.91 42.90
N PRO K 179 -7.31 -38.04 43.88
CA PRO K 179 -6.35 -36.97 44.18
C PRO K 179 -4.98 -37.45 44.62
N GLU K 180 -4.90 -38.56 45.35
CA GLU K 180 -3.63 -38.98 45.93
C GLU K 180 -2.67 -39.47 44.87
N ARG K 181 -3.14 -40.34 43.97
CA ARG K 181 -2.28 -40.84 42.89
C ARG K 181 -1.85 -39.71 41.96
N LEU K 182 -2.78 -38.80 41.66
CA LEU K 182 -2.44 -37.65 40.82
C LEU K 182 -1.38 -36.79 41.48
N LEU K 183 -1.51 -36.56 42.79
CA LEU K 183 -0.52 -35.76 43.50
C LEU K 183 0.84 -36.45 43.52
N ALA K 184 0.87 -37.78 43.68
CA ALA K 184 2.13 -38.51 43.64
C ALA K 184 2.80 -38.37 42.27
N VAL K 185 2.04 -38.53 41.19
CA VAL K 185 2.60 -38.40 39.85
C VAL K 185 3.13 -36.98 39.63
N PHE K 186 2.36 -35.98 40.07
CA PHE K 186 2.77 -34.59 39.92
C PHE K 186 4.07 -34.31 40.65
N GLU K 187 4.19 -34.80 41.89
CA GLU K 187 5.40 -34.58 42.66
C GLU K 187 6.59 -35.27 42.02
N GLU K 188 6.39 -36.47 41.46
CA GLU K 188 7.51 -37.16 40.82
C GLU K 188 7.99 -36.42 39.58
N VAL K 189 7.07 -35.96 38.73
CA VAL K 189 7.53 -35.24 37.54
C VAL K 189 8.18 -33.91 37.93
N LEU K 190 7.70 -33.27 39.01
CA LEU K 190 8.35 -32.06 39.48
C LEU K 190 9.76 -32.33 39.97
N GLU K 191 9.97 -33.46 40.64
CA GLU K 191 11.31 -33.83 41.06
C GLU K 191 12.22 -34.02 39.86
N ASP K 192 11.71 -34.66 38.80
CA ASP K 192 12.50 -34.82 37.58
C ASP K 192 12.92 -33.47 37.01
N ILE K 193 11.97 -32.54 36.89
CA ILE K 193 12.29 -31.23 36.31
C ILE K 193 13.29 -30.49 37.20
N GLU K 194 13.12 -30.56 38.51
CA GLU K 194 14.02 -29.86 39.42
C GLU K 194 15.45 -30.42 39.32
N GLU K 195 15.58 -31.75 39.24
CA GLU K 195 16.90 -32.34 39.08
C GLU K 195 17.55 -31.88 37.78
N ALA K 196 16.80 -31.87 36.68
CA ALA K 196 17.37 -31.42 35.42
C ALA K 196 17.83 -29.97 35.50
N VAL K 197 17.01 -29.10 36.09
CA VAL K 197 17.36 -27.69 36.19
C VAL K 197 18.63 -27.50 37.04
N LEU K 198 18.71 -28.20 38.18
CA LEU K 198 19.87 -28.05 39.04
C LEU K 198 21.13 -28.56 38.36
N LYS K 199 21.05 -29.67 37.63
CA LYS K 199 22.22 -30.18 36.93
C LYS K 199 22.65 -29.23 35.82
N LYS K 200 21.70 -28.61 35.12
CA LYS K 200 22.07 -27.72 34.03
C LYS K 200 22.64 -26.40 34.52
N LEU K 201 22.16 -25.88 35.65
CA LEU K 201 22.56 -24.54 36.08
C LEU K 201 23.98 -24.47 36.64
N THR K 202 24.78 -25.53 36.54
CA THR K 202 26.15 -25.47 37.04
C THR K 202 27.14 -24.94 36.00
N GLU K 203 26.68 -24.57 34.82
CA GLU K 203 27.55 -24.07 33.77
C GLU K 203 27.68 -22.55 33.75
N VAL K 204 27.08 -21.85 34.71
CA VAL K 204 27.08 -20.40 34.73
C VAL K 204 27.65 -19.92 36.06
N ASN K 205 27.84 -18.60 36.16
CA ASN K 205 28.37 -17.97 37.35
C ASN K 205 27.34 -18.01 38.48
N PRO K 206 27.79 -17.88 39.72
CA PRO K 206 26.84 -17.94 40.86
C PRO K 206 25.76 -16.87 40.83
N GLU K 207 26.03 -15.69 40.30
CA GLU K 207 25.00 -14.65 40.22
C GLU K 207 23.90 -15.05 39.23
N THR K 208 24.29 -15.54 38.06
CA THR K 208 23.31 -16.05 37.11
C THR K 208 22.56 -17.24 37.69
N GLN K 209 23.26 -18.10 38.45
CA GLN K 209 22.61 -19.21 39.11
C GLN K 209 21.54 -18.73 40.06
N VAL K 210 21.84 -17.71 40.87
CA VAL K 210 20.86 -17.19 41.81
C VAL K 210 19.65 -16.63 41.08
N LEU K 211 19.88 -15.85 40.02
CA LEU K 211 18.78 -15.26 39.27
C LEU K 211 17.86 -16.34 38.69
N LEU K 212 18.45 -17.31 37.99
CA LEU K 212 17.64 -18.32 37.30
C LEU K 212 16.98 -19.25 38.29
N LEU K 213 17.65 -19.58 39.39
CA LEU K 213 17.04 -20.41 40.42
C LEU K 213 15.86 -19.71 41.07
N GLU K 214 15.97 -18.40 41.31
CA GLU K 214 14.84 -17.66 41.85
C GLU K 214 13.66 -17.70 40.91
N ALA K 215 13.90 -17.47 39.62
CA ALA K 215 12.79 -17.53 38.65
C ALA K 215 12.12 -18.90 38.65
N PHE K 216 12.94 -19.96 38.56
CA PHE K 216 12.39 -21.31 38.50
C PHE K 216 11.59 -21.65 39.75
N TYR K 217 12.13 -21.32 40.93
CA TYR K 217 11.46 -21.72 42.16
C TYR K 217 10.18 -20.91 42.39
N GLU K 218 10.16 -19.64 41.99
CA GLU K 218 8.92 -18.88 42.07
C GLU K 218 7.83 -19.51 41.22
N LYS K 219 8.17 -19.86 39.96
CA LYS K 219 7.18 -20.49 39.10
C LYS K 219 6.74 -21.84 39.66
N LYS K 220 7.68 -22.62 40.20
CA LYS K 220 7.33 -23.94 40.73
C LYS K 220 6.39 -23.82 41.92
N LYS K 221 6.64 -22.85 42.81
CA LYS K 221 5.74 -22.65 43.94
C LYS K 221 4.35 -22.27 43.48
N ASP K 222 4.26 -21.36 42.49
CA ASP K 222 2.96 -20.96 41.99
C ASP K 222 2.19 -22.14 41.40
N VAL K 223 2.86 -22.97 40.59
CA VAL K 223 2.15 -24.08 39.96
C VAL K 223 1.77 -25.14 41.00
N VAL K 224 2.60 -25.33 42.03
CA VAL K 224 2.24 -26.26 43.10
C VAL K 224 0.98 -25.80 43.80
N GLU K 225 0.90 -24.50 44.11
CA GLU K 225 -0.30 -23.97 44.76
C GLU K 225 -1.54 -24.16 43.88
N HIS K 226 -1.41 -23.86 42.58
CA HIS K 226 -2.54 -24.01 41.68
C HIS K 226 -3.01 -25.46 41.59
N VAL K 227 -2.06 -26.40 41.47
CA VAL K 227 -2.42 -27.80 41.35
C VAL K 227 -3.06 -28.32 42.62
N ARG K 228 -2.52 -27.93 43.79
CA ARG K 228 -3.12 -28.37 45.04
C ARG K 228 -4.52 -27.80 45.22
N LYS K 229 -4.75 -26.56 44.78
CA LYS K 229 -6.11 -26.02 44.82
C LYS K 229 -7.04 -26.81 43.90
N ALA K 230 -6.58 -27.15 42.69
CA ALA K 230 -7.45 -27.80 41.73
C ALA K 230 -7.77 -29.23 42.13
N LEU K 231 -6.77 -29.97 42.64
CA LEU K 231 -6.98 -31.38 42.94
C LEU K 231 -7.87 -31.57 44.16
N PHE K 232 -7.61 -30.82 45.23
CA PHE K 232 -8.39 -30.94 46.45
C PHE K 232 -9.46 -29.85 46.52
N SER L 25 -75.44 22.96 5.42
CA SER L 25 -74.54 23.04 6.57
C SER L 25 -73.10 22.85 6.14
N PRO L 26 -72.19 23.66 6.69
CA PRO L 26 -70.78 23.56 6.32
C PRO L 26 -70.15 22.23 6.73
N LEU L 27 -70.41 21.80 7.96
CA LEU L 27 -69.78 20.59 8.48
C LEU L 27 -70.21 19.35 7.70
N GLU L 28 -71.50 19.23 7.40
CA GLU L 28 -71.99 18.06 6.67
C GLU L 28 -71.43 18.01 5.26
N GLU L 29 -71.39 19.15 4.58
CA GLU L 29 -70.81 19.19 3.24
C GLU L 29 -69.32 18.87 3.28
N ALA L 30 -68.61 19.37 4.30
CA ALA L 30 -67.20 19.04 4.44
C ALA L 30 -66.98 17.55 4.65
N LYS L 31 -67.81 16.92 5.48
CA LYS L 31 -67.68 15.48 5.71
C LYS L 31 -68.00 14.68 4.44
N ARG L 32 -69.01 15.12 3.69
CA ARG L 32 -69.32 14.46 2.42
C ARG L 32 -68.17 14.58 1.45
N LEU L 33 -67.54 15.77 1.40
CA LEU L 33 -66.37 15.95 0.55
C LEU L 33 -65.22 15.05 1.00
N LEU L 34 -65.04 14.90 2.32
CA LEU L 34 -63.99 14.02 2.82
C LEU L 34 -64.22 12.57 2.39
N GLU L 35 -65.45 12.10 2.49
CA GLU L 35 -65.76 10.74 2.07
C GLU L 35 -65.53 10.55 0.57
N LYS L 36 -65.98 11.53 -0.22
CA LYS L 36 -65.78 11.44 -1.67
C LYS L 36 -64.29 11.43 -2.01
N VAL L 37 -63.50 12.27 -1.36
CA VAL L 37 -62.07 12.34 -1.62
C VAL L 37 -61.39 11.03 -1.22
N LYS L 38 -61.78 10.46 -0.08
CA LYS L 38 -61.19 9.18 0.33
C LYS L 38 -61.50 8.09 -0.69
N LYS L 39 -62.74 8.03 -1.16
CA LYS L 39 -63.09 7.04 -2.18
C LYS L 39 -62.28 7.25 -3.45
N ARG L 40 -62.15 8.50 -3.88
CA ARG L 40 -61.40 8.79 -5.10
C ARG L 40 -59.93 8.42 -4.96
N VAL L 41 -59.33 8.71 -3.80
CA VAL L 41 -57.93 8.37 -3.59
C VAL L 41 -57.74 6.86 -3.61
N GLU L 42 -58.64 6.12 -2.96
CA GLU L 42 -58.54 4.66 -2.98
C GLU L 42 -58.66 4.13 -4.40
N GLU L 43 -59.58 4.70 -5.19
CA GLU L 43 -59.73 4.27 -6.57
C GLU L 43 -58.47 4.57 -7.39
N ILE L 44 -57.88 5.75 -7.19
CA ILE L 44 -56.73 6.16 -8.00
C ILE L 44 -55.51 5.31 -7.65
N MET L 45 -55.30 5.01 -6.37
CA MET L 45 -54.06 4.37 -5.96
C MET L 45 -53.91 2.95 -6.52
N LYS L 46 -54.98 2.37 -7.06
CA LYS L 46 -54.91 1.02 -7.61
C LYS L 46 -54.18 0.95 -8.94
N ASN L 47 -53.95 2.08 -9.59
CA ASN L 47 -53.27 2.08 -10.88
C ASN L 47 -51.80 1.68 -10.71
N PRO L 48 -51.24 0.95 -11.69
CA PRO L 48 -49.84 0.53 -11.58
C PRO L 48 -48.84 1.57 -12.07
N ASN L 49 -49.31 2.54 -12.87
CA ASN L 49 -48.42 3.55 -13.44
C ASN L 49 -48.21 4.67 -12.43
N PRO L 50 -46.97 4.93 -11.99
CA PRO L 50 -46.77 5.96 -10.95
C PRO L 50 -47.02 7.37 -11.45
N VAL L 51 -46.57 7.70 -12.66
CA VAL L 51 -46.74 9.07 -13.17
C VAL L 51 -48.21 9.40 -13.37
N LYS L 52 -48.99 8.44 -13.88
CA LYS L 52 -50.41 8.66 -14.03
C LYS L 52 -51.09 8.86 -12.68
N VAL L 53 -50.69 8.09 -11.68
CA VAL L 53 -51.23 8.26 -10.33
C VAL L 53 -50.91 9.65 -9.80
N MET L 54 -49.68 10.11 -10.00
CA MET L 54 -49.30 11.44 -9.54
C MET L 54 -50.10 12.53 -10.25
N LEU L 55 -50.33 12.37 -11.55
CA LEU L 55 -51.11 13.36 -12.29
C LEU L 55 -52.56 13.41 -11.81
N GLU L 56 -53.17 12.25 -11.59
CA GLU L 56 -54.54 12.24 -11.07
C GLU L 56 -54.61 12.83 -9.68
N LEU L 57 -53.61 12.56 -8.84
CA LEU L 57 -53.61 13.12 -7.50
C LEU L 57 -53.44 14.64 -7.53
N LYS L 58 -52.62 15.15 -8.44
CA LYS L 58 -52.49 16.59 -8.60
C LYS L 58 -53.81 17.22 -9.03
N GLU L 59 -54.51 16.57 -9.97
CA GLU L 59 -55.82 17.07 -10.38
C GLU L 59 -56.81 17.06 -9.22
N LEU L 60 -56.78 16.01 -8.41
CA LEU L 60 -57.68 15.93 -7.26
C LEU L 60 -57.38 17.02 -6.24
N LEU L 61 -56.10 17.30 -6.02
CA LEU L 61 -55.72 18.37 -5.10
C LEU L 61 -56.22 19.73 -5.61
N ASP L 62 -56.07 19.99 -6.91
CA ASP L 62 -56.57 21.23 -7.47
C ASP L 62 -58.08 21.34 -7.32
N GLU L 63 -58.80 20.23 -7.56
CA GLU L 63 -60.25 20.24 -7.41
C GLU L 63 -60.65 20.51 -5.96
N ALA L 64 -59.91 19.93 -5.01
CA ALA L 64 -60.19 20.18 -3.60
C ALA L 64 -60.00 21.66 -3.25
N VAL L 65 -58.94 22.28 -3.78
CA VAL L 65 -58.73 23.70 -3.51
C VAL L 65 -59.86 24.54 -4.12
N HIS L 66 -60.27 24.21 -5.34
CA HIS L 66 -61.38 24.92 -5.96
C HIS L 66 -62.65 24.78 -5.14
N GLU L 67 -62.90 23.60 -4.58
CA GLU L 67 -64.03 23.41 -3.70
C GLU L 67 -63.88 24.24 -2.43
N PHE L 68 -62.65 24.36 -1.91
CA PHE L 68 -62.42 25.12 -0.70
C PHE L 68 -62.76 26.58 -0.88
N VAL L 69 -62.35 27.18 -2.00
CA VAL L 69 -62.63 28.61 -2.20
C VAL L 69 -64.09 28.89 -2.51
N LEU L 70 -64.89 27.86 -2.79
CA LEU L 70 -66.30 28.02 -3.14
C LEU L 70 -67.24 27.82 -1.96
N MET L 71 -66.72 27.58 -0.77
CA MET L 71 -67.54 27.32 0.40
C MET L 71 -67.05 28.17 1.57
N GLU L 72 -67.88 28.23 2.61
CA GLU L 72 -67.54 28.98 3.82
C GLU L 72 -66.62 28.14 4.70
N VAL L 73 -65.56 28.78 5.22
CA VAL L 73 -64.61 28.09 6.08
C VAL L 73 -64.63 28.75 7.46
N ASN L 74 -65.43 28.21 8.36
CA ASN L 74 -65.48 28.65 9.73
C ASN L 74 -64.59 27.74 10.60
N GLU L 75 -64.68 27.91 11.91
CA GLU L 75 -63.85 27.14 12.83
C GLU L 75 -64.35 25.72 13.05
N GLU L 76 -65.51 25.36 12.51
CA GLU L 76 -66.05 24.02 12.69
C GLU L 76 -65.52 23.04 11.66
N ASN L 77 -65.50 23.42 10.39
CA ASN L 77 -65.12 22.51 9.32
C ASN L 77 -63.65 22.63 8.93
N ARG L 78 -62.86 23.46 9.62
CA ARG L 78 -61.46 23.66 9.25
C ARG L 78 -60.67 22.37 9.38
N GLU L 79 -60.92 21.61 10.46
CA GLU L 79 -60.20 20.36 10.68
C GLU L 79 -60.44 19.37 9.56
N VAL L 80 -61.69 19.27 9.09
CA VAL L 80 -62.01 18.33 8.01
C VAL L 80 -61.30 18.71 6.73
N LEU L 81 -61.25 20.01 6.41
CA LEU L 81 -60.56 20.46 5.20
C LEU L 81 -59.07 20.17 5.28
N ILE L 82 -58.47 20.42 6.45
CA ILE L 82 -57.05 20.10 6.62
C ILE L 82 -56.82 18.60 6.47
N GLU L 83 -57.75 17.78 6.97
CA GLU L 83 -57.61 16.34 6.84
C GLU L 83 -57.73 15.89 5.38
N ILE L 84 -58.60 16.53 4.61
CA ILE L 84 -58.71 16.22 3.18
C ILE L 84 -57.39 16.52 2.48
N LEU L 85 -56.83 17.70 2.75
CA LEU L 85 -55.56 18.07 2.13
C LEU L 85 -54.46 17.10 2.52
N ALA L 86 -54.40 16.72 3.81
CA ALA L 86 -53.38 15.79 4.27
C ALA L 86 -53.53 14.42 3.61
N THR L 87 -54.77 13.96 3.43
CA THR L 87 -55.00 12.69 2.76
C THR L 87 -54.44 12.70 1.34
N ILE L 88 -54.82 13.72 0.56
CA ILE L 88 -54.37 13.75 -0.82
C ILE L 88 -52.84 13.89 -0.89
N PHE L 89 -52.26 14.72 -0.02
CA PHE L 89 -50.82 14.92 -0.10
C PHE L 89 -50.03 13.70 0.37
N GLU L 90 -50.53 12.97 1.36
CA GLU L 90 -49.88 11.72 1.77
C GLU L 90 -49.91 10.70 0.64
N ALA L 91 -51.06 10.57 -0.03
CA ALA L 91 -51.12 9.66 -1.17
C ALA L 91 -50.12 10.07 -2.24
N PHE L 92 -50.03 11.38 -2.51
CA PHE L 92 -49.08 11.87 -3.52
C PHE L 92 -47.64 11.56 -3.14
N LEU L 93 -47.29 11.74 -1.86
CA LEU L 93 -45.92 11.48 -1.44
C LEU L 93 -45.57 10.00 -1.57
N HIS L 94 -46.52 9.11 -1.22
CA HIS L 94 -46.26 7.69 -1.42
C HIS L 94 -46.09 7.35 -2.90
N ALA L 95 -46.95 7.90 -3.76
CA ALA L 95 -46.82 7.62 -5.19
C ALA L 95 -45.52 8.16 -5.74
N ALA L 96 -45.02 9.27 -5.19
CA ALA L 96 -43.72 9.79 -5.60
C ALA L 96 -42.59 8.88 -5.16
N ARG L 97 -42.70 8.33 -3.94
CA ARG L 97 -41.73 7.32 -3.51
C ARG L 97 -41.76 6.08 -4.37
N ASP L 98 -42.90 5.79 -5.03
CA ASP L 98 -43.01 4.57 -5.82
C ASP L 98 -41.96 4.54 -6.94
N GLY L 99 -41.77 5.64 -7.65
CA GLY L 99 -40.72 5.69 -8.64
C GLY L 99 -41.05 6.40 -9.94
N GLY L 100 -40.12 6.40 -10.88
CA GLY L 100 -40.27 7.05 -12.16
C GLY L 100 -39.00 7.78 -12.55
N ASN L 101 -39.13 8.66 -13.53
CA ASN L 101 -38.01 9.49 -13.97
C ASN L 101 -37.74 10.58 -12.94
N PRO L 102 -36.52 10.71 -12.42
CA PRO L 102 -36.28 11.64 -11.31
C PRO L 102 -36.65 13.09 -11.59
N LYS L 103 -36.30 13.62 -12.77
CA LYS L 103 -36.58 15.03 -13.05
C LYS L 103 -38.09 15.28 -13.11
N LEU L 104 -38.81 14.42 -13.82
CA LEU L 104 -40.26 14.58 -13.92
C LEU L 104 -40.92 14.45 -12.55
N VAL L 105 -40.47 13.49 -11.74
CA VAL L 105 -41.04 13.30 -10.42
C VAL L 105 -40.78 14.51 -9.54
N LEU L 106 -39.57 15.06 -9.58
CA LEU L 106 -39.26 16.23 -8.78
C LEU L 106 -40.09 17.44 -9.20
N LEU L 107 -40.28 17.62 -10.51
CA LEU L 107 -41.11 18.72 -11.00
C LEU L 107 -42.55 18.57 -10.53
N LEU L 108 -43.10 17.36 -10.62
CA LEU L 108 -44.46 17.11 -10.14
C LEU L 108 -44.57 17.32 -8.64
N LEU L 109 -43.53 16.93 -7.89
CA LEU L 109 -43.53 17.15 -6.45
C LEU L 109 -43.58 18.63 -6.12
N LEU L 110 -42.82 19.44 -6.85
CA LEU L 110 -42.86 20.88 -6.63
C LEU L 110 -44.24 21.46 -6.93
N GLU L 111 -44.85 21.03 -8.03
CA GLU L 111 -46.18 21.54 -8.37
C GLU L 111 -47.21 21.15 -7.31
N ALA L 112 -47.16 19.90 -6.85
CA ALA L 112 -48.08 19.45 -5.82
C ALA L 112 -47.88 20.22 -4.52
N PHE L 113 -46.62 20.50 -4.18
CA PHE L 113 -46.34 21.27 -2.98
C PHE L 113 -46.90 22.68 -3.07
N GLU L 114 -46.77 23.32 -4.24
CA GLU L 114 -47.35 24.66 -4.40
C GLU L 114 -48.86 24.63 -4.25
N THR L 115 -49.53 23.64 -4.85
CA THR L 115 -50.98 23.53 -4.68
C THR L 115 -51.36 23.31 -3.22
N PHE L 116 -50.58 22.46 -2.51
CA PHE L 116 -50.84 22.21 -1.10
C PHE L 116 -50.69 23.47 -0.28
N VAL L 117 -49.67 24.27 -0.57
CA VAL L 117 -49.45 25.52 0.17
C VAL L 117 -50.60 26.50 -0.08
N ARG L 118 -51.07 26.58 -1.33
CA ARG L 118 -52.21 27.45 -1.61
C ARG L 118 -53.46 26.97 -0.86
N GLY L 119 -53.68 25.66 -0.81
CA GLY L 119 -54.81 25.14 -0.06
C GLY L 119 -54.73 25.46 1.42
N VAL L 120 -53.54 25.31 2.01
CA VAL L 120 -53.36 25.63 3.42
C VAL L 120 -53.57 27.12 3.66
N GLU L 121 -53.12 27.97 2.73
CA GLU L 121 -53.37 29.40 2.85
C GLU L 121 -54.86 29.72 2.80
N VAL L 122 -55.60 29.06 1.91
CA VAL L 122 -57.04 29.32 1.81
C VAL L 122 -57.74 28.88 3.08
N VAL L 123 -57.45 27.67 3.57
CA VAL L 123 -58.15 27.14 4.72
C VAL L 123 -57.69 27.83 6.01
N GLY L 124 -56.39 27.94 6.19
CA GLY L 124 -55.86 28.49 7.44
C GLY L 124 -55.65 27.43 8.49
N VAL L 125 -54.66 27.67 9.35
CA VAL L 125 -54.29 26.74 10.41
C VAL L 125 -54.39 27.46 11.74
N THR L 126 -55.26 26.97 12.62
CA THR L 126 -55.52 27.61 13.90
C THR L 126 -55.12 26.74 15.08
N SER L 127 -55.64 25.51 15.17
CA SER L 127 -55.36 24.67 16.32
C SER L 127 -53.98 24.03 16.21
N GLU L 128 -53.60 23.31 17.27
CA GLU L 128 -52.30 22.65 17.29
C GLU L 128 -52.28 21.38 16.45
N ARG L 129 -53.40 20.67 16.35
CA ARG L 129 -53.43 19.44 15.56
C ARG L 129 -53.17 19.72 14.09
N GLU L 130 -53.79 20.77 13.54
CA GLU L 130 -53.58 21.12 12.15
C GLU L 130 -52.13 21.52 11.90
N LEU L 131 -51.54 22.29 12.82
CA LEU L 131 -50.14 22.67 12.70
C LEU L 131 -49.24 21.44 12.70
N ARG L 132 -49.49 20.50 13.62
CA ARG L 132 -48.71 19.28 13.66
C ARG L 132 -48.84 18.49 12.36
N LEU L 133 -50.06 18.41 11.82
CA LEU L 133 -50.29 17.69 10.59
C LEU L 133 -49.52 18.29 9.43
N VAL L 134 -49.61 19.61 9.26
CA VAL L 134 -48.95 20.25 8.12
C VAL L 134 -47.42 20.20 8.27
N LEU L 135 -46.92 20.31 9.51
CA LEU L 135 -45.47 20.25 9.70
C LEU L 135 -44.93 18.84 9.45
N GLU L 136 -45.67 17.81 9.87
CA GLU L 136 -45.27 16.45 9.55
C GLU L 136 -45.28 16.22 8.04
N LEU L 137 -46.27 16.78 7.35
CA LEU L 137 -46.29 16.68 5.89
C LEU L 137 -45.08 17.37 5.27
N LEU L 138 -44.68 18.52 5.80
CA LEU L 138 -43.49 19.19 5.29
C LEU L 138 -42.24 18.36 5.48
N VAL L 139 -42.08 17.75 6.66
CA VAL L 139 -40.91 16.91 6.90
C VAL L 139 -40.88 15.74 5.93
N GLU L 140 -42.03 15.09 5.74
CA GLU L 140 -42.10 13.97 4.79
C GLU L 140 -41.77 14.43 3.37
N PHE L 141 -42.26 15.60 2.98
CA PHE L 141 -41.98 16.12 1.64
C PHE L 141 -40.49 16.35 1.45
N VAL L 142 -39.82 16.93 2.45
CA VAL L 142 -38.40 17.19 2.31
C VAL L 142 -37.63 15.88 2.22
N HIS L 143 -37.99 14.90 3.03
CA HIS L 143 -37.31 13.61 2.99
C HIS L 143 -37.48 12.93 1.63
N VAL L 144 -38.71 12.95 1.09
CA VAL L 144 -38.95 12.33 -0.21
C VAL L 144 -38.19 13.05 -1.32
N PHE L 145 -38.16 14.38 -1.26
CA PHE L 145 -37.45 15.14 -2.28
C PHE L 145 -35.96 14.80 -2.28
N ILE L 146 -35.36 14.73 -1.09
CA ILE L 146 -33.93 14.40 -1.03
C ILE L 146 -33.69 12.97 -1.53
N LEU L 147 -34.58 12.05 -1.15
CA LEU L 147 -34.43 10.66 -1.58
C LEU L 147 -34.48 10.55 -3.10
N ILE L 148 -35.41 11.27 -3.74
CA ILE L 148 -35.50 11.21 -5.19
C ILE L 148 -34.28 11.86 -5.84
N SER L 149 -33.86 13.02 -5.33
CA SER L 149 -32.77 13.76 -5.96
C SER L 149 -31.40 13.15 -5.71
N ARG L 150 -31.30 12.14 -4.84
CA ARG L 150 -30.01 11.49 -4.59
C ARG L 150 -29.36 10.98 -5.87
N LEU L 151 -30.15 10.63 -6.88
CA LEU L 151 -29.65 9.94 -8.06
C LEU L 151 -29.25 10.86 -9.21
N LEU L 152 -29.28 12.17 -9.02
CA LEU L 152 -28.88 13.09 -10.07
C LEU L 152 -27.38 13.37 -10.01
N GLU L 153 -26.90 14.12 -11.00
CA GLU L 153 -25.53 14.60 -11.02
C GLU L 153 -25.39 15.83 -10.11
N PRO L 154 -24.16 16.11 -9.65
CA PRO L 154 -24.00 17.17 -8.63
C PRO L 154 -24.54 18.55 -9.04
N ARG L 155 -24.39 18.95 -10.30
CA ARG L 155 -24.88 20.26 -10.71
C ARG L 155 -26.41 20.29 -10.69
N GLU L 156 -27.04 19.27 -11.28
CA GLU L 156 -28.49 19.16 -11.21
C GLU L 156 -28.97 18.96 -9.78
N PHE L 157 -28.19 18.26 -8.96
CA PHE L 157 -28.55 18.10 -7.57
C PHE L 157 -28.59 19.44 -6.85
N ILE L 158 -27.61 20.31 -7.09
CA ILE L 158 -27.59 21.61 -6.44
C ILE L 158 -28.72 22.49 -6.97
N ALA L 159 -29.02 22.40 -8.26
CA ALA L 159 -30.17 23.15 -8.79
C ALA L 159 -31.47 22.71 -8.13
N SER L 160 -31.65 21.39 -7.96
CA SER L 160 -32.83 20.88 -7.27
C SER L 160 -32.88 21.35 -5.83
N MET L 161 -31.73 21.39 -5.16
CA MET L 161 -31.70 21.84 -3.77
C MET L 161 -32.07 23.31 -3.66
N LEU L 162 -31.66 24.13 -4.63
CA LEU L 162 -32.07 25.52 -4.64
C LEU L 162 -33.58 25.65 -4.82
N GLU L 163 -34.16 24.85 -5.72
CA GLU L 163 -35.61 24.88 -5.89
C GLU L 163 -36.32 24.46 -4.61
N LEU L 164 -35.80 23.44 -3.93
CA LEU L 164 -36.38 23.01 -2.66
C LEU L 164 -36.30 24.11 -1.60
N LEU L 165 -35.19 24.85 -1.58
CA LEU L 165 -35.05 25.96 -0.64
C LEU L 165 -36.09 27.03 -0.89
N ARG L 166 -36.34 27.36 -2.16
CA ARG L 166 -37.38 28.34 -2.47
C ARG L 166 -38.75 27.84 -2.04
N ALA L 167 -39.03 26.55 -2.26
CA ALA L 167 -40.32 25.99 -1.85
C ALA L 167 -40.51 26.08 -0.34
N ILE L 168 -39.48 25.73 0.42
CA ILE L 168 -39.57 25.78 1.88
C ILE L 168 -39.76 27.22 2.36
N GLU L 169 -39.05 28.16 1.73
CA GLU L 169 -39.21 29.57 2.09
C GLU L 169 -40.64 30.04 1.86
N ARG L 170 -41.21 29.67 0.71
CA ARG L 170 -42.60 30.05 0.42
C ARG L 170 -43.56 29.45 1.45
N PHE L 171 -43.36 28.17 1.78
CA PHE L 171 -44.23 27.53 2.76
C PHE L 171 -44.18 28.26 4.09
N PHE L 172 -42.97 28.52 4.60
CA PHE L 172 -42.86 29.14 5.92
C PHE L 172 -43.26 30.60 5.91
N GLU L 173 -43.29 31.25 4.74
CA GLU L 173 -43.86 32.59 4.66
C GLU L 173 -45.38 32.54 4.73
N VAL L 174 -46.00 31.54 4.10
CA VAL L 174 -47.46 31.44 4.13
C VAL L 174 -47.96 31.10 5.52
N LEU L 175 -47.33 30.15 6.19
CA LEU L 175 -47.86 29.61 7.43
C LEU L 175 -47.77 30.62 8.58
N LYS L 176 -48.73 30.52 9.49
CA LYS L 176 -48.77 31.34 10.69
C LYS L 176 -48.94 30.45 11.91
N GLY L 177 -48.29 30.82 13.01
CA GLY L 177 -48.35 30.01 14.22
C GLY L 177 -47.33 30.47 15.23
N ASN L 178 -46.96 29.56 16.12
CA ASN L 178 -45.97 29.88 17.14
C ASN L 178 -44.59 30.03 16.51
N PRO L 179 -43.93 31.18 16.65
CA PRO L 179 -42.65 31.38 15.96
C PRO L 179 -41.56 30.40 16.38
N GLU L 180 -41.53 29.99 17.64
CA GLU L 180 -40.42 29.18 18.13
C GLU L 180 -40.46 27.78 17.54
N ARG L 181 -41.63 27.13 17.57
CA ARG L 181 -41.75 25.79 17.02
C ARG L 181 -41.51 25.80 15.50
N LEU L 182 -42.03 26.82 14.82
CA LEU L 182 -41.82 26.94 13.39
C LEU L 182 -40.34 27.10 13.07
N LEU L 183 -39.64 27.92 13.86
CA LEU L 183 -38.20 28.11 13.64
C LEU L 183 -37.43 26.84 13.90
N ALA L 184 -37.82 26.07 14.93
CA ALA L 184 -37.14 24.81 15.19
C ALA L 184 -37.32 23.83 14.03
N VAL L 185 -38.54 23.72 13.51
CA VAL L 185 -38.80 22.84 12.37
C VAL L 185 -37.99 23.29 11.15
N PHE L 186 -37.97 24.60 10.91
CA PHE L 186 -37.22 25.14 9.77
C PHE L 186 -35.74 24.82 9.89
N GLU L 187 -35.16 25.01 11.08
CA GLU L 187 -33.75 24.71 11.27
C GLU L 187 -33.46 23.23 11.08
N GLU L 188 -34.35 22.37 11.56
CA GLU L 188 -34.10 20.93 11.42
C GLU L 188 -34.14 20.50 9.95
N VAL L 189 -35.11 20.99 9.18
CA VAL L 189 -35.14 20.61 7.77
C VAL L 189 -33.95 21.21 7.02
N LEU L 190 -33.50 22.40 7.42
CA LEU L 190 -32.31 22.97 6.81
C LEU L 190 -31.08 22.12 7.07
N GLU L 191 -30.95 21.60 8.30
CA GLU L 191 -29.83 20.72 8.60
C GLU L 191 -29.88 19.44 7.79
N ASP L 192 -31.09 18.91 7.58
CA ASP L 192 -31.22 17.71 6.73
C ASP L 192 -30.72 17.99 5.31
N ILE L 193 -31.15 19.11 4.72
CA ILE L 193 -30.72 19.44 3.37
C ILE L 193 -29.21 19.66 3.32
N GLU L 194 -28.66 20.33 4.34
CA GLU L 194 -27.23 20.60 4.37
C GLU L 194 -26.43 19.31 4.45
N GLU L 195 -26.86 18.36 5.28
CA GLU L 195 -26.18 17.07 5.35
C GLU L 195 -26.21 16.35 4.01
N ALA L 196 -27.37 16.36 3.35
CA ALA L 196 -27.45 15.70 2.04
C ALA L 196 -26.50 16.33 1.03
N VAL L 197 -26.46 17.67 0.99
CA VAL L 197 -25.59 18.35 0.03
C VAL L 197 -24.12 18.07 0.32
N LEU L 198 -23.73 18.13 1.60
CA LEU L 198 -22.34 17.88 1.95
C LEU L 198 -21.92 16.46 1.62
N LYS L 199 -22.79 15.49 1.89
CA LYS L 199 -22.47 14.10 1.54
C LYS L 199 -22.36 13.92 0.04
N LYS L 200 -23.24 14.56 -0.72
CA LYS L 200 -23.22 14.37 -2.17
C LYS L 200 -22.00 15.02 -2.83
N LEU L 201 -21.56 16.17 -2.34
CA LEU L 201 -20.53 16.92 -3.06
C LEU L 201 -19.13 16.33 -2.94
N THR L 202 -18.98 15.13 -2.40
CA THR L 202 -17.67 14.51 -2.32
C THR L 202 -17.29 13.76 -3.60
N GLU L 203 -18.15 13.77 -4.62
CA GLU L 203 -17.90 13.06 -5.86
C GLU L 203 -17.24 13.92 -6.92
N VAL L 204 -16.86 15.17 -6.60
CA VAL L 204 -16.33 16.09 -7.58
C VAL L 204 -15.00 16.64 -7.09
N ASN L 205 -14.33 17.37 -7.97
CA ASN L 205 -13.06 18.00 -7.66
C ASN L 205 -13.26 19.15 -6.67
N PRO L 206 -12.21 19.53 -5.93
CA PRO L 206 -12.36 20.61 -4.95
C PRO L 206 -12.80 21.94 -5.54
N GLU L 207 -12.43 22.26 -6.78
CA GLU L 207 -12.87 23.52 -7.38
C GLU L 207 -14.37 23.52 -7.63
N THR L 208 -14.90 22.41 -8.17
CA THR L 208 -16.34 22.28 -8.33
C THR L 208 -17.03 22.30 -6.99
N GLN L 209 -16.41 21.67 -5.98
CA GLN L 209 -16.98 21.69 -4.64
C GLN L 209 -17.09 23.12 -4.12
N VAL L 210 -16.05 23.92 -4.30
CA VAL L 210 -16.09 25.30 -3.83
C VAL L 210 -17.19 26.08 -4.55
N LEU L 211 -17.27 25.93 -5.87
CA LEU L 211 -18.31 26.64 -6.63
C LEU L 211 -19.71 26.29 -6.12
N LEU L 212 -20.00 24.99 -6.06
CA LEU L 212 -21.35 24.56 -5.71
C LEU L 212 -21.68 24.86 -4.25
N LEU L 213 -20.70 24.73 -3.36
CA LEU L 213 -20.92 25.08 -1.96
C LEU L 213 -21.18 26.57 -1.80
N GLU L 214 -20.47 27.42 -2.55
CA GLU L 214 -20.74 28.85 -2.48
C GLU L 214 -22.15 29.16 -2.92
N ALA L 215 -22.59 28.57 -4.03
CA ALA L 215 -23.96 28.79 -4.49
C ALA L 215 -24.98 28.36 -3.43
N PHE L 216 -24.80 27.15 -2.89
CA PHE L 216 -25.76 26.62 -1.93
C PHE L 216 -25.81 27.48 -0.67
N TYR L 217 -24.65 27.89 -0.16
CA TYR L 217 -24.64 28.64 1.09
C TYR L 217 -25.17 30.06 0.90
N GLU L 218 -24.94 30.68 -0.26
CA GLU L 218 -25.56 31.97 -0.53
C GLU L 218 -27.07 31.86 -0.51
N LYS L 219 -27.62 30.85 -1.20
CA LYS L 219 -29.06 30.69 -1.21
C LYS L 219 -29.59 30.39 0.19
N LYS L 220 -28.89 29.56 0.95
CA LYS L 220 -29.35 29.22 2.29
C LYS L 220 -29.37 30.43 3.20
N LYS L 221 -28.34 31.27 3.13
CA LYS L 221 -28.31 32.49 3.93
C LYS L 221 -29.48 33.41 3.56
N ASP L 222 -29.74 33.56 2.25
CA ASP L 222 -30.86 34.41 1.85
C ASP L 222 -32.20 33.90 2.37
N VAL L 223 -32.44 32.59 2.25
CA VAL L 223 -33.72 32.07 2.71
C VAL L 223 -33.83 32.13 4.22
N VAL L 224 -32.72 31.96 4.94
CA VAL L 224 -32.76 32.09 6.39
C VAL L 224 -33.15 33.51 6.79
N GLU L 225 -32.57 34.52 6.13
CA GLU L 225 -32.93 35.90 6.42
C GLU L 225 -34.41 36.15 6.13
N HIS L 226 -34.90 35.67 4.98
CA HIS L 226 -36.30 35.89 4.63
C HIS L 226 -37.23 35.24 5.64
N VAL L 227 -36.94 34.00 6.05
CA VAL L 227 -37.81 33.29 6.97
C VAL L 227 -37.78 33.96 8.34
N ARG L 228 -36.61 34.39 8.81
CA ARG L 228 -36.55 35.07 10.10
C ARG L 228 -37.29 36.40 10.07
N LYS L 229 -37.25 37.10 8.94
CA LYS L 229 -38.06 38.31 8.81
C LYS L 229 -39.55 37.99 8.86
N ALA L 230 -39.97 36.93 8.17
CA ALA L 230 -41.40 36.62 8.09
C ALA L 230 -41.95 36.13 9.43
N LEU L 231 -41.19 35.29 10.13
CA LEU L 231 -41.69 34.69 11.36
C LEU L 231 -41.78 35.71 12.49
N PHE L 232 -40.73 36.50 12.67
CA PHE L 232 -40.71 37.50 13.73
C PHE L 232 -41.05 38.88 13.19
N SER M 25 23.72 -45.23 -26.61
CA SER M 25 24.17 -46.32 -25.73
C SER M 25 24.42 -45.80 -24.33
N PRO M 26 23.92 -46.53 -23.32
CA PRO M 26 24.10 -46.10 -21.93
C PRO M 26 25.55 -46.05 -21.49
N LEU M 27 26.33 -47.07 -21.88
CA LEU M 27 27.71 -47.16 -21.43
C LEU M 27 28.55 -46.02 -21.99
N GLU M 28 28.42 -45.73 -23.28
CA GLU M 28 29.22 -44.67 -23.89
C GLU M 28 28.88 -43.31 -23.30
N GLU M 29 27.58 -43.04 -23.11
CA GLU M 29 27.18 -41.77 -22.51
C GLU M 29 27.66 -41.67 -21.07
N ALA M 30 27.62 -42.77 -20.33
CA ALA M 30 28.14 -42.77 -18.97
C ALA M 30 29.63 -42.48 -18.92
N LYS M 31 30.39 -43.06 -19.85
CA LYS M 31 31.83 -42.81 -19.89
C LYS M 31 32.11 -41.36 -20.29
N ARG M 32 31.34 -40.82 -21.23
CA ARG M 32 31.50 -39.41 -21.57
C ARG M 32 31.21 -38.51 -20.38
N LEU M 33 30.16 -38.84 -19.62
CA LEU M 33 29.86 -38.08 -18.41
C LEU M 33 30.99 -38.20 -17.40
N LEU M 34 31.58 -39.39 -17.26
CA LEU M 34 32.70 -39.56 -16.35
C LEU M 34 33.88 -38.67 -16.74
N GLU M 35 34.21 -38.64 -18.04
CA GLU M 35 35.31 -37.80 -18.49
C GLU M 35 35.02 -36.33 -18.24
N LYS M 36 33.78 -35.89 -18.54
CA LYS M 36 33.42 -34.49 -18.31
C LYS M 36 33.51 -34.14 -16.83
N VAL M 37 33.06 -35.04 -15.95
CA VAL M 37 33.10 -34.78 -14.53
C VAL M 37 34.54 -34.72 -14.03
N LYS M 38 35.40 -35.61 -14.52
CA LYS M 38 36.81 -35.57 -14.14
C LYS M 38 37.44 -34.24 -14.55
N LYS M 39 37.16 -33.79 -15.78
CA LYS M 39 37.69 -32.51 -16.23
C LYS M 39 37.20 -31.37 -15.34
N ARG M 40 35.90 -31.37 -15.02
CA ARG M 40 35.35 -30.29 -14.20
C ARG M 40 35.94 -30.30 -12.79
N VAL M 41 36.14 -31.49 -12.21
CA VAL M 41 36.71 -31.57 -10.87
C VAL M 41 38.14 -31.05 -10.87
N GLU M 42 38.93 -31.45 -11.88
CA GLU M 42 40.30 -30.94 -11.98
C GLU M 42 40.32 -29.43 -12.12
N GLU M 43 39.41 -28.88 -12.93
CA GLU M 43 39.35 -27.44 -13.10
C GLU M 43 38.96 -26.73 -11.80
N ILE M 44 38.00 -27.28 -11.07
CA ILE M 44 37.51 -26.64 -9.86
C ILE M 44 38.57 -26.66 -8.76
N MET M 45 39.30 -27.77 -8.64
CA MET M 45 40.23 -27.92 -7.52
C MET M 45 41.36 -26.90 -7.55
N LYS M 46 41.58 -26.23 -8.68
CA LYS M 46 42.65 -25.24 -8.78
C LYS M 46 42.35 -23.95 -8.03
N ASN M 47 41.09 -23.73 -7.63
CA ASN M 47 40.74 -22.51 -6.92
C ASN M 47 41.37 -22.50 -5.52
N PRO M 48 41.77 -21.32 -5.03
CA PRO M 48 42.40 -21.26 -3.71
C PRO M 48 41.42 -21.12 -2.56
N ASN M 49 40.17 -20.74 -2.85
CA ASN M 49 39.17 -20.54 -1.81
C ASN M 49 38.48 -21.86 -1.50
N PRO M 50 38.59 -22.38 -0.28
CA PRO M 50 38.00 -23.70 -0.01
C PRO M 50 36.48 -23.69 0.00
N VAL M 51 35.86 -22.61 0.47
CA VAL M 51 34.39 -22.56 0.52
C VAL M 51 33.81 -22.50 -0.89
N LYS M 52 34.44 -21.73 -1.78
CA LYS M 52 33.99 -21.70 -3.16
C LYS M 52 34.16 -23.05 -3.84
N VAL M 53 35.26 -23.75 -3.54
CA VAL M 53 35.47 -25.09 -4.08
C VAL M 53 34.38 -26.03 -3.59
N MET M 54 34.04 -25.94 -2.30
CA MET M 54 32.98 -26.78 -1.75
C MET M 54 31.64 -26.50 -2.41
N LEU M 55 31.32 -25.22 -2.61
CA LEU M 55 30.04 -24.88 -3.23
C LEU M 55 29.98 -25.39 -4.68
N GLU M 56 31.07 -25.23 -5.43
CA GLU M 56 31.09 -25.72 -6.80
C GLU M 56 30.98 -27.23 -6.85
N LEU M 57 31.64 -27.93 -5.93
CA LEU M 57 31.56 -29.39 -5.92
C LEU M 57 30.16 -29.86 -5.54
N LYS M 58 29.49 -29.16 -4.62
CA LYS M 58 28.11 -29.50 -4.29
C LYS M 58 27.20 -29.30 -5.51
N GLU M 59 27.40 -28.22 -6.25
CA GLU M 59 26.62 -28.01 -7.46
C GLU M 59 26.87 -29.12 -8.47
N LEU M 60 28.14 -29.53 -8.63
CA LEU M 60 28.47 -30.59 -9.58
C LEU M 60 27.82 -31.91 -9.18
N LEU M 61 27.81 -32.21 -7.88
CA LEU M 61 27.13 -33.41 -7.40
C LEU M 61 25.64 -33.37 -7.72
N ASP M 62 25.02 -32.20 -7.53
CA ASP M 62 23.59 -32.09 -7.85
C ASP M 62 23.33 -32.32 -9.33
N GLU M 63 24.16 -31.74 -10.20
CA GLU M 63 23.98 -31.98 -11.63
C GLU M 63 24.20 -33.45 -11.99
N ALA M 64 25.15 -34.11 -11.31
CA ALA M 64 25.37 -35.52 -11.56
C ALA M 64 24.13 -36.34 -11.21
N VAL M 65 23.49 -36.02 -10.08
CA VAL M 65 22.26 -36.73 -9.71
C VAL M 65 21.16 -36.45 -10.72
N HIS M 66 21.03 -35.21 -11.15
CA HIS M 66 20.04 -34.87 -12.17
C HIS M 66 20.26 -35.67 -13.44
N GLU M 67 21.52 -35.79 -13.87
CA GLU M 67 21.83 -36.59 -15.05
C GLU M 67 21.51 -38.06 -14.81
N PHE M 68 21.74 -38.56 -13.59
CA PHE M 68 21.47 -39.95 -13.29
C PHE M 68 19.99 -40.28 -13.42
N VAL M 69 19.11 -39.41 -12.89
CA VAL M 69 17.67 -39.71 -12.97
C VAL M 69 17.10 -39.53 -14.35
N LEU M 70 17.84 -38.89 -15.27
CA LEU M 70 17.38 -38.63 -16.62
C LEU M 70 17.82 -39.69 -17.62
N MET M 71 18.50 -40.74 -17.16
CA MET M 71 19.05 -41.77 -18.03
C MET M 71 18.64 -43.14 -17.52
N GLU M 72 18.88 -44.16 -18.35
CA GLU M 72 18.61 -45.53 -17.97
C GLU M 72 19.81 -46.10 -17.21
N VAL M 73 19.53 -46.78 -16.11
CA VAL M 73 20.59 -47.36 -15.28
C VAL M 73 20.46 -48.87 -15.27
N ASN M 74 21.18 -49.54 -16.15
CA ASN M 74 21.22 -50.99 -16.20
C ASN M 74 22.45 -51.50 -15.46
N GLU M 75 22.71 -52.79 -15.56
CA GLU M 75 23.83 -53.41 -14.86
C GLU M 75 25.17 -53.14 -15.54
N GLU M 76 25.18 -52.52 -16.72
CA GLU M 76 26.43 -52.26 -17.43
C GLU M 76 27.09 -50.97 -16.97
N ASN M 77 26.32 -49.89 -16.86
CA ASN M 77 26.88 -48.57 -16.55
C ASN M 77 26.81 -48.22 -15.07
N ARG M 78 26.34 -49.14 -14.21
CA ARG M 78 26.20 -48.82 -12.80
C ARG M 78 27.54 -48.50 -12.15
N GLU M 79 28.58 -49.26 -12.51
CA GLU M 79 29.90 -49.03 -11.93
C GLU M 79 30.43 -47.64 -12.29
N VAL M 80 30.19 -47.21 -13.54
CA VAL M 80 30.67 -45.90 -13.97
C VAL M 80 29.98 -44.78 -13.19
N LEU M 81 28.67 -44.91 -12.97
CA LEU M 81 27.95 -43.90 -12.21
C LEU M 81 28.42 -43.85 -10.77
N ILE M 82 28.66 -45.02 -10.17
CA ILE M 82 29.19 -45.06 -8.80
C ILE M 82 30.57 -44.40 -8.75
N GLU M 83 31.38 -44.63 -9.79
CA GLU M 83 32.71 -44.02 -9.83
C GLU M 83 32.63 -42.50 -9.97
N ILE M 84 31.66 -42.00 -10.75
CA ILE M 84 31.47 -40.56 -10.86
C ILE M 84 31.13 -39.96 -9.51
N LEU M 85 30.17 -40.59 -8.80
CA LEU M 85 29.81 -40.12 -7.48
C LEU M 85 31.00 -40.15 -6.53
N ALA M 86 31.78 -41.23 -6.57
CA ALA M 86 32.94 -41.36 -5.70
C ALA M 86 33.98 -40.29 -5.98
N THR M 87 34.21 -39.99 -7.26
CA THR M 87 35.16 -38.94 -7.63
C THR M 87 34.75 -37.60 -7.04
N ILE M 88 33.49 -37.21 -7.26
CA ILE M 88 33.06 -35.91 -6.78
C ILE M 88 33.09 -35.85 -5.25
N PHE M 89 32.68 -36.93 -4.59
CA PHE M 89 32.65 -36.91 -3.13
C PHE M 89 34.04 -36.93 -2.52
N GLU M 90 34.99 -37.65 -3.13
CA GLU M 90 36.36 -37.61 -2.64
C GLU M 90 36.95 -36.22 -2.76
N ALA M 91 36.72 -35.56 -3.90
CA ALA M 91 37.18 -34.19 -4.04
C ALA M 91 36.56 -33.29 -2.97
N PHE M 92 35.26 -33.47 -2.69
CA PHE M 92 34.61 -32.66 -1.67
C PHE M 92 35.20 -32.90 -0.29
N LEU M 93 35.50 -34.16 0.04
CA LEU M 93 36.05 -34.46 1.36
C LEU M 93 37.44 -33.85 1.52
N HIS M 94 38.27 -33.91 0.48
CA HIS M 94 39.56 -33.26 0.55
C HIS M 94 39.41 -31.75 0.72
N ALA M 95 38.50 -31.14 -0.04
CA ALA M 95 38.29 -29.70 0.09
C ALA M 95 37.80 -29.33 1.49
N ALA M 96 36.99 -30.20 2.10
CA ALA M 96 36.56 -29.97 3.47
C ALA M 96 37.75 -30.05 4.43
N ARG M 97 38.65 -31.00 4.20
CA ARG M 97 39.88 -31.05 4.99
C ARG M 97 40.73 -29.80 4.82
N ASP M 98 40.63 -29.12 3.68
CA ASP M 98 41.49 -27.96 3.44
C ASP M 98 41.28 -26.88 4.49
N GLY M 99 40.03 -26.60 4.86
CA GLY M 99 39.79 -25.69 5.96
C GLY M 99 38.66 -24.68 5.77
N GLY M 100 38.46 -23.82 6.76
CA GLY M 100 37.43 -22.82 6.74
C GLY M 100 36.77 -22.71 8.10
N ASN M 101 35.63 -22.03 8.12
CA ASN M 101 34.84 -21.88 9.35
C ASN M 101 34.19 -23.21 9.70
N PRO M 102 34.41 -23.73 10.91
CA PRO M 102 33.93 -25.10 11.21
C PRO M 102 32.43 -25.31 11.06
N LYS M 103 31.61 -24.36 11.50
CA LYS M 103 30.16 -24.55 11.42
C LYS M 103 29.68 -24.59 9.97
N LEU M 104 30.17 -23.66 9.16
CA LEU M 104 29.81 -23.63 7.74
C LEU M 104 30.29 -24.89 7.03
N VAL M 105 31.52 -25.32 7.34
CA VAL M 105 32.07 -26.51 6.70
C VAL M 105 31.25 -27.74 7.08
N LEU M 106 30.87 -27.87 8.35
CA LEU M 106 30.08 -29.02 8.77
C LEU M 106 28.70 -29.03 8.11
N LEU M 107 28.08 -27.86 7.99
CA LEU M 107 26.76 -27.80 7.35
C LEU M 107 26.86 -28.18 5.87
N LEU M 108 27.90 -27.69 5.18
CA LEU M 108 28.11 -28.07 3.79
C LEU M 108 28.38 -29.56 3.65
N LEU M 109 29.13 -30.13 4.60
CA LEU M 109 29.41 -31.55 4.60
C LEU M 109 28.11 -32.36 4.72
N LEU M 110 27.22 -31.93 5.61
CA LEU M 110 25.94 -32.63 5.75
C LEU M 110 25.11 -32.55 4.48
N GLU M 111 25.07 -31.37 3.85
CA GLU M 111 24.32 -31.24 2.60
C GLU M 111 24.90 -32.15 1.52
N ALA M 112 26.22 -32.17 1.39
CA ALA M 112 26.87 -33.00 0.38
C ALA M 112 26.59 -34.48 0.65
N PHE M 113 26.60 -34.88 1.91
CA PHE M 113 26.31 -36.27 2.25
C PHE M 113 24.88 -36.64 1.88
N GLU M 114 23.93 -35.73 2.12
CA GLU M 114 22.55 -36.00 1.72
C GLU M 114 22.43 -36.18 0.21
N THR M 115 23.09 -35.30 -0.56
CA THR M 115 23.05 -35.44 -2.01
C THR M 115 23.69 -36.75 -2.46
N PHE M 116 24.81 -37.13 -1.85
CA PHE M 116 25.49 -38.38 -2.18
C PHE M 116 24.60 -39.59 -1.88
N VAL M 117 23.89 -39.55 -0.76
CA VAL M 117 23.01 -40.67 -0.40
C VAL M 117 21.86 -40.77 -1.39
N ARG M 118 21.30 -39.63 -1.80
CA ARG M 118 20.25 -39.66 -2.83
C ARG M 118 20.77 -40.22 -4.15
N GLY M 119 21.99 -39.84 -4.53
CA GLY M 119 22.57 -40.39 -5.75
C GLY M 119 22.79 -41.89 -5.67
N VAL M 120 23.28 -42.38 -4.54
CA VAL M 120 23.47 -43.82 -4.36
C VAL M 120 22.14 -44.55 -4.39
N GLU M 121 21.10 -43.96 -3.79
CA GLU M 121 19.78 -44.55 -3.85
C GLU M 121 19.26 -44.64 -5.28
N VAL M 122 19.48 -43.59 -6.07
CA VAL M 122 19.02 -43.61 -7.46
C VAL M 122 19.77 -44.68 -8.25
N VAL M 123 21.10 -44.71 -8.11
CA VAL M 123 21.90 -45.64 -8.92
C VAL M 123 21.75 -47.07 -8.40
N GLY M 124 21.86 -47.26 -7.09
CA GLY M 124 21.82 -48.61 -6.53
C GLY M 124 23.19 -49.25 -6.49
N VAL M 125 23.36 -50.14 -5.53
CA VAL M 125 24.63 -50.84 -5.31
C VAL M 125 24.37 -52.33 -5.40
N THR M 126 25.04 -53.00 -6.33
CA THR M 126 24.83 -54.43 -6.56
C THR M 126 26.08 -55.25 -6.29
N SER M 127 27.21 -54.93 -6.92
CA SER M 127 28.41 -55.73 -6.79
C SER M 127 29.16 -55.39 -5.51
N GLU M 128 30.23 -56.15 -5.25
CA GLU M 128 31.05 -55.91 -4.07
C GLU M 128 31.95 -54.69 -4.21
N ARG M 129 32.40 -54.39 -5.42
CA ARG M 129 33.26 -53.23 -5.64
C ARG M 129 32.54 -51.94 -5.29
N GLU M 130 31.28 -51.80 -5.73
CA GLU M 130 30.53 -50.60 -5.42
C GLU M 130 30.27 -50.47 -3.93
N LEU M 131 29.95 -51.59 -3.27
CA LEU M 131 29.75 -51.57 -1.83
C LEU M 131 31.01 -51.14 -1.09
N ARG M 132 32.16 -51.69 -1.49
CA ARG M 132 33.42 -51.28 -0.88
C ARG M 132 33.67 -49.80 -1.08
N LEU M 133 33.40 -49.31 -2.29
CA LEU M 133 33.62 -47.90 -2.58
C LEU M 133 32.77 -47.00 -1.68
N VAL M 134 31.48 -47.29 -1.59
CA VAL M 134 30.60 -46.42 -0.81
C VAL M 134 30.92 -46.52 0.68
N LEU M 135 31.27 -47.70 1.16
CA LEU M 135 31.61 -47.85 2.58
C LEU M 135 32.90 -47.12 2.93
N GLU M 136 33.90 -47.18 2.05
CA GLU M 136 35.12 -46.41 2.27
C GLU M 136 34.83 -44.91 2.28
N LEU M 137 33.96 -44.46 1.38
CA LEU M 137 33.58 -43.05 1.37
C LEU M 137 32.89 -42.65 2.68
N LEU M 138 32.03 -43.53 3.20
CA LEU M 138 31.37 -43.25 4.47
C LEU M 138 32.38 -43.14 5.61
N VAL M 139 33.36 -44.05 5.65
CA VAL M 139 34.36 -44.00 6.71
C VAL M 139 35.17 -42.70 6.63
N GLU M 140 35.58 -42.32 5.42
CA GLU M 140 36.33 -41.07 5.26
C GLU M 140 35.48 -39.87 5.66
N PHE M 141 34.19 -39.89 5.33
CA PHE M 141 33.30 -38.79 5.71
C PHE M 141 33.21 -38.67 7.23
N VAL M 142 33.09 -39.79 7.94
CA VAL M 142 33.00 -39.74 9.39
C VAL M 142 34.30 -39.21 10.00
N HIS M 143 35.44 -39.67 9.48
CA HIS M 143 36.73 -39.19 9.99
C HIS M 143 36.88 -37.69 9.78
N VAL M 144 36.53 -37.20 8.59
CA VAL M 144 36.65 -35.77 8.31
C VAL M 144 35.71 -34.96 9.19
N PHE M 145 34.49 -35.46 9.40
CA PHE M 145 33.53 -34.75 10.24
C PHE M 145 34.04 -34.61 11.67
N ILE M 146 34.58 -35.70 12.23
CA ILE M 146 35.11 -35.63 13.59
C ILE M 146 36.31 -34.69 13.66
N LEU M 147 37.18 -34.75 12.66
CA LEU M 147 38.36 -33.90 12.64
C LEU M 147 37.96 -32.42 12.61
N ILE M 148 36.95 -32.07 11.82
CA ILE M 148 36.52 -30.68 11.77
C ILE M 148 35.84 -30.27 13.07
N SER M 149 34.99 -31.13 13.62
CA SER M 149 34.23 -30.75 14.81
C SER M 149 35.04 -30.81 16.09
N ARG M 150 36.29 -31.28 16.03
CA ARG M 150 37.14 -31.28 17.22
C ARG M 150 37.26 -29.91 17.87
N LEU M 151 37.16 -28.83 17.08
CA LEU M 151 37.50 -27.50 17.54
C LEU M 151 36.33 -26.68 18.05
N LEU M 152 35.14 -27.26 18.15
CA LEU M 152 34.01 -26.52 18.71
C LEU M 152 34.00 -26.62 20.23
N GLU M 153 33.00 -25.96 20.83
CA GLU M 153 32.73 -26.10 22.25
C GLU M 153 31.96 -27.39 22.52
N PRO M 154 31.99 -27.91 23.75
CA PRO M 154 31.38 -29.22 24.02
C PRO M 154 29.90 -29.30 23.67
N ARG M 155 29.12 -28.25 23.90
CA ARG M 155 27.69 -28.30 23.58
C ARG M 155 27.47 -28.33 22.07
N GLU M 156 28.16 -27.44 21.34
CA GLU M 156 28.08 -27.48 19.88
C GLU M 156 28.67 -28.76 19.32
N PHE M 157 29.70 -29.30 19.98
CA PHE M 157 30.25 -30.59 19.57
C PHE M 157 29.21 -31.69 19.69
N ILE M 158 28.45 -31.71 20.78
CA ILE M 158 27.44 -32.75 20.96
C ILE M 158 26.30 -32.57 19.97
N ALA M 159 25.92 -31.33 19.68
CA ALA M 159 24.90 -31.10 18.65
C ALA M 159 25.36 -31.61 17.29
N SER M 160 26.62 -31.34 16.94
CA SER M 160 27.17 -31.84 15.68
C SER M 160 27.19 -33.36 15.65
N MET M 161 27.55 -33.99 16.77
CA MET M 161 27.57 -35.45 16.82
C MET M 161 26.18 -36.03 16.65
N LEU M 162 25.16 -35.38 17.20
CA LEU M 162 23.79 -35.83 16.98
C LEU M 162 23.41 -35.74 15.51
N GLU M 163 23.76 -34.64 14.85
CA GLU M 163 23.48 -34.51 13.43
C GLU M 163 24.20 -35.60 12.63
N LEU M 164 25.45 -35.89 12.99
CA LEU M 164 26.18 -36.95 12.31
C LEU M 164 25.53 -38.31 12.51
N LEU M 165 25.01 -38.57 13.72
CA LEU M 165 24.31 -39.83 13.97
C LEU M 165 23.08 -39.96 13.07
N ARG M 166 22.31 -38.87 12.93
CA ARG M 166 21.16 -38.93 12.04
C ARG M 166 21.57 -39.19 10.59
N ALA M 167 22.64 -38.54 10.15
CA ALA M 167 23.12 -38.76 8.77
C ALA M 167 23.53 -40.21 8.55
N ILE M 168 24.24 -40.80 9.51
CA ILE M 168 24.68 -42.19 9.38
C ILE M 168 23.47 -43.13 9.37
N GLU M 169 22.48 -42.84 10.21
CA GLU M 169 21.27 -43.65 10.24
C GLU M 169 20.56 -43.63 8.88
N ARG M 170 20.43 -42.44 8.30
CA ARG M 170 19.79 -42.34 6.98
C ARG M 170 20.58 -43.10 5.93
N PHE M 171 21.91 -42.96 5.94
CA PHE M 171 22.73 -43.68 4.97
C PHE M 171 22.53 -45.17 5.07
N PHE M 172 22.57 -45.72 6.29
CA PHE M 172 22.47 -47.17 6.44
C PHE M 172 21.05 -47.67 6.22
N GLU M 173 20.04 -46.80 6.33
CA GLU M 173 18.70 -47.21 5.94
C GLU M 173 18.56 -47.27 4.43
N VAL M 174 19.19 -46.34 3.71
CA VAL M 174 19.09 -46.34 2.25
C VAL M 174 19.79 -47.54 1.65
N LEU M 175 20.98 -47.87 2.14
CA LEU M 175 21.83 -48.86 1.50
C LEU M 175 21.28 -50.27 1.68
N LYS M 176 21.54 -51.12 0.68
CA LYS M 176 21.16 -52.52 0.70
C LYS M 176 22.38 -53.38 0.39
N GLY M 177 22.48 -54.52 1.07
CA GLY M 177 23.62 -55.39 0.87
C GLY M 177 23.65 -56.48 1.93
N ASN M 178 24.83 -57.05 2.12
CA ASN M 178 24.99 -58.10 3.12
C ASN M 178 24.86 -57.52 4.51
N PRO M 179 23.93 -58.02 5.34
CA PRO M 179 23.71 -57.40 6.66
C PRO M 179 24.91 -57.46 7.58
N GLU M 180 25.71 -58.52 7.53
CA GLU M 180 26.78 -58.69 8.51
C GLU M 180 27.90 -57.67 8.31
N ARG M 181 28.35 -57.50 7.06
CA ARG M 181 29.41 -56.53 6.79
C ARG M 181 28.93 -55.12 7.08
N LEU M 182 27.68 -54.81 6.72
CA LEU M 182 27.13 -53.49 7.01
C LEU M 182 27.07 -53.24 8.50
N LEU M 183 26.66 -54.25 9.27
CA LEU M 183 26.61 -54.09 10.72
C LEU M 183 28.00 -53.89 11.32
N ALA M 184 29.00 -54.61 10.79
CA ALA M 184 30.37 -54.42 11.27
C ALA M 184 30.87 -53.00 11.00
N VAL M 185 30.62 -52.49 9.79
CA VAL M 185 31.04 -51.13 9.46
C VAL M 185 30.32 -50.11 10.35
N PHE M 186 29.02 -50.31 10.57
CA PHE M 186 28.25 -49.42 11.42
C PHE M 186 28.79 -49.41 12.84
N GLU M 187 29.12 -50.58 13.38
CA GLU M 187 29.67 -50.64 14.73
C GLU M 187 31.03 -49.96 14.81
N GLU M 188 31.87 -50.12 13.79
CA GLU M 188 33.18 -49.47 13.81
C GLU M 188 33.05 -47.94 13.80
N VAL M 189 32.20 -47.40 12.93
CA VAL M 189 32.06 -45.94 12.90
C VAL M 189 31.43 -45.44 14.20
N LEU M 190 30.52 -46.22 14.80
CA LEU M 190 29.95 -45.83 16.08
C LEU M 190 31.02 -45.78 17.16
N GLU M 191 31.92 -46.76 17.18
CA GLU M 191 33.00 -46.74 18.16
C GLU M 191 33.91 -45.54 17.97
N ASP M 192 34.17 -45.16 16.72
CA ASP M 192 34.98 -43.97 16.47
C ASP M 192 34.30 -42.72 17.04
N ILE M 193 33.00 -42.56 16.78
CA ILE M 193 32.28 -41.39 17.28
C ILE M 193 32.26 -41.38 18.80
N GLU M 194 32.04 -42.55 19.40
CA GLU M 194 31.99 -42.64 20.86
C GLU M 194 33.33 -42.28 21.49
N GLU M 195 34.43 -42.74 20.90
CA GLU M 195 35.75 -42.39 21.40
C GLU M 195 35.97 -40.89 21.31
N ALA M 196 35.58 -40.27 20.19
CA ALA M 196 35.73 -38.82 20.06
C ALA M 196 34.93 -38.08 21.13
N VAL M 197 33.68 -38.49 21.36
CA VAL M 197 32.84 -37.80 22.33
C VAL M 197 33.42 -37.94 23.74
N LEU M 198 33.86 -39.14 24.10
CA LEU M 198 34.41 -39.36 25.44
C LEU M 198 35.69 -38.55 25.64
N LYS M 199 36.55 -38.50 24.62
CA LYS M 199 37.76 -37.70 24.73
C LYS M 199 37.43 -36.21 24.89
N LYS M 200 36.45 -35.71 24.14
CA LYS M 200 36.14 -34.29 24.19
C LYS M 200 35.48 -33.88 25.50
N LEU M 201 34.63 -34.74 26.07
CA LEU M 201 33.83 -34.33 27.21
C LEU M 201 34.62 -34.23 28.52
N THR M 202 35.94 -34.33 28.48
CA THR M 202 36.73 -34.20 29.71
C THR M 202 37.07 -32.74 30.04
N GLU M 203 36.63 -31.79 29.23
CA GLU M 203 36.93 -30.38 29.44
C GLU M 203 35.86 -29.65 30.23
N VAL M 204 34.84 -30.34 30.72
CA VAL M 204 33.72 -29.72 31.42
C VAL M 204 33.56 -30.36 32.79
N ASN M 205 32.68 -29.74 33.59
CA ASN M 205 32.39 -30.23 34.93
C ASN M 205 31.62 -31.55 34.86
N PRO M 206 31.68 -32.35 35.92
CA PRO M 206 30.98 -33.65 35.91
C PRO M 206 29.48 -33.56 35.68
N GLU M 207 28.82 -32.49 36.14
CA GLU M 207 27.38 -32.37 35.90
C GLU M 207 27.08 -32.17 34.42
N THR M 208 27.84 -31.28 33.76
CA THR M 208 27.69 -31.11 32.32
C THR M 208 28.04 -32.39 31.59
N GLN M 209 29.06 -33.10 32.06
CA GLN M 209 29.40 -34.39 31.46
C GLN M 209 28.23 -35.36 31.53
N VAL M 210 27.56 -35.43 32.69
CA VAL M 210 26.42 -36.33 32.84
C VAL M 210 25.31 -35.94 31.87
N LEU M 211 24.98 -34.64 31.80
CA LEU M 211 23.92 -34.20 30.90
C LEU M 211 24.23 -34.57 29.45
N LEU M 212 25.42 -34.19 28.97
CA LEU M 212 25.75 -34.39 27.57
C LEU M 212 25.90 -35.86 27.24
N LEU M 213 26.46 -36.65 28.17
CA LEU M 213 26.58 -38.09 27.95
C LEU M 213 25.21 -38.74 27.87
N GLU M 214 24.27 -38.32 28.72
CA GLU M 214 22.91 -38.86 28.63
C GLU M 214 22.29 -38.56 27.27
N ALA M 215 22.43 -37.32 26.79
CA ALA M 215 21.87 -36.97 25.49
C ALA M 215 22.50 -37.83 24.39
N PHE M 216 23.82 -37.92 24.36
CA PHE M 216 24.51 -38.67 23.32
C PHE M 216 24.12 -40.14 23.34
N TYR M 217 24.06 -40.75 24.52
CA TYR M 217 23.77 -42.17 24.61
C TYR M 217 22.33 -42.48 24.25
N GLU M 218 21.39 -41.60 24.61
CA GLU M 218 20.01 -41.78 24.19
C GLU M 218 19.91 -41.77 22.66
N LYS M 219 20.53 -40.78 22.02
CA LYS M 219 20.48 -40.74 20.57
C LYS M 219 21.15 -41.97 19.94
N LYS M 220 22.29 -42.39 20.50
CA LYS M 220 22.99 -43.54 19.95
C LYS M 220 22.16 -44.81 20.06
N LYS M 221 21.49 -45.01 21.19
CA LYS M 221 20.63 -46.17 21.34
C LYS M 221 19.49 -46.16 20.34
N ASP M 222 18.87 -44.99 20.15
CA ASP M 222 17.79 -44.89 19.17
C ASP M 222 18.28 -45.24 17.76
N VAL M 223 19.42 -44.69 17.35
CA VAL M 223 19.88 -44.95 15.99
C VAL M 223 20.32 -46.40 15.83
N VAL M 224 20.87 -47.01 16.89
CA VAL M 224 21.22 -48.43 16.81
C VAL M 224 19.97 -49.27 16.60
N GLU M 225 18.90 -48.98 17.34
CA GLU M 225 17.66 -49.73 17.17
C GLU M 225 17.12 -49.56 15.75
N HIS M 226 17.11 -48.33 15.23
CA HIS M 226 16.60 -48.10 13.89
C HIS M 226 17.42 -48.85 12.84
N VAL M 227 18.75 -48.81 12.95
CA VAL M 227 19.61 -49.46 11.97
C VAL M 227 19.44 -50.97 12.04
N ARG M 228 19.36 -51.53 13.24
CA ARG M 228 19.16 -52.97 13.36
C ARG M 228 17.82 -53.40 12.80
N LYS M 229 16.77 -52.60 13.00
CA LYS M 229 15.48 -52.92 12.37
C LYS M 229 15.58 -52.88 10.85
N ALA M 230 16.26 -51.87 10.31
CA ALA M 230 16.31 -51.71 8.86
C ALA M 230 17.14 -52.81 8.20
N LEU M 231 18.29 -53.15 8.77
CA LEU M 231 19.19 -54.10 8.13
C LEU M 231 18.62 -55.51 8.14
N PHE M 232 18.12 -55.97 9.28
CA PHE M 232 17.57 -57.30 9.39
C PHE M 232 16.05 -57.27 9.22
N SER N 25 -40.35 73.70 -9.60
CA SER N 25 -38.98 73.57 -9.13
C SER N 25 -38.43 72.18 -9.41
N PRO N 26 -37.17 72.12 -9.87
CA PRO N 26 -36.57 70.81 -10.19
C PRO N 26 -36.38 69.94 -8.96
N LEU N 27 -35.88 70.53 -7.87
CA LEU N 27 -35.56 69.75 -6.68
C LEU N 27 -36.82 69.15 -6.05
N GLU N 28 -37.89 69.94 -5.94
CA GLU N 28 -39.11 69.44 -5.32
C GLU N 28 -39.74 68.33 -6.15
N GLU N 29 -39.76 68.50 -7.47
CA GLU N 29 -40.31 67.46 -8.32
C GLU N 29 -39.46 66.20 -8.27
N ALA N 30 -38.13 66.35 -8.20
CA ALA N 30 -37.25 65.19 -8.05
C ALA N 30 -37.51 64.45 -6.75
N LYS N 31 -37.71 65.19 -5.66
CA LYS N 31 -38.00 64.54 -4.37
C LYS N 31 -39.36 63.84 -4.40
N ARG N 32 -40.35 64.46 -5.04
CA ARG N 32 -41.64 63.79 -5.21
C ARG N 32 -41.50 62.51 -6.00
N LEU N 33 -40.70 62.55 -7.07
CA LEU N 33 -40.44 61.35 -7.86
C LEU N 33 -39.75 60.28 -7.03
N LEU N 34 -38.80 60.69 -6.18
CA LEU N 34 -38.11 59.73 -5.32
C LEU N 34 -39.08 59.05 -4.37
N GLU N 35 -39.98 59.83 -3.76
CA GLU N 35 -40.97 59.24 -2.85
C GLU N 35 -41.90 58.28 -3.60
N LYS N 36 -42.35 58.68 -4.78
CA LYS N 36 -43.23 57.81 -5.56
C LYS N 36 -42.52 56.51 -5.94
N VAL N 37 -41.25 56.60 -6.33
CA VAL N 37 -40.49 55.42 -6.71
C VAL N 37 -40.27 54.51 -5.51
N LYS N 38 -39.97 55.09 -4.35
CA LYS N 38 -39.80 54.27 -3.15
C LYS N 38 -41.08 53.52 -2.82
N LYS N 39 -42.23 54.21 -2.89
CA LYS N 39 -43.51 53.55 -2.62
C LYS N 39 -43.76 52.44 -3.63
N ARG N 40 -43.49 52.69 -4.91
CA ARG N 40 -43.72 51.68 -5.93
C ARG N 40 -42.83 50.46 -5.72
N VAL N 41 -41.56 50.67 -5.39
CA VAL N 41 -40.66 49.55 -5.16
C VAL N 41 -41.12 48.74 -3.96
N GLU N 42 -41.48 49.42 -2.87
CA GLU N 42 -41.96 48.71 -1.68
C GLU N 42 -43.20 47.88 -2.01
N GLU N 43 -44.10 48.43 -2.82
CA GLU N 43 -45.27 47.67 -3.23
C GLU N 43 -44.89 46.46 -4.10
N ILE N 44 -43.92 46.64 -5.00
CA ILE N 44 -43.58 45.57 -5.94
C ILE N 44 -42.92 44.39 -5.23
N MET N 45 -42.00 44.66 -4.31
CA MET N 45 -41.23 43.57 -3.70
C MET N 45 -42.10 42.60 -2.90
N LYS N 46 -43.33 42.98 -2.56
CA LYS N 46 -44.21 42.09 -1.81
C LYS N 46 -44.67 40.89 -2.61
N ASN N 47 -44.52 40.90 -3.93
CA ASN N 47 -44.95 39.78 -4.76
C ASN N 47 -44.05 38.57 -4.52
N PRO N 48 -44.61 37.36 -4.57
CA PRO N 48 -43.80 36.16 -4.33
C PRO N 48 -43.12 35.61 -5.57
N ASN N 49 -43.52 36.10 -6.75
CA ASN N 49 -42.97 35.59 -8.00
C ASN N 49 -41.73 36.40 -8.38
N PRO N 50 -40.54 35.79 -8.45
CA PRO N 50 -39.34 36.59 -8.72
C PRO N 50 -39.28 37.16 -10.13
N VAL N 51 -39.68 36.38 -11.14
CA VAL N 51 -39.62 36.86 -12.52
C VAL N 51 -40.59 38.01 -12.73
N LYS N 52 -41.79 37.93 -12.15
CA LYS N 52 -42.73 39.03 -12.23
C LYS N 52 -42.18 40.28 -11.54
N VAL N 53 -41.54 40.10 -10.39
CA VAL N 53 -40.92 41.23 -9.69
C VAL N 53 -39.86 41.88 -10.56
N MET N 54 -39.02 41.06 -11.21
CA MET N 54 -37.99 41.59 -12.09
C MET N 54 -38.59 42.35 -13.26
N LEU N 55 -39.67 41.83 -13.84
CA LEU N 55 -40.30 42.51 -14.97
C LEU N 55 -40.87 43.87 -14.55
N GLU N 56 -41.55 43.92 -13.40
CA GLU N 56 -42.06 45.20 -12.93
C GLU N 56 -40.94 46.18 -12.60
N LEU N 57 -39.84 45.68 -12.03
CA LEU N 57 -38.72 46.56 -11.71
C LEU N 57 -38.07 47.10 -12.98
N LYS N 58 -37.96 46.28 -14.01
CA LYS N 58 -37.46 46.76 -15.30
C LYS N 58 -38.36 47.83 -15.87
N GLU N 59 -39.67 47.63 -15.81
CA GLU N 59 -40.61 48.66 -16.27
C GLU N 59 -40.43 49.95 -15.48
N LEU N 60 -40.28 49.85 -14.16
CA LEU N 60 -40.12 51.03 -13.34
C LEU N 60 -38.83 51.77 -13.67
N LEU N 61 -37.75 51.03 -13.93
CA LEU N 61 -36.50 51.66 -14.33
C LEU N 61 -36.65 52.41 -15.65
N ASP N 62 -37.35 51.80 -16.61
CA ASP N 62 -37.59 52.48 -17.89
C ASP N 62 -38.39 53.75 -17.70
N GLU N 63 -39.44 53.70 -16.87
CA GLU N 63 -40.24 54.90 -16.61
C GLU N 63 -39.39 55.98 -15.94
N ALA N 64 -38.51 55.59 -15.03
CA ALA N 64 -37.63 56.56 -14.39
C ALA N 64 -36.73 57.24 -15.41
N VAL N 65 -36.18 56.47 -16.35
CA VAL N 65 -35.33 57.07 -17.38
C VAL N 65 -36.14 58.02 -18.25
N HIS N 66 -37.35 57.63 -18.63
CA HIS N 66 -38.20 58.50 -19.44
C HIS N 66 -38.51 59.80 -18.70
N GLU N 67 -38.76 59.72 -17.39
CA GLU N 67 -38.96 60.91 -16.60
C GLU N 67 -37.70 61.77 -16.56
N PHE N 68 -36.54 61.12 -16.51
CA PHE N 68 -35.27 61.87 -16.46
C PHE N 68 -35.06 62.68 -17.72
N VAL N 69 -35.33 62.09 -18.89
CA VAL N 69 -35.10 62.82 -20.14
C VAL N 69 -36.12 63.92 -20.39
N LEU N 70 -37.22 63.94 -19.63
CA LEU N 70 -38.27 64.93 -19.79
C LEU N 70 -38.13 66.09 -18.81
N MET N 71 -37.06 66.13 -18.04
CA MET N 71 -36.88 67.10 -16.96
C MET N 71 -35.50 67.74 -17.08
N GLU N 72 -35.35 68.91 -16.47
CA GLU N 72 -34.07 69.60 -16.45
C GLU N 72 -33.19 69.00 -15.35
N VAL N 73 -31.93 68.74 -15.70
CA VAL N 73 -30.99 68.15 -14.74
C VAL N 73 -29.87 69.12 -14.45
N ASN N 74 -30.00 69.88 -13.38
CA ASN N 74 -28.97 70.79 -12.91
C ASN N 74 -28.15 70.11 -11.82
N GLU N 75 -27.27 70.87 -11.18
CA GLU N 75 -26.39 70.33 -10.15
C GLU N 75 -27.09 70.14 -8.81
N GLU N 76 -28.34 70.57 -8.67
CA GLU N 76 -29.06 70.44 -7.42
C GLU N 76 -29.76 69.08 -7.28
N ASN N 77 -30.47 68.66 -8.33
CA ASN N 77 -31.29 67.45 -8.28
C ASN N 77 -30.56 66.21 -8.80
N ARG N 78 -29.28 66.32 -9.17
CA ARG N 78 -28.56 65.17 -9.72
C ARG N 78 -28.44 64.06 -8.68
N GLU N 79 -28.18 64.42 -7.43
CA GLU N 79 -28.05 63.42 -6.37
C GLU N 79 -29.34 62.63 -6.20
N VAL N 80 -30.49 63.30 -6.25
CA VAL N 80 -31.77 62.62 -6.07
C VAL N 80 -32.01 61.64 -7.22
N LEU N 81 -31.69 62.04 -8.45
CA LEU N 81 -31.88 61.14 -9.59
C LEU N 81 -30.98 59.92 -9.48
N ILE N 82 -29.72 60.12 -9.07
CA ILE N 82 -28.83 58.99 -8.87
C ILE N 82 -29.36 58.08 -7.78
N GLU N 83 -29.92 58.65 -6.71
CA GLU N 83 -30.48 57.84 -5.64
C GLU N 83 -31.69 57.02 -6.11
N ILE N 84 -32.52 57.61 -6.97
CA ILE N 84 -33.66 56.87 -7.52
C ILE N 84 -33.17 55.68 -8.33
N LEU N 85 -32.18 55.92 -9.20
CA LEU N 85 -31.63 54.83 -10.00
C LEU N 85 -31.04 53.74 -9.11
N ALA N 86 -30.30 54.14 -8.07
CA ALA N 86 -29.68 53.18 -7.16
C ALA N 86 -30.74 52.35 -6.43
N THR N 87 -31.82 53.00 -6.00
CA THR N 87 -32.89 52.28 -5.31
C THR N 87 -33.48 51.20 -6.20
N ILE N 88 -33.86 51.57 -7.42
CA ILE N 88 -34.49 50.60 -8.32
C ILE N 88 -33.52 49.48 -8.64
N PHE N 89 -32.25 49.80 -8.89
CA PHE N 89 -31.30 48.76 -9.29
C PHE N 89 -30.94 47.84 -8.13
N GLU N 90 -30.85 48.37 -6.91
CA GLU N 90 -30.62 47.50 -5.76
C GLU N 90 -31.77 46.53 -5.56
N ALA N 91 -33.02 47.02 -5.69
CA ALA N 91 -34.16 46.12 -5.61
C ALA N 91 -34.07 45.04 -6.69
N PHE N 92 -33.70 45.43 -7.91
CA PHE N 92 -33.59 44.45 -9.00
C PHE N 92 -32.53 43.40 -8.70
N LEU N 93 -31.38 43.81 -8.16
CA LEU N 93 -30.32 42.86 -7.86
C LEU N 93 -30.75 41.87 -6.79
N HIS N 94 -31.44 42.35 -5.75
CA HIS N 94 -31.95 41.43 -4.74
C HIS N 94 -32.96 40.45 -5.33
N ALA N 95 -33.87 40.96 -6.19
CA ALA N 95 -34.85 40.07 -6.81
C ALA N 95 -34.17 39.04 -7.69
N ALA N 96 -33.09 39.41 -8.36
CA ALA N 96 -32.33 38.45 -9.15
C ALA N 96 -31.69 37.39 -8.26
N ARG N 97 -31.16 37.80 -7.10
CA ARG N 97 -30.65 36.83 -6.15
C ARG N 97 -31.72 35.89 -5.63
N ASP N 98 -32.99 36.33 -5.66
CA ASP N 98 -34.06 35.49 -5.12
C ASP N 98 -34.16 34.16 -5.88
N GLY N 99 -34.06 34.20 -7.21
CA GLY N 99 -34.00 32.95 -7.95
C GLY N 99 -34.84 32.88 -9.21
N GLY N 100 -34.82 31.72 -9.86
CA GLY N 100 -35.57 31.49 -11.08
C GLY N 100 -34.74 30.67 -12.05
N ASN N 101 -35.17 30.68 -13.30
CA ASN N 101 -34.44 30.00 -14.37
C ASN N 101 -33.18 30.78 -14.71
N PRO N 102 -32.00 30.18 -14.63
CA PRO N 102 -30.76 30.98 -14.76
C PRO N 102 -30.62 31.74 -16.07
N LYS N 103 -30.99 31.15 -17.21
CA LYS N 103 -30.82 31.84 -18.48
C LYS N 103 -31.70 33.07 -18.58
N LEU N 104 -32.99 32.92 -18.22
CA LEU N 104 -33.90 34.06 -18.24
C LEU N 104 -33.45 35.13 -17.27
N VAL N 105 -32.99 34.73 -16.09
CA VAL N 105 -32.54 35.70 -15.08
C VAL N 105 -31.33 36.47 -15.60
N LEU N 106 -30.40 35.79 -16.25
CA LEU N 106 -29.22 36.46 -16.79
C LEU N 106 -29.60 37.43 -17.90
N LEU N 107 -30.53 37.04 -18.77
CA LEU N 107 -31.00 37.94 -19.81
C LEU N 107 -31.65 39.19 -19.21
N LEU N 108 -32.49 39.01 -18.20
CA LEU N 108 -33.14 40.15 -17.56
C LEU N 108 -32.12 41.04 -16.86
N LEU N 109 -31.10 40.43 -16.26
CA LEU N 109 -30.04 41.21 -15.62
C LEU N 109 -29.30 42.08 -16.63
N LEU N 110 -29.01 41.52 -17.80
CA LEU N 110 -28.34 42.31 -18.84
C LEU N 110 -29.22 43.46 -19.31
N GLU N 111 -30.51 43.20 -19.52
CA GLU N 111 -31.40 44.29 -19.96
C GLU N 111 -31.48 45.39 -18.90
N ALA N 112 -31.61 45.01 -17.63
CA ALA N 112 -31.67 46.00 -16.57
C ALA N 112 -30.39 46.80 -16.48
N PHE N 113 -29.24 46.14 -16.66
CA PHE N 113 -27.97 46.85 -16.63
C PHE N 113 -27.86 47.85 -17.77
N GLU N 114 -28.31 47.48 -18.96
CA GLU N 114 -28.28 48.43 -20.07
C GLU N 114 -29.17 49.64 -19.79
N THR N 115 -30.36 49.42 -19.25
CA THR N 115 -31.22 50.54 -18.89
C THR N 115 -30.57 51.42 -17.82
N PHE N 116 -29.92 50.80 -16.83
CA PHE N 116 -29.23 51.56 -15.79
C PHE N 116 -28.10 52.40 -16.36
N VAL N 117 -27.34 51.84 -17.30
CA VAL N 117 -26.25 52.58 -17.91
C VAL N 117 -26.78 53.77 -18.71
N ARG N 118 -27.89 53.57 -19.44
CA ARG N 118 -28.50 54.69 -20.15
C ARG N 118 -28.97 55.77 -19.18
N GLY N 119 -29.56 55.38 -18.06
CA GLY N 119 -29.98 56.36 -17.07
C GLY N 119 -28.83 57.15 -16.48
N VAL N 120 -27.73 56.45 -16.16
CA VAL N 120 -26.55 57.14 -15.63
C VAL N 120 -25.96 58.07 -16.66
N GLU N 121 -25.98 57.66 -17.94
CA GLU N 121 -25.52 58.54 -19.00
C GLU N 121 -26.37 59.79 -19.11
N VAL N 122 -27.68 59.64 -19.00
CA VAL N 122 -28.57 60.81 -19.10
C VAL N 122 -28.34 61.75 -17.93
N VAL N 123 -28.28 61.21 -16.71
CA VAL N 123 -28.15 62.06 -15.54
C VAL N 123 -26.75 62.63 -15.41
N GLY N 124 -25.73 61.78 -15.57
CA GLY N 124 -24.36 62.23 -15.37
C GLY N 124 -23.92 62.10 -13.93
N VAL N 125 -22.62 61.89 -13.74
CA VAL N 125 -22.03 61.69 -12.42
C VAL N 125 -20.95 62.74 -12.23
N THR N 126 -21.10 63.57 -11.21
CA THR N 126 -20.16 64.67 -10.96
C THR N 126 -19.43 64.52 -9.63
N SER N 127 -20.15 64.39 -8.52
CA SER N 127 -19.51 64.33 -7.22
C SER N 127 -18.95 62.93 -6.95
N GLU N 128 -18.23 62.82 -5.83
CA GLU N 128 -17.64 61.55 -5.45
C GLU N 128 -18.68 60.56 -4.90
N ARG N 129 -19.73 61.07 -4.24
CA ARG N 129 -20.74 60.18 -3.69
C ARG N 129 -21.46 59.41 -4.79
N GLU N 130 -21.82 60.09 -5.88
CA GLU N 130 -22.50 59.43 -6.99
C GLU N 130 -21.58 58.40 -7.64
N LEU N 131 -20.31 58.73 -7.79
CA LEU N 131 -19.35 57.77 -8.33
C LEU N 131 -19.25 56.54 -7.45
N ARG N 132 -19.16 56.74 -6.13
CA ARG N 132 -19.10 55.61 -5.21
C ARG N 132 -20.35 54.76 -5.31
N LEU N 133 -21.52 55.40 -5.40
CA LEU N 133 -22.77 54.66 -5.49
C LEU N 133 -22.81 53.79 -6.74
N VAL N 134 -22.48 54.38 -7.90
CA VAL N 134 -22.58 53.63 -9.15
C VAL N 134 -21.53 52.53 -9.19
N LEU N 135 -20.34 52.77 -8.64
CA LEU N 135 -19.30 51.74 -8.65
C LEU N 135 -19.67 50.58 -7.72
N GLU N 136 -20.25 50.88 -6.56
CA GLU N 136 -20.75 49.82 -5.69
C GLU N 136 -21.83 49.00 -6.38
N LEU N 137 -22.73 49.67 -7.11
CA LEU N 137 -23.75 48.95 -7.85
C LEU N 137 -23.14 48.05 -8.91
N LEU N 138 -22.10 48.52 -9.60
CA LEU N 138 -21.44 47.69 -10.61
C LEU N 138 -20.80 46.46 -9.98
N VAL N 139 -20.14 46.62 -8.83
CA VAL N 139 -19.53 45.48 -8.17
C VAL N 139 -20.60 44.46 -7.76
N GLU N 140 -21.71 44.93 -7.19
CA GLU N 140 -22.78 44.02 -6.80
C GLU N 140 -23.37 43.31 -8.01
N PHE N 141 -23.52 44.02 -9.13
CA PHE N 141 -24.04 43.42 -10.34
C PHE N 141 -23.13 42.29 -10.83
N VAL N 142 -21.82 42.52 -10.82
CA VAL N 142 -20.89 41.48 -11.26
C VAL N 142 -20.96 40.27 -10.34
N HIS N 143 -21.03 40.52 -9.03
CA HIS N 143 -21.11 39.40 -8.08
C HIS N 143 -22.37 38.57 -8.30
N VAL N 144 -23.52 39.23 -8.47
CA VAL N 144 -24.78 38.51 -8.67
C VAL N 144 -24.75 37.75 -9.98
N PHE N 145 -24.19 38.35 -11.03
CA PHE N 145 -24.12 37.68 -12.32
C PHE N 145 -23.31 36.40 -12.24
N ILE N 146 -22.14 36.47 -11.58
CA ILE N 146 -21.31 35.27 -11.44
C ILE N 146 -22.03 34.22 -10.60
N LEU N 147 -22.69 34.65 -9.52
CA LEU N 147 -23.40 33.72 -8.66
C LEU N 147 -24.49 32.98 -9.43
N ILE N 148 -25.22 33.68 -10.28
CA ILE N 148 -26.27 33.03 -11.07
C ILE N 148 -25.66 32.11 -12.11
N SER N 149 -24.61 32.55 -12.80
CA SER N 149 -24.06 31.75 -13.89
C SER N 149 -23.21 30.58 -13.42
N ARG N 150 -22.97 30.46 -12.11
CA ARG N 150 -22.22 29.31 -11.60
C ARG N 150 -22.83 27.97 -12.01
N LEU N 151 -24.13 27.92 -12.25
CA LEU N 151 -24.85 26.67 -12.41
C LEU N 151 -25.08 26.27 -13.86
N LEU N 152 -24.45 26.93 -14.82
CA LEU N 152 -24.58 26.52 -16.20
C LEU N 152 -23.50 25.50 -16.57
N GLU N 153 -23.57 25.03 -17.81
CA GLU N 153 -22.51 24.20 -18.37
C GLU N 153 -21.35 25.08 -18.83
N PRO N 154 -20.14 24.52 -18.93
CA PRO N 154 -18.96 25.36 -19.21
C PRO N 154 -19.06 26.19 -20.48
N ARG N 155 -19.64 25.66 -21.56
CA ARG N 155 -19.73 26.45 -22.78
C ARG N 155 -20.70 27.61 -22.63
N GLU N 156 -21.88 27.34 -22.07
CA GLU N 156 -22.82 28.42 -21.78
C GLU N 156 -22.25 29.38 -20.74
N PHE N 157 -21.46 28.87 -19.79
CA PHE N 157 -20.82 29.73 -18.82
C PHE N 157 -19.86 30.71 -19.49
N ILE N 158 -19.07 30.23 -20.45
CA ILE N 158 -18.13 31.10 -21.14
C ILE N 158 -18.87 32.11 -22.02
N ALA N 159 -19.98 31.69 -22.65
CA ALA N 159 -20.78 32.64 -23.41
C ALA N 159 -21.34 33.74 -22.51
N SER N 160 -21.83 33.38 -21.33
CA SER N 160 -22.33 34.35 -20.38
C SER N 160 -21.23 35.29 -19.91
N MET N 161 -20.03 34.76 -19.68
CA MET N 161 -18.91 35.61 -19.27
C MET N 161 -18.53 36.59 -20.37
N LEU N 162 -18.59 36.17 -21.62
CA LEU N 162 -18.34 37.09 -22.73
C LEU N 162 -19.37 38.21 -22.76
N GLU N 163 -20.64 37.86 -22.56
CA GLU N 163 -21.68 38.90 -22.50
C GLU N 163 -21.43 39.88 -21.36
N LEU N 164 -21.04 39.36 -20.19
CA LEU N 164 -20.73 40.21 -19.05
C LEU N 164 -19.55 41.14 -19.36
N LEU N 165 -18.54 40.63 -20.07
CA LEU N 165 -17.40 41.47 -20.44
C LEU N 165 -17.83 42.61 -21.34
N ARG N 166 -18.69 42.33 -22.33
CA ARG N 166 -19.21 43.40 -23.18
C ARG N 166 -19.97 44.44 -22.36
N ALA N 167 -20.80 43.98 -21.42
CA ALA N 167 -21.56 44.91 -20.59
C ALA N 167 -20.64 45.80 -19.77
N ILE N 168 -19.61 45.22 -19.16
CA ILE N 168 -18.68 45.99 -18.35
C ILE N 168 -17.93 47.01 -19.21
N GLU N 169 -17.53 46.61 -20.42
CA GLU N 169 -16.86 47.54 -21.31
C GLU N 169 -17.75 48.73 -21.65
N ARG N 170 -19.03 48.45 -21.96
CA ARG N 170 -19.94 49.54 -22.26
C ARG N 170 -20.12 50.48 -21.07
N PHE N 171 -20.26 49.91 -19.86
CA PHE N 171 -20.41 50.73 -18.68
C PHE N 171 -19.21 51.65 -18.47
N PHE N 172 -18.01 51.09 -18.59
CA PHE N 172 -16.82 51.90 -18.33
C PHE N 172 -16.53 52.88 -19.45
N GLU N 173 -17.04 52.63 -20.66
CA GLU N 173 -16.94 53.65 -21.70
C GLU N 173 -17.89 54.80 -21.44
N VAL N 174 -19.09 54.52 -20.92
CA VAL N 174 -20.05 55.59 -20.67
C VAL N 174 -19.58 56.49 -19.52
N LEU N 175 -19.09 55.89 -18.44
CA LEU N 175 -18.82 56.63 -17.21
C LEU N 175 -17.62 57.56 -17.37
N LYS N 176 -17.67 58.68 -16.64
CA LYS N 176 -16.59 59.66 -16.61
C LYS N 176 -16.23 59.97 -15.17
N GLY N 177 -14.94 60.16 -14.92
CA GLY N 177 -14.48 60.42 -13.57
C GLY N 177 -12.96 60.34 -13.49
N ASN N 178 -12.46 60.08 -12.29
CA ASN N 178 -11.03 59.99 -12.09
C ASN N 178 -10.51 58.71 -12.74
N PRO N 179 -9.56 58.79 -13.68
CA PRO N 179 -9.13 57.58 -14.39
C PRO N 179 -8.52 56.51 -13.51
N GLU N 180 -7.79 56.90 -12.46
CA GLU N 180 -7.06 55.91 -11.67
C GLU N 180 -8.00 55.03 -10.85
N ARG N 181 -8.97 55.64 -10.17
CA ARG N 181 -9.93 54.87 -9.40
C ARG N 181 -10.77 53.97 -10.30
N LEU N 182 -11.18 54.49 -11.45
CA LEU N 182 -11.95 53.69 -12.40
C LEU N 182 -11.13 52.50 -12.89
N LEU N 183 -9.85 52.72 -13.18
CA LEU N 183 -8.99 51.63 -13.60
C LEU N 183 -8.82 50.59 -12.51
N ALA N 184 -8.69 51.03 -11.26
CA ALA N 184 -8.57 50.08 -10.15
C ALA N 184 -9.83 49.22 -10.02
N VAL N 185 -11.00 49.85 -10.09
CA VAL N 185 -12.25 49.10 -10.00
C VAL N 185 -12.38 48.11 -11.15
N PHE N 186 -12.02 48.56 -12.36
CA PHE N 186 -12.09 47.71 -13.54
C PHE N 186 -11.18 46.49 -13.39
N GLU N 187 -9.96 46.70 -12.92
CA GLU N 187 -9.03 45.59 -12.74
C GLU N 187 -9.54 44.61 -11.68
N GLU N 188 -10.12 45.13 -10.61
CA GLU N 188 -10.62 44.25 -9.55
C GLU N 188 -11.77 43.38 -10.05
N VAL N 189 -12.75 43.96 -10.75
CA VAL N 189 -13.85 43.14 -11.24
C VAL N 189 -13.36 42.15 -12.30
N LEU N 190 -12.36 42.54 -13.09
CA LEU N 190 -11.79 41.60 -14.05
C LEU N 190 -11.14 40.41 -13.35
N GLU N 191 -10.44 40.68 -12.24
CA GLU N 191 -9.85 39.57 -11.48
C GLU N 191 -10.92 38.65 -10.92
N ASP N 192 -12.03 39.22 -10.46
CA ASP N 192 -13.14 38.39 -9.99
C ASP N 192 -13.65 37.45 -11.09
N ILE N 193 -13.89 38.01 -12.28
CA ILE N 193 -14.40 37.19 -13.39
C ILE N 193 -13.39 36.13 -13.78
N GLU N 194 -12.10 36.49 -13.82
CA GLU N 194 -11.06 35.53 -14.19
C GLU N 194 -10.97 34.38 -13.20
N GLU N 195 -11.07 34.69 -11.90
CA GLU N 195 -11.05 33.63 -10.89
C GLU N 195 -12.24 32.69 -11.06
N ALA N 196 -13.43 33.26 -11.32
CA ALA N 196 -14.60 32.40 -11.52
C ALA N 196 -14.42 31.49 -12.72
N VAL N 197 -13.92 32.04 -13.84
CA VAL N 197 -13.74 31.24 -15.05
C VAL N 197 -12.73 30.13 -14.82
N LEU N 198 -11.60 30.44 -14.18
CA LEU N 198 -10.58 29.43 -13.93
C LEU N 198 -11.10 28.33 -13.01
N LYS N 199 -11.84 28.70 -11.97
CA LYS N 199 -12.41 27.68 -11.10
C LYS N 199 -13.41 26.79 -11.83
N LYS N 200 -14.24 27.38 -12.69
CA LYS N 200 -15.25 26.58 -13.37
C LYS N 200 -14.65 25.65 -14.41
N LEU N 201 -13.61 26.07 -15.12
CA LEU N 201 -13.12 25.31 -16.27
C LEU N 201 -12.37 24.04 -15.89
N THR N 202 -12.36 23.65 -14.62
CA THR N 202 -11.70 22.41 -14.22
C THR N 202 -12.58 21.18 -14.38
N GLU N 203 -13.81 21.34 -14.85
CA GLU N 203 -14.75 20.23 -15.01
C GLU N 203 -14.70 19.60 -16.39
N VAL N 204 -13.82 20.06 -17.28
CA VAL N 204 -13.77 19.60 -18.66
C VAL N 204 -12.39 19.06 -18.97
N ASN N 205 -12.28 18.45 -20.15
CA ASN N 205 -11.02 17.91 -20.62
C ASN N 205 -10.05 19.04 -20.98
N PRO N 206 -8.75 18.75 -20.99
CA PRO N 206 -7.77 19.83 -21.29
C PRO N 206 -7.94 20.48 -22.65
N GLU N 207 -8.41 19.76 -23.66
CA GLU N 207 -8.61 20.38 -24.97
C GLU N 207 -9.75 21.41 -24.93
N THR N 208 -10.86 21.05 -24.30
CA THR N 208 -11.94 22.01 -24.11
C THR N 208 -11.48 23.17 -23.26
N GLN N 209 -10.67 22.89 -22.24
CA GLN N 209 -10.11 23.96 -21.42
C GLN N 209 -9.31 24.93 -22.26
N VAL N 210 -8.46 24.43 -23.14
CA VAL N 210 -7.63 25.30 -23.97
C VAL N 210 -8.50 26.14 -24.89
N LEU N 211 -9.49 25.52 -25.53
CA LEU N 211 -10.37 26.28 -26.42
C LEU N 211 -11.09 27.41 -25.69
N LEU N 212 -11.75 27.08 -24.58
CA LEU N 212 -12.53 28.07 -23.86
C LEU N 212 -11.64 29.14 -23.24
N LEU N 213 -10.46 28.76 -22.75
CA LEU N 213 -9.54 29.74 -22.20
C LEU N 213 -9.03 30.69 -23.27
N GLU N 214 -8.74 30.19 -24.47
CA GLU N 214 -8.33 31.07 -25.55
C GLU N 214 -9.43 32.08 -25.88
N ALA N 215 -10.67 31.61 -25.99
CA ALA N 215 -11.78 32.52 -26.26
C ALA N 215 -11.88 33.60 -25.19
N PHE N 216 -11.88 33.18 -23.93
CA PHE N 216 -12.03 34.13 -22.83
C PHE N 216 -10.91 35.14 -22.80
N TYR N 217 -9.67 34.69 -23.00
CA TYR N 217 -8.54 35.60 -22.90
C TYR N 217 -8.46 36.56 -24.07
N GLU N 218 -8.84 36.12 -25.27
CA GLU N 218 -8.93 37.05 -26.38
C GLU N 218 -9.94 38.15 -26.10
N LYS N 219 -11.12 37.77 -25.61
CA LYS N 219 -12.13 38.78 -25.30
C LYS N 219 -11.64 39.73 -24.20
N LYS N 220 -10.99 39.18 -23.16
CA LYS N 220 -10.51 40.01 -22.07
C LYS N 220 -9.46 41.01 -22.54
N LYS N 221 -8.53 40.57 -23.38
CA LYS N 221 -7.53 41.47 -23.91
C LYS N 221 -8.17 42.60 -24.72
N ASP N 222 -9.15 42.25 -25.56
CA ASP N 222 -9.81 43.28 -26.36
C ASP N 222 -10.52 44.30 -25.48
N VAL N 223 -11.27 43.85 -24.47
CA VAL N 223 -11.98 44.80 -23.63
C VAL N 223 -11.01 45.64 -22.80
N VAL N 224 -9.89 45.06 -22.38
CA VAL N 224 -8.89 45.85 -21.64
C VAL N 224 -8.34 46.96 -22.52
N GLU N 225 -8.02 46.63 -23.78
CA GLU N 225 -7.53 47.67 -24.69
C GLU N 225 -8.56 48.77 -24.90
N HIS N 226 -9.82 48.39 -25.11
CA HIS N 226 -10.87 49.38 -25.33
C HIS N 226 -11.04 50.28 -24.11
N VAL N 227 -11.06 49.69 -22.91
CA VAL N 227 -11.29 50.47 -21.70
C VAL N 227 -10.10 51.39 -21.43
N ARG N 228 -8.87 50.91 -21.65
CA ARG N 228 -7.72 51.78 -21.45
C ARG N 228 -7.71 52.92 -22.47
N LYS N 229 -8.17 52.68 -23.69
CA LYS N 229 -8.30 53.77 -24.65
C LYS N 229 -9.33 54.79 -24.18
N ALA N 230 -10.47 54.32 -23.68
CA ALA N 230 -11.55 55.23 -23.32
C ALA N 230 -11.22 56.04 -22.08
N LEU N 231 -10.61 55.42 -21.07
CA LEU N 231 -10.38 56.11 -19.81
C LEU N 231 -9.29 57.17 -19.95
N PHE N 232 -8.18 56.82 -20.59
CA PHE N 232 -7.07 57.77 -20.76
C PHE N 232 -7.13 58.42 -22.14
N SER O 25 57.81 7.67 -17.80
CA SER O 25 58.81 6.64 -17.50
C SER O 25 58.38 5.81 -16.29
N PRO O 26 58.55 4.50 -16.38
CA PRO O 26 58.15 3.62 -15.27
C PRO O 26 58.99 3.83 -14.01
N LEU O 27 60.30 3.96 -14.20
CA LEU O 27 61.19 4.08 -13.04
C LEU O 27 60.93 5.35 -12.26
N GLU O 28 60.77 6.48 -12.96
CA GLU O 28 60.54 7.75 -12.28
C GLU O 28 59.22 7.74 -11.52
N GLU O 29 58.17 7.20 -12.14
CA GLU O 29 56.88 7.11 -11.47
C GLU O 29 56.96 6.19 -10.26
N ALA O 30 57.69 5.08 -10.39
CA ALA O 30 57.86 4.17 -9.24
C ALA O 30 58.59 4.85 -8.10
N LYS O 31 59.63 5.63 -8.41
CA LYS O 31 60.36 6.33 -7.36
C LYS O 31 59.49 7.40 -6.70
N ARG O 32 58.70 8.13 -7.49
CA ARG O 32 57.77 9.10 -6.93
C ARG O 32 56.77 8.41 -6.01
N LEU O 33 56.25 7.26 -6.43
CA LEU O 33 55.33 6.51 -5.58
C LEU O 33 56.01 6.05 -4.30
N LEU O 34 57.28 5.64 -4.38
CA LEU O 34 58.01 5.24 -3.18
C LEU O 34 58.14 6.41 -2.21
N GLU O 35 58.48 7.59 -2.72
CA GLU O 35 58.60 8.76 -1.84
C GLU O 35 57.25 9.11 -1.20
N LYS O 36 56.18 9.07 -1.99
CA LYS O 36 54.86 9.37 -1.46
C LYS O 36 54.47 8.37 -0.37
N VAL O 37 54.75 7.08 -0.60
CA VAL O 37 54.41 6.05 0.38
C VAL O 37 55.23 6.22 1.65
N LYS O 38 56.51 6.56 1.52
CA LYS O 38 57.33 6.80 2.70
C LYS O 38 56.79 7.96 3.52
N LYS O 39 56.42 9.05 2.84
CA LYS O 39 55.84 10.19 3.54
C LYS O 39 54.55 9.80 4.26
N ARG O 40 53.68 9.05 3.57
CA ARG O 40 52.41 8.66 4.17
C ARG O 40 52.63 7.76 5.38
N VAL O 41 53.56 6.82 5.30
CA VAL O 41 53.83 5.93 6.42
C VAL O 41 54.36 6.72 7.61
N GLU O 42 55.28 7.66 7.36
CA GLU O 42 55.81 8.48 8.44
C GLU O 42 54.70 9.28 9.10
N GLU O 43 53.78 9.83 8.29
CA GLU O 43 52.66 10.58 8.86
C GLU O 43 51.75 9.68 9.68
N ILE O 44 51.47 8.47 9.18
CA ILE O 44 50.52 7.59 9.84
C ILE O 44 51.07 7.09 11.19
N MET O 45 52.35 6.73 11.23
CA MET O 45 52.90 6.09 12.42
C MET O 45 52.87 7.01 13.64
N LYS O 46 52.68 8.31 13.46
CA LYS O 46 52.62 9.25 14.57
C LYS O 46 51.35 9.11 15.41
N ASN O 47 50.34 8.41 14.91
CA ASN O 47 49.10 8.26 15.65
C ASN O 47 49.31 7.38 16.88
N PRO O 48 48.63 7.68 17.99
CA PRO O 48 48.82 6.87 19.21
C PRO O 48 47.92 5.64 19.28
N ASN O 49 46.90 5.57 18.43
CA ASN O 49 45.96 4.45 18.46
C ASN O 49 46.48 3.34 17.56
N PRO O 50 46.78 2.15 18.09
CA PRO O 50 47.35 1.10 17.24
C PRO O 50 46.38 0.55 16.21
N VAL O 51 45.11 0.40 16.56
CA VAL O 51 44.14 -0.16 15.62
C VAL O 51 43.90 0.78 14.46
N LYS O 52 43.82 2.08 14.74
CA LYS O 52 43.68 3.05 13.66
C LYS O 52 44.91 3.05 12.75
N VAL O 53 46.10 2.92 13.34
CA VAL O 53 47.31 2.83 12.54
C VAL O 53 47.27 1.60 11.63
N MET O 54 46.85 0.46 12.18
CA MET O 54 46.76 -0.75 11.38
C MET O 54 45.76 -0.60 10.24
N LEU O 55 44.61 0.02 10.51
CA LEU O 55 43.60 0.20 9.47
C LEU O 55 44.12 1.11 8.35
N GLU O 56 44.79 2.21 8.73
CA GLU O 56 45.35 3.10 7.72
C GLU O 56 46.43 2.42 6.90
N LEU O 57 47.26 1.60 7.55
CA LEU O 57 48.30 0.88 6.82
C LEU O 57 47.71 -0.15 5.87
N LYS O 58 46.62 -0.81 6.28
CA LYS O 58 45.95 -1.73 5.39
C LYS O 58 45.39 -1.01 4.16
N GLU O 59 44.78 0.16 4.38
CA GLU O 59 44.30 0.96 3.26
C GLU O 59 45.44 1.36 2.33
N LEU O 60 46.58 1.76 2.90
CA LEU O 60 47.72 2.14 2.09
C LEU O 60 48.25 0.98 1.27
N LEU O 61 48.30 -0.21 1.86
CA LEU O 61 48.72 -1.40 1.12
C LEU O 61 47.78 -1.70 -0.04
N ASP O 62 46.47 -1.59 0.20
CA ASP O 62 45.51 -1.80 -0.89
C ASP O 62 45.70 -0.78 -2.01
N GLU O 63 45.90 0.49 -1.65
CA GLU O 63 46.13 1.52 -2.66
C GLU O 63 47.40 1.25 -3.45
N ALA O 64 48.44 0.74 -2.77
CA ALA O 64 49.67 0.39 -3.47
C ALA O 64 49.44 -0.72 -4.48
N VAL O 65 48.67 -1.74 -4.11
CA VAL O 65 48.37 -2.82 -5.05
C VAL O 65 47.57 -2.28 -6.24
N HIS O 66 46.60 -1.40 -5.97
CA HIS O 66 45.84 -0.79 -7.06
C HIS O 66 46.75 -0.03 -8.01
N GLU O 67 47.71 0.71 -7.47
CA GLU O 67 48.67 1.42 -8.31
C GLU O 67 49.53 0.43 -9.10
N PHE O 68 49.88 -0.69 -8.49
CA PHE O 68 50.71 -1.69 -9.17
C PHE O 68 50.01 -2.26 -10.39
N VAL O 69 48.73 -2.62 -10.26
CA VAL O 69 48.04 -3.23 -11.39
C VAL O 69 47.70 -2.22 -12.49
N LEU O 70 47.83 -0.93 -12.21
CA LEU O 70 47.50 0.12 -13.17
C LEU O 70 48.71 0.62 -13.94
N MET O 71 49.88 0.04 -13.73
CA MET O 71 51.11 0.49 -14.37
C MET O 71 51.85 -0.71 -14.93
N GLU O 72 52.87 -0.42 -15.75
CA GLU O 72 53.68 -1.47 -16.33
C GLU O 72 54.77 -1.90 -15.36
N VAL O 73 54.95 -3.22 -15.22
CA VAL O 73 55.96 -3.74 -14.31
C VAL O 73 57.04 -4.44 -15.12
N ASN O 74 58.10 -3.71 -15.43
CA ASN O 74 59.25 -4.24 -16.13
C ASN O 74 60.37 -4.54 -15.13
N GLU O 75 61.51 -5.02 -15.64
CA GLU O 75 62.60 -5.47 -14.78
C GLU O 75 63.35 -4.33 -14.12
N GLU O 76 63.14 -3.09 -14.55
CA GLU O 76 63.82 -1.94 -13.97
C GLU O 76 63.16 -1.44 -12.69
N ASN O 77 61.82 -1.36 -12.67
CA ASN O 77 61.12 -0.81 -11.53
C ASN O 77 60.62 -1.86 -10.55
N ARG O 78 60.92 -3.14 -10.77
CA ARG O 78 60.42 -4.19 -9.90
C ARG O 78 60.97 -4.04 -8.48
N GLU O 79 62.25 -3.70 -8.36
CA GLU O 79 62.87 -3.53 -7.05
C GLU O 79 62.18 -2.44 -6.25
N VAL O 80 61.84 -1.33 -6.90
CA VAL O 80 61.19 -0.23 -6.18
C VAL O 80 59.82 -0.63 -5.66
N LEU O 81 59.05 -1.37 -6.48
CA LEU O 81 57.74 -1.82 -6.04
C LEU O 81 57.85 -2.79 -4.86
N ILE O 82 58.83 -3.70 -4.92
CA ILE O 82 59.04 -4.61 -3.80
C ILE O 82 59.42 -3.84 -2.55
N GLU O 83 60.23 -2.79 -2.70
CA GLU O 83 60.62 -1.98 -1.55
C GLU O 83 59.44 -1.23 -0.96
N ILE O 84 58.52 -0.75 -1.81
CA ILE O 84 57.31 -0.10 -1.31
C ILE O 84 56.49 -1.07 -0.49
N LEU O 85 56.28 -2.28 -1.01
CA LEU O 85 55.53 -3.29 -0.29
C LEU O 85 56.20 -3.63 1.04
N ALA O 86 57.53 -3.78 1.03
CA ALA O 86 58.25 -4.10 2.25
C ALA O 86 58.13 -2.99 3.29
N THR O 87 58.19 -1.73 2.85
CA THR O 87 58.05 -0.61 3.77
C THR O 87 56.69 -0.64 4.47
N ILE O 88 55.62 -0.76 3.68
CA ILE O 88 54.29 -0.76 4.28
C ILE O 88 54.11 -1.95 5.21
N PHE O 89 54.58 -3.13 4.79
CA PHE O 89 54.38 -4.32 5.61
C PHE O 89 55.20 -4.28 6.90
N GLU O 90 56.42 -3.74 6.85
CA GLU O 90 57.22 -3.60 8.07
C GLU O 90 56.54 -2.65 9.06
N ALA O 91 56.04 -1.52 8.55
CA ALA O 91 55.30 -0.61 9.44
C ALA O 91 54.11 -1.32 10.06
N PHE O 92 53.38 -2.10 9.26
CA PHE O 92 52.22 -2.82 9.79
C PHE O 92 52.62 -3.83 10.86
N LEU O 93 53.71 -4.55 10.65
CA LEU O 93 54.14 -5.55 11.64
C LEU O 93 54.54 -4.88 12.95
N HIS O 94 55.23 -3.74 12.88
CA HIS O 94 55.55 -3.01 14.10
C HIS O 94 54.29 -2.53 14.82
N ALA O 95 53.33 -1.99 14.06
CA ALA O 95 52.09 -1.54 14.68
C ALA O 95 51.33 -2.70 15.32
N ALA O 96 51.40 -3.88 14.71
CA ALA O 96 50.78 -5.06 15.32
C ALA O 96 51.48 -5.46 16.60
N ARG O 97 52.82 -5.35 16.63
CA ARG O 97 53.55 -5.57 17.86
C ARG O 97 53.19 -4.56 18.94
N ASP O 98 52.72 -3.36 18.55
CA ASP O 98 52.42 -2.33 19.54
C ASP O 98 51.33 -2.79 20.52
N GLY O 99 50.27 -3.40 20.02
CA GLY O 99 49.29 -3.98 20.91
C GLY O 99 47.84 -3.77 20.55
N GLY O 100 46.94 -4.29 21.37
CA GLY O 100 45.52 -4.18 21.18
C GLY O 100 44.82 -5.48 21.57
N ASN O 101 43.58 -5.62 21.14
CA ASN O 101 42.81 -6.83 21.38
C ASN O 101 43.37 -7.97 20.51
N PRO O 102 43.79 -9.08 21.10
CA PRO O 102 44.50 -10.11 20.30
C PRO O 102 43.71 -10.65 19.12
N LYS O 103 42.41 -10.90 19.27
CA LYS O 103 41.64 -11.46 18.18
C LYS O 103 41.54 -10.48 17.01
N LEU O 104 41.23 -9.23 17.30
CA LEU O 104 41.14 -8.22 16.25
C LEU O 104 42.50 -8.02 15.57
N VAL O 105 43.58 -8.00 16.36
CA VAL O 105 44.91 -7.82 15.80
C VAL O 105 45.26 -8.99 14.88
N LEU O 106 44.93 -10.21 15.28
CA LEU O 106 45.22 -11.37 14.45
C LEU O 106 44.43 -11.34 13.16
N LEU O 107 43.16 -10.94 13.23
CA LEU O 107 42.35 -10.81 12.02
C LEU O 107 42.95 -9.78 11.06
N LEU O 108 43.35 -8.62 11.60
CA LEU O 108 43.95 -7.59 10.76
C LEU O 108 45.27 -8.06 10.17
N LEU O 109 46.05 -8.82 10.94
CA LEU O 109 47.31 -9.37 10.44
C LEU O 109 47.06 -10.31 9.27
N LEU O 110 46.06 -11.17 9.37
CA LEU O 110 45.76 -12.07 8.27
C LEU O 110 45.32 -11.31 7.02
N GLU O 111 44.47 -10.29 7.19
CA GLU O 111 44.05 -9.49 6.03
C GLU O 111 45.24 -8.81 5.38
N ALA O 112 46.12 -8.22 6.19
CA ALA O 112 47.30 -7.54 5.65
C ALA O 112 48.21 -8.51 4.92
N PHE O 113 48.36 -9.72 5.47
CA PHE O 113 49.20 -10.71 4.81
C PHE O 113 48.62 -11.13 3.47
N GLU O 114 47.30 -11.29 3.39
CA GLU O 114 46.69 -11.67 2.11
C GLU O 114 46.87 -10.55 1.07
N THR O 115 46.73 -9.30 1.49
CA THR O 115 46.98 -8.19 0.57
C THR O 115 48.44 -8.17 0.11
N PHE O 116 49.37 -8.40 1.05
CA PHE O 116 50.78 -8.43 0.71
C PHE O 116 51.10 -9.54 -0.29
N VAL O 117 50.48 -10.71 -0.10
CA VAL O 117 50.71 -11.82 -1.02
C VAL O 117 50.16 -11.49 -2.41
N ARG O 118 48.99 -10.85 -2.48
CA ARG O 118 48.48 -10.42 -3.77
C ARG O 118 49.41 -9.42 -4.45
N GLY O 119 49.96 -8.48 -3.67
CA GLY O 119 50.91 -7.53 -4.25
C GLY O 119 52.16 -8.20 -4.78
N VAL O 120 52.69 -9.17 -4.03
CA VAL O 120 53.88 -9.89 -4.48
C VAL O 120 53.57 -10.69 -5.73
N GLU O 121 52.39 -11.29 -5.79
CA GLU O 121 51.98 -12.02 -6.99
C GLU O 121 51.89 -11.11 -8.20
N VAL O 122 51.35 -9.91 -8.02
CA VAL O 122 51.23 -8.97 -9.14
C VAL O 122 52.61 -8.52 -9.60
N VAL O 123 53.47 -8.12 -8.67
CA VAL O 123 54.78 -7.59 -9.04
C VAL O 123 55.69 -8.71 -9.53
N GLY O 124 55.79 -9.80 -8.78
CA GLY O 124 56.70 -10.87 -9.13
C GLY O 124 58.07 -10.67 -8.49
N VAL O 125 58.74 -11.79 -8.24
CA VAL O 125 60.05 -11.81 -7.59
C VAL O 125 61.03 -12.51 -8.51
N THR O 126 62.06 -11.79 -8.94
CA THR O 126 63.04 -12.32 -9.88
C THR O 126 64.43 -12.45 -9.28
N SER O 127 65.00 -11.36 -8.77
CA SER O 127 66.36 -11.38 -8.26
C SER O 127 66.41 -12.00 -6.87
N GLU O 128 67.62 -12.16 -6.36
CA GLU O 128 67.81 -12.74 -5.03
C GLU O 128 67.49 -11.74 -3.92
N ARG O 129 67.72 -10.45 -4.15
CA ARG O 129 67.45 -9.46 -3.12
C ARG O 129 65.97 -9.41 -2.79
N GLU O 130 65.11 -9.43 -3.81
CA GLU O 130 63.67 -9.40 -3.57
C GLU O 130 63.21 -10.66 -2.85
N LEU O 131 63.77 -11.81 -3.22
CA LEU O 131 63.44 -13.06 -2.53
C LEU O 131 63.83 -12.98 -1.06
N ARG O 132 65.03 -12.47 -0.78
CA ARG O 132 65.47 -12.32 0.60
C ARG O 132 64.54 -11.39 1.37
N LEU O 133 64.14 -10.28 0.74
CA LEU O 133 63.27 -9.32 1.40
C LEU O 133 61.93 -9.96 1.76
N VAL O 134 61.31 -10.65 0.80
CA VAL O 134 59.98 -11.22 1.07
C VAL O 134 60.08 -12.36 2.09
N LEU O 135 61.16 -13.13 2.05
CA LEU O 135 61.29 -14.23 3.01
C LEU O 135 61.53 -13.71 4.42
N GLU O 136 62.33 -12.65 4.57
CA GLU O 136 62.50 -12.04 5.89
C GLU O 136 61.17 -11.47 6.40
N LEU O 137 60.39 -10.87 5.51
CA LEU O 137 59.07 -10.39 5.91
C LEU O 137 58.19 -11.53 6.38
N LEU O 138 58.23 -12.67 5.68
CA LEU O 138 57.45 -13.83 6.10
C LEU O 138 57.86 -14.32 7.48
N VAL O 139 59.16 -14.38 7.75
CA VAL O 139 59.63 -14.83 9.06
C VAL O 139 59.17 -13.88 10.15
N GLU O 140 59.27 -12.57 9.90
CA GLU O 140 58.80 -11.59 10.89
C GLU O 140 57.30 -11.72 11.12
N PHE O 141 56.53 -11.97 10.05
CA PHE O 141 55.10 -12.14 10.20
C PHE O 141 54.77 -13.32 11.09
N VAL O 142 55.46 -14.45 10.89
CA VAL O 142 55.19 -15.64 11.70
C VAL O 142 55.56 -15.37 13.16
N HIS O 143 56.69 -14.71 13.40
CA HIS O 143 57.09 -14.42 14.76
C HIS O 143 56.08 -13.52 15.47
N VAL O 144 55.63 -12.47 14.79
CA VAL O 144 54.65 -11.55 15.38
C VAL O 144 53.33 -12.29 15.64
N PHE O 145 52.90 -13.13 14.71
CA PHE O 145 51.65 -13.86 14.89
C PHE O 145 51.71 -14.75 16.12
N ILE O 146 52.80 -15.49 16.28
CA ILE O 146 52.93 -16.37 17.45
C ILE O 146 52.97 -15.54 18.73
N LEU O 147 53.70 -14.42 18.70
CA LEU O 147 53.80 -13.57 19.89
C LEU O 147 52.43 -13.05 20.31
N ILE O 148 51.61 -12.63 19.35
CA ILE O 148 50.29 -12.13 19.69
C ILE O 148 49.39 -13.26 20.19
N SER O 149 49.43 -14.42 19.53
CA SER O 149 48.52 -15.51 19.87
C SER O 149 48.93 -16.26 21.12
N ARG O 150 50.09 -15.95 21.71
CA ARG O 150 50.49 -16.59 22.95
C ARG O 150 49.45 -16.45 24.06
N LEU O 151 48.65 -15.38 24.03
CA LEU O 151 47.80 -15.03 25.16
C LEU O 151 46.36 -15.50 25.04
N LEU O 152 46.04 -16.31 24.04
CA LEU O 152 44.70 -16.87 23.94
C LEU O 152 44.57 -18.15 24.75
N GLU O 153 43.36 -18.71 24.76
CA GLU O 153 43.14 -20.02 25.33
C GLU O 153 43.54 -21.11 24.34
N PRO O 154 43.84 -22.31 24.82
CA PRO O 154 44.41 -23.34 23.93
C PRO O 154 43.58 -23.67 22.71
N ARG O 155 42.25 -23.70 22.83
CA ARG O 155 41.42 -24.03 21.67
C ARG O 155 41.46 -22.91 20.64
N GLU O 156 41.29 -21.66 21.09
CA GLU O 156 41.45 -20.53 20.18
C GLU O 156 42.87 -20.43 19.66
N PHE O 157 43.85 -20.81 20.46
CA PHE O 157 45.23 -20.82 20.00
C PHE O 157 45.42 -21.80 18.85
N ILE O 158 44.83 -22.99 18.95
CA ILE O 158 44.96 -23.98 17.88
C ILE O 158 44.22 -23.52 16.63
N ALA O 159 43.06 -22.88 16.80
CA ALA O 159 42.36 -22.32 15.65
C ALA O 159 43.21 -21.26 14.94
N SER O 160 43.86 -20.39 15.72
CA SER O 160 44.74 -19.38 15.16
C SER O 160 45.92 -20.01 14.42
N MET O 161 46.50 -21.07 14.99
CA MET O 161 47.60 -21.75 14.31
C MET O 161 47.15 -22.39 13.00
N LEU O 162 45.93 -22.92 12.97
CA LEU O 162 45.42 -23.46 11.71
C LEU O 162 45.27 -22.36 10.66
N GLU O 163 44.76 -21.20 11.05
CA GLU O 163 44.67 -20.08 10.12
C GLU O 163 46.05 -19.65 9.63
N LEU O 164 47.02 -19.61 10.53
CA LEU O 164 48.38 -19.26 10.13
C LEU O 164 48.95 -20.28 9.14
N LEU O 165 48.68 -21.57 9.36
CA LEU O 165 49.14 -22.60 8.44
C LEU O 165 48.55 -22.40 7.05
N ARG O 166 47.25 -22.08 6.97
CA ARG O 166 46.65 -21.83 5.67
C ARG O 166 47.30 -20.62 5.00
N ALA O 167 47.55 -19.55 5.76
CA ALA O 167 48.19 -18.37 5.18
C ALA O 167 49.58 -18.69 4.64
N ILE O 168 50.37 -19.44 5.39
CA ILE O 168 51.73 -19.80 4.96
C ILE O 168 51.67 -20.66 3.71
N GLU O 169 50.73 -21.60 3.66
CA GLU O 169 50.58 -22.45 2.47
C GLU O 169 50.26 -21.61 1.24
N ARG O 170 49.33 -20.66 1.37
CA ARG O 170 49.01 -19.79 0.25
C ARG O 170 50.21 -18.98 -0.20
N PHE O 171 50.96 -18.43 0.76
CA PHE O 171 52.14 -17.64 0.42
C PHE O 171 53.14 -18.47 -0.37
N PHE O 172 53.45 -19.68 0.11
CA PHE O 172 54.46 -20.49 -0.56
C PHE O 172 53.95 -21.06 -1.87
N GLU O 173 52.64 -21.16 -2.06
CA GLU O 173 52.13 -21.53 -3.38
C GLU O 173 52.27 -20.39 -4.37
N VAL O 174 52.04 -19.15 -3.93
CA VAL O 174 52.16 -18.02 -4.84
C VAL O 174 53.61 -17.82 -5.28
N LEU O 175 54.56 -17.90 -4.35
CA LEU O 175 55.93 -17.51 -4.61
C LEU O 175 56.62 -18.49 -5.55
N LYS O 176 57.56 -17.95 -6.33
CA LYS O 176 58.38 -18.74 -7.26
C LYS O 176 59.84 -18.40 -7.04
N GLY O 177 60.69 -19.41 -7.12
CA GLY O 177 62.11 -19.20 -6.89
C GLY O 177 62.84 -20.52 -6.78
N ASN O 178 63.99 -20.49 -6.11
CA ASN O 178 64.78 -21.70 -5.92
C ASN O 178 64.09 -22.64 -4.96
N PRO O 179 63.76 -23.87 -5.35
CA PRO O 179 62.99 -24.76 -4.46
C PRO O 179 63.69 -25.09 -3.15
N GLU O 180 65.02 -25.22 -3.15
CA GLU O 180 65.71 -25.70 -1.96
C GLU O 180 65.68 -24.65 -0.85
N ARG O 181 66.00 -23.40 -1.18
CA ARG O 181 65.96 -22.34 -0.17
C ARG O 181 64.54 -22.12 0.36
N LEU O 182 63.55 -22.18 -0.54
CA LEU O 182 62.17 -22.02 -0.11
C LEU O 182 61.77 -23.15 0.82
N LEU O 183 62.18 -24.38 0.51
CA LEU O 183 61.86 -25.51 1.38
C LEU O 183 62.54 -25.36 2.75
N ALA O 184 63.78 -24.87 2.77
CA ALA O 184 64.46 -24.65 4.04
C ALA O 184 63.73 -23.61 4.89
N VAL O 185 63.32 -22.50 4.28
CA VAL O 185 62.59 -21.46 5.01
C VAL O 185 61.26 -22.01 5.54
N PHE O 186 60.55 -22.77 4.70
CA PHE O 186 59.28 -23.36 5.08
C PHE O 186 59.44 -24.30 6.25
N GLU O 187 60.47 -25.15 6.23
CA GLU O 187 60.70 -26.07 7.34
C GLU O 187 61.04 -25.33 8.61
N GLU O 188 61.83 -24.26 8.52
CA GLU O 188 62.18 -23.50 9.71
C GLU O 188 60.95 -22.85 10.35
N VAL O 189 60.10 -22.22 9.55
CA VAL O 189 58.91 -21.60 10.13
C VAL O 189 57.96 -22.66 10.68
N LEU O 190 57.89 -23.83 10.04
CA LEU O 190 57.08 -24.92 10.57
C LEU O 190 57.58 -25.37 11.93
N GLU O 191 58.90 -25.47 12.09
CA GLU O 191 59.45 -25.86 13.39
C GLU O 191 59.14 -24.81 14.45
N ASP O 192 59.19 -23.53 14.09
CA ASP O 192 58.82 -22.49 15.04
C ASP O 192 57.38 -22.64 15.51
N ILE O 193 56.45 -22.85 14.56
CA ILE O 193 55.04 -23.00 14.92
C ILE O 193 54.85 -24.24 15.80
N GLU O 194 55.50 -25.35 15.45
CA GLU O 194 55.35 -26.58 16.21
C GLU O 194 55.87 -26.42 17.63
N GLU O 195 57.01 -25.75 17.80
CA GLU O 195 57.52 -25.50 19.14
C GLU O 195 56.56 -24.67 19.96
N ALA O 196 55.99 -23.61 19.35
CA ALA O 196 55.03 -22.78 20.08
C ALA O 196 53.83 -23.61 20.52
N VAL O 197 53.29 -24.44 19.61
CA VAL O 197 52.10 -25.22 19.93
C VAL O 197 52.39 -26.22 21.05
N LEU O 198 53.54 -26.90 20.96
CA LEU O 198 53.88 -27.88 21.99
C LEU O 198 54.07 -27.22 23.35
N LYS O 199 54.71 -26.06 23.39
CA LYS O 199 54.87 -25.36 24.66
C LYS O 199 53.54 -24.91 25.22
N LYS O 200 52.63 -24.44 24.36
CA LYS O 200 51.34 -23.96 24.87
C LYS O 200 50.46 -25.09 25.38
N LEU O 201 50.47 -26.24 24.71
CA LEU O 201 49.49 -27.29 25.02
C LEU O 201 49.76 -28.01 26.33
N THR O 202 50.71 -27.55 27.15
CA THR O 202 50.95 -28.18 28.43
C THR O 202 50.02 -27.67 29.53
N GLU O 203 49.12 -26.74 29.22
CA GLU O 203 48.21 -26.15 30.19
C GLU O 203 46.88 -26.88 30.29
N VAL O 204 46.70 -27.98 29.56
CA VAL O 204 45.42 -28.67 29.49
C VAL O 204 45.62 -30.13 29.90
N ASN O 205 44.50 -30.82 30.05
CA ASN O 205 44.51 -32.24 30.40
C ASN O 205 45.01 -33.07 29.23
N PRO O 206 45.51 -34.28 29.50
CA PRO O 206 46.05 -35.11 28.41
C PRO O 206 45.05 -35.43 27.30
N GLU O 207 43.77 -35.57 27.61
CA GLU O 207 42.79 -35.85 26.55
C GLU O 207 42.64 -34.66 25.61
N THR O 208 42.53 -33.46 26.17
CA THR O 208 42.50 -32.25 25.35
C THR O 208 43.80 -32.10 24.56
N GLN O 209 44.92 -32.42 25.18
CA GLN O 209 46.20 -32.38 24.47
C GLN O 209 46.17 -33.30 23.26
N VAL O 210 45.68 -34.52 23.43
CA VAL O 210 45.65 -35.47 22.33
C VAL O 210 44.74 -34.97 21.21
N LEU O 211 43.56 -34.47 21.57
CA LEU O 211 42.63 -33.96 20.54
C LEU O 211 43.26 -32.82 19.75
N LEU O 212 43.77 -31.81 20.45
CA LEU O 212 44.30 -30.64 19.77
C LEU O 212 45.57 -30.98 18.98
N LEU O 213 46.39 -31.88 19.51
CA LEU O 213 47.59 -32.30 18.78
C LEU O 213 47.22 -33.05 17.51
N GLU O 214 46.20 -33.91 17.56
CA GLU O 214 45.77 -34.59 16.34
C GLU O 214 45.31 -33.59 15.30
N ALA O 215 44.51 -32.59 15.71
CA ALA O 215 44.07 -31.58 14.75
C ALA O 215 45.25 -30.84 14.13
N PHE O 216 46.17 -30.38 14.97
CA PHE O 216 47.31 -29.62 14.48
C PHE O 216 48.17 -30.43 13.52
N TYR O 217 48.45 -31.70 13.88
CA TYR O 217 49.33 -32.49 13.05
C TYR O 217 48.68 -32.91 11.74
N GLU O 218 47.36 -33.15 11.74
CA GLU O 218 46.68 -33.39 10.47
C GLU O 218 46.80 -32.20 9.54
N LYS O 219 46.54 -30.99 10.07
CA LYS O 219 46.66 -29.81 9.23
C LYS O 219 48.09 -29.62 8.73
N LYS O 220 49.07 -29.84 9.61
CA LYS O 220 50.47 -29.66 9.21
C LYS O 220 50.86 -30.63 8.11
N LYS O 221 50.43 -31.89 8.23
CA LYS O 221 50.74 -32.86 7.18
C LYS O 221 50.11 -32.46 5.85
N ASP O 222 48.85 -32.01 5.89
CA ASP O 222 48.20 -31.58 4.65
C ASP O 222 48.94 -30.41 3.99
N VAL O 223 49.31 -29.41 4.79
CA VAL O 223 49.98 -28.24 4.20
C VAL O 223 51.38 -28.61 3.70
N VAL O 224 52.07 -29.52 4.38
CA VAL O 224 53.37 -29.97 3.90
C VAL O 224 53.22 -30.65 2.54
N GLU O 225 52.21 -31.52 2.40
CA GLU O 225 52.00 -32.17 1.11
C GLU O 225 51.70 -31.16 0.02
N HIS O 226 50.82 -30.18 0.31
CA HIS O 226 50.49 -29.18 -0.70
C HIS O 226 51.71 -28.36 -1.11
N VAL O 227 52.52 -27.94 -0.13
CA VAL O 227 53.68 -27.11 -0.43
C VAL O 227 54.72 -27.90 -1.21
N ARG O 228 54.94 -29.16 -0.85
CA ARG O 228 55.90 -29.97 -1.60
C ARG O 228 55.41 -30.22 -3.03
N LYS O 229 54.10 -30.38 -3.22
CA LYS O 229 53.59 -30.50 -4.59
C LYS O 229 53.82 -29.21 -5.37
N ALA O 230 53.55 -28.06 -4.76
CA ALA O 230 53.66 -26.80 -5.48
C ALA O 230 55.10 -26.44 -5.80
N LEU O 231 56.01 -26.69 -4.86
CA LEU O 231 57.40 -26.28 -5.05
C LEU O 231 58.09 -27.13 -6.10
N PHE O 232 57.93 -28.45 -6.02
CA PHE O 232 58.57 -29.36 -6.97
C PHE O 232 57.59 -29.80 -8.05
N SER P 25 -8.79 62.58 -63.64
CA SER P 25 -7.62 61.73 -63.42
C SER P 25 -7.98 60.56 -62.51
N PRO P 26 -7.50 59.37 -62.86
CA PRO P 26 -7.82 58.18 -62.05
C PRO P 26 -7.21 58.24 -60.66
N LEU P 27 -5.95 58.63 -60.57
CA LEU P 27 -5.24 58.62 -59.29
C LEU P 27 -5.86 59.60 -58.30
N GLU P 28 -6.17 60.82 -58.76
CA GLU P 28 -6.74 61.81 -57.86
C GLU P 28 -8.11 61.39 -57.35
N GLU P 29 -8.95 60.85 -58.24
CA GLU P 29 -10.26 60.38 -57.82
C GLU P 29 -10.14 59.20 -56.86
N ALA P 30 -9.17 58.32 -57.10
CA ALA P 30 -8.95 57.20 -56.18
C ALA P 30 -8.52 57.70 -54.80
N LYS P 31 -7.65 58.70 -54.75
CA LYS P 31 -7.22 59.23 -53.46
C LYS P 31 -8.37 59.94 -52.75
N ARG P 32 -9.21 60.67 -53.49
CA ARG P 32 -10.39 61.28 -52.89
C ARG P 32 -11.32 60.21 -52.32
N LEU P 33 -11.52 59.11 -53.06
CA LEU P 33 -12.33 58.02 -52.56
C LEU P 33 -11.72 57.40 -51.31
N LEU P 34 -10.39 57.28 -51.27
CA LEU P 34 -9.72 56.74 -50.09
C LEU P 34 -9.97 57.63 -48.87
N GLU P 35 -9.86 58.94 -49.05
CA GLU P 35 -10.11 59.85 -47.93
C GLU P 35 -11.56 59.77 -47.47
N LYS P 36 -12.50 59.72 -48.41
CA LYS P 36 -13.91 59.62 -48.04
C LYS P 36 -14.19 58.32 -47.30
N VAL P 37 -13.60 57.21 -47.75
CA VAL P 37 -13.81 55.93 -47.10
C VAL P 37 -13.21 55.92 -45.71
N LYS P 38 -12.02 56.52 -45.55
CA LYS P 38 -11.42 56.60 -44.21
C LYS P 38 -12.31 57.39 -43.26
N LYS P 39 -12.84 58.53 -43.73
CA LYS P 39 -13.74 59.32 -42.89
C LYS P 39 -14.99 58.54 -42.52
N ARG P 40 -15.56 57.83 -43.49
CA ARG P 40 -16.78 57.06 -43.22
C ARG P 40 -16.51 55.93 -42.23
N VAL P 41 -15.37 55.25 -42.37
CA VAL P 41 -15.03 54.17 -41.44
C VAL P 41 -14.86 54.72 -40.03
N GLU P 42 -14.17 55.85 -39.90
CA GLU P 42 -13.98 56.46 -38.58
C GLU P 42 -15.32 56.84 -37.97
N GLU P 43 -16.23 57.39 -38.79
CA GLU P 43 -17.55 57.73 -38.29
C GLU P 43 -18.34 56.50 -37.85
N ILE P 44 -18.28 55.43 -38.65
CA ILE P 44 -19.08 54.23 -38.35
C ILE P 44 -18.57 53.55 -37.08
N MET P 45 -17.24 53.48 -36.91
CA MET P 45 -16.69 52.70 -35.80
C MET P 45 -17.07 53.26 -34.43
N LYS P 46 -17.56 54.50 -34.36
CA LYS P 46 -17.94 55.09 -33.08
C LYS P 46 -19.22 54.52 -32.50
N ASN P 47 -20.00 53.80 -33.30
CA ASN P 47 -21.26 53.24 -32.81
C ASN P 47 -20.99 52.13 -31.80
N PRO P 48 -21.85 52.00 -30.77
CA PRO P 48 -21.62 50.96 -29.75
C PRO P 48 -22.23 49.61 -30.11
N ASN P 49 -23.08 49.55 -31.12
CA ASN P 49 -23.75 48.32 -31.50
C ASN P 49 -22.90 47.57 -32.52
N PRO P 50 -22.42 46.36 -32.21
CA PRO P 50 -21.52 45.68 -33.17
C PRO P 50 -22.20 45.21 -34.43
N VAL P 51 -23.42 44.67 -34.33
CA VAL P 51 -24.12 44.18 -35.51
C VAL P 51 -24.44 45.33 -36.45
N LYS P 52 -24.86 46.47 -35.91
CA LYS P 52 -25.11 47.64 -36.74
C LYS P 52 -23.84 48.11 -37.44
N VAL P 53 -22.71 48.09 -36.71
CA VAL P 53 -21.43 48.47 -37.31
C VAL P 53 -21.07 47.54 -38.46
N MET P 54 -21.28 46.24 -38.27
CA MET P 54 -21.00 45.28 -39.33
C MET P 54 -21.90 45.51 -40.54
N LEU P 55 -23.18 45.81 -40.31
CA LEU P 55 -24.08 46.06 -41.43
C LEU P 55 -23.66 47.29 -42.23
N GLU P 56 -23.30 48.38 -41.54
CA GLU P 56 -22.85 49.57 -42.26
C GLU P 56 -21.54 49.32 -42.98
N LEU P 57 -20.64 48.54 -42.38
CA LEU P 57 -19.37 48.25 -43.05
C LEU P 57 -19.60 47.39 -44.30
N LYS P 58 -20.54 46.44 -44.23
CA LYS P 58 -20.88 45.66 -45.41
C LYS P 58 -21.43 46.54 -46.52
N GLU P 59 -22.30 47.49 -46.17
CA GLU P 59 -22.82 48.42 -47.16
C GLU P 59 -21.70 49.26 -47.76
N LEU P 60 -20.77 49.72 -46.93
CA LEU P 60 -19.65 50.52 -47.42
C LEU P 60 -18.78 49.72 -48.39
N LEU P 61 -18.53 48.45 -48.07
CA LEU P 61 -17.76 47.59 -48.97
C LEU P 61 -18.47 47.43 -50.31
N ASP P 62 -19.80 47.23 -50.28
CA ASP P 62 -20.54 47.09 -51.53
C ASP P 62 -20.45 48.37 -52.36
N GLU P 63 -20.60 49.54 -51.72
CA GLU P 63 -20.47 50.79 -52.46
C GLU P 63 -19.07 50.97 -53.04
N ALA P 64 -18.05 50.53 -52.30
CA ALA P 64 -16.68 50.61 -52.83
C ALA P 64 -16.53 49.75 -54.08
N VAL P 65 -17.09 48.54 -54.07
CA VAL P 65 -17.03 47.69 -55.25
C VAL P 65 -17.76 48.33 -56.42
N HIS P 66 -18.94 48.90 -56.15
CA HIS P 66 -19.71 49.56 -57.20
C HIS P 66 -18.92 50.72 -57.80
N GLU P 67 -18.22 51.48 -56.96
CA GLU P 67 -17.35 52.54 -57.46
C GLU P 67 -16.20 51.97 -58.29
N PHE P 68 -15.66 50.83 -57.87
CA PHE P 68 -14.55 50.23 -58.58
C PHE P 68 -14.94 49.84 -60.01
N VAL P 69 -16.12 49.23 -60.17
CA VAL P 69 -16.52 48.81 -61.52
C VAL P 69 -16.93 49.97 -62.40
N LEU P 70 -17.13 51.15 -61.84
CA LEU P 70 -17.56 52.33 -62.60
C LEU P 70 -16.41 53.24 -63.01
N MET P 71 -15.17 52.83 -62.75
CA MET P 71 -14.01 53.66 -63.02
C MET P 71 -12.96 52.83 -63.76
N GLU P 72 -11.93 53.52 -64.24
CA GLU P 72 -10.82 52.84 -64.91
C GLU P 72 -9.78 52.42 -63.89
N VAL P 73 -9.30 51.19 -64.03
CA VAL P 73 -8.30 50.66 -63.10
C VAL P 73 -7.03 50.35 -63.86
N ASN P 74 -6.10 51.29 -63.87
CA ASN P 74 -4.79 51.10 -64.48
C ASN P 74 -3.79 50.71 -63.40
N GLU P 75 -2.50 50.68 -63.76
CA GLU P 75 -1.45 50.29 -62.84
C GLU P 75 -1.08 51.39 -61.87
N GLU P 76 -1.63 52.59 -62.02
CA GLU P 76 -1.30 53.70 -61.13
C GLU P 76 -2.16 53.69 -59.86
N ASN P 77 -3.48 53.51 -60.01
CA ASN P 77 -4.41 53.62 -58.90
C ASN P 77 -4.74 52.27 -58.26
N ARG P 78 -4.14 51.17 -58.72
CA ARG P 78 -4.49 49.86 -58.20
C ARG P 78 -4.15 49.74 -56.72
N GLU P 79 -3.00 50.29 -56.31
CA GLU P 79 -2.60 50.23 -54.91
C GLU P 79 -3.60 50.94 -54.01
N VAL P 80 -4.10 52.09 -54.46
CA VAL P 80 -5.07 52.84 -53.65
C VAL P 80 -6.37 52.07 -53.49
N LEU P 81 -6.84 51.43 -54.55
CA LEU P 81 -8.07 50.64 -54.46
C LEU P 81 -7.88 49.45 -53.52
N ILE P 82 -6.74 48.78 -53.60
CA ILE P 82 -6.46 47.68 -52.68
C ILE P 82 -6.41 48.17 -51.25
N GLU P 83 -5.84 49.36 -51.03
CA GLU P 83 -5.79 49.93 -49.68
C GLU P 83 -7.18 50.26 -49.16
N ILE P 84 -8.07 50.77 -50.03
CA ILE P 84 -9.44 51.04 -49.62
C ILE P 84 -10.12 49.74 -49.16
N LEU P 85 -9.99 48.70 -49.98
CA LEU P 85 -10.59 47.41 -49.63
C LEU P 85 -10.02 46.88 -48.31
N ALA P 86 -8.71 46.98 -48.14
CA ALA P 86 -8.07 46.50 -46.91
C ALA P 86 -8.55 47.28 -45.70
N THR P 87 -8.71 48.60 -45.83
CA THR P 87 -9.20 49.41 -44.73
C THR P 87 -10.58 48.97 -44.28
N ILE P 88 -11.50 48.85 -45.25
CA ILE P 88 -12.86 48.47 -44.89
C ILE P 88 -12.89 47.08 -44.27
N PHE P 89 -12.12 46.14 -44.84
CA PHE P 89 -12.15 44.77 -44.33
C PHE P 89 -11.51 44.67 -42.95
N GLU P 90 -10.44 45.42 -42.68
CA GLU P 90 -9.84 45.40 -41.35
C GLU P 90 -10.81 45.94 -40.31
N ALA P 91 -11.51 47.04 -40.63
CA ALA P 91 -12.52 47.54 -39.72
C ALA P 91 -13.60 46.49 -39.47
N PHE P 92 -14.03 45.80 -40.52
CA PHE P 92 -15.05 44.77 -40.37
C PHE P 92 -14.57 43.64 -39.47
N LEU P 93 -13.32 43.21 -39.64
CA LEU P 93 -12.81 42.10 -38.83
C LEU P 93 -12.72 42.49 -37.36
N HIS P 94 -12.28 43.72 -37.07
CA HIS P 94 -12.28 44.17 -35.68
C HIS P 94 -13.69 44.21 -35.10
N ALA P 95 -14.66 44.73 -35.87
CA ALA P 95 -16.02 44.79 -35.39
C ALA P 95 -16.59 43.39 -35.17
N ALA P 96 -16.17 42.42 -35.98
CA ALA P 96 -16.61 41.04 -35.77
C ALA P 96 -16.00 40.44 -34.52
N ARG P 97 -14.74 40.79 -34.24
CA ARG P 97 -14.14 40.38 -32.97
C ARG P 97 -14.85 41.02 -31.78
N ASP P 98 -15.49 42.17 -31.97
CA ASP P 98 -16.14 42.84 -30.85
C ASP P 98 -17.19 41.97 -30.19
N GLY P 99 -18.02 41.30 -30.98
CA GLY P 99 -18.94 40.33 -30.42
C GLY P 99 -20.36 40.37 -30.94
N GLY P 100 -21.21 39.48 -30.42
CA GLY P 100 -22.59 39.36 -30.84
C GLY P 100 -23.01 37.90 -30.86
N ASN P 101 -24.12 37.64 -31.54
CA ASN P 101 -24.62 36.28 -31.69
C ASN P 101 -23.74 35.52 -32.67
N PRO P 102 -23.15 34.38 -32.28
CA PRO P 102 -22.16 33.73 -33.16
C PRO P 102 -22.66 33.36 -34.55
N LYS P 103 -23.88 32.85 -34.66
CA LYS P 103 -24.37 32.43 -35.98
C LYS P 103 -24.55 33.62 -36.92
N LEU P 104 -25.17 34.69 -36.42
CA LEU P 104 -25.35 35.89 -37.23
C LEU P 104 -24.00 36.51 -37.60
N VAL P 105 -23.06 36.54 -36.65
CA VAL P 105 -21.75 37.11 -36.93
C VAL P 105 -21.02 36.29 -37.99
N LEU P 106 -21.12 34.97 -37.92
CA LEU P 106 -20.49 34.12 -38.93
C LEU P 106 -21.11 34.33 -40.31
N LEU P 107 -22.44 34.45 -40.37
CA LEU P 107 -23.09 34.74 -41.64
C LEU P 107 -22.62 36.07 -42.23
N LEU P 108 -22.56 37.11 -41.39
CA LEU P 108 -22.11 38.41 -41.86
C LEU P 108 -20.65 38.36 -42.31
N LEU P 109 -19.82 37.61 -41.60
CA LEU P 109 -18.42 37.45 -41.98
C LEU P 109 -18.30 36.80 -43.35
N LEU P 110 -19.10 35.76 -43.60
CA LEU P 110 -19.05 35.10 -44.91
C LEU P 110 -19.49 36.05 -46.02
N GLU P 111 -20.56 36.82 -45.80
CA GLU P 111 -21.02 37.76 -46.80
C GLU P 111 -19.95 38.82 -47.09
N ALA P 112 -19.34 39.36 -46.03
CA ALA P 112 -18.29 40.37 -46.21
C ALA P 112 -17.10 39.80 -46.96
N PHE P 113 -16.73 38.55 -46.66
CA PHE P 113 -15.62 37.93 -47.36
C PHE P 113 -15.93 37.75 -48.84
N GLU P 114 -17.16 37.36 -49.17
CA GLU P 114 -17.54 37.23 -50.57
C GLU P 114 -17.46 38.57 -51.29
N THR P 115 -17.94 39.65 -50.66
CA THR P 115 -17.85 40.97 -51.27
C THR P 115 -16.40 41.39 -51.45
N PHE P 116 -15.55 41.10 -50.47
CA PHE P 116 -14.13 41.43 -50.56
C PHE P 116 -13.45 40.68 -51.70
N VAL P 117 -13.81 39.40 -51.87
CA VAL P 117 -13.23 38.61 -52.96
C VAL P 117 -13.66 39.17 -54.31
N ARG P 118 -14.94 39.57 -54.43
CA ARG P 118 -15.38 40.19 -55.68
C ARG P 118 -14.63 41.49 -55.95
N GLY P 119 -14.40 42.29 -54.92
CA GLY P 119 -13.64 43.51 -55.11
C GLY P 119 -12.21 43.25 -55.56
N VAL P 120 -11.56 42.26 -54.95
CA VAL P 120 -10.20 41.92 -55.34
C VAL P 120 -10.17 41.41 -56.77
N GLU P 121 -11.17 40.62 -57.15
CA GLU P 121 -11.25 40.15 -58.53
C GLU P 121 -11.40 41.31 -59.50
N VAL P 122 -12.23 42.30 -59.17
CA VAL P 122 -12.42 43.44 -60.06
C VAL P 122 -11.13 44.24 -60.18
N VAL P 123 -10.48 44.53 -59.05
CA VAL P 123 -9.29 45.37 -59.08
C VAL P 123 -8.10 44.60 -59.63
N GLY P 124 -7.88 43.39 -59.15
CA GLY P 124 -6.69 42.63 -59.55
C GLY P 124 -5.50 42.94 -58.67
N VAL P 125 -4.63 41.94 -58.54
CA VAL P 125 -3.44 42.05 -57.70
C VAL P 125 -2.22 41.78 -58.57
N THR P 126 -1.32 42.76 -58.64
CA THR P 126 -0.14 42.67 -59.51
C THR P 126 1.16 42.67 -58.71
N SER P 127 1.39 43.68 -57.88
CA SER P 127 2.66 43.80 -57.18
C SER P 127 2.71 42.88 -55.96
N GLU P 128 3.86 42.87 -55.29
CA GLU P 128 4.02 42.04 -54.10
C GLU P 128 3.33 42.64 -52.88
N ARG P 129 3.29 43.97 -52.79
CA ARG P 129 2.66 44.60 -51.63
C ARG P 129 1.17 44.28 -51.56
N GLU P 130 0.48 44.34 -52.69
CA GLU P 130 -0.95 44.03 -52.71
C GLU P 130 -1.18 42.57 -52.35
N LEU P 131 -0.33 41.67 -52.87
CA LEU P 131 -0.45 40.26 -52.53
C LEU P 131 -0.26 40.03 -51.04
N ARG P 132 0.75 40.67 -50.45
CA ARG P 132 0.96 40.55 -49.02
C ARG P 132 -0.23 41.06 -48.24
N LEU P 133 -0.80 42.19 -48.67
CA LEU P 133 -1.96 42.75 -48.00
C LEU P 133 -3.14 41.79 -48.01
N VAL P 134 -3.46 41.24 -49.19
CA VAL P 134 -4.65 40.39 -49.28
C VAL P 134 -4.42 39.08 -48.54
N LEU P 135 -3.19 38.54 -48.57
CA LEU P 135 -2.93 37.30 -47.85
C LEU P 135 -2.99 37.50 -46.35
N GLU P 136 -2.47 38.63 -45.85
CA GLU P 136 -2.60 38.93 -44.42
C GLU P 136 -4.06 39.07 -44.03
N LEU P 137 -4.87 39.70 -44.87
CA LEU P 137 -6.30 39.81 -44.59
C LEU P 137 -6.95 38.43 -44.54
N LEU P 138 -6.57 37.54 -45.45
CA LEU P 138 -7.11 36.18 -45.43
C LEU P 138 -6.76 35.46 -44.14
N VAL P 139 -5.51 35.59 -43.68
CA VAL P 139 -5.11 34.94 -42.45
C VAL P 139 -5.90 35.48 -41.25
N GLU P 140 -6.06 36.81 -41.19
CA GLU P 140 -6.84 37.38 -40.10
C GLU P 140 -8.30 36.93 -40.16
N PHE P 141 -8.86 36.82 -41.37
CA PHE P 141 -10.23 36.36 -41.51
C PHE P 141 -10.38 34.94 -40.98
N VAL P 142 -9.44 34.06 -41.31
CA VAL P 142 -9.52 32.67 -40.84
C VAL P 142 -9.41 32.62 -39.32
N HIS P 143 -8.49 33.40 -38.75
CA HIS P 143 -8.33 33.41 -37.30
C HIS P 143 -9.61 33.89 -36.61
N VAL P 144 -10.19 34.97 -37.10
CA VAL P 144 -11.40 35.51 -36.48
C VAL P 144 -12.56 34.53 -36.61
N PHE P 145 -12.67 33.87 -37.77
CA PHE P 145 -13.74 32.90 -37.98
C PHE P 145 -13.64 31.76 -36.98
N ILE P 146 -12.43 31.21 -36.81
CA ILE P 146 -12.25 30.11 -35.87
C ILE P 146 -12.56 30.57 -34.45
N LEU P 147 -12.09 31.77 -34.09
CA LEU P 147 -12.33 32.29 -32.74
C LEU P 147 -13.82 32.43 -32.46
N ILE P 148 -14.58 32.95 -33.41
CA ILE P 148 -16.03 33.10 -33.20
C ILE P 148 -16.69 31.74 -33.13
N SER P 149 -16.32 30.81 -34.01
CA SER P 149 -17.00 29.52 -34.07
C SER P 149 -16.59 28.57 -32.96
N ARG P 150 -15.61 28.94 -32.13
CA ARG P 150 -15.22 28.10 -31.01
C ARG P 150 -16.39 27.75 -30.10
N LEU P 151 -17.40 28.60 -30.02
CA LEU P 151 -18.44 28.48 -29.01
C LEU P 151 -19.71 27.80 -29.49
N LEU P 152 -19.71 27.19 -30.67
CA LEU P 152 -20.87 26.45 -31.12
C LEU P 152 -20.79 24.98 -30.65
N GLU P 153 -21.83 24.23 -30.96
CA GLU P 153 -21.83 22.81 -30.73
C GLU P 153 -21.07 22.09 -31.85
N PRO P 154 -20.58 20.86 -31.59
CA PRO P 154 -19.71 20.21 -32.58
C PRO P 154 -20.30 20.07 -33.97
N ARG P 155 -21.60 19.77 -34.09
CA ARG P 155 -22.20 19.63 -35.40
C ARG P 155 -22.28 20.97 -36.13
N GLU P 156 -22.74 22.01 -35.43
CA GLU P 156 -22.74 23.35 -36.00
C GLU P 156 -21.33 23.84 -36.26
N PHE P 157 -20.38 23.45 -35.41
CA PHE P 157 -18.98 23.79 -35.63
C PHE P 157 -18.46 23.19 -36.94
N ILE P 158 -18.80 21.93 -37.20
CA ILE P 158 -18.33 21.28 -38.42
C ILE P 158 -19.01 21.90 -39.64
N ALA P 159 -20.29 22.25 -39.53
CA ALA P 159 -20.97 22.93 -40.63
C ALA P 159 -20.30 24.28 -40.94
N SER P 160 -19.96 25.04 -39.89
CA SER P 160 -19.27 26.30 -40.09
C SER P 160 -17.89 26.09 -40.72
N MET P 161 -17.19 25.03 -40.32
CA MET P 161 -15.88 24.75 -40.88
C MET P 161 -16.00 24.41 -42.37
N LEU P 162 -17.04 23.68 -42.76
CA LEU P 162 -17.24 23.39 -44.17
C LEU P 162 -17.51 24.67 -44.96
N GLU P 163 -18.32 25.57 -44.41
CA GLU P 163 -18.55 26.86 -45.07
C GLU P 163 -17.25 27.65 -45.23
N LEU P 164 -16.42 27.65 -44.19
CA LEU P 164 -15.14 28.34 -44.26
C LEU P 164 -14.24 27.73 -45.34
N LEU P 165 -14.26 26.40 -45.45
CA LEU P 165 -13.45 25.73 -46.47
C LEU P 165 -13.89 26.13 -47.87
N ARG P 166 -15.20 26.19 -48.11
CA ARG P 166 -15.68 26.64 -49.42
C ARG P 166 -15.26 28.08 -49.70
N ALA P 167 -15.34 28.95 -48.68
CA ALA P 167 -14.91 30.33 -48.87
C ALA P 167 -13.43 30.41 -49.24
N ILE P 168 -12.59 29.65 -48.55
CA ILE P 168 -11.16 29.68 -48.83
C ILE P 168 -10.87 29.16 -50.23
N GLU P 169 -11.58 28.11 -50.64
CA GLU P 169 -11.41 27.57 -51.99
C GLU P 169 -11.75 28.62 -53.04
N ARG P 170 -12.87 29.33 -52.85
CA ARG P 170 -13.24 30.38 -53.80
C ARG P 170 -12.20 31.49 -53.83
N PHE P 171 -11.71 31.91 -52.66
CA PHE P 171 -10.71 32.97 -52.62
C PHE P 171 -9.46 32.57 -53.38
N PHE P 172 -8.96 31.36 -53.16
CA PHE P 172 -7.72 30.95 -53.81
C PHE P 172 -7.93 30.63 -55.28
N GLU P 173 -9.15 30.33 -55.70
CA GLU P 173 -9.40 30.20 -57.14
C GLU P 173 -9.41 31.56 -57.82
N VAL P 174 -9.96 32.59 -57.17
CA VAL P 174 -10.01 33.91 -57.77
C VAL P 174 -8.60 34.50 -57.91
N LEU P 175 -7.78 34.36 -56.87
CA LEU P 175 -6.51 35.07 -56.80
C LEU P 175 -5.51 34.50 -57.80
N LYS P 176 -4.62 35.37 -58.28
CA LYS P 176 -3.53 35.01 -59.18
C LYS P 176 -2.23 35.56 -58.64
N GLY P 177 -1.15 34.79 -58.80
CA GLY P 177 0.14 35.21 -58.29
C GLY P 177 1.13 34.06 -58.35
N ASN P 178 2.15 34.15 -57.51
CA ASN P 178 3.17 33.11 -57.46
C ASN P 178 2.59 31.84 -56.85
N PRO P 179 2.61 30.72 -57.57
CA PRO P 179 1.96 29.50 -57.05
C PRO P 179 2.54 28.98 -55.74
N GLU P 180 3.85 29.11 -55.55
CA GLU P 180 4.49 28.49 -54.38
C GLU P 180 4.10 29.19 -53.09
N ARG P 181 4.17 30.53 -53.07
CA ARG P 181 3.79 31.27 -51.87
C ARG P 181 2.31 31.08 -51.55
N LEU P 182 1.47 31.08 -52.59
CA LEU P 182 0.04 30.87 -52.39
C LEU P 182 -0.23 29.48 -51.82
N LEU P 183 0.49 28.47 -52.32
CA LEU P 183 0.31 27.13 -51.79
C LEU P 183 0.77 27.04 -50.34
N ALA P 184 1.86 27.72 -49.99
CA ALA P 184 2.32 27.72 -48.61
C ALA P 184 1.28 28.35 -47.68
N VAL P 185 0.72 29.49 -48.10
CA VAL P 185 -0.31 30.15 -47.29
C VAL P 185 -1.54 29.26 -47.14
N PHE P 186 -1.95 28.62 -48.23
CA PHE P 186 -3.10 27.73 -48.20
C PHE P 186 -2.88 26.56 -47.24
N GLU P 187 -1.70 25.94 -47.30
CA GLU P 187 -1.41 24.84 -46.40
C GLU P 187 -1.39 25.29 -44.94
N GLU P 188 -0.87 26.48 -44.68
CA GLU P 188 -0.82 26.95 -43.30
C GLU P 188 -2.22 27.21 -42.73
N VAL P 189 -3.09 27.87 -43.51
CA VAL P 189 -4.44 28.11 -42.99
C VAL P 189 -5.20 26.80 -42.85
N LEU P 190 -4.94 25.83 -43.74
CA LEU P 190 -5.56 24.51 -43.58
C LEU P 190 -5.09 23.84 -42.30
N GLU P 191 -3.81 23.98 -41.96
CA GLU P 191 -3.31 23.42 -40.72
C GLU P 191 -4.01 24.04 -39.51
N ASP P 192 -4.22 25.36 -39.55
CA ASP P 192 -4.92 26.01 -38.45
C ASP P 192 -6.35 25.47 -38.30
N ILE P 193 -7.07 25.34 -39.41
CA ILE P 193 -8.44 24.84 -39.35
C ILE P 193 -8.46 23.40 -38.83
N GLU P 194 -7.52 22.57 -39.29
CA GLU P 194 -7.48 21.18 -38.86
C GLU P 194 -7.18 21.06 -37.37
N GLU P 195 -6.25 21.88 -36.87
CA GLU P 195 -5.97 21.88 -35.44
C GLU P 195 -7.21 22.28 -34.63
N ALA P 196 -7.92 23.30 -35.08
CA ALA P 196 -9.14 23.71 -34.37
C ALA P 196 -10.17 22.59 -34.36
N VAL P 197 -10.37 21.91 -35.49
CA VAL P 197 -11.37 20.85 -35.56
C VAL P 197 -10.99 19.69 -34.64
N LEU P 198 -9.71 19.29 -34.67
CA LEU P 198 -9.28 18.18 -33.83
C LEU P 198 -9.41 18.51 -32.36
N LYS P 199 -9.07 19.75 -31.97
CA LYS P 199 -9.22 20.13 -30.57
C LYS P 199 -10.68 20.14 -30.16
N LYS P 200 -11.57 20.64 -31.02
CA LYS P 200 -12.97 20.74 -30.64
C LYS P 200 -13.65 19.38 -30.56
N LEU P 201 -13.30 18.44 -31.43
CA LEU P 201 -14.05 17.19 -31.52
C LEU P 201 -13.79 16.23 -30.37
N THR P 202 -13.08 16.64 -29.33
CA THR P 202 -12.85 15.77 -28.19
C THR P 202 -13.98 15.80 -27.17
N GLU P 203 -15.02 16.59 -27.40
CA GLU P 203 -16.13 16.72 -26.47
C GLU P 203 -17.28 15.76 -26.78
N VAL P 204 -17.13 14.87 -27.76
CA VAL P 204 -18.20 13.98 -28.16
C VAL P 204 -17.72 12.54 -28.09
N ASN P 205 -18.66 11.62 -28.29
CA ASN P 205 -18.36 10.19 -28.27
C ASN P 205 -17.55 9.80 -29.51
N PRO P 206 -16.81 8.69 -29.44
CA PRO P 206 -15.99 8.29 -30.60
C PRO P 206 -16.77 8.06 -31.88
N GLU P 207 -18.02 7.60 -31.80
CA GLU P 207 -18.80 7.42 -33.03
C GLU P 207 -19.11 8.75 -33.70
N THR P 208 -19.53 9.74 -32.91
CA THR P 208 -19.74 11.08 -33.46
C THR P 208 -18.44 11.65 -33.98
N GLN P 209 -17.33 11.40 -33.27
CA GLN P 209 -16.03 11.86 -33.74
C GLN P 209 -15.71 11.27 -35.11
N VAL P 210 -15.95 9.98 -35.30
CA VAL P 210 -15.66 9.35 -36.58
C VAL P 210 -16.53 9.95 -37.68
N LEU P 211 -17.82 10.11 -37.43
CA LEU P 211 -18.70 10.69 -38.44
C LEU P 211 -18.24 12.09 -38.85
N LEU P 212 -18.03 12.97 -37.87
CA LEU P 212 -17.69 14.35 -38.17
C LEU P 212 -16.30 14.45 -38.79
N LEU P 213 -15.36 13.62 -38.35
CA LEU P 213 -14.03 13.60 -38.93
C LEU P 213 -14.07 13.15 -40.39
N GLU P 214 -14.88 12.13 -40.70
CA GLU P 214 -15.02 11.71 -42.08
C GLU P 214 -15.55 12.84 -42.95
N ALA P 215 -16.60 13.52 -42.48
CA ALA P 215 -17.14 14.64 -43.24
C ALA P 215 -16.08 15.71 -43.49
N PHE P 216 -15.39 16.12 -42.42
CA PHE P 216 -14.41 17.19 -42.53
C PHE P 216 -13.27 16.80 -43.49
N TYR P 217 -12.76 15.57 -43.36
CA TYR P 217 -11.61 15.19 -44.18
C TYR P 217 -12.00 15.00 -45.63
N GLU P 218 -13.22 14.52 -45.92
CA GLU P 218 -13.67 14.45 -47.30
C GLU P 218 -13.72 15.85 -47.92
N LYS P 219 -14.30 16.81 -47.20
CA LYS P 219 -14.35 18.17 -47.74
C LYS P 219 -12.96 18.75 -47.93
N LYS P 220 -12.06 18.49 -46.98
CA LYS P 220 -10.70 19.03 -47.07
C LYS P 220 -9.96 18.46 -48.27
N LYS P 221 -10.10 17.15 -48.51
CA LYS P 221 -9.48 16.54 -49.67
C LYS P 221 -10.01 17.14 -50.96
N ASP P 222 -11.33 17.36 -51.03
CA ASP P 222 -11.91 17.95 -52.23
C ASP P 222 -11.37 19.36 -52.47
N VAL P 223 -11.31 20.19 -51.44
CA VAL P 223 -10.84 21.57 -51.63
C VAL P 223 -9.36 21.59 -51.96
N VAL P 224 -8.56 20.69 -51.38
CA VAL P 224 -7.15 20.63 -51.74
C VAL P 224 -6.99 20.28 -53.21
N GLU P 225 -7.76 19.30 -53.69
CA GLU P 225 -7.69 18.94 -55.10
C GLU P 225 -8.06 20.12 -56.00
N HIS P 226 -9.15 20.82 -55.66
CA HIS P 226 -9.58 21.95 -56.47
C HIS P 226 -8.53 23.06 -56.50
N VAL P 227 -7.96 23.37 -55.33
CA VAL P 227 -6.98 24.47 -55.26
C VAL P 227 -5.71 24.10 -56.01
N ARG P 228 -5.25 22.86 -55.88
CA ARG P 228 -4.07 22.45 -56.62
C ARG P 228 -4.32 22.45 -58.12
N LYS P 229 -5.55 22.13 -58.54
CA LYS P 229 -5.89 22.26 -59.96
C LYS P 229 -5.84 23.71 -60.40
N ALA P 230 -6.38 24.63 -59.60
CA ALA P 230 -6.49 26.02 -60.02
C ALA P 230 -5.13 26.71 -60.03
N LEU P 231 -4.31 26.46 -59.02
CA LEU P 231 -3.04 27.18 -58.90
C LEU P 231 -2.05 26.74 -59.98
N PHE P 232 -1.90 25.43 -60.17
CA PHE P 232 -0.98 24.92 -61.18
C PHE P 232 -1.72 24.58 -62.46
N SER Q 25 38.51 37.11 35.12
CA SER Q 25 39.88 36.75 35.44
C SER Q 25 40.06 35.24 35.46
N PRO Q 26 41.18 34.77 34.89
CA PRO Q 26 41.41 33.32 34.85
C PRO Q 26 41.64 32.71 36.22
N LEU Q 27 42.42 33.39 37.06
CA LEU Q 27 42.77 32.84 38.36
C LEU Q 27 41.56 32.70 39.27
N GLU Q 28 40.69 33.72 39.29
CA GLU Q 28 39.52 33.65 40.15
C GLU Q 28 38.57 32.55 39.71
N GLU Q 29 38.36 32.42 38.41
CA GLU Q 29 37.50 31.34 37.90
C GLU Q 29 38.10 29.98 38.19
N ALA Q 30 39.43 29.86 38.08
CA ALA Q 30 40.08 28.60 38.41
C ALA Q 30 39.91 28.25 39.89
N LYS Q 31 40.02 29.23 40.77
CA LYS Q 31 39.83 28.97 42.19
C LYS Q 31 38.39 28.59 42.49
N ARG Q 32 37.42 29.25 41.84
CA ARG Q 32 36.03 28.87 42.00
C ARG Q 32 35.79 27.44 41.53
N LEU Q 33 36.40 27.06 40.41
CA LEU Q 33 36.29 25.69 39.92
C LEU Q 33 36.91 24.71 40.90
N LEU Q 34 38.04 25.07 41.51
CA LEU Q 34 38.67 24.21 42.50
C LEU Q 34 37.75 23.99 43.69
N GLU Q 35 37.12 25.06 44.18
CA GLU Q 35 36.21 24.92 45.31
C GLU Q 35 35.01 24.04 44.95
N LYS Q 36 34.44 24.25 43.76
CA LYS Q 36 33.31 23.45 43.34
C LYS Q 36 33.69 21.98 43.21
N VAL Q 37 34.87 21.70 42.66
CA VAL Q 37 35.33 20.32 42.50
C VAL Q 37 35.56 19.67 43.86
N LYS Q 38 36.15 20.42 44.80
CA LYS Q 38 36.35 19.86 46.14
C LYS Q 38 35.02 19.51 46.79
N LYS Q 39 34.03 20.40 46.68
CA LYS Q 39 32.72 20.12 47.25
C LYS Q 39 32.10 18.89 46.61
N ARG Q 40 32.18 18.80 45.28
CA ARG Q 40 31.59 17.66 44.58
C ARG Q 40 32.26 16.35 44.96
N VAL Q 41 33.59 16.35 45.09
CA VAL Q 41 34.31 15.14 45.49
C VAL Q 41 33.89 14.73 46.90
N GLU Q 42 33.81 15.69 47.82
CA GLU Q 42 33.40 15.37 49.18
C GLU Q 42 31.99 14.78 49.20
N GLU Q 43 31.10 15.33 48.39
CA GLU Q 43 29.75 14.78 48.30
C GLU Q 43 29.76 13.37 47.72
N ILE Q 44 30.57 13.12 46.71
CA ILE Q 44 30.56 11.84 46.03
C ILE Q 44 31.10 10.73 46.93
N MET Q 45 32.19 10.99 47.65
CA MET Q 45 32.83 9.91 48.40
C MET Q 45 31.96 9.37 49.53
N LYS Q 46 30.88 10.07 49.90
CA LYS Q 46 30.00 9.58 50.95
C LYS Q 46 29.20 8.35 50.54
N ASN Q 47 29.15 8.03 49.24
CA ASN Q 47 28.39 6.88 48.78
C ASN Q 47 29.07 5.58 49.22
N PRO Q 48 28.28 4.55 49.54
CA PRO Q 48 28.88 3.28 49.98
C PRO Q 48 29.22 2.33 48.83
N ASN Q 49 28.76 2.64 47.62
CA ASN Q 49 28.99 1.77 46.47
C ASN Q 49 30.27 2.17 45.76
N PRO Q 50 31.29 1.32 45.69
CA PRO Q 50 32.56 1.75 45.08
C PRO Q 50 32.47 1.97 43.58
N VAL Q 51 31.73 1.13 42.87
CA VAL Q 51 31.65 1.27 41.41
C VAL Q 51 30.90 2.54 41.03
N LYS Q 52 29.82 2.86 41.76
CA LYS Q 52 29.11 4.11 41.51
C LYS Q 52 30.00 5.31 41.80
N VAL Q 53 30.79 5.24 42.87
CA VAL Q 53 31.72 6.33 43.19
C VAL Q 53 32.73 6.51 42.07
N MET Q 54 33.26 5.40 41.55
CA MET Q 54 34.23 5.48 40.47
C MET Q 54 33.62 6.07 39.22
N LEU Q 55 32.37 5.69 38.90
CA LEU Q 55 31.71 6.24 37.71
C LEU Q 55 31.47 7.74 37.84
N GLU Q 56 31.02 8.18 39.01
CA GLU Q 56 30.83 9.62 39.22
C GLU Q 56 32.16 10.37 39.15
N LEU Q 57 33.23 9.78 39.68
CA LEU Q 57 34.53 10.46 39.63
C LEU Q 57 35.05 10.53 38.20
N LYS Q 58 34.81 9.49 37.40
CA LYS Q 58 35.19 9.53 35.99
C LYS Q 58 34.43 10.64 35.26
N GLU Q 59 33.13 10.77 35.54
CA GLU Q 59 32.36 11.85 34.94
C GLU Q 59 32.89 13.21 35.36
N LEU Q 60 33.24 13.35 36.64
CA LEU Q 60 33.76 14.62 37.15
C LEU Q 60 35.10 14.97 36.48
N LEU Q 61 35.96 13.98 36.28
CA LEU Q 61 37.23 14.22 35.59
C LEU Q 61 37.00 14.67 34.15
N ASP Q 62 36.05 14.02 33.46
CA ASP Q 62 35.74 14.44 32.10
C ASP Q 62 35.21 15.88 32.06
N GLU Q 63 34.34 16.23 33.01
CA GLU Q 63 33.81 17.59 33.06
C GLU Q 63 34.92 18.60 33.35
N ALA Q 64 35.87 18.23 34.20
CA ALA Q 64 37.00 19.11 34.48
C ALA Q 64 37.83 19.34 33.22
N VAL Q 65 38.07 18.29 32.43
CA VAL Q 65 38.83 18.47 31.19
C VAL Q 65 38.05 19.36 30.22
N HIS Q 66 36.74 19.17 30.13
CA HIS Q 66 35.91 20.02 29.28
C HIS Q 66 36.02 21.48 29.69
N GLU Q 67 35.99 21.74 31.00
CA GLU Q 67 36.18 23.10 31.48
C GLU Q 67 37.57 23.62 31.12
N PHE Q 68 38.58 22.76 31.21
CA PHE Q 68 39.95 23.19 30.92
C PHE Q 68 40.11 23.64 29.48
N VAL Q 69 39.55 22.89 28.52
CA VAL Q 69 39.71 23.26 27.12
C VAL Q 69 38.88 24.47 26.73
N LEU Q 70 37.97 24.92 27.60
CA LEU Q 70 37.08 26.03 27.32
C LEU Q 70 37.57 27.35 27.92
N MET Q 71 38.74 27.36 28.53
CA MET Q 71 39.26 28.54 29.21
C MET Q 71 40.70 28.80 28.78
N GLU Q 72 41.21 29.96 29.16
CA GLU Q 72 42.61 30.29 28.88
C GLU Q 72 43.49 29.72 29.98
N VAL Q 73 44.61 29.12 29.58
CA VAL Q 73 45.54 28.54 30.53
C VAL Q 73 46.87 29.29 30.44
N ASN Q 74 47.05 30.28 31.29
CA ASN Q 74 48.30 31.02 31.39
C ASN Q 74 49.14 30.43 32.52
N GLU Q 75 50.25 31.10 32.85
CA GLU Q 75 51.17 30.61 33.87
C GLU Q 75 50.67 30.85 35.28
N GLU Q 76 49.56 31.58 35.46
CA GLU Q 76 49.04 31.88 36.78
C GLU Q 76 48.12 30.77 37.29
N ASN Q 77 47.19 30.31 36.47
CA ASN Q 77 46.19 29.34 36.90
C ASN Q 77 46.59 27.89 36.64
N ARG Q 78 47.77 27.66 36.08
CA ARG Q 78 48.18 26.29 35.75
C ARG Q 78 48.28 25.42 37.00
N GLU Q 79 48.83 25.97 38.09
CA GLU Q 79 48.96 25.21 39.33
C GLU Q 79 47.59 24.80 39.86
N VAL Q 80 46.60 25.69 39.80
CA VAL Q 80 45.27 25.38 40.30
C VAL Q 80 44.63 24.26 39.48
N LEU Q 81 44.79 24.30 38.16
CA LEU Q 81 44.23 23.24 37.32
C LEU Q 81 44.89 21.91 37.61
N ILE Q 82 46.21 21.89 37.78
CA ILE Q 82 46.89 20.66 38.13
C ILE Q 82 46.41 20.14 39.48
N GLU Q 83 46.17 21.05 40.44
CA GLU Q 83 45.67 20.64 41.73
C GLU Q 83 44.27 20.04 41.63
N ILE Q 84 43.41 20.60 40.77
CA ILE Q 84 42.07 20.04 40.56
C ILE Q 84 42.19 18.61 40.02
N LEU Q 85 43.03 18.43 39.00
CA LEU Q 85 43.21 17.10 38.43
C LEU Q 85 43.73 16.12 39.48
N ALA Q 86 44.71 16.55 40.27
CA ALA Q 86 45.28 15.68 41.30
C ALA Q 86 44.23 15.31 42.34
N THR Q 87 43.38 16.27 42.73
CA THR Q 87 42.33 15.97 43.69
C THR Q 87 41.40 14.88 43.18
N ILE Q 88 40.90 15.04 41.96
CA ILE Q 88 39.96 14.06 41.43
C ILE Q 88 40.64 12.70 41.27
N PHE Q 89 41.88 12.68 40.80
CA PHE Q 89 42.53 11.40 40.56
C PHE Q 89 42.90 10.69 41.87
N GLU Q 90 43.28 11.45 42.91
CA GLU Q 90 43.53 10.82 44.21
C GLU Q 90 42.25 10.21 44.77
N ALA Q 91 41.14 10.93 44.67
CA ALA Q 91 39.88 10.36 45.12
C ALA Q 91 39.56 9.08 44.34
N PHE Q 92 39.78 9.08 43.03
CA PHE Q 92 39.51 7.89 42.23
C PHE Q 92 40.39 6.73 42.63
N LEU Q 93 41.67 6.98 42.90
CA LEU Q 93 42.58 5.91 43.29
C LEU Q 93 42.17 5.29 44.63
N HIS Q 94 41.76 6.13 45.58
CA HIS Q 94 41.26 5.59 46.85
C HIS Q 94 40.00 4.76 46.64
N ALA Q 95 39.07 5.26 45.82
CA ALA Q 95 37.85 4.50 45.56
C ALA Q 95 38.14 3.18 44.87
N ALA Q 96 39.15 3.14 44.01
CA ALA Q 96 39.57 1.89 43.39
C ALA Q 96 40.15 0.94 44.42
N ARG Q 97 40.92 1.47 45.37
CA ARG Q 97 41.41 0.63 46.46
C ARG Q 97 40.28 0.09 47.32
N ASP Q 98 39.12 0.77 47.35
CA ASP Q 98 38.03 0.32 48.21
C ASP Q 98 37.57 -1.08 47.85
N GLY Q 99 37.41 -1.38 46.57
CA GLY Q 99 37.11 -2.74 46.16
C GLY Q 99 36.09 -2.89 45.05
N GLY Q 100 35.77 -4.13 44.72
CA GLY Q 100 34.82 -4.47 43.68
C GLY Q 100 35.33 -5.60 42.82
N ASN Q 101 34.71 -5.77 41.66
CA ASN Q 101 35.12 -6.81 40.71
C ASN Q 101 36.44 -6.43 40.06
N PRO Q 102 37.47 -7.27 40.11
CA PRO Q 102 38.79 -6.86 39.62
C PRO Q 102 38.84 -6.41 38.17
N LYS Q 103 38.17 -7.13 37.25
CA LYS Q 103 38.25 -6.76 35.84
C LYS Q 103 37.59 -5.41 35.58
N LEU Q 104 36.40 -5.21 36.14
CA LEU Q 104 35.69 -3.95 35.97
C LEU Q 104 36.50 -2.80 36.57
N VAL Q 105 37.07 -3.01 37.76
CA VAL Q 105 37.86 -1.97 38.41
C VAL Q 105 39.09 -1.63 37.58
N LEU Q 106 39.76 -2.64 37.03
CA LEU Q 106 40.96 -2.37 36.22
C LEU Q 106 40.60 -1.60 34.95
N LEU Q 107 39.48 -1.95 34.32
CA LEU Q 107 39.05 -1.21 33.13
C LEU Q 107 38.73 0.25 33.47
N LEU Q 108 38.03 0.47 34.59
CA LEU Q 108 37.73 1.83 35.01
C LEU Q 108 39.00 2.60 35.34
N LEU Q 109 39.97 1.94 35.95
CA LEU Q 109 41.25 2.57 36.24
C LEU Q 109 41.95 3.02 34.97
N LEU Q 110 41.95 2.16 33.94
CA LEU Q 110 42.57 2.54 32.67
C LEU Q 110 41.87 3.73 32.03
N GLU Q 111 40.53 3.74 32.03
CA GLU Q 111 39.80 4.85 31.46
C GLU Q 111 40.09 6.16 32.20
N ALA Q 112 40.09 6.10 33.53
CA ALA Q 112 40.38 7.29 34.33
C ALA Q 112 41.79 7.79 34.06
N PHE Q 113 42.74 6.87 33.92
CA PHE Q 113 44.12 7.26 33.64
C PHE Q 113 44.23 7.94 32.27
N GLU Q 114 43.51 7.43 31.26
CA GLU Q 114 43.57 8.07 29.95
C GLU Q 114 42.97 9.48 30.01
N THR Q 115 41.88 9.66 30.75
CA THR Q 115 41.32 10.99 30.92
C THR Q 115 42.30 11.91 31.63
N PHE Q 116 42.97 11.40 32.66
CA PHE Q 116 43.94 12.19 33.41
C PHE Q 116 45.11 12.61 32.52
N VAL Q 117 45.57 11.71 31.66
CA VAL Q 117 46.67 12.03 30.75
C VAL Q 117 46.24 13.10 29.76
N ARG Q 118 45.02 13.00 29.24
CA ARG Q 118 44.52 14.04 28.34
C ARG Q 118 44.44 15.39 29.05
N GLY Q 119 43.99 15.39 30.31
CA GLY Q 119 43.94 16.64 31.06
C GLY Q 119 45.31 17.25 31.27
N VAL Q 120 46.29 16.42 31.63
CA VAL Q 120 47.66 16.91 31.82
C VAL Q 120 48.22 17.45 30.51
N GLU Q 121 47.92 16.77 29.41
CA GLU Q 121 48.36 17.26 28.09
C GLU Q 121 47.76 18.62 27.77
N VAL Q 122 46.47 18.79 28.06
CA VAL Q 122 45.82 20.08 27.77
C VAL Q 122 46.40 21.19 28.63
N VAL Q 123 46.54 20.94 29.93
CA VAL Q 123 47.02 21.97 30.84
C VAL Q 123 48.51 22.22 30.65
N GLY Q 124 49.30 21.15 30.60
CA GLY Q 124 50.75 21.30 30.53
C GLY Q 124 51.38 21.43 31.90
N VAL Q 125 52.63 20.97 31.99
CA VAL Q 125 53.37 20.96 33.24
C VAL Q 125 54.66 21.76 33.02
N THR Q 126 54.86 22.79 33.84
CA THR Q 126 56.01 23.68 33.70
C THR Q 126 56.91 23.64 34.92
N SER Q 127 56.39 23.92 36.11
CA SER Q 127 57.22 24.01 37.30
C SER Q 127 57.55 22.63 37.83
N GLU Q 128 58.40 22.60 38.87
CA GLU Q 128 58.79 21.34 39.48
C GLU Q 128 57.71 20.77 40.38
N ARG Q 129 56.91 21.63 41.02
CA ARG Q 129 55.85 21.14 41.89
C ARG Q 129 54.82 20.33 41.12
N GLU Q 130 54.42 20.84 39.95
CA GLU Q 130 53.44 20.11 39.13
C GLU Q 130 54.01 18.78 38.66
N LEU Q 131 55.29 18.77 38.26
CA LEU Q 131 55.94 17.53 37.86
C LEU Q 131 55.95 16.52 38.99
N ARG Q 132 56.31 16.97 40.19
CA ARG Q 132 56.30 16.07 41.35
C ARG Q 132 54.91 15.53 41.60
N LEU Q 133 53.89 16.38 41.49
CA LEU Q 133 52.51 15.95 41.72
C LEU Q 133 52.11 14.85 40.74
N VAL Q 134 52.36 15.07 39.44
CA VAL Q 134 51.91 14.10 38.45
C VAL Q 134 52.70 12.80 38.57
N LEU Q 135 54.00 12.89 38.87
CA LEU Q 135 54.81 11.68 39.02
C LEU Q 135 54.38 10.87 40.23
N GLU Q 136 54.08 11.53 41.34
CA GLU Q 136 53.56 10.81 42.51
C GLU Q 136 52.23 10.15 42.19
N LEU Q 137 51.37 10.84 41.43
CA LEU Q 137 50.12 10.22 41.03
C LEU Q 137 50.35 8.98 40.17
N LEU Q 138 51.32 9.05 39.25
CA LEU Q 138 51.63 7.88 38.42
C LEU Q 138 52.11 6.71 39.27
N VAL Q 139 52.98 6.97 40.25
CA VAL Q 139 53.48 5.89 41.09
C VAL Q 139 52.33 5.26 41.88
N GLU Q 140 51.44 6.09 42.43
CA GLU Q 140 50.29 5.55 43.15
C GLU Q 140 49.39 4.74 42.23
N PHE Q 141 49.19 5.21 41.00
CA PHE Q 141 48.37 4.48 40.03
C PHE Q 141 48.95 3.10 39.75
N VAL Q 142 50.28 3.02 39.55
CA VAL Q 142 50.89 1.73 39.26
C VAL Q 142 50.77 0.80 40.45
N HIS Q 143 50.98 1.32 41.66
CA HIS Q 143 50.85 0.48 42.85
C HIS Q 143 49.43 -0.06 43.00
N VAL Q 144 48.43 0.80 42.80
CA VAL Q 144 47.04 0.36 42.94
C VAL Q 144 46.69 -0.66 41.85
N PHE Q 145 47.17 -0.45 40.63
CA PHE Q 145 46.89 -1.39 39.55
C PHE Q 145 47.44 -2.77 39.86
N ILE Q 146 48.69 -2.83 40.33
CA ILE Q 146 49.29 -4.12 40.65
C ILE Q 146 48.54 -4.77 41.81
N LEU Q 147 48.17 -3.98 42.83
CA LEU Q 147 47.46 -4.53 43.97
C LEU Q 147 46.13 -5.14 43.54
N ILE Q 148 45.38 -4.47 42.66
CA ILE Q 148 44.12 -5.03 42.21
C ILE Q 148 44.34 -6.27 41.35
N SER Q 149 45.32 -6.23 40.45
CA SER Q 149 45.51 -7.35 39.52
C SER Q 149 46.17 -8.56 40.18
N ARG Q 150 46.63 -8.44 41.42
CA ARG Q 150 47.21 -9.59 42.11
C ARG Q 150 46.28 -10.79 42.14
N LEU Q 151 44.97 -10.58 42.11
CA LEU Q 151 44.00 -11.65 42.35
C LEU Q 151 43.50 -12.33 41.07
N LEU Q 152 44.06 -11.99 39.91
CA LEU Q 152 43.65 -12.64 38.68
C LEU Q 152 44.45 -13.91 38.44
N GLU Q 153 44.08 -14.64 37.38
CA GLU Q 153 44.84 -15.79 36.92
C GLU Q 153 46.05 -15.34 36.10
N PRO Q 154 47.08 -16.17 36.00
CA PRO Q 154 48.34 -15.72 35.38
C PRO Q 154 48.20 -15.20 33.95
N ARG Q 155 47.35 -15.80 33.12
CA ARG Q 155 47.18 -15.32 31.76
C ARG Q 155 46.51 -13.95 31.74
N GLU Q 156 45.41 -13.82 32.49
CA GLU Q 156 44.77 -12.51 32.62
C GLU Q 156 45.68 -11.51 33.31
N PHE Q 157 46.50 -11.98 34.25
CA PHE Q 157 47.46 -11.09 34.90
C PHE Q 157 48.46 -10.52 33.90
N ILE Q 158 48.98 -11.36 33.00
CA ILE Q 158 49.92 -10.89 31.99
C ILE Q 158 49.24 -9.95 31.00
N ALA Q 159 47.99 -10.24 30.63
CA ALA Q 159 47.26 -9.33 29.77
C ALA Q 159 47.09 -7.96 30.43
N SER Q 160 46.75 -7.95 31.72
CA SER Q 160 46.61 -6.69 32.45
C SER Q 160 47.94 -5.94 32.52
N MET Q 161 49.04 -6.66 32.74
CA MET Q 161 50.34 -6.01 32.78
C MET Q 161 50.71 -5.40 31.43
N LEU Q 162 50.34 -6.07 30.34
CA LEU Q 162 50.56 -5.50 29.01
C LEU Q 162 49.77 -4.20 28.83
N GLU Q 163 48.52 -4.20 29.26
CA GLU Q 163 47.72 -2.97 29.18
C GLU Q 163 48.34 -1.85 30.02
N LEU Q 164 48.82 -2.19 31.22
CA LEU Q 164 49.48 -1.20 32.06
C LEU Q 164 50.73 -0.65 31.39
N LEU Q 165 51.50 -1.51 30.72
CA LEU Q 165 52.70 -1.05 30.02
C LEU Q 165 52.35 -0.06 28.93
N ARG Q 166 51.30 -0.35 28.16
CA ARG Q 166 50.87 0.60 27.13
C ARG Q 166 50.46 1.93 27.75
N ALA Q 167 49.73 1.89 28.87
CA ALA Q 167 49.31 3.13 29.53
C ALA Q 167 50.50 3.96 29.98
N ILE Q 168 51.51 3.30 30.58
CA ILE Q 168 52.69 4.01 31.06
C ILE Q 168 53.46 4.61 29.89
N GLU Q 169 53.57 3.87 28.79
CA GLU Q 169 54.24 4.41 27.60
C GLU Q 169 53.55 5.66 27.09
N ARG Q 170 52.22 5.62 27.01
CA ARG Q 170 51.48 6.80 26.55
C ARG Q 170 51.70 7.99 27.50
N PHE Q 171 51.65 7.74 28.81
CA PHE Q 171 51.86 8.81 29.77
C PHE Q 171 53.22 9.46 29.58
N PHE Q 172 54.28 8.65 29.50
CA PHE Q 172 55.62 9.21 29.40
C PHE Q 172 55.89 9.82 28.04
N GLU Q 173 55.12 9.44 27.01
CA GLU Q 173 55.23 10.15 25.74
C GLU Q 173 54.57 11.52 25.81
N VAL Q 174 53.45 11.63 26.52
CA VAL Q 174 52.77 12.92 26.62
C VAL Q 174 53.60 13.91 27.44
N LEU Q 175 54.14 13.47 28.56
CA LEU Q 175 54.77 14.38 29.52
C LEU Q 175 56.07 14.97 28.98
N LYS Q 176 56.37 16.19 29.41
CA LYS Q 176 57.59 16.88 29.06
C LYS Q 176 58.25 17.43 30.32
N GLY Q 177 59.58 17.37 30.38
CA GLY Q 177 60.30 17.81 31.55
C GLY Q 177 61.76 17.40 31.47
N ASN Q 178 62.38 17.31 32.63
CA ASN Q 178 63.78 16.90 32.70
C ASN Q 178 63.92 15.44 32.33
N PRO Q 179 64.70 15.09 31.30
CA PRO Q 179 64.76 13.69 30.86
C PRO Q 179 65.29 12.73 31.90
N GLU Q 180 66.24 13.16 32.74
CA GLU Q 180 66.89 12.23 33.66
C GLU Q 180 65.95 11.79 34.77
N ARG Q 181 65.24 12.74 35.38
CA ARG Q 181 64.30 12.38 36.44
C ARG Q 181 63.17 11.53 35.90
N LEU Q 182 62.67 11.86 34.70
CA LEU Q 182 61.62 11.06 34.09
C LEU Q 182 62.10 9.64 33.81
N LEU Q 183 63.33 9.50 33.33
CA LEU Q 183 63.88 8.18 33.09
C LEU Q 183 64.03 7.39 34.39
N ALA Q 184 64.45 8.05 35.45
CA ALA Q 184 64.57 7.37 36.74
C ALA Q 184 63.22 6.86 37.24
N VAL Q 185 62.18 7.71 37.14
CA VAL Q 185 60.84 7.30 37.57
C VAL Q 185 60.34 6.14 36.71
N PHE Q 186 60.57 6.22 35.40
CA PHE Q 186 60.14 5.16 34.50
C PHE Q 186 60.81 3.84 34.83
N GLU Q 187 62.12 3.88 35.09
CA GLU Q 187 62.84 2.65 35.44
C GLU Q 187 62.34 2.08 36.76
N GLU Q 188 62.05 2.93 37.75
CA GLU Q 188 61.57 2.43 39.03
C GLU Q 188 60.22 1.74 38.89
N VAL Q 189 59.28 2.36 38.18
CA VAL Q 189 57.97 1.71 38.04
C VAL Q 189 58.09 0.44 37.20
N LEU Q 190 59.01 0.42 36.24
CA LEU Q 190 59.23 -0.81 35.46
C LEU Q 190 59.76 -1.93 36.34
N GLU Q 191 60.68 -1.62 37.25
CA GLU Q 191 61.18 -2.65 38.17
C GLU Q 191 60.07 -3.15 39.08
N ASP Q 192 59.18 -2.26 39.52
CA ASP Q 192 58.04 -2.70 40.32
C ASP Q 192 57.17 -3.70 39.56
N ILE Q 193 56.85 -3.37 38.31
CA ILE Q 193 56.01 -4.27 37.50
C ILE Q 193 56.72 -5.60 37.27
N GLU Q 194 58.02 -5.55 36.99
CA GLU Q 194 58.78 -6.78 36.75
C GLU Q 194 58.81 -7.68 37.98
N GLU Q 195 59.00 -7.08 39.16
CA GLU Q 195 58.99 -7.86 40.40
C GLU Q 195 57.62 -8.51 40.61
N ALA Q 196 56.55 -7.75 40.37
CA ALA Q 196 55.22 -8.33 40.54
C ALA Q 196 55.00 -9.51 39.61
N VAL Q 197 55.39 -9.37 38.33
CA VAL Q 197 55.18 -10.44 37.36
C VAL Q 197 56.00 -11.67 37.73
N LEU Q 198 57.27 -11.46 38.11
CA LEU Q 198 58.11 -12.60 38.47
C LEU Q 198 57.57 -13.34 39.69
N LYS Q 199 57.10 -12.58 40.69
CA LYS Q 199 56.52 -13.23 41.88
C LYS Q 199 55.26 -14.00 41.51
N LYS Q 200 54.42 -13.45 40.63
CA LYS Q 200 53.17 -14.11 40.30
C LYS Q 200 53.39 -15.38 39.48
N LEU Q 201 54.35 -15.37 38.56
CA LEU Q 201 54.47 -16.45 37.59
C LEU Q 201 55.01 -17.75 38.17
N THR Q 202 55.18 -17.85 39.48
CA THR Q 202 55.66 -19.09 40.08
C THR Q 202 54.55 -20.09 40.33
N GLU Q 203 53.31 -19.77 39.99
CA GLU Q 203 52.17 -20.64 40.24
C GLU Q 203 51.87 -21.59 39.10
N VAL Q 204 52.63 -21.54 38.01
CA VAL Q 204 52.34 -22.33 36.81
C VAL Q 204 53.57 -23.15 36.43
N ASN Q 205 53.38 -24.01 35.43
CA ASN Q 205 54.43 -24.89 34.96
C ASN Q 205 55.52 -24.10 34.23
N PRO Q 206 56.73 -24.65 34.14
CA PRO Q 206 57.82 -23.93 33.47
C PRO Q 206 57.54 -23.59 32.01
N GLU Q 207 56.78 -24.41 31.28
CA GLU Q 207 56.47 -24.07 29.89
C GLU Q 207 55.58 -22.82 29.81
N THR Q 208 54.54 -22.76 30.64
CA THR Q 208 53.72 -21.56 30.70
C THR Q 208 54.53 -20.37 31.19
N GLN Q 209 55.44 -20.60 32.13
CA GLN Q 209 56.32 -19.53 32.58
C GLN Q 209 57.14 -18.96 31.43
N VAL Q 210 57.71 -19.84 30.61
CA VAL Q 210 58.52 -19.38 29.48
C VAL Q 210 57.67 -18.59 28.50
N LEU Q 211 56.48 -19.09 28.18
CA LEU Q 211 55.60 -18.37 27.25
C LEU Q 211 55.25 -16.97 27.77
N LEU Q 212 54.76 -16.89 29.01
CA LEU Q 212 54.31 -15.61 29.52
C LEU Q 212 55.47 -14.65 29.75
N LEU Q 213 56.61 -15.18 30.19
CA LEU Q 213 57.80 -14.34 30.36
C LEU Q 213 58.27 -13.78 29.01
N GLU Q 214 58.25 -14.60 27.96
CA GLU Q 214 58.63 -14.10 26.64
C GLU Q 214 57.71 -12.97 26.21
N ALA Q 215 56.39 -13.14 26.39
CA ALA Q 215 55.46 -12.08 26.01
C ALA Q 215 55.75 -10.80 26.79
N PHE Q 216 55.88 -10.92 28.12
CA PHE Q 216 56.11 -9.75 28.95
C PHE Q 216 57.39 -9.03 28.59
N TYR Q 217 58.48 -9.78 28.36
CA TYR Q 217 59.76 -9.15 28.09
C TYR Q 217 59.80 -8.52 26.70
N GLU Q 218 59.13 -9.12 25.72
CA GLU Q 218 59.03 -8.47 24.41
C GLU Q 218 58.33 -7.12 24.54
N LYS Q 219 57.18 -7.10 25.25
CA LYS Q 219 56.48 -5.84 25.41
C LYS Q 219 57.31 -4.82 26.17
N LYS Q 220 58.00 -5.26 27.23
CA LYS Q 220 58.81 -4.34 28.02
C LYS Q 220 59.94 -3.73 27.20
N LYS Q 221 60.61 -4.55 26.39
CA LYS Q 221 61.66 -4.03 25.53
C LYS Q 221 61.11 -3.00 24.53
N ASP Q 222 59.96 -3.30 23.94
CA ASP Q 222 59.37 -2.37 22.99
C ASP Q 222 59.03 -1.04 23.65
N VAL Q 223 58.41 -1.07 24.83
CA VAL Q 223 58.02 0.18 25.47
C VAL Q 223 59.25 0.94 25.96
N VAL Q 224 60.31 0.24 26.39
CA VAL Q 224 61.53 0.93 26.78
C VAL Q 224 62.13 1.66 25.58
N GLU Q 225 62.16 1.02 24.42
CA GLU Q 225 62.67 1.67 23.22
C GLU Q 225 61.83 2.91 22.88
N HIS Q 226 60.50 2.79 22.93
CA HIS Q 226 59.65 3.92 22.59
C HIS Q 226 59.86 5.09 23.56
N VAL Q 227 59.95 4.78 24.86
CA VAL Q 227 60.10 5.84 25.86
C VAL Q 227 61.46 6.52 25.72
N ARG Q 228 62.52 5.73 25.47
CA ARG Q 228 63.83 6.33 25.31
C ARG Q 228 63.90 7.18 24.05
N LYS Q 229 63.19 6.80 22.98
CA LYS Q 229 63.11 7.65 21.80
C LYS Q 229 62.37 8.95 22.13
N ALA Q 230 61.27 8.86 22.88
CA ALA Q 230 60.46 10.05 23.13
C ALA Q 230 61.17 11.02 24.07
N LEU Q 231 61.80 10.52 25.13
CA LEU Q 231 62.40 11.41 26.12
C LEU Q 231 63.62 12.13 25.57
N PHE Q 232 64.51 11.41 24.92
CA PHE Q 232 65.73 12.00 24.37
C PHE Q 232 65.56 12.31 22.89
N SER R 25 -28.89 8.10 -89.40
CA SER R 25 -28.31 6.94 -88.73
C SER R 25 -28.35 7.12 -87.22
N PRO R 26 -28.75 6.07 -86.49
CA PRO R 26 -28.84 6.18 -85.03
C PRO R 26 -27.50 6.39 -84.36
N LEU R 27 -26.47 5.67 -84.81
CA LEU R 27 -25.17 5.74 -84.16
C LEU R 27 -24.54 7.13 -84.32
N GLU R 28 -24.61 7.71 -85.52
CA GLU R 28 -24.02 9.01 -85.74
C GLU R 28 -24.72 10.09 -84.93
N GLU R 29 -26.05 10.04 -84.89
CA GLU R 29 -26.79 11.01 -84.09
C GLU R 29 -26.49 10.84 -82.61
N ALA R 30 -26.36 9.60 -82.15
CA ALA R 30 -25.99 9.36 -80.76
C ALA R 30 -24.62 9.93 -80.42
N LYS R 31 -23.65 9.74 -81.32
CA LYS R 31 -22.31 10.28 -81.08
C LYS R 31 -22.30 11.80 -81.09
N ARG R 32 -23.07 12.41 -82.01
CA ARG R 32 -23.19 13.86 -82.02
C ARG R 32 -23.80 14.36 -80.72
N LEU R 33 -24.83 13.67 -80.24
CA LEU R 33 -25.44 14.03 -78.95
C LEU R 33 -24.45 13.89 -77.81
N LEU R 34 -23.62 12.84 -77.85
CA LEU R 34 -22.60 12.66 -76.81
C LEU R 34 -21.62 13.82 -76.81
N GLU R 35 -21.16 14.25 -77.98
CA GLU R 35 -20.23 15.38 -78.05
C GLU R 35 -20.89 16.65 -77.54
N LYS R 36 -22.14 16.90 -77.93
CA LYS R 36 -22.85 18.08 -77.46
C LYS R 36 -23.01 18.06 -75.95
N VAL R 37 -23.35 16.90 -75.38
CA VAL R 37 -23.55 16.79 -73.94
C VAL R 37 -22.23 17.00 -73.21
N LYS R 38 -21.13 16.45 -73.74
CA LYS R 38 -19.83 16.66 -73.11
C LYS R 38 -19.47 18.14 -73.11
N LYS R 39 -19.70 18.83 -74.23
CA LYS R 39 -19.42 20.25 -74.29
C LYS R 39 -20.26 21.02 -73.27
N ARG R 40 -21.55 20.69 -73.19
CA ARG R 40 -22.43 21.40 -72.26
C ARG R 40 -22.01 21.17 -70.82
N VAL R 41 -21.64 19.94 -70.47
CA VAL R 41 -21.22 19.65 -69.10
C VAL R 41 -19.95 20.42 -68.78
N GLU R 42 -18.98 20.42 -69.70
CA GLU R 42 -17.74 21.14 -69.47
C GLU R 42 -18.00 22.64 -69.27
N GLU R 43 -18.92 23.20 -70.07
CA GLU R 43 -19.27 24.60 -69.89
C GLU R 43 -19.95 24.86 -68.56
N ILE R 44 -20.84 23.95 -68.13
CA ILE R 44 -21.63 24.17 -66.93
C ILE R 44 -20.74 24.10 -65.68
N MET R 45 -19.82 23.14 -65.63
CA MET R 45 -19.06 22.94 -64.40
C MET R 45 -18.15 24.12 -64.07
N LYS R 46 -17.94 25.04 -65.01
CA LYS R 46 -17.11 26.22 -64.75
C LYS R 46 -17.78 27.20 -63.79
N ASN R 47 -19.08 27.08 -63.56
CA ASN R 47 -19.78 28.01 -62.68
C ASN R 47 -19.33 27.78 -61.23
N PRO R 48 -19.26 28.85 -60.43
CA PRO R 48 -18.82 28.70 -59.04
C PRO R 48 -19.95 28.35 -58.07
N ASN R 49 -21.20 28.59 -58.48
CA ASN R 49 -22.34 28.35 -57.60
C ASN R 49 -22.75 26.88 -57.69
N PRO R 50 -22.68 26.11 -56.61
CA PRO R 50 -23.00 24.67 -56.70
C PRO R 50 -24.47 24.39 -56.97
N VAL R 51 -25.37 25.14 -56.36
CA VAL R 51 -26.80 24.89 -56.55
C VAL R 51 -27.21 25.20 -57.99
N LYS R 52 -26.68 26.28 -58.56
CA LYS R 52 -26.96 26.58 -59.95
C LYS R 52 -26.41 25.50 -60.88
N VAL R 53 -25.22 24.99 -60.57
CA VAL R 53 -24.65 23.89 -61.36
C VAL R 53 -25.55 22.67 -61.29
N MET R 54 -26.04 22.33 -60.10
CA MET R 54 -26.93 21.19 -59.96
C MET R 54 -28.22 21.37 -60.73
N LEU R 55 -28.80 22.58 -60.68
CA LEU R 55 -30.03 22.83 -61.43
C LEU R 55 -29.83 22.70 -62.93
N GLU R 56 -28.72 23.25 -63.44
CA GLU R 56 -28.45 23.12 -64.87
C GLU R 56 -28.20 21.67 -65.25
N LEU R 57 -27.52 20.91 -64.41
CA LEU R 57 -27.27 19.51 -64.72
C LEU R 57 -28.55 18.70 -64.70
N LYS R 58 -29.46 19.02 -63.77
CA LYS R 58 -30.77 18.36 -63.76
C LYS R 58 -31.55 18.66 -65.04
N GLU R 59 -31.52 19.91 -65.49
CA GLU R 59 -32.17 20.26 -66.75
C GLU R 59 -31.54 19.50 -67.92
N LEU R 60 -30.21 19.41 -67.94
CA LEU R 60 -29.53 18.70 -69.01
C LEU R 60 -29.90 17.23 -69.03
N LEU R 61 -30.02 16.61 -67.85
CA LEU R 61 -30.46 15.23 -67.76
C LEU R 61 -31.87 15.06 -68.31
N ASP R 62 -32.76 16.00 -67.98
CA ASP R 62 -34.13 15.93 -68.51
C ASP R 62 -34.14 16.02 -70.02
N GLU R 63 -33.37 16.95 -70.60
CA GLU R 63 -33.32 17.05 -72.06
C GLU R 63 -32.72 15.79 -72.68
N ALA R 64 -31.73 15.18 -72.02
CA ALA R 64 -31.17 13.93 -72.53
C ALA R 64 -32.22 12.84 -72.58
N VAL R 65 -33.04 12.72 -71.52
CA VAL R 65 -34.10 11.71 -71.52
C VAL R 65 -35.12 12.01 -72.62
N HIS R 66 -35.49 13.28 -72.78
CA HIS R 66 -36.44 13.64 -73.83
C HIS R 66 -35.90 13.28 -75.21
N GLU R 67 -34.61 13.51 -75.43
CA GLU R 67 -33.98 13.11 -76.68
C GLU R 67 -33.99 11.59 -76.84
N PHE R 68 -33.78 10.87 -75.72
CA PHE R 68 -33.75 9.41 -75.79
C PHE R 68 -35.09 8.84 -76.23
N VAL R 69 -36.20 9.34 -75.67
CA VAL R 69 -37.50 8.78 -76.01
C VAL R 69 -37.96 9.15 -77.41
N LEU R 70 -37.31 10.14 -78.04
CA LEU R 70 -37.73 10.65 -79.34
C LEU R 70 -36.94 10.01 -80.48
N MET R 71 -36.00 9.13 -80.18
CA MET R 71 -35.16 8.49 -81.19
C MET R 71 -35.23 6.98 -81.02
N GLU R 72 -34.73 6.28 -82.03
CA GLU R 72 -34.72 4.82 -82.01
C GLU R 72 -33.55 4.32 -81.19
N VAL R 73 -33.79 3.30 -80.37
CA VAL R 73 -32.75 2.73 -79.52
C VAL R 73 -32.56 1.26 -79.88
N ASN R 74 -31.60 0.98 -80.76
CA ASN R 74 -31.24 -0.38 -81.13
C ASN R 74 -30.03 -0.82 -80.31
N GLU R 75 -29.47 -1.97 -80.66
CA GLU R 75 -28.34 -2.53 -79.94
C GLU R 75 -27.02 -1.87 -80.28
N GLU R 76 -27.00 -0.97 -81.25
CA GLU R 76 -25.75 -0.31 -81.65
C GLU R 76 -25.46 0.93 -80.80
N ASN R 77 -26.46 1.79 -80.60
CA ASN R 77 -26.25 3.06 -79.93
C ASN R 77 -26.56 3.02 -78.43
N ARG R 78 -26.90 1.84 -77.89
CA ARG R 78 -27.27 1.75 -76.48
C ARG R 78 -26.11 2.15 -75.57
N GLU R 79 -24.89 1.70 -75.91
CA GLU R 79 -23.73 2.03 -75.10
C GLU R 79 -23.48 3.53 -75.06
N VAL R 80 -23.66 4.21 -76.19
CA VAL R 80 -23.42 5.65 -76.24
C VAL R 80 -24.44 6.39 -75.37
N LEU R 81 -25.70 5.96 -75.41
CA LEU R 81 -26.72 6.61 -74.58
C LEU R 81 -26.43 6.39 -73.09
N ILE R 82 -26.01 5.17 -72.73
CA ILE R 82 -25.66 4.90 -71.34
C ILE R 82 -24.48 5.76 -70.92
N GLU R 83 -23.51 5.96 -71.82
CA GLU R 83 -22.36 6.80 -71.50
C GLU R 83 -22.77 8.26 -71.32
N ILE R 84 -23.73 8.75 -72.13
CA ILE R 84 -24.23 10.11 -71.95
C ILE R 84 -24.86 10.27 -70.57
N LEU R 85 -25.71 9.31 -70.19
CA LEU R 85 -26.34 9.36 -68.88
C LEU R 85 -25.31 9.33 -67.77
N ALA R 86 -24.30 8.46 -67.91
CA ALA R 86 -23.27 8.34 -66.88
C ALA R 86 -22.47 9.62 -66.75
N THR R 87 -22.15 10.27 -67.88
CA THR R 87 -21.41 11.52 -67.83
C THR R 87 -22.18 12.58 -67.06
N ILE R 88 -23.47 12.76 -67.41
CA ILE R 88 -24.25 13.78 -66.73
C ILE R 88 -24.39 13.47 -65.24
N PHE R 89 -24.62 12.19 -64.90
CA PHE R 89 -24.82 11.85 -63.50
C PHE R 89 -23.54 11.96 -62.68
N GLU R 90 -22.39 11.63 -63.27
CA GLU R 90 -21.12 11.81 -62.56
C GLU R 90 -20.85 13.27 -62.28
N ALA R 91 -21.09 14.13 -63.29
CA ALA R 91 -20.94 15.56 -63.05
C ALA R 91 -21.86 16.02 -61.93
N PHE R 92 -23.10 15.55 -61.93
CA PHE R 92 -24.05 15.94 -60.87
C PHE R 92 -23.57 15.49 -59.50
N LEU R 93 -23.05 14.27 -59.39
CA LEU R 93 -22.61 13.77 -58.08
C LEU R 93 -21.43 14.56 -57.57
N HIS R 94 -20.49 14.93 -58.45
CA HIS R 94 -19.39 15.79 -58.02
C HIS R 94 -19.90 17.15 -57.56
N ALA R 95 -20.84 17.74 -58.30
CA ALA R 95 -21.39 19.03 -57.89
C ALA R 95 -22.10 18.93 -56.56
N ALA R 96 -22.75 17.79 -56.29
CA ALA R 96 -23.37 17.58 -54.99
C ALA R 96 -22.34 17.49 -53.88
N ARG R 97 -21.23 16.82 -54.15
CA ARG R 97 -20.14 16.81 -53.17
C ARG R 97 -19.55 18.19 -52.93
N ASP R 98 -19.69 19.10 -53.90
CA ASP R 98 -19.10 20.44 -53.73
C ASP R 98 -19.67 21.15 -52.51
N GLY R 99 -20.98 21.08 -52.31
CA GLY R 99 -21.55 21.63 -51.08
C GLY R 99 -22.81 22.44 -51.24
N GLY R 100 -23.31 22.98 -50.12
CA GLY R 100 -24.51 23.77 -50.09
C GLY R 100 -25.35 23.41 -48.89
N ASN R 101 -26.61 23.83 -48.92
CA ASN R 101 -27.56 23.52 -47.86
C ASN R 101 -27.93 22.04 -47.92
N PRO R 102 -27.75 21.27 -46.83
CA PRO R 102 -27.94 19.81 -46.94
C PRO R 102 -29.32 19.37 -47.38
N LYS R 103 -30.39 20.01 -46.90
CA LYS R 103 -31.73 19.56 -47.26
C LYS R 103 -32.02 19.79 -48.74
N LEU R 104 -31.67 20.96 -49.24
CA LEU R 104 -31.85 21.26 -50.66
C LEU R 104 -31.02 20.33 -51.53
N VAL R 105 -29.77 20.07 -51.11
CA VAL R 105 -28.90 19.19 -51.88
C VAL R 105 -29.47 17.78 -51.93
N LEU R 106 -30.00 17.29 -50.80
CA LEU R 106 -30.58 15.95 -50.77
C LEU R 106 -31.82 15.88 -51.66
N LEU R 107 -32.66 16.91 -51.63
CA LEU R 107 -33.83 16.94 -52.49
C LEU R 107 -33.44 16.90 -53.97
N LEU R 108 -32.45 17.71 -54.34
CA LEU R 108 -31.99 17.73 -55.73
C LEU R 108 -31.37 16.40 -56.12
N LEU R 109 -30.66 15.76 -55.18
CA LEU R 109 -30.09 14.44 -55.45
C LEU R 109 -31.18 13.42 -55.73
N LEU R 110 -32.25 13.43 -54.94
CA LEU R 110 -33.34 12.49 -55.18
C LEU R 110 -34.00 12.74 -56.53
N GLU R 111 -34.22 14.00 -56.88
CA GLU R 111 -34.83 14.31 -58.17
C GLU R 111 -33.94 13.84 -59.33
N ALA R 112 -32.64 14.10 -59.23
CA ALA R 112 -31.71 13.68 -60.28
C ALA R 112 -31.67 12.17 -60.39
N PHE R 113 -31.71 11.47 -59.26
CA PHE R 113 -31.71 10.01 -59.29
C PHE R 113 -32.96 9.47 -59.95
N GLU R 114 -34.12 10.07 -59.68
CA GLU R 114 -35.35 9.60 -60.32
C GLU R 114 -35.28 9.81 -61.83
N THR R 115 -34.75 10.95 -62.27
CA THR R 115 -34.59 11.18 -63.71
C THR R 115 -33.64 10.17 -64.32
N PHE R 116 -32.54 9.88 -63.63
CA PHE R 116 -31.56 8.91 -64.12
C PHE R 116 -32.18 7.52 -64.24
N VAL R 117 -33.00 7.12 -63.27
CA VAL R 117 -33.65 5.82 -63.31
C VAL R 117 -34.63 5.75 -64.48
N ARG R 118 -35.38 6.84 -64.71
CA ARG R 118 -36.27 6.86 -65.87
C ARG R 118 -35.49 6.74 -67.18
N GLY R 119 -34.36 7.43 -67.28
CA GLY R 119 -33.54 7.31 -68.47
C GLY R 119 -33.00 5.92 -68.69
N VAL R 120 -32.54 5.27 -67.63
CA VAL R 120 -32.04 3.90 -67.75
C VAL R 120 -33.18 2.96 -68.16
N GLU R 121 -34.38 3.17 -67.60
CA GLU R 121 -35.52 2.37 -67.99
C GLU R 121 -35.84 2.53 -69.47
N VAL R 122 -35.77 3.77 -69.98
CA VAL R 122 -36.05 4.00 -71.40
C VAL R 122 -35.01 3.33 -72.27
N VAL R 123 -33.73 3.51 -71.94
CA VAL R 123 -32.66 2.98 -72.78
C VAL R 123 -32.54 1.47 -72.62
N GLY R 124 -32.51 0.98 -71.40
CA GLY R 124 -32.32 -0.45 -71.19
C GLY R 124 -30.85 -0.80 -71.05
N VAL R 125 -30.58 -1.87 -70.30
CA VAL R 125 -29.23 -2.33 -70.03
C VAL R 125 -29.13 -3.78 -70.49
N THR R 126 -28.21 -4.04 -71.42
CA THR R 126 -28.06 -5.38 -71.98
C THR R 126 -26.70 -5.99 -71.67
N SER R 127 -25.60 -5.32 -72.02
CA SER R 127 -24.28 -5.89 -71.85
C SER R 127 -23.81 -5.73 -70.42
N GLU R 128 -22.65 -6.33 -70.12
CA GLU R 128 -22.08 -6.25 -68.79
C GLU R 128 -21.44 -4.89 -68.51
N ARG R 129 -20.92 -4.22 -69.54
CA ARG R 129 -20.31 -2.91 -69.34
C ARG R 129 -21.32 -1.89 -68.85
N GLU R 130 -22.51 -1.87 -69.46
CA GLU R 130 -23.55 -0.94 -69.03
C GLU R 130 -24.01 -1.24 -67.61
N LEU R 131 -24.15 -2.53 -67.28
CA LEU R 131 -24.54 -2.90 -65.92
C LEU R 131 -23.49 -2.44 -64.91
N ARG R 132 -22.21 -2.65 -65.22
CA ARG R 132 -21.15 -2.20 -64.32
C ARG R 132 -21.19 -0.69 -64.16
N LEU R 133 -21.39 0.04 -65.25
CA LEU R 133 -21.44 1.50 -65.20
C LEU R 133 -22.57 1.97 -64.29
N VAL R 134 -23.78 1.45 -64.50
CA VAL R 134 -24.92 1.92 -63.73
C VAL R 134 -24.80 1.52 -62.26
N LEU R 135 -24.23 0.34 -61.98
CA LEU R 135 -24.08 -0.08 -60.58
C LEU R 135 -23.02 0.75 -59.86
N GLU R 136 -21.94 1.09 -60.56
CA GLU R 136 -20.95 2.00 -59.96
C GLU R 136 -21.57 3.36 -59.68
N LEU R 137 -22.42 3.84 -60.60
CA LEU R 137 -23.13 5.10 -60.36
C LEU R 137 -24.02 5.02 -59.12
N LEU R 138 -24.72 3.88 -58.95
CA LEU R 138 -25.53 3.70 -57.75
C LEU R 138 -24.68 3.72 -56.48
N VAL R 139 -23.54 3.06 -56.49
CA VAL R 139 -22.70 3.04 -55.30
C VAL R 139 -22.22 4.44 -54.95
N GLU R 140 -21.78 5.21 -55.96
CA GLU R 140 -21.36 6.58 -55.71
C GLU R 140 -22.52 7.43 -55.21
N PHE R 141 -23.72 7.22 -55.74
CA PHE R 141 -24.87 7.99 -55.28
C PHE R 141 -25.15 7.72 -53.80
N VAL R 142 -25.09 6.46 -53.39
CA VAL R 142 -25.35 6.13 -51.99
C VAL R 142 -24.28 6.74 -51.08
N HIS R 143 -23.02 6.67 -51.51
CA HIS R 143 -21.94 7.24 -50.71
C HIS R 143 -22.12 8.75 -50.54
N VAL R 144 -22.43 9.45 -51.63
CA VAL R 144 -22.62 10.89 -51.57
C VAL R 144 -23.81 11.25 -50.69
N PHE R 145 -24.90 10.49 -50.81
CA PHE R 145 -26.09 10.76 -50.01
C PHE R 145 -25.79 10.63 -48.51
N ILE R 146 -25.09 9.57 -48.13
CA ILE R 146 -24.76 9.39 -46.72
C ILE R 146 -23.83 10.50 -46.24
N LEU R 147 -22.84 10.85 -47.07
CA LEU R 147 -21.89 11.89 -46.70
C LEU R 147 -22.58 13.23 -46.48
N ILE R 148 -23.54 13.57 -47.34
CA ILE R 148 -24.25 14.83 -47.17
C ILE R 148 -25.17 14.78 -45.95
N SER R 149 -25.88 13.67 -45.75
CA SER R 149 -26.84 13.59 -44.66
C SER R 149 -26.19 13.38 -43.30
N ARG R 150 -24.88 13.17 -43.25
CA ARG R 150 -24.20 13.02 -41.96
C ARG R 150 -24.46 14.18 -41.01
N LEU R 151 -24.70 15.37 -41.53
CA LEU R 151 -24.73 16.58 -40.73
C LEU R 151 -26.11 17.01 -40.27
N LEU R 152 -27.15 16.21 -40.52
CA LEU R 152 -28.48 16.55 -40.04
C LEU R 152 -28.67 16.06 -38.60
N GLU R 153 -29.81 16.40 -38.03
CA GLU R 153 -30.22 15.87 -36.74
C GLU R 153 -30.72 14.44 -36.89
N PRO R 154 -30.70 13.65 -35.80
CA PRO R 154 -31.02 12.22 -35.93
C PRO R 154 -32.39 11.92 -36.53
N ARG R 155 -33.42 12.70 -36.19
CA ARG R 155 -34.74 12.43 -36.74
C ARG R 155 -34.79 12.74 -38.23
N GLU R 156 -34.28 13.91 -38.63
CA GLU R 156 -34.19 14.22 -40.04
C GLU R 156 -33.26 13.26 -40.77
N PHE R 157 -32.21 12.79 -40.10
CA PHE R 157 -31.33 11.80 -40.69
C PHE R 157 -32.07 10.51 -41.00
N ILE R 158 -32.93 10.05 -40.06
CA ILE R 158 -33.68 8.84 -40.29
C ILE R 158 -34.70 9.04 -41.41
N ALA R 159 -35.34 10.20 -41.48
CA ALA R 159 -36.25 10.48 -42.57
C ALA R 159 -35.54 10.42 -43.92
N SER R 160 -34.34 11.01 -43.99
CA SER R 160 -33.55 10.97 -45.22
C SER R 160 -33.16 9.54 -45.59
N MET R 161 -32.82 8.73 -44.58
CA MET R 161 -32.47 7.34 -44.85
C MET R 161 -33.65 6.55 -45.40
N LEU R 162 -34.85 6.79 -44.87
CA LEU R 162 -36.03 6.14 -45.45
C LEU R 162 -36.27 6.58 -46.90
N GLU R 163 -36.09 7.87 -47.19
CA GLU R 163 -36.22 8.31 -48.59
C GLU R 163 -35.21 7.61 -49.48
N LEU R 164 -33.96 7.50 -49.01
CA LEU R 164 -32.94 6.80 -49.77
C LEU R 164 -33.31 5.33 -50.00
N LEU R 165 -33.88 4.69 -48.98
CA LEU R 165 -34.30 3.29 -49.13
C LEU R 165 -35.36 3.14 -50.21
N ARG R 166 -36.33 4.06 -50.24
CA ARG R 166 -37.34 4.01 -51.29
C ARG R 166 -36.71 4.20 -52.67
N ALA R 167 -35.76 5.13 -52.78
CA ALA R 167 -35.09 5.34 -54.06
C ALA R 167 -34.36 4.09 -54.53
N ILE R 168 -33.63 3.43 -53.61
CA ILE R 168 -32.90 2.23 -53.96
C ILE R 168 -33.85 1.11 -54.38
N GLU R 169 -34.97 0.99 -53.67
CA GLU R 169 -35.96 -0.02 -54.04
C GLU R 169 -36.49 0.21 -55.45
N ARG R 170 -36.81 1.46 -55.79
CA ARG R 170 -37.30 1.76 -57.12
C ARG R 170 -36.24 1.45 -58.18
N PHE R 171 -34.99 1.83 -57.91
CA PHE R 171 -33.92 1.55 -58.87
C PHE R 171 -33.80 0.06 -59.13
N PHE R 172 -33.77 -0.75 -58.07
CA PHE R 172 -33.58 -2.18 -58.25
C PHE R 172 -34.81 -2.87 -58.82
N GLU R 173 -35.99 -2.27 -58.68
CA GLU R 173 -37.16 -2.80 -59.37
C GLU R 173 -37.09 -2.51 -60.86
N VAL R 174 -36.58 -1.34 -61.25
CA VAL R 174 -36.51 -1.01 -62.68
C VAL R 174 -35.47 -1.87 -63.39
N LEU R 175 -34.30 -2.05 -62.78
CA LEU R 175 -33.17 -2.67 -63.47
C LEU R 175 -33.41 -4.16 -63.71
N LYS R 176 -32.84 -4.65 -64.80
CA LYS R 176 -32.89 -6.07 -65.16
C LYS R 176 -31.49 -6.58 -65.45
N GLY R 177 -31.21 -7.81 -65.06
CA GLY R 177 -29.89 -8.38 -65.25
C GLY R 177 -29.74 -9.67 -64.48
N ASN R 178 -28.50 -10.02 -64.18
CA ASN R 178 -28.22 -11.23 -63.42
C ASN R 178 -28.68 -11.05 -61.98
N PRO R 179 -29.56 -11.92 -61.46
CA PRO R 179 -30.09 -11.71 -60.11
C PRO R 179 -29.03 -11.78 -59.01
N GLU R 180 -28.01 -12.61 -59.16
CA GLU R 180 -27.06 -12.82 -58.08
C GLU R 180 -26.17 -11.60 -57.86
N ARG R 181 -25.63 -11.04 -58.95
CA ARG R 181 -24.79 -9.86 -58.82
C ARG R 181 -25.59 -8.67 -58.30
N LEU R 182 -26.82 -8.53 -58.79
CA LEU R 182 -27.68 -7.45 -58.31
C LEU R 182 -27.98 -7.59 -56.83
N LEU R 183 -28.24 -8.82 -56.38
CA LEU R 183 -28.49 -9.06 -54.97
C LEU R 183 -27.26 -8.75 -54.13
N ALA R 184 -26.07 -9.11 -54.62
CA ALA R 184 -24.85 -8.80 -53.88
C ALA R 184 -24.65 -7.29 -53.74
N VAL R 185 -24.86 -6.55 -54.83
CA VAL R 185 -24.71 -5.10 -54.78
C VAL R 185 -25.73 -4.50 -53.81
N PHE R 186 -26.97 -4.98 -53.87
CA PHE R 186 -28.03 -4.48 -53.00
C PHE R 186 -27.69 -4.72 -51.53
N GLU R 187 -27.20 -5.92 -51.21
CA GLU R 187 -26.84 -6.22 -49.84
C GLU R 187 -25.69 -5.34 -49.36
N GLU R 188 -24.72 -5.09 -50.24
CA GLU R 188 -23.58 -4.26 -49.84
C GLU R 188 -24.00 -2.82 -49.54
N VAL R 189 -24.83 -2.23 -50.40
CA VAL R 189 -25.27 -0.87 -50.13
C VAL R 189 -26.16 -0.84 -48.89
N LEU R 190 -26.94 -1.89 -48.64
CA LEU R 190 -27.74 -1.93 -47.43
C LEU R 190 -26.86 -1.96 -46.18
N GLU R 191 -25.78 -2.74 -46.20
CA GLU R 191 -24.86 -2.74 -45.06
C GLU R 191 -24.23 -1.38 -44.86
N ASP R 192 -23.90 -0.69 -45.96
CA ASP R 192 -23.36 0.67 -45.82
C ASP R 192 -24.34 1.60 -45.10
N ILE R 193 -25.60 1.59 -45.54
CA ILE R 193 -26.60 2.45 -44.93
C ILE R 193 -26.81 2.08 -43.46
N GLU R 194 -26.84 0.77 -43.17
CA GLU R 194 -27.04 0.32 -41.80
C GLU R 194 -25.91 0.76 -40.88
N GLU R 195 -24.67 0.65 -41.36
CA GLU R 195 -23.53 1.13 -40.57
C GLU R 195 -23.64 2.62 -40.29
N ALA R 196 -24.00 3.41 -41.32
CA ALA R 196 -24.15 4.84 -41.10
C ALA R 196 -25.21 5.16 -40.06
N VAL R 197 -26.36 4.48 -40.16
CA VAL R 197 -27.45 4.73 -39.22
C VAL R 197 -27.05 4.36 -37.80
N LEU R 198 -26.40 3.20 -37.63
CA LEU R 198 -26.00 2.77 -36.30
C LEU R 198 -24.99 3.72 -35.69
N LYS R 199 -24.02 4.19 -36.48
CA LYS R 199 -23.06 5.14 -35.96
C LYS R 199 -23.72 6.44 -35.57
N LYS R 200 -24.66 6.93 -36.39
CA LYS R 200 -25.29 8.22 -36.09
C LYS R 200 -26.18 8.16 -34.87
N LEU R 201 -26.88 7.04 -34.64
CA LEU R 201 -27.89 6.98 -33.60
C LEU R 201 -27.32 6.92 -32.18
N THR R 202 -26.01 7.07 -32.01
CA THR R 202 -25.43 7.04 -30.68
C THR R 202 -25.48 8.39 -29.96
N GLU R 203 -26.01 9.43 -30.61
CA GLU R 203 -26.05 10.77 -30.05
C GLU R 203 -27.35 11.07 -29.31
N VAL R 204 -28.25 10.11 -29.17
CA VAL R 204 -29.54 10.33 -28.53
C VAL R 204 -29.72 9.34 -27.40
N ASN R 205 -30.80 9.54 -26.64
CA ASN R 205 -31.13 8.69 -25.51
C ASN R 205 -31.57 7.31 -25.99
N PRO R 206 -31.48 6.30 -25.13
CA PRO R 206 -31.87 4.93 -25.55
C PRO R 206 -33.30 4.80 -26.02
N GLU R 207 -34.25 5.56 -25.46
CA GLU R 207 -35.63 5.49 -25.92
C GLU R 207 -35.76 5.99 -27.36
N THR R 208 -35.13 7.13 -27.66
CA THR R 208 -35.13 7.63 -29.03
C THR R 208 -34.40 6.65 -29.96
N GLN R 209 -33.32 6.05 -29.48
CA GLN R 209 -32.62 5.04 -30.27
C GLN R 209 -33.55 3.89 -30.63
N VAL R 210 -34.32 3.40 -29.65
CA VAL R 210 -35.22 2.29 -29.93
C VAL R 210 -36.28 2.69 -30.94
N LEU R 211 -36.87 3.88 -30.78
CA LEU R 211 -37.90 4.33 -31.70
C LEU R 211 -37.35 4.40 -33.14
N LEU R 212 -36.23 5.09 -33.31
CA LEU R 212 -35.70 5.30 -34.65
C LEU R 212 -35.19 4.01 -35.26
N LEU R 213 -34.60 3.13 -34.45
CA LEU R 213 -34.14 1.85 -34.94
C LEU R 213 -35.31 0.99 -35.41
N GLU R 214 -36.42 1.01 -34.66
CA GLU R 214 -37.60 0.27 -35.09
C GLU R 214 -38.11 0.78 -36.42
N ALA R 215 -38.19 2.10 -36.58
CA ALA R 215 -38.64 2.66 -37.87
C ALA R 215 -37.72 2.22 -39.01
N PHE R 216 -36.41 2.36 -38.81
CA PHE R 216 -35.46 2.04 -39.87
C PHE R 216 -35.51 0.56 -40.23
N TYR R 217 -35.60 -0.32 -39.24
CA TYR R 217 -35.56 -1.75 -39.53
C TYR R 217 -36.87 -2.23 -40.15
N GLU R 218 -38.00 -1.63 -39.78
CA GLU R 218 -39.24 -1.96 -40.47
C GLU R 218 -39.16 -1.60 -41.95
N LYS R 219 -38.68 -0.39 -42.25
CA LYS R 219 -38.55 0.00 -43.65
C LYS R 219 -37.57 -0.90 -44.39
N LYS R 220 -36.45 -1.23 -43.75
CA LYS R 220 -35.45 -2.08 -44.39
C LYS R 220 -36.00 -3.46 -44.70
N LYS R 221 -36.75 -4.06 -43.78
CA LYS R 221 -37.35 -5.36 -44.03
C LYS R 221 -38.34 -5.29 -45.18
N ASP R 222 -39.15 -4.23 -45.23
CA ASP R 222 -40.08 -4.09 -46.34
C ASP R 222 -39.36 -3.99 -47.68
N VAL R 223 -38.33 -3.16 -47.76
CA VAL R 223 -37.64 -2.99 -49.04
C VAL R 223 -36.89 -4.26 -49.43
N VAL R 224 -36.36 -5.01 -48.46
CA VAL R 224 -35.72 -6.27 -48.77
C VAL R 224 -36.72 -7.25 -49.37
N GLU R 225 -37.91 -7.35 -48.78
CA GLU R 225 -38.93 -8.24 -49.33
C GLU R 225 -39.31 -7.82 -50.74
N HIS R 226 -39.50 -6.52 -50.96
CA HIS R 226 -39.88 -6.04 -52.30
C HIS R 226 -38.80 -6.35 -53.33
N VAL R 227 -37.55 -6.10 -52.98
CA VAL R 227 -36.46 -6.32 -53.94
C VAL R 227 -36.28 -7.81 -54.23
N ARG R 228 -36.39 -8.66 -53.21
CA ARG R 228 -36.28 -10.09 -53.45
C ARG R 228 -37.42 -10.61 -54.30
N LYS R 229 -38.63 -10.06 -54.13
CA LYS R 229 -39.73 -10.42 -55.01
C LYS R 229 -39.46 -9.99 -56.44
N ALA R 230 -38.94 -8.78 -56.62
CA ALA R 230 -38.76 -8.26 -57.98
C ALA R 230 -37.63 -8.96 -58.72
N LEU R 231 -36.51 -9.21 -58.03
CA LEU R 231 -35.35 -9.79 -58.71
C LEU R 231 -35.58 -11.24 -59.09
N PHE R 232 -36.09 -12.05 -58.17
CA PHE R 232 -36.35 -13.45 -58.44
C PHE R 232 -37.80 -13.66 -58.85
N SER S 25 -2.51 0.13 66.50
CA SER S 25 -1.42 0.17 67.47
C SER S 25 -0.17 -0.49 66.89
N PRO S 26 0.96 0.23 66.94
CA PRO S 26 2.21 -0.33 66.41
C PRO S 26 2.66 -1.60 67.11
N LEU S 27 2.44 -1.67 68.42
CA LEU S 27 2.92 -2.81 69.20
C LEU S 27 2.16 -4.09 68.82
N GLU S 28 0.83 -3.99 68.75
CA GLU S 28 0.03 -5.18 68.42
C GLU S 28 0.34 -5.67 67.01
N GLU S 29 0.46 -4.75 66.06
CA GLU S 29 0.79 -5.14 64.69
C GLU S 29 2.18 -5.75 64.61
N ALA S 30 3.13 -5.22 65.38
CA ALA S 30 4.46 -5.80 65.41
C ALA S 30 4.43 -7.22 65.97
N LYS S 31 3.65 -7.46 67.03
CA LYS S 31 3.56 -8.80 67.58
C LYS S 31 2.88 -9.75 66.60
N ARG S 32 1.85 -9.28 65.89
CA ARG S 32 1.21 -10.11 64.88
C ARG S 32 2.19 -10.46 63.77
N LEU S 33 3.01 -9.50 63.35
CA LEU S 33 4.04 -9.76 62.35
C LEU S 33 5.06 -10.77 62.86
N LEU S 34 5.42 -10.67 64.15
CA LEU S 34 6.37 -11.62 64.72
C LEU S 34 5.81 -13.04 64.69
N GLU S 35 4.54 -13.19 65.07
CA GLU S 35 3.92 -14.52 65.05
C GLU S 35 3.86 -15.07 63.62
N LYS S 36 3.47 -14.23 62.67
CA LYS S 36 3.41 -14.67 61.27
C LYS S 36 4.78 -15.08 60.76
N VAL S 37 5.82 -14.31 61.10
CA VAL S 37 7.17 -14.63 60.65
C VAL S 37 7.65 -15.92 61.29
N LYS S 38 7.36 -16.13 62.56
CA LYS S 38 7.74 -17.38 63.21
C LYS S 38 7.08 -18.58 62.53
N LYS S 39 5.78 -18.46 62.23
CA LYS S 39 5.08 -19.54 61.54
C LYS S 39 5.69 -19.80 60.18
N ARG S 40 5.99 -18.74 59.42
CA ARG S 40 6.57 -18.92 58.10
C ARG S 40 7.94 -19.56 58.16
N VAL S 41 8.76 -19.17 59.15
CA VAL S 41 10.08 -19.76 59.29
C VAL S 41 9.97 -21.25 59.61
N GLU S 42 9.07 -21.60 60.54
CA GLU S 42 8.88 -23.01 60.88
C GLU S 42 8.43 -23.80 59.65
N GLU S 43 7.53 -23.22 58.86
CA GLU S 43 7.06 -23.92 57.66
C GLU S 43 8.19 -24.08 56.64
N ILE S 44 9.02 -23.05 56.46
CA ILE S 44 10.07 -23.10 55.45
C ILE S 44 11.16 -24.10 55.84
N MET S 45 11.53 -24.14 57.11
CA MET S 45 12.69 -24.94 57.53
C MET S 45 12.48 -26.44 57.29
N LYS S 46 11.24 -26.87 57.07
CA LYS S 46 10.96 -28.29 56.86
C LYS S 46 11.44 -28.80 55.51
N ASN S 47 11.76 -27.92 54.56
CA ASN S 47 12.20 -28.36 53.25
C ASN S 47 13.57 -29.02 53.33
N PRO S 48 13.81 -30.05 52.51
CA PRO S 48 15.10 -30.76 52.56
C PRO S 48 16.18 -30.14 51.68
N ASN S 49 15.81 -29.16 50.85
CA ASN S 49 16.76 -28.54 49.93
C ASN S 49 17.34 -27.29 50.57
N PRO S 50 18.64 -27.24 50.86
CA PRO S 50 19.19 -26.06 51.56
C PRO S 50 19.15 -24.79 50.73
N VAL S 51 19.42 -24.87 49.42
CA VAL S 51 19.44 -23.66 48.59
C VAL S 51 18.04 -23.08 48.47
N LYS S 52 17.02 -23.93 48.32
CA LYS S 52 15.65 -23.44 48.26
C LYS S 52 15.26 -22.79 49.59
N VAL S 53 15.66 -23.39 50.70
CA VAL S 53 15.39 -22.81 52.02
C VAL S 53 16.03 -21.45 52.14
N MET S 54 17.28 -21.32 51.68
CA MET S 54 17.97 -20.03 51.75
C MET S 54 17.28 -18.98 50.88
N LEU S 55 16.82 -19.38 49.70
CA LEU S 55 16.11 -18.43 48.83
C LEU S 55 14.81 -17.95 49.48
N GLU S 56 14.03 -18.86 50.05
CA GLU S 56 12.80 -18.45 50.72
C GLU S 56 13.08 -17.57 51.92
N LEU S 57 14.13 -17.88 52.68
CA LEU S 57 14.46 -17.05 53.84
C LEU S 57 14.91 -15.67 53.42
N LYS S 58 15.64 -15.56 52.30
CA LYS S 58 16.02 -14.25 51.78
C LYS S 58 14.79 -13.45 51.38
N GLU S 59 13.83 -14.10 50.71
CA GLU S 59 12.59 -13.42 50.36
C GLU S 59 11.84 -12.96 51.60
N LEU S 60 11.80 -13.79 52.63
CA LEU S 60 11.13 -13.42 53.87
C LEU S 60 11.80 -12.22 54.54
N LEU S 61 13.13 -12.19 54.53
CA LEU S 61 13.85 -11.05 55.08
C LEU S 61 13.53 -9.77 54.32
N ASP S 62 13.50 -9.86 52.99
CA ASP S 62 13.14 -8.69 52.19
C ASP S 62 11.73 -8.21 52.50
N GLU S 63 10.78 -9.14 52.63
CA GLU S 63 9.41 -8.77 52.95
C GLU S 63 9.33 -8.12 54.33
N ALA S 64 10.11 -8.62 55.29
CA ALA S 64 10.14 -8.01 56.61
C ALA S 64 10.65 -6.58 56.55
N VAL S 65 11.68 -6.33 55.74
CA VAL S 65 12.19 -4.96 55.60
C VAL S 65 11.13 -4.06 54.96
N HIS S 66 10.43 -4.58 53.94
CA HIS S 66 9.35 -3.82 53.31
C HIS S 66 8.28 -3.46 54.33
N GLU S 67 7.92 -4.40 55.18
CA GLU S 67 6.94 -4.12 56.23
C GLU S 67 7.48 -3.08 57.21
N PHE S 68 8.77 -3.14 57.51
CA PHE S 68 9.36 -2.20 58.46
C PHE S 68 9.28 -0.76 57.95
N VAL S 69 9.62 -0.54 56.67
CA VAL S 69 9.59 0.83 56.15
C VAL S 69 8.20 1.37 55.95
N LEU S 70 7.18 0.52 55.99
CA LEU S 70 5.79 0.92 55.80
C LEU S 70 5.06 1.19 57.10
N MET S 71 5.74 1.15 58.24
CA MET S 71 5.13 1.28 59.55
C MET S 71 5.93 2.27 60.39
N GLU S 72 5.32 2.73 61.48
CA GLU S 72 5.99 3.63 62.39
C GLU S 72 6.85 2.84 63.37
N VAL S 73 8.06 3.32 63.60
CA VAL S 73 8.99 2.64 64.52
C VAL S 73 9.30 3.56 65.69
N ASN S 74 8.56 3.40 66.77
CA ASN S 74 8.80 4.13 68.01
C ASN S 74 9.64 3.27 68.96
N GLU S 75 9.78 3.72 70.20
CA GLU S 75 10.60 3.01 71.18
C GLU S 75 9.89 1.80 71.78
N GLU S 76 8.63 1.58 71.44
CA GLU S 76 7.88 0.45 71.99
C GLU S 76 8.08 -0.82 71.18
N ASN S 77 7.95 -0.74 69.86
CA ASN S 77 7.98 -1.92 69.00
C ASN S 77 9.36 -2.20 68.42
N ARG S 78 10.38 -1.42 68.79
CA ARG S 78 11.71 -1.62 68.21
C ARG S 78 12.28 -2.99 68.57
N GLU S 79 12.08 -3.43 69.83
CA GLU S 79 12.60 -4.73 70.26
C GLU S 79 11.97 -5.85 69.45
N VAL S 80 10.67 -5.77 69.18
CA VAL S 80 9.98 -6.82 68.43
C VAL S 80 10.53 -6.90 67.01
N LEU S 81 10.76 -5.75 66.37
CA LEU S 81 11.30 -5.75 65.01
C LEU S 81 12.71 -6.34 64.99
N ILE S 82 13.53 -5.97 65.97
CA ILE S 82 14.88 -6.54 66.05
C ILE S 82 14.79 -8.05 66.24
N GLU S 83 13.83 -8.52 67.04
CA GLU S 83 13.67 -9.95 67.24
C GLU S 83 13.23 -10.66 65.96
N ILE S 84 12.37 -10.03 65.16
CA ILE S 84 11.97 -10.61 63.88
C ILE S 84 13.19 -10.77 62.98
N LEU S 85 14.00 -9.73 62.88
CA LEU S 85 15.20 -9.80 62.06
C LEU S 85 16.14 -10.89 62.56
N ALA S 86 16.33 -10.97 63.87
CA ALA S 86 17.20 -11.98 64.44
C ALA S 86 16.70 -13.39 64.15
N THR S 87 15.38 -13.59 64.25
CA THR S 87 14.81 -14.91 63.97
C THR S 87 15.10 -15.33 62.53
N ILE S 88 14.81 -14.45 61.58
CA ILE S 88 15.01 -14.83 60.17
C ILE S 88 16.50 -15.05 59.90
N PHE S 89 17.37 -14.21 60.46
CA PHE S 89 18.79 -14.35 60.17
C PHE S 89 19.39 -15.60 60.82
N GLU S 90 18.92 -15.96 62.02
CA GLU S 90 19.40 -17.19 62.64
C GLU S 90 18.98 -18.40 61.82
N ALA S 91 17.73 -18.43 61.35
CA ALA S 91 17.31 -19.53 60.49
C ALA S 91 18.17 -19.59 59.23
N PHE S 92 18.47 -18.43 58.64
CA PHE S 92 19.29 -18.41 57.43
C PHE S 92 20.70 -18.93 57.70
N LEU S 93 21.30 -18.54 58.82
CA LEU S 93 22.65 -19.00 59.12
C LEU S 93 22.69 -20.51 59.32
N HIS S 94 21.69 -21.06 60.01
CA HIS S 94 21.62 -22.51 60.14
C HIS S 94 21.47 -23.19 58.79
N ALA S 95 20.60 -22.66 57.93
CA ALA S 95 20.41 -23.26 56.61
C ALA S 95 21.70 -23.18 55.78
N ALA S 96 22.47 -22.11 55.96
CA ALA S 96 23.76 -22.01 55.27
C ALA S 96 24.75 -23.05 55.79
N ARG S 97 24.75 -23.28 57.11
CA ARG S 97 25.57 -24.35 57.66
C ARG S 97 25.15 -25.72 57.15
N ASP S 98 23.89 -25.88 56.74
CA ASP S 98 23.42 -27.19 56.29
C ASP S 98 24.23 -27.70 55.09
N GLY S 99 24.50 -26.84 54.11
CA GLY S 99 25.38 -27.24 53.03
C GLY S 99 24.98 -26.79 51.64
N GLY S 100 25.76 -27.19 50.64
CA GLY S 100 25.53 -26.85 49.25
C GLY S 100 26.84 -26.50 48.57
N ASN S 101 26.72 -25.87 47.40
CA ASN S 101 27.88 -25.41 46.65
C ASN S 101 28.49 -24.19 47.33
N PRO S 102 29.78 -24.21 47.68
CA PRO S 102 30.34 -23.11 48.50
C PRO S 102 30.23 -21.73 47.87
N LYS S 103 30.45 -21.59 46.57
CA LYS S 103 30.41 -20.27 45.95
C LYS S 103 29.00 -19.68 45.99
N LEU S 104 28.01 -20.49 45.62
CA LEU S 104 26.63 -20.04 45.66
C LEU S 104 26.20 -19.71 47.08
N VAL S 105 26.60 -20.53 48.05
CA VAL S 105 26.23 -20.29 49.43
C VAL S 105 26.86 -19.01 49.95
N LEU S 106 28.12 -18.76 49.61
CA LEU S 106 28.78 -17.53 50.06
C LEU S 106 28.13 -16.29 49.44
N LEU S 107 27.76 -16.37 48.16
CA LEU S 107 27.06 -15.25 47.53
C LEU S 107 25.71 -14.99 48.22
N LEU S 108 24.96 -16.05 48.50
CA LEU S 108 23.69 -15.88 49.20
C LEU S 108 23.88 -15.33 50.61
N LEU S 109 24.96 -15.75 51.28
CA LEU S 109 25.25 -15.23 52.60
C LEU S 109 25.52 -13.74 52.58
N LEU S 110 26.29 -13.29 51.59
CA LEU S 110 26.55 -11.86 51.46
C LEU S 110 25.28 -11.08 51.18
N GLU S 111 24.43 -11.59 50.29
CA GLU S 111 23.17 -10.89 49.99
C GLU S 111 22.27 -10.82 51.23
N ALA S 112 22.16 -11.93 51.97
CA ALA S 112 21.35 -11.93 53.18
C ALA S 112 21.90 -10.96 54.21
N PHE S 113 23.23 -10.89 54.33
CA PHE S 113 23.83 -9.95 55.28
C PHE S 113 23.54 -8.52 54.90
N GLU S 114 23.58 -8.20 53.60
CA GLU S 114 23.25 -6.84 53.18
C GLU S 114 21.81 -6.50 53.51
N THR S 115 20.89 -7.43 53.27
CA THR S 115 19.49 -7.18 53.62
C THR S 115 19.32 -6.98 55.12
N PHE S 116 20.02 -7.80 55.92
CA PHE S 116 19.95 -7.67 57.37
C PHE S 116 20.48 -6.32 57.83
N VAL S 117 21.57 -5.85 57.22
CA VAL S 117 22.13 -4.55 57.59
C VAL S 117 21.16 -3.43 57.23
N ARG S 118 20.52 -3.52 56.07
CA ARG S 118 19.52 -2.51 55.70
C ARG S 118 18.35 -2.51 56.69
N GLY S 119 17.91 -3.70 57.12
CA GLY S 119 16.84 -3.76 58.10
C GLY S 119 17.23 -3.14 59.43
N VAL S 120 18.45 -3.43 59.90
CA VAL S 120 18.93 -2.85 61.15
C VAL S 120 19.04 -1.34 61.03
N GLU S 121 19.49 -0.85 59.87
CA GLU S 121 19.56 0.60 59.65
C GLU S 121 18.18 1.23 59.70
N VAL S 122 17.18 0.58 59.09
CA VAL S 122 15.83 1.13 59.09
C VAL S 122 15.26 1.16 60.51
N VAL S 123 15.41 0.06 61.24
CA VAL S 123 14.83 -0.03 62.57
C VAL S 123 15.62 0.80 63.58
N GLY S 124 16.94 0.65 63.57
CA GLY S 124 17.76 1.31 64.57
C GLY S 124 17.92 0.48 65.83
N VAL S 125 19.04 0.69 66.51
CA VAL S 125 19.37 -0.06 67.72
C VAL S 125 19.61 0.95 68.84
N THR S 126 18.83 0.84 69.92
CA THR S 126 18.91 1.79 71.02
C THR S 126 19.37 1.13 72.32
N SER S 127 18.68 0.09 72.77
CA SER S 127 18.99 -0.52 74.05
C SER S 127 20.22 -1.43 73.94
N GLU S 128 20.66 -1.96 75.08
CA GLU S 128 21.79 -2.87 75.09
C GLU S 128 21.43 -4.25 74.60
N ARG S 129 20.19 -4.70 74.83
CA ARG S 129 19.80 -6.03 74.38
C ARG S 129 19.84 -6.15 72.87
N GLU S 130 19.34 -5.15 72.16
CA GLU S 130 19.37 -5.18 70.70
C GLU S 130 20.81 -5.17 70.18
N LEU S 131 21.68 -4.37 70.81
CA LEU S 131 23.07 -4.34 70.42
C LEU S 131 23.72 -5.71 70.62
N ARG S 132 23.44 -6.36 71.76
CA ARG S 132 23.99 -7.68 72.00
C ARG S 132 23.48 -8.67 70.97
N LEU S 133 22.20 -8.60 70.63
CA LEU S 133 21.62 -9.51 69.65
C LEU S 133 22.30 -9.37 68.29
N VAL S 134 22.44 -8.13 67.81
CA VAL S 134 23.02 -7.92 66.49
C VAL S 134 24.51 -8.28 66.48
N LEU S 135 25.22 -8.02 67.59
CA LEU S 135 26.63 -8.37 67.62
C LEU S 135 26.84 -9.87 67.65
N GLU S 136 26.00 -10.60 68.40
CA GLU S 136 26.06 -12.05 68.36
C GLU S 136 25.77 -12.58 66.96
N LEU S 137 24.81 -11.98 66.27
CA LEU S 137 24.52 -12.39 64.91
C LEU S 137 25.71 -12.15 63.99
N LEU S 138 26.41 -11.02 64.17
CA LEU S 138 27.60 -10.76 63.37
C LEU S 138 28.69 -11.80 63.62
N VAL S 139 28.91 -12.16 64.88
CA VAL S 139 29.93 -13.17 65.18
C VAL S 139 29.58 -14.50 64.54
N GLU S 140 28.31 -14.91 64.64
CA GLU S 140 27.88 -16.15 64.01
C GLU S 140 28.03 -16.10 62.50
N PHE S 141 27.73 -14.95 61.89
CA PHE S 141 27.88 -14.81 60.44
C PHE S 141 29.33 -14.98 60.03
N VAL S 142 30.26 -14.36 60.76
CA VAL S 142 31.67 -14.49 60.40
C VAL S 142 32.13 -15.93 60.55
N HIS S 143 31.72 -16.60 61.63
CA HIS S 143 32.12 -17.99 61.83
C HIS S 143 31.59 -18.88 60.71
N VAL S 144 30.33 -18.70 60.33
CA VAL S 144 29.74 -19.52 59.26
C VAL S 144 30.43 -19.25 57.94
N PHE S 145 30.74 -17.97 57.67
CA PHE S 145 31.39 -17.62 56.41
C PHE S 145 32.76 -18.29 56.30
N ILE S 146 33.55 -18.24 57.37
CA ILE S 146 34.86 -18.88 57.34
C ILE S 146 34.73 -20.39 57.20
N LEU S 147 33.76 -20.98 57.92
CA LEU S 147 33.57 -22.42 57.84
C LEU S 147 33.22 -22.87 56.43
N ILE S 148 32.35 -22.11 55.75
CA ILE S 148 31.98 -22.48 54.38
C ILE S 148 33.16 -22.28 53.43
N SER S 149 33.89 -21.18 53.58
CA SER S 149 34.94 -20.85 52.63
C SER S 149 36.24 -21.61 52.87
N ARG S 150 36.31 -22.41 53.95
CA ARG S 150 37.50 -23.23 54.17
C ARG S 150 37.85 -24.13 52.99
N LEU S 151 36.86 -24.54 52.20
CA LEU S 151 37.04 -25.58 51.20
C LEU S 151 37.40 -25.05 49.81
N LEU S 152 37.63 -23.75 49.66
CA LEU S 152 38.02 -23.22 48.37
C LEU S 152 39.53 -23.29 48.16
N GLU S 153 39.97 -22.86 46.99
CA GLU S 153 41.39 -22.71 46.70
C GLU S 153 41.89 -21.39 47.28
N PRO S 154 43.21 -21.28 47.51
CA PRO S 154 43.73 -20.09 48.20
C PRO S 154 43.38 -18.75 47.54
N ARG S 155 43.39 -18.68 46.21
CA ARG S 155 43.07 -17.41 45.56
C ARG S 155 41.60 -17.05 45.75
N GLU S 156 40.71 -18.00 45.51
CA GLU S 156 39.29 -17.77 45.77
C GLU S 156 39.03 -17.56 47.25
N PHE S 157 39.80 -18.21 48.12
CA PHE S 157 39.66 -17.97 49.55
C PHE S 157 40.00 -16.53 49.91
N ILE S 158 41.08 -15.99 49.33
CA ILE S 158 41.45 -14.61 49.63
C ILE S 158 40.43 -13.63 49.06
N ALA S 159 39.90 -13.94 47.87
CA ALA S 159 38.83 -13.09 47.32
C ALA S 159 37.61 -13.07 48.24
N SER S 160 37.23 -14.24 48.75
CA SER S 160 36.11 -14.33 49.68
C SER S 160 36.38 -13.54 50.96
N MET S 161 37.62 -13.62 51.46
CA MET S 161 37.96 -12.86 52.67
C MET S 161 37.88 -11.35 52.43
N LEU S 162 38.30 -10.90 51.24
CA LEU S 162 38.14 -9.49 50.92
C LEU S 162 36.67 -9.08 50.90
N GLU S 163 35.82 -9.91 50.30
CA GLU S 163 34.39 -9.60 50.30
C GLU S 163 33.83 -9.55 51.72
N LEU S 164 34.23 -10.49 52.57
CA LEU S 164 33.80 -10.48 53.97
C LEU S 164 34.27 -9.22 54.69
N LEU S 165 35.49 -8.77 54.40
CA LEU S 165 35.99 -7.55 55.02
C LEU S 165 35.15 -6.34 54.62
N ARG S 166 34.78 -6.24 53.35
CA ARG S 166 33.91 -5.14 52.93
C ARG S 166 32.57 -5.21 53.64
N ALA S 167 32.00 -6.41 53.76
CA ALA S 167 30.71 -6.55 54.44
C ALA S 167 30.79 -6.10 55.89
N ILE S 168 31.85 -6.52 56.59
CA ILE S 168 32.02 -6.14 57.99
C ILE S 168 32.19 -4.64 58.13
N GLU S 169 32.96 -4.03 57.22
CA GLU S 169 33.13 -2.58 57.25
C GLU S 169 31.80 -1.86 57.08
N ARG S 170 30.99 -2.30 56.13
CA ARG S 170 29.68 -1.68 55.93
C ARG S 170 28.80 -1.83 57.17
N PHE S 171 28.79 -3.03 57.75
CA PHE S 171 28.00 -3.25 58.97
C PHE S 171 28.41 -2.29 60.07
N PHE S 172 29.71 -2.20 60.35
CA PHE S 172 30.16 -1.37 61.45
C PHE S 172 30.03 0.12 61.16
N GLU S 173 29.96 0.50 59.89
CA GLU S 173 29.67 1.89 59.57
C GLU S 173 28.19 2.21 59.80
N VAL S 174 27.30 1.28 59.47
CA VAL S 174 25.87 1.52 59.67
C VAL S 174 25.54 1.61 61.15
N LEU S 175 26.08 0.70 61.96
CA LEU S 175 25.68 0.58 63.35
C LEU S 175 26.15 1.76 64.19
N LYS S 176 25.36 2.08 65.22
CA LYS S 176 25.68 3.13 66.17
C LYS S 176 25.54 2.59 67.58
N GLY S 177 26.43 3.02 68.47
CA GLY S 177 26.41 2.53 69.83
C GLY S 177 27.66 2.96 70.58
N ASN S 178 27.98 2.20 71.62
CA ASN S 178 29.17 2.51 72.41
C ASN S 178 30.43 2.22 71.62
N PRO S 179 31.30 3.20 71.39
CA PRO S 179 32.47 2.95 70.54
C PRO S 179 33.42 1.88 71.04
N GLU S 180 33.59 1.76 72.36
CA GLU S 180 34.59 0.84 72.88
C GLU S 180 34.18 -0.61 72.68
N ARG S 181 32.94 -0.96 73.00
CA ARG S 181 32.47 -2.33 72.82
C ARG S 181 32.46 -2.70 71.34
N LEU S 182 32.03 -1.76 70.48
CA LEU S 182 32.03 -2.02 69.04
C LEU S 182 33.44 -2.25 68.53
N LEU S 183 34.39 -1.45 69.00
CA LEU S 183 35.78 -1.64 68.58
C LEU S 183 36.33 -2.99 69.05
N ALA S 184 35.98 -3.39 70.28
CA ALA S 184 36.43 -4.70 70.77
C ALA S 184 35.88 -5.83 69.93
N VAL S 185 34.59 -5.77 69.59
CA VAL S 185 33.98 -6.81 68.75
C VAL S 185 34.63 -6.84 67.39
N PHE S 186 34.86 -5.66 66.80
CA PHE S 186 35.50 -5.57 65.49
C PHE S 186 36.89 -6.18 65.52
N GLU S 187 37.66 -5.89 66.56
CA GLU S 187 39.00 -6.45 66.66
C GLU S 187 38.96 -7.97 66.80
N GLU S 188 38.01 -8.49 67.58
CA GLU S 188 37.93 -9.94 67.76
C GLU S 188 37.59 -10.65 66.44
N VAL S 189 36.62 -10.13 65.69
CA VAL S 189 36.29 -10.78 64.42
C VAL S 189 37.45 -10.64 63.44
N LEU S 190 38.17 -9.52 63.47
CA LEU S 190 39.33 -9.36 62.61
C LEU S 190 40.40 -10.40 62.94
N GLU S 191 40.63 -10.65 64.23
CA GLU S 191 41.61 -11.67 64.61
C GLU S 191 41.18 -13.05 64.14
N ASP S 192 39.88 -13.34 64.23
CA ASP S 192 39.39 -14.62 63.71
C ASP S 192 39.70 -14.78 62.22
N ILE S 193 39.40 -13.74 61.43
CA ILE S 193 39.65 -13.80 60.00
C ILE S 193 41.14 -13.95 59.72
N GLU S 194 41.97 -13.21 60.44
CA GLU S 194 43.42 -13.26 60.22
C GLU S 194 43.96 -14.64 60.53
N GLU S 195 43.51 -15.26 61.63
CA GLU S 195 43.96 -16.61 61.94
C GLU S 195 43.56 -17.59 60.85
N ALA S 196 42.33 -17.48 60.34
CA ALA S 196 41.91 -18.39 59.27
C ALA S 196 42.77 -18.22 58.03
N VAL S 197 43.05 -16.97 57.64
CA VAL S 197 43.84 -16.71 56.44
C VAL S 197 45.26 -17.26 56.61
N LEU S 198 45.87 -17.01 57.77
CA LEU S 198 47.22 -17.50 58.00
C LEU S 198 47.29 -19.02 57.98
N LYS S 199 46.30 -19.68 58.59
CA LYS S 199 46.28 -21.13 58.57
C LYS S 199 46.10 -21.67 57.15
N LYS S 200 45.27 -21.02 56.34
CA LYS S 200 45.02 -21.53 54.99
C LYS S 200 46.22 -21.31 54.08
N LEU S 201 46.94 -20.20 54.23
CA LEU S 201 47.96 -19.84 53.25
C LEU S 201 49.23 -20.67 53.34
N THR S 202 49.25 -21.75 54.12
CA THR S 202 50.42 -22.61 54.19
C THR S 202 50.44 -23.70 53.13
N GLU S 203 49.43 -23.74 52.26
CA GLU S 203 49.33 -24.77 51.24
C GLU S 203 49.94 -24.34 49.90
N VAL S 204 50.59 -23.18 49.83
CA VAL S 204 51.11 -22.65 48.59
C VAL S 204 52.58 -22.32 48.76
N ASN S 205 53.21 -21.96 47.65
CA ASN S 205 54.62 -21.57 47.64
C ASN S 205 54.80 -20.23 48.34
N PRO S 206 56.01 -19.94 48.83
CA PRO S 206 56.24 -18.66 49.53
C PRO S 206 55.95 -17.43 48.68
N GLU S 207 56.15 -17.48 47.36
CA GLU S 207 55.86 -16.31 46.53
C GLU S 207 54.37 -16.03 46.47
N THR S 208 53.56 -17.08 46.28
CA THR S 208 52.11 -16.92 46.33
C THR S 208 51.67 -16.46 47.72
N GLN S 209 52.30 -17.00 48.75
CA GLN S 209 52.00 -16.56 50.11
C GLN S 209 52.24 -15.06 50.26
N VAL S 210 53.37 -14.57 49.76
CA VAL S 210 53.68 -13.15 49.90
C VAL S 210 52.66 -12.31 49.14
N LEU S 211 52.33 -12.69 47.91
CA LEU S 211 51.35 -11.93 47.13
C LEU S 211 50.01 -11.86 47.85
N LEU S 212 49.48 -13.01 48.28
CA LEU S 212 48.17 -13.05 48.89
C LEU S 212 48.17 -12.34 50.24
N LEU S 213 49.25 -12.47 51.01
CA LEU S 213 49.34 -11.78 52.29
C LEU S 213 49.38 -10.28 52.10
N GLU S 214 50.12 -9.81 51.10
CA GLU S 214 50.15 -8.37 50.84
C GLU S 214 48.76 -7.85 50.49
N ALA S 215 48.03 -8.57 49.64
CA ALA S 215 46.67 -8.14 49.29
C ALA S 215 45.77 -8.10 50.54
N PHE S 216 45.80 -9.18 51.32
CA PHE S 216 44.93 -9.26 52.49
C PHE S 216 45.25 -8.16 53.51
N TYR S 217 46.53 -7.92 53.76
CA TYR S 217 46.91 -6.93 54.77
C TYR S 217 46.63 -5.52 54.30
N GLU S 218 46.77 -5.23 53.01
CA GLU S 218 46.36 -3.93 52.50
C GLU S 218 44.88 -3.69 52.73
N LYS S 219 44.05 -4.68 52.38
CA LYS S 219 42.61 -4.51 52.60
C LYS S 219 42.28 -4.37 54.08
N LYS S 220 42.94 -5.16 54.94
CA LYS S 220 42.66 -5.09 56.37
C LYS S 220 43.02 -3.73 56.94
N LYS S 221 44.16 -3.17 56.53
CA LYS S 221 44.55 -1.84 56.99
C LYS S 221 43.54 -0.79 56.54
N ASP S 222 43.08 -0.88 55.29
CA ASP S 222 42.10 0.08 54.81
C ASP S 222 40.80 0.01 55.62
N VAL S 223 40.28 -1.21 55.85
CA VAL S 223 39.02 -1.32 56.57
C VAL S 223 39.18 -0.90 58.02
N VAL S 224 40.35 -1.16 58.63
CA VAL S 224 40.58 -0.71 60.00
C VAL S 224 40.54 0.81 60.07
N GLU S 225 41.21 1.49 59.12
CA GLU S 225 41.19 2.94 59.13
C GLU S 225 39.78 3.48 58.92
N HIS S 226 39.01 2.86 58.01
CA HIS S 226 37.65 3.33 57.77
C HIS S 226 36.77 3.16 59.00
N VAL S 227 36.87 2.00 59.67
CA VAL S 227 36.04 1.74 60.82
C VAL S 227 36.42 2.65 61.99
N ARG S 228 37.72 2.90 62.16
CA ARG S 228 38.14 3.81 63.22
C ARG S 228 37.68 5.23 62.95
N LYS S 229 37.66 5.65 61.68
CA LYS S 229 37.09 6.96 61.36
C LYS S 229 35.60 7.00 61.67
N ALA S 230 34.87 5.93 61.32
CA ALA S 230 33.42 5.95 61.48
C ALA S 230 33.02 5.89 62.95
N LEU S 231 33.69 5.06 63.76
CA LEU S 231 33.28 4.87 65.14
C LEU S 231 33.57 6.10 65.98
N PHE S 232 34.76 6.66 65.86
CA PHE S 232 35.15 7.82 66.64
C PHE S 232 34.98 9.10 65.82
N SER T 25 -79.45 -13.29 -57.67
CA SER T 25 -79.10 -13.90 -56.41
C SER T 25 -78.06 -13.07 -55.67
N PRO T 26 -78.23 -12.91 -54.36
CA PRO T 26 -77.30 -12.10 -53.57
C PRO T 26 -75.90 -12.69 -53.51
N LEU T 27 -75.81 -14.00 -53.28
CA LEU T 27 -74.50 -14.64 -53.12
C LEU T 27 -73.68 -14.56 -54.40
N GLU T 28 -74.30 -14.84 -55.55
CA GLU T 28 -73.58 -14.80 -56.81
C GLU T 28 -73.08 -13.40 -57.12
N GLU T 29 -73.92 -12.39 -56.90
CA GLU T 29 -73.51 -11.01 -57.14
C GLU T 29 -72.38 -10.61 -56.19
N ALA T 30 -72.46 -11.07 -54.93
CA ALA T 30 -71.39 -10.77 -53.98
C ALA T 30 -70.07 -11.41 -54.42
N LYS T 31 -70.12 -12.65 -54.91
CA LYS T 31 -68.90 -13.30 -55.38
C LYS T 31 -68.34 -12.62 -56.62
N ARG T 32 -69.20 -12.19 -57.53
CA ARG T 32 -68.74 -11.44 -58.69
C ARG T 32 -68.08 -10.14 -58.28
N LEU T 33 -68.68 -9.45 -57.30
CA LEU T 33 -68.07 -8.23 -56.79
C LEU T 33 -66.72 -8.50 -56.15
N LEU T 34 -66.61 -9.62 -55.42
CA LEU T 34 -65.33 -9.98 -54.81
C LEU T 34 -64.26 -10.20 -55.87
N GLU T 35 -64.60 -10.91 -56.95
CA GLU T 35 -63.64 -11.14 -58.01
C GLU T 35 -63.22 -9.84 -58.67
N LYS T 36 -64.19 -8.96 -58.94
CA LYS T 36 -63.87 -7.68 -59.55
C LYS T 36 -62.98 -6.84 -58.65
N VAL T 37 -63.26 -6.84 -57.35
CA VAL T 37 -62.46 -6.06 -56.41
C VAL T 37 -61.04 -6.62 -56.33
N LYS T 38 -60.89 -7.94 -56.32
CA LYS T 38 -59.56 -8.53 -56.30
C LYS T 38 -58.77 -8.13 -57.55
N LYS T 39 -59.42 -8.18 -58.71
CA LYS T 39 -58.75 -7.78 -59.94
C LYS T 39 -58.32 -6.31 -59.87
N ARG T 40 -59.21 -5.45 -59.39
CA ARG T 40 -58.89 -4.02 -59.31
C ARG T 40 -57.75 -3.76 -58.34
N VAL T 41 -57.73 -4.45 -57.20
CA VAL T 41 -56.66 -4.25 -56.23
C VAL T 41 -55.32 -4.70 -56.82
N GLU T 42 -55.32 -5.85 -57.49
CA GLU T 42 -54.10 -6.34 -58.12
C GLU T 42 -53.59 -5.35 -59.17
N GLU T 43 -54.50 -4.79 -59.96
CA GLU T 43 -54.10 -3.81 -60.96
C GLU T 43 -53.56 -2.54 -60.31
N ILE T 44 -54.19 -2.07 -59.22
CA ILE T 44 -53.79 -0.82 -58.59
C ILE T 44 -52.43 -0.94 -57.95
N MET T 45 -52.17 -2.05 -57.25
CA MET T 45 -50.95 -2.16 -56.46
C MET T 45 -49.68 -2.15 -57.31
N LYS T 46 -49.80 -2.33 -58.62
CA LYS T 46 -48.64 -2.31 -59.51
C LYS T 46 -48.05 -0.92 -59.69
N ASN T 47 -48.78 0.13 -59.32
CA ASN T 47 -48.27 1.49 -59.48
C ASN T 47 -47.10 1.74 -58.52
N PRO T 48 -46.11 2.52 -58.94
CA PRO T 48 -44.97 2.78 -58.06
C PRO T 48 -45.17 3.95 -57.10
N ASN T 49 -46.17 4.79 -57.36
CA ASN T 49 -46.41 5.97 -56.52
C ASN T 49 -47.30 5.58 -55.34
N PRO T 50 -46.83 5.69 -54.10
CA PRO T 50 -47.66 5.23 -52.97
C PRO T 50 -48.88 6.10 -52.72
N VAL T 51 -48.75 7.42 -52.84
CA VAL T 51 -49.89 8.30 -52.58
C VAL T 51 -51.00 8.07 -53.60
N LYS T 52 -50.63 7.88 -54.86
CA LYS T 52 -51.63 7.56 -55.88
C LYS T 52 -52.31 6.23 -55.59
N VAL T 53 -51.54 5.25 -55.12
CA VAL T 53 -52.12 3.95 -54.76
C VAL T 53 -53.13 4.11 -53.64
N MET T 54 -52.79 4.90 -52.61
CA MET T 54 -53.72 5.11 -51.51
C MET T 54 -54.98 5.84 -51.97
N LEU T 55 -54.83 6.83 -52.86
CA LEU T 55 -56.01 7.53 -53.36
C LEU T 55 -56.93 6.60 -54.13
N GLU T 56 -56.36 5.76 -55.01
CA GLU T 56 -57.18 4.81 -55.75
C GLU T 56 -57.85 3.79 -54.83
N LEU T 57 -57.12 3.34 -53.80
CA LEU T 57 -57.71 2.36 -52.88
C LEU T 57 -58.82 3.00 -52.05
N LYS T 58 -58.67 4.28 -51.69
CA LYS T 58 -59.76 4.99 -51.02
C LYS T 58 -60.99 5.08 -51.90
N GLU T 59 -60.79 5.40 -53.19
CA GLU T 59 -61.93 5.43 -54.10
C GLU T 59 -62.58 4.07 -54.23
N LEU T 60 -61.77 3.01 -54.30
CA LEU T 60 -62.31 1.65 -54.40
C LEU T 60 -63.12 1.28 -53.17
N LEU T 61 -62.64 1.67 -51.98
CA LEU T 61 -63.38 1.41 -50.74
C LEU T 61 -64.72 2.15 -50.74
N ASP T 62 -64.71 3.41 -51.18
CA ASP T 62 -65.97 4.15 -51.26
C ASP T 62 -66.95 3.49 -52.23
N GLU T 63 -66.45 3.04 -53.39
CA GLU T 63 -67.29 2.36 -54.35
C GLU T 63 -67.87 1.07 -53.77
N ALA T 64 -67.05 0.34 -53.00
CA ALA T 64 -67.53 -0.88 -52.36
C ALA T 64 -68.66 -0.58 -51.38
N VAL T 65 -68.51 0.48 -50.57
CA VAL T 65 -69.56 0.82 -49.62
C VAL T 65 -70.83 1.22 -50.35
N HIS T 66 -70.70 2.01 -51.43
CA HIS T 66 -71.86 2.39 -52.22
C HIS T 66 -72.57 1.17 -52.78
N GLU T 67 -71.80 0.18 -53.26
CA GLU T 67 -72.39 -1.06 -53.73
C GLU T 67 -73.09 -1.80 -52.59
N PHE T 68 -72.51 -1.77 -51.40
CA PHE T 68 -73.09 -2.48 -50.26
C PHE T 68 -74.45 -1.91 -49.89
N VAL T 69 -74.59 -0.58 -49.86
CA VAL T 69 -75.87 -0.01 -49.47
C VAL T 69 -76.94 -0.15 -50.54
N LEU T 70 -76.55 -0.55 -51.75
CA LEU T 70 -77.47 -0.64 -52.88
C LEU T 70 -78.00 -2.06 -53.11
N MET T 71 -77.58 -3.02 -52.30
CA MET T 71 -77.99 -4.41 -52.46
C MET T 71 -78.45 -4.96 -51.12
N GLU T 72 -79.07 -6.14 -51.18
CA GLU T 72 -79.58 -6.79 -49.98
C GLU T 72 -78.44 -7.50 -49.26
N VAL T 73 -78.44 -7.39 -47.93
CA VAL T 73 -77.41 -8.05 -47.12
C VAL T 73 -78.08 -9.02 -46.16
N ASN T 74 -78.16 -10.28 -46.56
CA ASN T 74 -78.69 -11.35 -45.72
C ASN T 74 -77.54 -12.07 -45.03
N GLU T 75 -77.83 -13.19 -44.38
CA GLU T 75 -76.83 -13.94 -43.64
C GLU T 75 -75.97 -14.81 -44.54
N GLU T 76 -76.25 -14.87 -45.84
CA GLU T 76 -75.49 -15.70 -46.75
C GLU T 76 -74.26 -14.98 -47.30
N ASN T 77 -74.45 -13.75 -47.78
CA ASN T 77 -73.38 -13.00 -48.45
C ASN T 77 -72.60 -12.09 -47.52
N ARG T 78 -72.91 -12.09 -46.22
CA ARG T 78 -72.24 -11.18 -45.29
C ARG T 78 -70.74 -11.47 -45.22
N GLU T 79 -70.37 -12.76 -45.21
CA GLU T 79 -68.96 -13.13 -45.16
C GLU T 79 -68.20 -12.61 -46.37
N VAL T 80 -68.81 -12.69 -47.55
CA VAL T 80 -68.15 -12.23 -48.78
C VAL T 80 -67.93 -10.72 -48.73
N LEU T 81 -68.92 -9.98 -48.25
CA LEU T 81 -68.77 -8.52 -48.16
C LEU T 81 -67.69 -8.15 -47.16
N ILE T 82 -67.64 -8.84 -46.02
CA ILE T 82 -66.58 -8.59 -45.05
C ILE T 82 -65.22 -8.90 -45.66
N GLU T 83 -65.13 -9.97 -46.46
CA GLU T 83 -63.86 -10.31 -47.11
C GLU T 83 -63.46 -9.25 -48.13
N ILE T 84 -64.42 -8.68 -48.85
CA ILE T 84 -64.11 -7.60 -49.79
C ILE T 84 -63.52 -6.41 -49.05
N LEU T 85 -64.19 -6.00 -47.95
CA LEU T 85 -63.69 -4.88 -47.17
C LEU T 85 -62.31 -5.16 -46.62
N ALA T 86 -62.09 -6.38 -46.11
CA ALA T 86 -60.79 -6.73 -45.56
C ALA T 86 -59.70 -6.69 -46.62
N THR T 87 -60.01 -7.18 -47.83
CA THR T 87 -59.02 -7.15 -48.90
C THR T 87 -58.60 -5.72 -49.22
N ILE T 88 -59.58 -4.83 -49.42
CA ILE T 88 -59.24 -3.46 -49.77
C ILE T 88 -58.46 -2.79 -48.64
N PHE T 89 -58.87 -3.01 -47.39
CA PHE T 89 -58.21 -2.35 -46.27
C PHE T 89 -56.79 -2.88 -46.05
N GLU T 90 -56.58 -4.19 -46.24
CA GLU T 90 -55.23 -4.72 -46.12
C GLU T 90 -54.31 -4.14 -47.18
N ALA T 91 -54.81 -4.05 -48.42
CA ALA T 91 -54.00 -3.42 -49.46
C ALA T 91 -53.67 -1.98 -49.10
N PHE T 92 -54.64 -1.25 -48.55
CA PHE T 92 -54.40 0.14 -48.15
C PHE T 92 -53.35 0.22 -47.06
N LEU T 93 -53.39 -0.69 -46.09
CA LEU T 93 -52.43 -0.65 -44.99
C LEU T 93 -51.02 -0.94 -45.48
N HIS T 94 -50.87 -1.91 -46.39
CA HIS T 94 -49.55 -2.14 -46.96
C HIS T 94 -49.05 -0.94 -47.75
N ALA T 95 -49.94 -0.32 -48.55
CA ALA T 95 -49.54 0.87 -49.30
C ALA T 95 -49.13 2.00 -48.36
N ALA T 96 -49.80 2.13 -47.22
CA ALA T 96 -49.41 3.14 -46.25
C ALA T 96 -48.04 2.83 -45.64
N ARG T 97 -47.76 1.56 -45.38
CA ARG T 97 -46.42 1.18 -44.93
C ARG T 97 -45.37 1.48 -45.98
N ASP T 98 -45.74 1.51 -47.26
CA ASP T 98 -44.76 1.74 -48.32
C ASP T 98 -44.04 3.08 -48.14
N GLY T 99 -44.78 4.13 -47.80
CA GLY T 99 -44.12 5.39 -47.45
C GLY T 99 -44.70 6.63 -48.07
N GLY T 100 -44.08 7.78 -47.81
CA GLY T 100 -44.51 9.06 -48.32
C GLY T 100 -44.36 10.12 -47.25
N ASN T 101 -45.08 11.22 -47.43
CA ASN T 101 -45.09 12.31 -46.47
C ASN T 101 -45.92 11.92 -45.25
N PRO T 102 -45.36 11.95 -44.03
CA PRO T 102 -46.09 11.38 -42.88
C PRO T 102 -47.44 12.02 -42.60
N LYS T 103 -47.55 13.34 -42.69
CA LYS T 103 -48.82 14.00 -42.37
C LYS T 103 -49.91 13.62 -43.36
N LEU T 104 -49.59 13.64 -44.65
CA LEU T 104 -50.55 13.25 -45.67
C LEU T 104 -50.95 11.78 -45.53
N VAL T 105 -49.97 10.93 -45.21
CA VAL T 105 -50.25 9.51 -45.02
C VAL T 105 -51.20 9.31 -43.84
N LEU T 106 -50.97 10.03 -42.73
CA LEU T 106 -51.84 9.90 -41.57
C LEU T 106 -53.26 10.39 -41.87
N LEU T 107 -53.38 11.48 -42.62
CA LEU T 107 -54.69 11.97 -43.00
C LEU T 107 -55.43 10.95 -43.86
N LEU T 108 -54.75 10.37 -44.85
CA LEU T 108 -55.37 9.37 -45.70
C LEU T 108 -55.74 8.12 -44.91
N LEU T 109 -54.90 7.75 -43.93
CA LEU T 109 -55.21 6.61 -43.09
C LEU T 109 -56.48 6.83 -42.29
N LEU T 110 -56.63 8.02 -41.72
CA LEU T 110 -57.85 8.30 -40.95
C LEU T 110 -59.08 8.30 -41.85
N GLU T 111 -58.97 8.87 -43.06
CA GLU T 111 -60.12 8.86 -43.97
C GLU T 111 -60.51 7.44 -44.36
N ALA T 112 -59.51 6.62 -44.70
CA ALA T 112 -59.79 5.24 -45.08
C ALA T 112 -60.40 4.46 -43.92
N PHE T 113 -59.92 4.70 -42.70
CA PHE T 113 -60.48 4.02 -41.54
C PHE T 113 -61.94 4.41 -41.32
N GLU T 114 -62.26 5.70 -41.51
CA GLU T 114 -63.65 6.11 -41.38
C GLU T 114 -64.54 5.42 -42.42
N THR T 115 -64.08 5.34 -43.67
CA THR T 115 -64.85 4.64 -44.69
C THR T 115 -65.02 3.17 -44.36
N PHE T 116 -63.97 2.53 -43.85
CA PHE T 116 -64.04 1.13 -43.46
C PHE T 116 -65.04 0.91 -42.33
N VAL T 117 -65.05 1.82 -41.35
CA VAL T 117 -65.99 1.70 -40.25
C VAL T 117 -67.43 1.86 -40.74
N ARG T 118 -67.65 2.79 -41.66
CA ARG T 118 -68.99 2.93 -42.24
C ARG T 118 -69.40 1.66 -42.99
N GLY T 119 -68.48 1.07 -43.74
CA GLY T 119 -68.79 -0.17 -44.44
C GLY T 119 -69.14 -1.31 -43.49
N VAL T 120 -68.38 -1.44 -42.41
CA VAL T 120 -68.66 -2.48 -41.41
C VAL T 120 -70.02 -2.22 -40.76
N GLU T 121 -70.33 -0.96 -40.47
CA GLU T 121 -71.63 -0.63 -39.92
C GLU T 121 -72.76 -1.02 -40.86
N VAL T 122 -72.59 -0.75 -42.16
CA VAL T 122 -73.63 -1.10 -43.13
C VAL T 122 -73.80 -2.61 -43.20
N VAL T 123 -72.69 -3.34 -43.29
CA VAL T 123 -72.77 -4.80 -43.46
C VAL T 123 -73.16 -5.48 -42.16
N GLY T 124 -72.51 -5.13 -41.07
CA GLY T 124 -72.77 -5.80 -39.81
C GLY T 124 -71.89 -7.02 -39.63
N VAL T 125 -71.57 -7.31 -38.37
CA VAL T 125 -70.70 -8.44 -38.02
C VAL T 125 -71.48 -9.37 -37.12
N THR T 126 -71.63 -10.62 -37.53
CA THR T 126 -72.41 -11.60 -36.79
C THR T 126 -71.57 -12.76 -36.28
N SER T 127 -70.86 -13.46 -37.15
CA SER T 127 -70.13 -14.65 -36.76
C SER T 127 -68.80 -14.27 -36.10
N GLU T 128 -68.09 -15.30 -35.63
CA GLU T 128 -66.80 -15.08 -34.99
C GLU T 128 -65.69 -14.80 -35.99
N ARG T 129 -65.77 -15.38 -37.19
CA ARG T 129 -64.74 -15.15 -38.19
C ARG T 129 -64.69 -13.69 -38.61
N GLU T 130 -65.86 -13.07 -38.84
CA GLU T 130 -65.90 -11.68 -39.22
C GLU T 130 -65.38 -10.79 -38.10
N LEU T 131 -65.75 -11.09 -36.85
CA LEU T 131 -65.23 -10.34 -35.72
C LEU T 131 -63.72 -10.42 -35.67
N ARG T 132 -63.17 -11.63 -35.83
CA ARG T 132 -61.72 -11.80 -35.82
C ARG T 132 -61.07 -11.00 -36.94
N LEU T 133 -61.66 -11.03 -38.13
CA LEU T 133 -61.10 -10.30 -39.26
C LEU T 133 -61.03 -8.80 -38.98
N VAL T 134 -62.15 -8.23 -38.53
CA VAL T 134 -62.18 -6.78 -38.31
C VAL T 134 -61.27 -6.38 -37.14
N LEU T 135 -61.18 -7.22 -36.11
CA LEU T 135 -60.31 -6.89 -34.98
C LEU T 135 -58.84 -6.95 -35.38
N GLU T 136 -58.46 -7.95 -36.18
CA GLU T 136 -57.09 -8.01 -36.69
C GLU T 136 -56.78 -6.79 -37.55
N LEU T 137 -57.74 -6.39 -38.39
CA LEU T 137 -57.55 -5.19 -39.20
C LEU T 137 -57.33 -3.96 -38.32
N LEU T 138 -58.09 -3.85 -37.24
CA LEU T 138 -57.91 -2.72 -36.31
C LEU T 138 -56.53 -2.73 -35.69
N VAL T 139 -56.05 -3.91 -35.29
CA VAL T 139 -54.72 -3.99 -34.68
C VAL T 139 -53.64 -3.58 -35.66
N GLU T 140 -53.71 -4.07 -36.90
CA GLU T 140 -52.72 -3.67 -37.91
C GLU T 140 -52.81 -2.18 -38.20
N PHE T 141 -54.02 -1.61 -38.21
CA PHE T 141 -54.16 -0.18 -38.44
C PHE T 141 -53.47 0.61 -37.35
N VAL T 142 -53.65 0.21 -36.09
CA VAL T 142 -53.01 0.94 -34.99
C VAL T 142 -51.49 0.83 -35.09
N HIS T 143 -51.00 -0.37 -35.42
CA HIS T 143 -49.54 -0.54 -35.56
C HIS T 143 -48.98 0.35 -36.65
N VAL T 144 -49.64 0.39 -37.82
CA VAL T 144 -49.16 1.21 -38.92
C VAL T 144 -49.21 2.68 -38.57
N PHE T 145 -50.29 3.12 -37.90
CA PHE T 145 -50.39 4.53 -37.52
C PHE T 145 -49.25 4.92 -36.59
N ILE T 146 -48.95 4.10 -35.59
CA ILE T 146 -47.87 4.42 -34.66
C ILE T 146 -46.53 4.44 -35.41
N LEU T 147 -46.31 3.48 -36.30
CA LEU T 147 -45.06 3.43 -37.03
C LEU T 147 -44.87 4.68 -37.89
N ILE T 148 -45.92 5.12 -38.57
CA ILE T 148 -45.80 6.32 -39.40
C ILE T 148 -45.57 7.56 -38.53
N SER T 149 -46.34 7.70 -37.44
CA SER T 149 -46.25 8.90 -36.62
C SER T 149 -45.01 8.94 -35.74
N ARG T 150 -44.20 7.87 -35.71
CA ARG T 150 -42.96 7.89 -34.94
C ARG T 150 -42.06 9.06 -35.30
N LEU T 151 -42.12 9.54 -36.54
CA LEU T 151 -41.14 10.47 -37.07
C LEU T 151 -41.56 11.94 -36.99
N LEU T 152 -42.67 12.26 -36.33
CA LEU T 152 -43.05 13.64 -36.16
C LEU T 152 -42.37 14.24 -34.93
N GLU T 153 -42.64 15.52 -34.70
CA GLU T 153 -42.23 16.19 -33.48
C GLU T 153 -43.19 15.85 -32.35
N PRO T 154 -42.76 16.00 -31.09
CA PRO T 154 -43.62 15.55 -29.97
C PRO T 154 -45.00 16.17 -29.93
N ARG T 155 -45.14 17.46 -30.25
CA ARG T 155 -46.45 18.09 -30.20
C ARG T 155 -47.36 17.55 -31.31
N GLU T 156 -46.84 17.48 -32.54
CA GLU T 156 -47.61 16.88 -33.63
C GLU T 156 -47.87 15.41 -33.38
N PHE T 157 -46.93 14.72 -32.72
CA PHE T 157 -47.14 13.32 -32.37
C PHE T 157 -48.32 13.18 -31.40
N ILE T 158 -48.41 14.07 -30.41
CA ILE T 158 -49.51 13.98 -29.45
C ILE T 158 -50.83 14.32 -30.13
N ALA T 159 -50.83 15.30 -31.04
CA ALA T 159 -52.05 15.60 -31.78
C ALA T 159 -52.51 14.40 -32.60
N SER T 160 -51.56 13.73 -33.26
CA SER T 160 -51.90 12.54 -34.03
C SER T 160 -52.44 11.42 -33.15
N MET T 161 -51.85 11.25 -31.96
CA MET T 161 -52.36 10.23 -31.04
C MET T 161 -53.76 10.55 -30.57
N LEU T 162 -54.07 11.83 -30.36
CA LEU T 162 -55.43 12.21 -30.00
C LEU T 162 -56.41 11.85 -31.12
N GLU T 163 -56.04 12.14 -32.36
CA GLU T 163 -56.89 11.75 -33.49
C GLU T 163 -57.09 10.24 -33.55
N LEU T 164 -56.01 9.48 -33.33
CA LEU T 164 -56.12 8.02 -33.32
C LEU T 164 -57.05 7.53 -32.22
N LEU T 165 -56.99 8.16 -31.04
CA LEU T 165 -57.88 7.77 -29.96
C LEU T 165 -59.34 8.00 -30.33
N ARG T 166 -59.64 9.14 -30.97
CA ARG T 166 -61.01 9.39 -31.40
C ARG T 166 -61.46 8.35 -32.43
N ALA T 167 -60.58 8.00 -33.37
CA ALA T 167 -60.93 6.99 -34.36
C ALA T 167 -61.23 5.64 -33.72
N ILE T 168 -60.41 5.23 -32.75
CA ILE T 168 -60.61 3.97 -32.07
C ILE T 168 -61.92 3.98 -31.29
N GLU T 169 -62.23 5.10 -30.63
CA GLU T 169 -63.49 5.22 -29.89
C GLU T 169 -64.69 5.06 -30.82
N ARG T 170 -64.64 5.72 -31.98
CA ARG T 170 -65.74 5.59 -32.93
C ARG T 170 -65.88 4.15 -33.43
N PHE T 171 -64.75 3.51 -33.74
CA PHE T 171 -64.80 2.12 -34.20
C PHE T 171 -65.45 1.22 -33.16
N PHE T 172 -65.03 1.33 -31.89
CA PHE T 172 -65.57 0.45 -30.87
C PHE T 172 -66.99 0.81 -30.48
N GLU T 173 -67.43 2.03 -30.76
CA GLU T 173 -68.85 2.34 -30.58
C GLU T 173 -69.70 1.72 -31.68
N VAL T 174 -69.21 1.72 -32.92
CA VAL T 174 -69.99 1.17 -34.02
C VAL T 174 -70.13 -0.34 -33.89
N LEU T 175 -69.04 -1.04 -33.58
CA LEU T 175 -69.03 -2.49 -33.65
C LEU T 175 -69.78 -3.11 -32.48
N LYS T 176 -70.46 -4.23 -32.76
CA LYS T 176 -71.22 -4.97 -31.77
C LYS T 176 -70.70 -6.41 -31.71
N GLY T 177 -70.66 -6.96 -30.49
CA GLY T 177 -70.14 -8.31 -30.32
C GLY T 177 -70.04 -8.65 -28.85
N ASN T 178 -69.17 -9.61 -28.56
CA ASN T 178 -68.97 -10.04 -27.17
C ASN T 178 -68.24 -8.95 -26.39
N PRO T 179 -68.81 -8.44 -25.29
CA PRO T 179 -68.16 -7.32 -24.59
C PRO T 179 -66.78 -7.64 -24.03
N GLU T 180 -66.55 -8.86 -23.56
CA GLU T 180 -65.29 -9.17 -22.89
C GLU T 180 -64.12 -9.18 -23.86
N ARG T 181 -64.29 -9.86 -24.99
CA ARG T 181 -63.21 -9.91 -25.98
C ARG T 181 -62.94 -8.52 -26.55
N LEU T 182 -63.99 -7.75 -26.80
CA LEU T 182 -63.82 -6.40 -27.30
C LEU T 182 -63.07 -5.53 -26.28
N LEU T 183 -63.41 -5.67 -25.00
CA LEU T 183 -62.71 -4.92 -23.98
C LEU T 183 -61.24 -5.32 -23.89
N ALA T 184 -60.94 -6.62 -24.04
CA ALA T 184 -59.55 -7.06 -24.03
C ALA T 184 -58.76 -6.45 -25.20
N VAL T 185 -59.35 -6.48 -26.40
CA VAL T 185 -58.69 -5.91 -27.57
C VAL T 185 -58.47 -4.41 -27.39
N PHE T 186 -59.48 -3.71 -26.87
CA PHE T 186 -59.38 -2.28 -26.64
C PHE T 186 -58.27 -1.95 -25.64
N GLU T 187 -58.20 -2.71 -24.55
CA GLU T 187 -57.15 -2.47 -23.55
C GLU T 187 -55.77 -2.72 -24.13
N GLU T 188 -55.63 -3.77 -24.96
CA GLU T 188 -54.32 -4.04 -25.55
C GLU T 188 -53.86 -2.93 -26.50
N VAL T 189 -54.76 -2.46 -27.37
CA VAL T 189 -54.35 -1.38 -28.27
C VAL T 189 -54.07 -0.10 -27.49
N LEU T 190 -54.81 0.13 -26.40
CA LEU T 190 -54.50 1.28 -25.55
C LEU T 190 -53.12 1.17 -24.93
N GLU T 191 -52.74 -0.04 -24.51
CA GLU T 191 -51.41 -0.25 -23.97
C GLU T 191 -50.34 0.05 -25.00
N ASP T 192 -50.56 -0.36 -26.25
CA ASP T 192 -49.60 -0.06 -27.31
C ASP T 192 -49.44 1.44 -27.51
N ILE T 193 -50.57 2.16 -27.57
CA ILE T 193 -50.51 3.61 -27.77
C ILE T 193 -49.80 4.28 -26.61
N GLU T 194 -50.10 3.86 -25.38
CA GLU T 194 -49.48 4.45 -24.20
C GLU T 194 -47.97 4.22 -24.20
N GLU T 195 -47.54 3.00 -24.54
CA GLU T 195 -46.11 2.74 -24.60
C GLU T 195 -45.42 3.61 -25.64
N ALA T 196 -46.05 3.77 -26.82
CA ALA T 196 -45.45 4.62 -27.85
C ALA T 196 -45.33 6.06 -27.37
N VAL T 197 -46.38 6.59 -26.74
CA VAL T 197 -46.36 7.97 -26.27
C VAL T 197 -45.27 8.17 -25.22
N LEU T 198 -45.19 7.25 -24.26
CA LEU T 198 -44.19 7.38 -23.20
C LEU T 198 -42.78 7.30 -23.76
N LYS T 199 -42.54 6.40 -24.72
CA LYS T 199 -41.21 6.32 -25.31
C LYS T 199 -40.87 7.59 -26.08
N LYS T 200 -41.83 8.17 -26.80
CA LYS T 200 -41.53 9.35 -27.60
C LYS T 200 -41.33 10.59 -26.73
N LEU T 201 -42.02 10.70 -25.60
CA LEU T 201 -41.98 11.93 -24.83
C LEU T 201 -40.69 12.12 -24.03
N THR T 202 -39.66 11.31 -24.26
CA THR T 202 -38.40 11.47 -23.55
C THR T 202 -37.46 12.46 -24.21
N GLU T 203 -37.82 13.03 -25.36
CA GLU T 203 -36.95 13.95 -26.08
C GLU T 203 -37.20 15.42 -25.73
N VAL T 204 -38.06 15.69 -24.74
CA VAL T 204 -38.42 17.06 -24.40
C VAL T 204 -38.13 17.31 -22.93
N ASN T 205 -38.25 18.58 -22.54
CA ASN T 205 -38.03 19.00 -21.16
C ASN T 205 -39.16 18.49 -20.26
N PRO T 206 -38.89 18.38 -18.96
CA PRO T 206 -39.93 17.86 -18.04
C PRO T 206 -41.21 18.67 -18.02
N GLU T 207 -41.16 19.99 -18.22
CA GLU T 207 -42.39 20.77 -18.24
C GLU T 207 -43.24 20.44 -19.45
N THR T 208 -42.63 20.35 -20.63
CA THR T 208 -43.35 19.93 -21.82
C THR T 208 -43.85 18.50 -21.66
N GLN T 209 -43.06 17.64 -21.02
CA GLN T 209 -43.52 16.28 -20.75
C GLN T 209 -44.79 16.29 -19.91
N VAL T 210 -44.82 17.10 -18.86
CA VAL T 210 -46.00 17.15 -17.99
C VAL T 210 -47.21 17.65 -18.77
N LEU T 211 -47.03 18.70 -19.57
CA LEU T 211 -48.15 19.24 -20.33
C LEU T 211 -48.71 18.21 -21.30
N LEU T 212 -47.84 17.60 -22.11
CA LEU T 212 -48.30 16.66 -23.12
C LEU T 212 -48.87 15.39 -22.49
N LEU T 213 -48.28 14.94 -21.39
CA LEU T 213 -48.81 13.78 -20.69
C LEU T 213 -50.19 14.06 -20.12
N GLU T 214 -50.40 15.26 -19.58
CA GLU T 214 -51.72 15.61 -19.08
C GLU T 214 -52.75 15.58 -20.21
N ALA T 215 -52.40 16.15 -21.37
CA ALA T 215 -53.33 16.12 -22.50
C ALA T 215 -53.68 14.69 -22.90
N PHE T 216 -52.65 13.86 -23.08
CA PHE T 216 -52.87 12.48 -23.52
C PHE T 216 -53.71 11.70 -22.52
N TYR T 217 -53.40 11.84 -21.23
CA TYR T 217 -54.10 11.05 -20.23
C TYR T 217 -55.54 11.51 -20.05
N GLU T 218 -55.81 12.81 -20.16
CA GLU T 218 -57.19 13.27 -20.13
C GLU T 218 -57.99 12.66 -21.28
N LYS T 219 -57.43 12.71 -22.49
CA LYS T 219 -58.15 12.13 -23.62
C LYS T 219 -58.36 10.63 -23.45
N LYS T 220 -57.33 9.94 -22.96
CA LYS T 220 -57.44 8.49 -22.77
C LYS T 220 -58.51 8.13 -21.76
N LYS T 221 -58.59 8.88 -20.66
CA LYS T 221 -59.63 8.62 -19.67
C LYS T 221 -61.02 8.86 -20.25
N ASP T 222 -61.17 9.93 -21.03
CA ASP T 222 -62.47 10.20 -21.65
C ASP T 222 -62.89 9.07 -22.59
N VAL T 223 -61.97 8.61 -23.44
CA VAL T 223 -62.33 7.57 -24.39
C VAL T 223 -62.58 6.24 -23.67
N VAL T 224 -61.87 5.97 -22.58
CA VAL T 224 -62.14 4.76 -21.81
C VAL T 224 -63.56 4.81 -21.25
N GLU T 225 -63.96 5.95 -20.69
CA GLU T 225 -65.31 6.07 -20.17
C GLU T 225 -66.35 5.87 -21.28
N HIS T 226 -66.14 6.50 -22.43
CA HIS T 226 -67.10 6.36 -23.53
C HIS T 226 -67.21 4.92 -23.99
N VAL T 227 -66.08 4.24 -24.15
CA VAL T 227 -66.09 2.87 -24.66
C VAL T 227 -66.74 1.94 -23.64
N ARG T 228 -66.45 2.11 -22.35
CA ARG T 228 -67.08 1.27 -21.35
C ARG T 228 -68.57 1.51 -21.27
N LYS T 229 -69.02 2.75 -21.47
CA LYS T 229 -70.46 2.99 -21.54
C LYS T 229 -71.08 2.29 -22.74
N ALA T 230 -70.42 2.36 -23.89
CA ALA T 230 -71.01 1.81 -25.11
C ALA T 230 -71.04 0.29 -25.09
N LEU T 231 -69.98 -0.34 -24.60
CA LEU T 231 -69.89 -1.80 -24.66
C LEU T 231 -70.86 -2.46 -23.70
N PHE T 232 -70.90 -2.00 -22.46
CA PHE T 232 -71.79 -2.58 -21.46
C PHE T 232 -73.08 -1.77 -21.34
N SER U 25 -4.66 -57.42 39.57
CA SER U 25 -4.13 -57.77 40.87
C SER U 25 -2.76 -57.13 41.10
N PRO U 26 -2.59 -56.47 42.24
CA PRO U 26 -1.31 -55.80 42.52
C PRO U 26 -0.13 -56.76 42.58
N LEU U 27 -0.35 -57.94 43.17
CA LEU U 27 0.75 -58.88 43.35
C LEU U 27 1.26 -59.42 42.02
N GLU U 28 0.35 -59.79 41.13
CA GLU U 28 0.76 -60.34 39.83
C GLU U 28 1.49 -59.29 39.01
N GLU U 29 0.98 -58.06 39.00
CA GLU U 29 1.66 -56.99 38.27
C GLU U 29 3.03 -56.70 38.87
N ALA U 30 3.15 -56.73 40.21
CA ALA U 30 4.44 -56.53 40.85
C ALA U 30 5.43 -57.62 40.45
N LYS U 31 4.97 -58.88 40.42
CA LYS U 31 5.87 -59.97 40.05
C LYS U 31 6.28 -59.86 38.58
N ARG U 32 5.35 -59.47 37.71
CA ARG U 32 5.69 -59.26 36.31
C ARG U 32 6.73 -58.15 36.17
N LEU U 33 6.56 -57.06 36.93
CA LEU U 33 7.54 -55.99 36.91
C LEU U 33 8.90 -56.47 37.41
N LEU U 34 8.90 -57.32 38.44
CA LEU U 34 10.15 -57.88 38.95
C LEU U 34 10.87 -58.69 37.89
N GLU U 35 10.12 -59.54 37.18
CA GLU U 35 10.74 -60.35 36.12
C GLU U 35 11.29 -59.47 35.00
N LYS U 36 10.52 -58.46 34.59
CA LYS U 36 10.97 -57.56 33.54
C LYS U 36 12.23 -56.81 33.97
N VAL U 37 12.28 -56.35 35.21
CA VAL U 37 13.43 -55.62 35.71
C VAL U 37 14.66 -56.53 35.78
N LYS U 38 14.48 -57.78 36.23
CA LYS U 38 15.59 -58.71 36.24
C LYS U 38 16.15 -58.95 34.85
N LYS U 39 15.25 -59.14 33.87
CA LYS U 39 15.71 -59.34 32.50
C LYS U 39 16.46 -58.11 31.99
N ARG U 40 15.94 -56.92 32.26
CA ARG U 40 16.61 -55.71 31.80
C ARG U 40 17.97 -55.52 32.45
N VAL U 41 18.07 -55.84 33.74
CA VAL U 41 19.36 -55.71 34.43
C VAL U 41 20.37 -56.68 33.84
N GLU U 42 19.96 -57.93 33.60
CA GLU U 42 20.87 -58.90 33.00
C GLU U 42 21.32 -58.44 31.62
N GLU U 43 20.39 -57.89 30.83
CA GLU U 43 20.75 -57.41 29.50
C GLU U 43 21.73 -56.24 29.58
N ILE U 44 21.51 -55.32 30.52
CA ILE U 44 22.36 -54.13 30.61
C ILE U 44 23.76 -54.50 31.08
N MET U 45 23.86 -55.41 32.04
CA MET U 45 25.15 -55.69 32.67
C MET U 45 26.17 -56.25 31.68
N LYS U 46 25.74 -56.75 30.53
CA LYS U 46 26.66 -57.31 29.55
C LYS U 46 27.51 -56.27 28.85
N ASN U 47 27.17 -54.99 28.95
CA ASN U 47 27.93 -53.94 28.30
C ASN U 47 29.31 -53.80 28.94
N PRO U 48 30.34 -53.49 28.16
CA PRO U 48 31.69 -53.36 28.74
C PRO U 48 32.00 -51.96 29.27
N ASN U 49 31.22 -50.96 28.86
CA ASN U 49 31.46 -49.59 29.28
C ASN U 49 30.78 -49.34 30.63
N PRO U 50 31.53 -49.03 31.69
CA PRO U 50 30.89 -48.88 33.01
C PRO U 50 30.00 -47.66 33.12
N VAL U 51 30.37 -46.55 32.47
CA VAL U 51 29.58 -45.33 32.58
C VAL U 51 28.24 -45.49 31.88
N LYS U 52 28.23 -46.14 30.71
CA LYS U 52 26.98 -46.41 30.02
C LYS U 52 26.09 -47.34 30.84
N VAL U 53 26.70 -48.34 31.49
CA VAL U 53 25.94 -49.24 32.36
C VAL U 53 25.31 -48.46 33.50
N MET U 54 26.07 -47.55 34.12
CA MET U 54 25.55 -46.76 35.22
C MET U 54 24.40 -45.87 34.77
N LEU U 55 24.54 -45.23 33.60
CA LEU U 55 23.47 -44.37 33.10
C LEU U 55 22.21 -45.17 32.81
N GLU U 56 22.36 -46.35 32.18
CA GLU U 56 21.20 -47.19 31.93
C GLU U 56 20.53 -47.64 33.22
N LEU U 57 21.33 -48.00 34.23
CA LEU U 57 20.75 -48.43 35.49
C LEU U 57 20.04 -47.29 36.21
N LYS U 58 20.58 -46.07 36.11
CA LYS U 58 19.90 -44.92 36.67
C LYS U 58 18.55 -44.69 35.99
N GLU U 59 18.52 -44.80 34.66
CA GLU U 59 17.25 -44.67 33.95
C GLU U 59 16.27 -45.76 34.39
N LEU U 60 16.75 -46.99 34.57
CA LEU U 60 15.89 -48.08 34.99
C LEU U 60 15.33 -47.83 36.40
N LEU U 61 16.16 -47.30 37.30
CA LEU U 61 15.69 -46.97 38.64
C LEU U 61 14.60 -45.90 38.59
N ASP U 62 14.80 -44.87 37.78
CA ASP U 62 13.78 -43.83 37.63
C ASP U 62 12.48 -44.41 37.08
N GLU U 63 12.58 -45.29 36.09
CA GLU U 63 11.39 -45.92 35.53
C GLU U 63 10.67 -46.78 36.57
N ALA U 64 11.44 -47.48 37.41
CA ALA U 64 10.83 -48.27 38.47
C ALA U 64 10.07 -47.39 39.45
N VAL U 65 10.64 -46.23 39.81
CA VAL U 65 9.93 -45.32 40.71
C VAL U 65 8.66 -44.79 40.06
N HIS U 66 8.74 -44.46 38.76
CA HIS U 66 7.55 -44.01 38.04
C HIS U 66 6.46 -45.08 38.08
N GLU U 67 6.84 -46.35 37.88
CA GLU U 67 5.87 -47.43 37.97
C GLU U 67 5.32 -47.55 39.38
N PHE U 68 6.16 -47.32 40.39
CA PHE U 68 5.72 -47.44 41.78
C PHE U 68 4.63 -46.43 42.10
N VAL U 69 4.80 -45.18 41.68
CA VAL U 69 3.81 -44.16 42.00
C VAL U 69 2.53 -44.30 41.21
N LEU U 70 2.52 -45.11 40.15
CA LEU U 70 1.35 -45.30 39.30
C LEU U 70 0.49 -46.49 39.70
N MET U 71 0.87 -47.23 40.75
CA MET U 71 0.16 -48.43 41.15
C MET U 71 -0.09 -48.39 42.65
N GLU U 72 -1.00 -49.24 43.10
CA GLU U 72 -1.34 -49.31 44.52
C GLU U 72 -0.30 -50.12 45.27
N VAL U 73 0.12 -49.62 46.43
CA VAL U 73 1.09 -50.31 47.26
C VAL U 73 0.43 -50.71 48.57
N ASN U 74 -0.06 -51.94 48.62
CA ASN U 74 -0.63 -52.51 49.83
C ASN U 74 0.43 -53.34 50.55
N GLU U 75 0.01 -54.09 51.57
CA GLU U 75 0.94 -54.89 52.36
C GLU U 75 1.34 -56.19 51.68
N GLU U 76 0.76 -56.50 50.52
CA GLU U 76 1.07 -57.75 49.82
C GLU U 76 2.27 -57.60 48.89
N ASN U 77 2.26 -56.57 48.05
CA ASN U 77 3.29 -56.40 47.02
C ASN U 77 4.46 -55.53 47.47
N ARG U 78 4.48 -55.08 48.72
CA ARG U 78 5.56 -54.20 49.18
C ARG U 78 6.91 -54.90 49.12
N GLU U 79 6.95 -56.18 49.50
CA GLU U 79 8.21 -56.93 49.47
C GLU U 79 8.78 -57.02 48.07
N VAL U 80 7.91 -57.25 47.07
CA VAL U 80 8.39 -57.37 45.70
C VAL U 80 8.96 -56.05 45.20
N LEU U 81 8.32 -54.93 45.54
CA LEU U 81 8.83 -53.63 45.12
C LEU U 81 10.17 -53.34 45.79
N ILE U 82 10.31 -53.66 47.07
CA ILE U 82 11.59 -53.47 47.75
C ILE U 82 12.66 -54.33 47.10
N GLU U 83 12.30 -55.56 46.69
CA GLU U 83 13.26 -56.43 46.03
C GLU U 83 13.68 -55.88 44.67
N ILE U 84 12.74 -55.28 43.94
CA ILE U 84 13.09 -54.65 42.65
C ILE U 84 14.10 -53.53 42.87
N LEU U 85 13.82 -52.67 43.85
CA LEU U 85 14.74 -51.58 44.15
C LEU U 85 16.11 -52.11 44.55
N ALA U 86 16.14 -53.15 45.38
CA ALA U 86 17.41 -53.73 45.82
C ALA U 86 18.18 -54.30 44.65
N THR U 87 17.49 -54.98 43.73
CA THR U 87 18.16 -55.55 42.57
C THR U 87 18.83 -54.47 41.74
N ILE U 88 18.09 -53.41 41.41
CA ILE U 88 18.67 -52.35 40.57
C ILE U 88 19.83 -51.67 41.29
N PHE U 89 19.67 -51.42 42.59
CA PHE U 89 20.73 -50.70 43.30
C PHE U 89 21.98 -51.57 43.49
N GLU U 90 21.82 -52.88 43.69
CA GLU U 90 22.98 -53.76 43.77
C GLU U 90 23.73 -53.79 42.44
N ALA U 91 22.99 -53.88 41.33
CA ALA U 91 23.66 -53.83 40.04
C ALA U 91 24.41 -52.52 39.85
N PHE U 92 23.80 -51.40 40.26
CA PHE U 92 24.47 -50.11 40.14
C PHE U 92 25.73 -50.05 40.98
N LEU U 93 25.69 -50.58 42.21
CA LEU U 93 26.86 -50.52 43.07
C LEU U 93 28.01 -51.36 42.50
N HIS U 94 27.69 -52.53 41.95
CA HIS U 94 28.73 -53.33 41.31
C HIS U 94 29.33 -52.60 40.11
N ALA U 95 28.48 -52.00 39.27
CA ALA U 95 28.98 -51.26 38.11
C ALA U 95 29.84 -50.09 38.54
N ALA U 96 29.50 -49.46 39.66
CA ALA U 96 30.31 -48.36 40.18
C ALA U 96 31.66 -48.86 40.67
N ARG U 97 31.69 -50.03 41.30
CA ARG U 97 32.97 -50.64 41.68
C ARG U 97 33.80 -50.99 40.46
N ASP U 98 33.17 -51.22 39.31
CA ASP U 98 33.93 -51.61 38.12
C ASP U 98 34.97 -50.56 37.73
N GLY U 99 34.59 -49.29 37.75
CA GLY U 99 35.58 -48.25 37.53
C GLY U 99 35.12 -47.07 36.69
N GLY U 100 36.05 -46.13 36.44
CA GLY U 100 35.78 -44.94 35.67
C GLY U 100 36.46 -43.74 36.29
N ASN U 101 36.03 -42.56 35.88
CA ASN U 101 36.54 -41.30 36.42
C ASN U 101 35.94 -41.06 37.80
N PRO U 102 36.75 -40.87 38.85
CA PRO U 102 36.19 -40.80 40.21
C PRO U 102 35.13 -39.72 40.42
N LYS U 103 35.32 -38.52 39.87
CA LYS U 103 34.35 -37.46 40.12
C LYS U 103 33.01 -37.77 39.48
N LEU U 104 33.03 -38.20 38.21
CA LEU U 104 31.80 -38.56 37.52
C LEU U 104 31.11 -39.74 38.20
N VAL U 105 31.89 -40.73 38.62
CA VAL U 105 31.32 -41.91 39.26
C VAL U 105 30.67 -41.54 40.58
N LEU U 106 31.32 -40.69 41.37
CA LEU U 106 30.75 -40.26 42.64
C LEU U 106 29.47 -39.45 42.44
N LEU U 107 29.45 -38.59 41.42
CA LEU U 107 28.25 -37.83 41.12
C LEU U 107 27.09 -38.75 40.72
N LEU U 108 27.36 -39.74 39.89
CA LEU U 108 26.33 -40.70 39.51
C LEU U 108 25.88 -41.52 40.72
N LEU U 109 26.81 -41.86 41.61
CA LEU U 109 26.45 -42.58 42.83
C LEU U 109 25.50 -41.77 43.69
N LEU U 110 25.77 -40.48 43.84
CA LEU U 110 24.87 -39.63 44.64
C LEU U 110 23.49 -39.54 44.01
N GLU U 111 23.42 -39.37 42.68
CA GLU U 111 22.12 -39.31 42.03
C GLU U 111 21.35 -40.61 42.21
N ALA U 112 22.03 -41.75 42.03
CA ALA U 112 21.38 -43.04 42.20
C ALA U 112 20.87 -43.22 43.63
N PHE U 113 21.67 -42.79 44.61
CA PHE U 113 21.24 -42.92 45.99
C PHE U 113 20.02 -42.06 46.28
N GLU U 114 19.97 -40.85 45.73
CA GLU U 114 18.79 -40.01 45.97
C GLU U 114 17.55 -40.63 45.32
N THR U 115 17.69 -41.21 44.12
CA THR U 115 16.55 -41.89 43.51
C THR U 115 16.11 -43.09 44.33
N PHE U 116 17.07 -43.85 44.87
CA PHE U 116 16.76 -44.99 45.70
C PHE U 116 16.01 -44.57 46.97
N VAL U 117 16.43 -43.45 47.57
CA VAL U 117 15.77 -42.95 48.77
C VAL U 117 14.33 -42.53 48.45
N ARG U 118 14.13 -41.86 47.31
CA ARG U 118 12.78 -41.50 46.90
C ARG U 118 11.92 -42.73 46.68
N GLY U 119 12.47 -43.78 46.06
CA GLY U 119 11.71 -45.00 45.86
C GLY U 119 11.33 -45.68 47.16
N VAL U 120 12.27 -45.73 48.11
CA VAL U 120 11.97 -46.31 49.42
C VAL U 120 10.91 -45.50 50.14
N GLU U 121 10.97 -44.17 50.01
CA GLU U 121 9.94 -43.32 50.61
C GLU U 121 8.57 -43.60 50.01
N VAL U 122 8.50 -43.76 48.70
CA VAL U 122 7.22 -44.03 48.05
C VAL U 122 6.68 -45.37 48.49
N VAL U 123 7.52 -46.41 48.47
CA VAL U 123 7.04 -47.75 48.81
C VAL U 123 6.80 -47.89 50.31
N GLY U 124 7.76 -47.46 51.12
CA GLY U 124 7.64 -47.64 52.56
C GLY U 124 8.23 -48.97 53.01
N VAL U 125 8.71 -48.98 54.26
CA VAL U 125 9.35 -50.15 54.85
C VAL U 125 8.59 -50.50 56.11
N THR U 126 8.08 -51.74 56.18
CA THR U 126 7.27 -52.17 57.30
C THR U 126 7.90 -53.35 58.04
N SER U 127 8.22 -54.45 57.35
CA SER U 127 8.71 -55.64 58.01
C SER U 127 10.20 -55.52 58.30
N GLU U 128 10.73 -56.53 58.99
CA GLU U 128 12.15 -56.54 59.34
C GLU U 128 13.04 -56.90 58.16
N ARG U 129 12.54 -57.75 57.24
CA ARG U 129 13.36 -58.14 56.10
C ARG U 129 13.66 -56.95 55.19
N GLU U 130 12.66 -56.11 54.93
CA GLU U 130 12.87 -54.93 54.11
C GLU U 130 13.85 -53.97 54.77
N LEU U 131 13.72 -53.78 56.08
CA LEU U 131 14.65 -52.93 56.81
C LEU U 131 16.08 -53.47 56.70
N ARG U 132 16.24 -54.77 56.87
CA ARG U 132 17.57 -55.37 56.75
C ARG U 132 18.13 -55.16 55.35
N LEU U 133 17.29 -55.35 54.33
CA LEU U 133 17.73 -55.17 52.95
C LEU U 133 18.22 -53.75 52.70
N VAL U 134 17.42 -52.76 53.10
CA VAL U 134 17.81 -51.37 52.83
C VAL U 134 19.03 -50.97 53.64
N LEU U 135 19.16 -51.47 54.87
CA LEU U 135 20.33 -51.14 55.68
C LEU U 135 21.60 -51.76 55.10
N GLU U 136 21.52 -53.00 54.63
CA GLU U 136 22.67 -53.61 53.97
C GLU U 136 23.05 -52.86 52.72
N LEU U 137 22.05 -52.39 51.96
CA LEU U 137 22.33 -51.58 50.78
C LEU U 137 23.03 -50.28 51.17
N LEU U 138 22.59 -49.65 52.25
CA LEU U 138 23.23 -48.41 52.70
C LEU U 138 24.69 -48.64 53.09
N VAL U 139 24.97 -49.73 53.80
CA VAL U 139 26.34 -50.03 54.20
C VAL U 139 27.21 -50.26 52.97
N GLU U 140 26.70 -51.02 52.00
CA GLU U 140 27.45 -51.26 50.77
C GLU U 140 27.70 -49.96 50.02
N PHE U 141 26.71 -49.07 49.98
CA PHE U 141 26.87 -47.79 49.31
C PHE U 141 27.98 -46.96 49.96
N VAL U 142 27.99 -46.91 51.29
CA VAL U 142 29.02 -46.13 51.98
C VAL U 142 30.41 -46.70 51.72
N HIS U 143 30.52 -48.03 51.74
CA HIS U 143 31.82 -48.66 51.48
C HIS U 143 32.30 -48.37 50.06
N VAL U 144 31.40 -48.47 49.08
CA VAL U 144 31.79 -48.21 47.69
C VAL U 144 32.17 -46.75 47.52
N PHE U 145 31.44 -45.83 48.15
CA PHE U 145 31.75 -44.41 48.04
C PHE U 145 33.14 -44.12 48.57
N ILE U 146 33.48 -44.67 49.74
CA ILE U 146 34.80 -44.42 50.31
C ILE U 146 35.88 -45.04 49.44
N LEU U 147 35.63 -46.25 48.93
CA LEU U 147 36.61 -46.91 48.05
C LEU U 147 36.89 -46.07 46.81
N ILE U 148 35.85 -45.49 46.20
CA ILE U 148 36.06 -44.69 45.01
C ILE U 148 36.76 -43.38 45.34
N SER U 149 36.37 -42.73 46.44
CA SER U 149 36.92 -41.42 46.76
C SER U 149 38.30 -41.49 47.40
N ARG U 150 38.82 -42.69 47.67
CA ARG U 150 40.17 -42.81 48.20
C ARG U 150 41.23 -42.12 47.34
N LEU U 151 40.98 -41.99 46.04
CA LEU U 151 42.00 -41.56 45.10
C LEU U 151 41.96 -40.08 44.76
N LEU U 152 41.17 -39.28 45.47
CA LEU U 152 41.17 -37.84 45.22
C LEU U 152 42.22 -37.15 46.08
N GLU U 153 42.37 -35.85 45.85
CA GLU U 153 43.20 -35.01 46.69
C GLU U 153 42.46 -34.67 47.99
N PRO U 154 43.19 -34.33 49.06
CA PRO U 154 42.52 -34.19 50.37
C PRO U 154 41.38 -33.19 50.41
N ARG U 155 41.48 -32.05 49.71
CA ARG U 155 40.41 -31.07 49.74
C ARG U 155 39.16 -31.60 49.03
N GLU U 156 39.34 -32.16 47.83
CA GLU U 156 38.23 -32.79 47.14
C GLU U 156 37.71 -34.00 47.92
N PHE U 157 38.59 -34.72 48.60
CA PHE U 157 38.16 -35.82 49.45
C PHE U 157 37.22 -35.34 50.55
N ILE U 158 37.57 -34.23 51.21
CA ILE U 158 36.72 -33.71 52.28
C ILE U 158 35.41 -33.18 51.73
N ALA U 159 35.44 -32.56 50.54
CA ALA U 159 34.19 -32.13 49.91
C ALA U 159 33.27 -33.32 49.62
N SER U 160 33.84 -34.41 49.10
CA SER U 160 33.06 -35.60 48.84
C SER U 160 32.49 -36.20 50.12
N MET U 161 33.29 -36.18 51.20
CA MET U 161 32.79 -36.71 52.47
C MET U 161 31.65 -35.87 53.02
N LEU U 162 31.72 -34.55 52.83
CA LEU U 162 30.61 -33.70 53.23
C LEU U 162 29.33 -34.05 52.45
N GLU U 163 29.47 -34.26 51.14
CA GLU U 163 28.32 -34.66 50.34
C GLU U 163 27.76 -36.00 50.80
N LEU U 164 28.63 -36.95 51.11
CA LEU U 164 28.19 -38.25 51.61
C LEU U 164 27.45 -38.11 52.94
N LEU U 165 27.92 -37.22 53.82
CA LEU U 165 27.24 -36.99 55.08
C LEU U 165 25.84 -36.46 54.86
N ARG U 166 25.69 -35.52 53.92
CA ARG U 166 24.35 -35.01 53.61
C ARG U 166 23.44 -36.11 53.09
N ALA U 167 23.98 -36.98 52.22
CA ALA U 167 23.17 -38.07 51.68
C ALA U 167 22.72 -39.03 52.78
N ILE U 168 23.62 -39.37 53.70
CA ILE U 168 23.28 -40.27 54.79
C ILE U 168 22.22 -39.65 55.69
N GLU U 169 22.36 -38.35 55.98
CA GLU U 169 21.37 -37.66 56.80
C GLU U 169 20.00 -37.70 56.15
N ARG U 170 19.93 -37.43 54.84
CA ARG U 170 18.66 -37.51 54.14
C ARG U 170 18.07 -38.90 54.21
N PHE U 171 18.89 -39.93 53.98
CA PHE U 171 18.39 -41.30 54.03
C PHE U 171 17.80 -41.63 55.39
N PHE U 172 18.52 -41.29 56.46
CA PHE U 172 18.03 -41.65 57.79
C PHE U 172 16.86 -40.79 58.23
N GLU U 173 16.69 -39.60 57.65
CA GLU U 173 15.47 -38.83 57.93
C GLU U 173 14.26 -39.43 57.23
N VAL U 174 14.43 -39.91 55.99
CA VAL U 174 13.30 -40.48 55.28
C VAL U 174 12.84 -41.79 55.94
N LEU U 175 13.78 -42.64 56.33
CA LEU U 175 13.45 -43.98 56.79
C LEU U 175 12.75 -43.96 58.14
N LYS U 176 11.91 -44.98 58.36
CA LYS U 176 11.20 -45.17 59.61
C LYS U 176 11.37 -46.61 60.07
N GLY U 177 11.46 -46.80 61.38
CA GLY U 177 11.66 -48.14 61.93
C GLY U 177 12.01 -48.07 63.40
N ASN U 178 12.71 -49.10 63.86
CA ASN U 178 13.13 -49.15 65.26
C ASN U 178 14.26 -48.15 65.50
N PRO U 179 14.09 -47.20 66.41
CA PRO U 179 15.12 -46.16 66.60
C PRO U 179 16.49 -46.70 67.01
N GLU U 180 16.53 -47.76 67.82
CA GLU U 180 17.81 -48.22 68.36
C GLU U 180 18.67 -48.87 67.29
N ARG U 181 18.09 -49.75 66.48
CA ARG U 181 18.86 -50.40 65.42
C ARG U 181 19.31 -49.37 64.38
N LEU U 182 18.43 -48.42 64.04
CA LEU U 182 18.79 -47.39 63.09
C LEU U 182 19.94 -46.53 63.62
N LEU U 183 19.89 -46.19 64.91
CA LEU U 183 20.96 -45.41 65.51
C LEU U 183 22.27 -46.18 65.51
N ALA U 184 22.22 -47.48 65.78
CA ALA U 184 23.43 -48.31 65.75
C ALA U 184 24.05 -48.34 64.37
N VAL U 185 23.22 -48.53 63.33
CA VAL U 185 23.73 -48.54 61.96
C VAL U 185 24.33 -47.19 61.59
N PHE U 186 23.65 -46.11 61.98
CA PHE U 186 24.14 -44.77 61.70
C PHE U 186 25.49 -44.52 62.35
N GLU U 187 25.64 -44.94 63.60
CA GLU U 187 26.90 -44.77 64.30
C GLU U 187 28.02 -45.58 63.64
N GLU U 188 27.71 -46.80 63.21
CA GLU U 188 28.73 -47.62 62.57
C GLU U 188 29.21 -47.00 61.26
N VAL U 189 28.28 -46.53 60.42
CA VAL U 189 28.74 -45.94 59.16
C VAL U 189 29.48 -44.63 59.41
N LEU U 190 29.09 -43.88 60.45
CA LEU U 190 29.83 -42.68 60.79
C LEU U 190 31.26 -43.01 61.23
N GLU U 191 31.44 -44.09 61.99
CA GLU U 191 32.78 -44.49 62.38
C GLU U 191 33.61 -44.90 61.16
N ASP U 192 32.99 -45.57 60.20
CA ASP U 192 33.71 -45.91 58.97
C ASP U 192 34.20 -44.66 58.25
N ILE U 193 33.32 -43.67 58.09
CA ILE U 193 33.71 -42.43 57.42
C ILE U 193 34.81 -41.72 58.19
N GLU U 194 34.69 -41.67 59.51
CA GLU U 194 35.69 -40.98 60.33
C GLU U 194 37.05 -41.64 60.22
N GLU U 195 37.09 -42.98 60.24
CA GLU U 195 38.35 -43.68 60.06
C GLU U 195 38.97 -43.38 58.70
N ALA U 196 38.16 -43.37 57.65
CA ALA U 196 38.70 -43.06 56.32
C ALA U 196 39.28 -41.65 56.28
N VAL U 197 38.56 -40.68 56.83
CA VAL U 197 39.04 -39.29 56.80
C VAL U 197 40.33 -39.13 57.59
N LEU U 198 40.39 -39.74 58.78
CA LEU U 198 41.59 -39.63 59.61
C LEU U 198 42.78 -40.27 58.92
N LYS U 199 42.58 -41.43 58.29
CA LYS U 199 43.68 -42.07 57.57
C LYS U 199 44.14 -41.20 56.39
N LYS U 200 43.21 -40.60 55.66
CA LYS U 200 43.60 -39.83 54.49
C LYS U 200 44.33 -38.54 54.85
N LEU U 201 43.93 -37.89 55.93
CA LEU U 201 44.44 -36.55 56.21
C LEU U 201 45.89 -36.54 56.70
N THR U 202 46.60 -37.66 56.66
CA THR U 202 47.99 -37.69 57.09
C THR U 202 48.95 -37.32 55.98
N GLU U 203 48.47 -36.99 54.79
CA GLU U 203 49.32 -36.63 53.66
C GLU U 203 49.53 -35.13 53.51
N VAL U 204 49.03 -34.32 54.44
CA VAL U 204 49.12 -32.86 54.32
C VAL U 204 49.76 -32.29 55.58
N ASN U 205 50.02 -31.00 55.54
CA ASN U 205 50.64 -30.29 56.65
C ASN U 205 49.67 -30.17 57.83
N PRO U 206 50.18 -29.98 59.05
CA PRO U 206 49.29 -29.87 60.21
C PRO U 206 48.29 -28.73 60.13
N GLU U 207 48.62 -27.61 59.49
CA GLU U 207 47.66 -26.52 59.37
C GLU U 207 46.49 -26.91 58.47
N THR U 208 46.78 -27.52 57.33
CA THR U 208 45.72 -28.04 56.47
C THR U 208 44.92 -29.11 57.18
N GLN U 209 45.60 -29.96 57.95
CA GLN U 209 44.91 -30.98 58.73
C GLN U 209 43.92 -30.35 59.69
N VAL U 210 44.33 -29.29 60.39
CA VAL U 210 43.43 -28.64 61.35
C VAL U 210 42.23 -28.04 60.62
N LEU U 211 42.47 -27.35 59.50
CA LEU U 211 41.36 -26.75 58.77
C LEU U 211 40.36 -27.81 58.32
N LEU U 212 40.85 -28.85 57.65
CA LEU U 212 39.95 -29.86 57.10
C LEU U 212 39.25 -30.65 58.19
N LEU U 213 39.96 -30.96 59.28
CA LEU U 213 39.34 -31.66 60.40
C LEU U 213 38.25 -30.81 61.02
N GLU U 214 38.47 -29.50 61.16
CA GLU U 214 37.43 -28.63 61.70
C GLU U 214 36.19 -28.67 60.83
N ALA U 215 36.37 -28.56 59.51
CA ALA U 215 35.22 -28.61 58.61
C ALA U 215 34.46 -29.93 58.75
N PHE U 216 35.20 -31.05 58.72
CA PHE U 216 34.57 -32.36 58.79
C PHE U 216 33.82 -32.55 60.10
N TYR U 217 34.42 -32.17 61.22
CA TYR U 217 33.80 -32.41 62.51
C TYR U 217 32.61 -31.49 62.74
N GLU U 218 32.64 -30.26 62.23
CA GLU U 218 31.46 -29.42 62.29
C GLU U 218 30.30 -30.06 61.55
N LYS U 219 30.55 -30.53 60.32
CA LYS U 219 29.47 -31.16 59.57
C LYS U 219 28.97 -32.42 60.26
N LYS U 220 29.88 -33.22 60.80
CA LYS U 220 29.47 -34.46 61.48
C LYS U 220 28.61 -34.17 62.69
N LYS U 221 28.98 -33.17 63.50
CA LYS U 221 28.17 -32.81 64.65
C LYS U 221 26.77 -32.36 64.22
N ASP U 222 26.70 -31.55 63.15
CA ASP U 222 25.39 -31.11 62.68
C ASP U 222 24.52 -32.28 62.23
N VAL U 223 25.09 -33.20 61.47
CA VAL U 223 24.28 -34.31 60.96
C VAL U 223 23.88 -35.25 62.10
N VAL U 224 24.74 -35.42 63.10
CA VAL U 224 24.38 -36.25 64.26
C VAL U 224 23.19 -35.62 64.99
N GLU U 225 23.22 -34.30 65.18
CA GLU U 225 22.10 -33.63 65.84
C GLU U 225 20.82 -33.81 65.04
N HIS U 226 20.88 -33.61 63.73
CA HIS U 226 19.68 -33.73 62.90
C HIS U 226 19.12 -35.14 62.94
N VAL U 227 19.99 -36.15 62.83
CA VAL U 227 19.53 -37.53 62.81
C VAL U 227 18.94 -37.93 64.15
N ARG U 228 19.58 -37.51 65.25
CA ARG U 228 19.02 -37.83 66.57
C ARG U 228 17.68 -37.15 66.78
N LYS U 229 17.51 -35.93 66.27
CA LYS U 229 16.21 -35.27 66.34
C LYS U 229 15.17 -36.04 65.54
N ALA U 230 15.53 -36.50 64.35
CA ALA U 230 14.56 -37.15 63.48
C ALA U 230 14.16 -38.52 64.01
N LEU U 231 15.13 -39.30 64.52
CA LEU U 231 14.84 -40.67 64.94
C LEU U 231 13.99 -40.69 66.20
N PHE U 232 14.36 -39.89 67.20
CA PHE U 232 13.61 -39.86 68.46
C PHE U 232 12.63 -38.70 68.48
#